data_2KK1
#
_entry.id   2KK1
#
_cell.length_a   1.000
_cell.length_b   1.000
_cell.length_c   1.000
_cell.angle_alpha   90.00
_cell.angle_beta   90.00
_cell.angle_gamma   90.00
#
_symmetry.space_group_name_H-M   'P 1'
#
_entity_poly.entity_id   1
_entity_poly.type   'polypeptide(L)'
_entity_poly.pdbx_seq_one_letter_code
;MGHHHHHHSHMANGAAGTKVALRKTKQAAEKISADKISKEALLECADLLSSALTEPVPNSQLVDTGHQLLDYCSGYVDCI
PQTRNKFAFREAVSKLELSLQELQVSSAAAGVPGTNPVLNNLLSCVQEISDVVQR
;
_entity_poly.pdbx_strand_id   A
#
# COMPACT_ATOMS: atom_id res chain seq x y z
N MET A 1 26.88 18.71 -18.39
CA MET A 1 26.31 19.92 -17.73
C MET A 1 25.45 20.74 -18.70
N GLY A 2 24.45 21.44 -18.16
CA GLY A 2 23.57 22.27 -18.98
C GLY A 2 22.81 23.30 -18.14
N HIS A 3 22.91 24.58 -18.50
CA HIS A 3 22.29 25.65 -17.72
C HIS A 3 21.04 26.24 -18.41
N HIS A 4 20.57 25.59 -19.47
CA HIS A 4 19.33 26.01 -20.15
C HIS A 4 18.11 25.29 -19.54
N HIS A 5 17.98 24.01 -19.86
CA HIS A 5 16.89 23.18 -19.36
C HIS A 5 17.32 22.37 -18.13
N HIS A 6 17.73 23.06 -17.07
CA HIS A 6 18.27 22.40 -15.88
C HIS A 6 17.18 21.67 -15.07
N HIS A 7 16.91 20.43 -15.46
CA HIS A 7 15.99 19.55 -14.72
C HIS A 7 16.35 18.08 -14.93
N HIS A 8 16.83 17.43 -13.89
CA HIS A 8 17.22 16.02 -13.95
C HIS A 8 16.00 15.09 -13.73
N SER A 9 15.92 14.03 -14.55
CA SER A 9 14.85 13.02 -14.42
C SER A 9 13.45 13.61 -14.62
N HIS A 10 13.31 14.56 -15.57
CA HIS A 10 12.02 15.21 -15.80
C HIS A 10 11.15 14.40 -16.79
N MET A 11 10.47 13.39 -16.26
CA MET A 11 9.54 12.57 -17.06
C MET A 11 8.30 13.39 -17.44
N ALA A 12 7.90 13.32 -18.71
CA ALA A 12 6.78 14.11 -19.21
C ALA A 12 5.43 13.61 -18.67
N ASN A 13 5.12 14.00 -17.45
CA ASN A 13 3.84 13.64 -16.82
C ASN A 13 2.69 14.51 -17.35
N GLY A 14 1.79 13.92 -18.13
CA GLY A 14 0.69 14.67 -18.71
C GLY A 14 -0.50 13.78 -19.11
N ALA A 15 -1.31 13.41 -18.13
CA ALA A 15 -2.52 12.61 -18.37
C ALA A 15 -3.69 13.08 -17.49
N ALA A 16 -4.42 14.08 -17.97
CA ALA A 16 -5.53 14.67 -17.21
C ALA A 16 -6.74 13.72 -17.16
N GLY A 17 -6.77 12.86 -16.14
CA GLY A 17 -7.89 11.93 -15.95
C GLY A 17 -7.93 10.77 -16.96
N THR A 18 -7.29 10.95 -18.10
CA THR A 18 -7.29 9.94 -19.19
C THR A 18 -6.89 8.55 -18.70
N LYS A 19 -5.92 8.49 -17.77
CA LYS A 19 -5.39 7.21 -17.27
C LYS A 19 -6.28 6.60 -16.17
N VAL A 20 -7.39 7.26 -15.86
CA VAL A 20 -8.36 6.74 -14.88
C VAL A 20 -9.70 6.44 -15.54
N ALA A 21 -9.93 5.16 -15.86
CA ALA A 21 -11.18 4.75 -16.51
C ALA A 21 -11.73 3.44 -15.91
N LEU A 22 -11.24 2.31 -16.39
CA LEU A 22 -11.77 1.00 -15.99
C LEU A 22 -11.02 0.40 -14.79
N ARG A 23 -10.19 1.21 -14.12
CA ARG A 23 -9.47 0.75 -12.92
C ARG A 23 -10.44 0.40 -11.79
N LYS A 24 -11.71 0.80 -11.95
CA LYS A 24 -12.78 0.45 -11.01
C LYS A 24 -12.92 -1.09 -10.91
N THR A 25 -12.85 -1.76 -12.05
CA THR A 25 -12.96 -3.22 -12.10
C THR A 25 -11.67 -3.86 -12.66
N LYS A 26 -11.73 -5.16 -12.93
CA LYS A 26 -10.58 -5.90 -13.46
C LYS A 26 -10.77 -6.23 -14.96
N GLN A 27 -9.91 -7.11 -15.50
CA GLN A 27 -9.98 -7.48 -16.92
C GLN A 27 -9.34 -8.86 -17.20
N ALA A 28 -8.11 -9.05 -16.74
CA ALA A 28 -7.39 -10.31 -16.95
C ALA A 28 -6.16 -10.39 -16.04
N ALA A 29 -6.11 -11.41 -15.18
CA ALA A 29 -5.02 -11.58 -14.21
C ALA A 29 -3.63 -11.45 -14.85
N GLU A 30 -3.51 -11.90 -16.09
CA GLU A 30 -2.25 -11.85 -16.84
C GLU A 30 -1.75 -10.40 -17.00
N LYS A 31 -2.68 -9.47 -17.24
CA LYS A 31 -2.36 -8.05 -17.45
C LYS A 31 -2.39 -7.27 -16.11
N ILE A 32 -3.17 -7.77 -15.14
CA ILE A 32 -3.32 -7.10 -13.85
C ILE A 32 -2.03 -7.17 -13.02
N SER A 33 -1.42 -6.01 -12.77
CA SER A 33 -0.17 -5.93 -11.99
C SER A 33 -0.32 -6.56 -10.60
N ALA A 34 -1.52 -6.51 -10.03
CA ALA A 34 -1.80 -7.08 -8.70
C ALA A 34 -1.55 -8.61 -8.66
N ASP A 35 -1.73 -9.28 -9.79
CA ASP A 35 -1.48 -10.72 -9.89
C ASP A 35 0.02 -11.02 -9.87
N LYS A 36 0.83 -10.00 -10.19
CA LYS A 36 2.29 -10.12 -10.18
C LYS A 36 2.87 -9.91 -8.76
N ILE A 37 2.10 -9.26 -7.89
CA ILE A 37 2.53 -8.98 -6.51
C ILE A 37 2.96 -10.27 -5.80
N SER A 38 4.27 -10.49 -5.70
CA SER A 38 4.81 -11.71 -5.10
C SER A 38 5.02 -11.56 -3.59
N LYS A 39 4.82 -12.66 -2.86
CA LYS A 39 4.97 -12.69 -1.39
C LYS A 39 6.29 -12.05 -0.93
N GLU A 40 7.41 -12.54 -1.46
CA GLU A 40 8.73 -12.00 -1.10
C GLU A 40 8.87 -10.52 -1.49
N ALA A 41 8.34 -10.15 -2.65
CA ALA A 41 8.40 -8.77 -3.13
C ALA A 41 7.75 -7.81 -2.13
N LEU A 42 6.58 -8.21 -1.61
CA LEU A 42 5.87 -7.42 -0.59
C LEU A 42 6.73 -7.26 0.68
N LEU A 43 7.30 -8.38 1.14
CA LEU A 43 8.16 -8.38 2.33
C LEU A 43 9.36 -7.44 2.17
N GLU A 44 9.99 -7.48 0.99
CA GLU A 44 11.12 -6.59 0.68
C GLU A 44 10.69 -5.12 0.69
N CYS A 45 9.54 -4.83 0.09
CA CYS A 45 8.99 -3.46 0.08
C CYS A 45 8.71 -2.97 1.52
N ALA A 46 8.22 -3.86 2.37
CA ALA A 46 7.97 -3.54 3.78
C ALA A 46 9.30 -3.32 4.54
N ASP A 47 10.31 -4.11 4.19
CA ASP A 47 11.66 -3.97 4.77
C ASP A 47 12.23 -2.56 4.52
N LEU A 48 11.87 -1.95 3.40
CA LEU A 48 12.23 -0.55 3.12
C LEU A 48 11.66 0.39 4.19
N LEU A 49 10.42 0.12 4.62
CA LEU A 49 9.77 0.93 5.66
C LEU A 49 10.45 0.73 7.02
N SER A 50 10.60 -0.52 7.45
CA SER A 50 11.23 -0.83 8.74
C SER A 50 12.60 -0.16 8.86
N SER A 51 13.36 -0.18 7.77
CA SER A 51 14.65 0.51 7.71
C SER A 51 14.47 2.04 7.72
N ALA A 52 13.57 2.54 6.86
CA ALA A 52 13.35 3.99 6.71
C ALA A 52 12.79 4.64 7.99
N LEU A 53 12.15 3.84 8.84
CA LEU A 53 11.58 4.33 10.10
C LEU A 53 12.61 4.31 11.24
N THR A 54 13.79 3.74 10.97
CA THR A 54 14.89 3.71 11.94
C THR A 54 16.06 4.58 11.47
N GLU A 55 16.16 4.80 10.16
CA GLU A 55 17.15 5.74 9.61
C GLU A 55 16.50 7.11 9.35
N PRO A 56 17.19 8.22 9.63
CA PRO A 56 16.63 9.57 9.40
C PRO A 56 16.44 9.88 7.91
N VAL A 57 15.20 10.15 7.50
CA VAL A 57 14.86 10.49 6.11
C VAL A 57 13.73 11.56 6.06
N PRO A 58 13.58 12.27 4.92
CA PRO A 58 12.50 13.26 4.76
C PRO A 58 11.09 12.64 4.71
N ASN A 59 10.09 13.40 5.16
CA ASN A 59 8.69 12.95 5.20
C ASN A 59 8.21 12.44 3.83
N SER A 60 8.56 13.17 2.76
CA SER A 60 8.21 12.77 1.38
C SER A 60 8.66 11.34 1.08
N GLN A 61 9.90 11.02 1.47
CA GLN A 61 10.46 9.69 1.23
C GLN A 61 9.71 8.62 2.06
N LEU A 62 9.44 8.93 3.32
CA LEU A 62 8.68 8.02 4.20
C LEU A 62 7.31 7.65 3.60
N VAL A 63 6.51 8.67 3.33
CA VAL A 63 5.14 8.46 2.83
C VAL A 63 5.12 7.78 1.45
N ASP A 64 5.92 8.29 0.51
CA ASP A 64 5.96 7.75 -0.85
C ASP A 64 6.45 6.29 -0.88
N THR A 65 7.43 5.97 -0.04
CA THR A 65 7.96 4.59 0.04
C THR A 65 6.94 3.62 0.65
N GLY A 66 6.24 4.07 1.69
CA GLY A 66 5.19 3.25 2.30
C GLY A 66 3.92 3.20 1.46
N HIS A 67 3.69 4.25 0.68
CA HIS A 67 2.50 4.40 -0.16
C HIS A 67 2.29 3.19 -1.09
N GLN A 68 3.38 2.59 -1.56
CA GLN A 68 3.31 1.45 -2.48
C GLN A 68 2.75 0.19 -1.79
N LEU A 69 3.05 0.02 -0.50
CA LEU A 69 2.59 -1.14 0.26
C LEU A 69 1.07 -1.27 0.23
N LEU A 70 0.36 -0.15 0.11
CA LEU A 70 -1.10 -0.16 0.02
C LEU A 70 -1.59 -0.89 -1.24
N ASP A 71 -0.95 -0.65 -2.38
CA ASP A 71 -1.33 -1.31 -3.63
C ASP A 71 -0.99 -2.81 -3.57
N TYR A 72 0.23 -3.13 -3.13
CA TYR A 72 0.65 -4.53 -2.92
C TYR A 72 -0.34 -5.27 -2.00
N CYS A 73 -0.63 -4.69 -0.84
CA CYS A 73 -1.52 -5.30 0.15
C CYS A 73 -2.96 -5.43 -0.34
N SER A 74 -3.51 -4.34 -0.89
CA SER A 74 -4.90 -4.33 -1.37
C SER A 74 -5.16 -5.41 -2.44
N GLY A 75 -4.11 -5.77 -3.19
CA GLY A 75 -4.24 -6.83 -4.18
C GLY A 75 -3.94 -8.23 -3.61
N TYR A 76 -2.89 -8.32 -2.81
CA TYR A 76 -2.41 -9.61 -2.27
C TYR A 76 -3.34 -10.18 -1.18
N VAL A 77 -3.97 -9.30 -0.39
CA VAL A 77 -4.77 -9.73 0.77
C VAL A 77 -5.85 -10.78 0.41
N ASP A 78 -6.55 -10.56 -0.71
CA ASP A 78 -7.64 -11.46 -1.11
C ASP A 78 -7.12 -12.87 -1.45
N CYS A 79 -5.83 -12.97 -1.75
CA CYS A 79 -5.19 -14.25 -2.09
C CYS A 79 -4.91 -15.10 -0.84
N ILE A 80 -4.88 -14.48 0.34
CA ILE A 80 -4.59 -15.18 1.60
C ILE A 80 -5.70 -16.18 1.96
N PRO A 81 -5.39 -17.49 2.02
CA PRO A 81 -6.38 -18.54 2.30
C PRO A 81 -6.93 -18.49 3.74
N GLN A 82 -6.04 -18.45 4.72
CA GLN A 82 -6.46 -18.42 6.13
C GLN A 82 -7.11 -17.07 6.48
N THR A 83 -8.44 -17.08 6.67
CA THR A 83 -9.19 -15.85 6.92
C THR A 83 -8.70 -15.11 8.17
N ARG A 84 -8.23 -15.84 9.18
CA ARG A 84 -7.62 -15.23 10.37
C ARG A 84 -6.48 -14.28 9.99
N ASN A 85 -5.52 -14.81 9.24
CA ASN A 85 -4.40 -14.00 8.73
C ASN A 85 -4.90 -12.89 7.80
N LYS A 86 -5.82 -13.22 6.90
CA LYS A 86 -6.38 -12.25 5.95
C LYS A 86 -7.02 -11.05 6.68
N PHE A 87 -7.67 -11.31 7.82
CA PHE A 87 -8.27 -10.25 8.63
C PHE A 87 -7.17 -9.44 9.35
N ALA A 88 -6.25 -10.14 10.01
CA ALA A 88 -5.11 -9.49 10.67
C ALA A 88 -4.28 -8.66 9.67
N PHE A 89 -4.30 -9.09 8.41
CA PHE A 89 -3.64 -8.36 7.34
C PHE A 89 -4.45 -7.09 6.98
N ARG A 90 -5.78 -7.24 6.90
CA ARG A 90 -6.67 -6.10 6.64
C ARG A 90 -6.49 -4.98 7.68
N GLU A 91 -6.58 -5.33 8.97
CA GLU A 91 -6.44 -4.35 10.04
C GLU A 91 -5.08 -3.65 9.98
N ALA A 92 -4.01 -4.43 9.77
CA ALA A 92 -2.66 -3.88 9.67
C ALA A 92 -2.55 -2.84 8.54
N VAL A 93 -3.09 -3.18 7.37
CA VAL A 93 -3.13 -2.26 6.23
C VAL A 93 -3.98 -1.02 6.55
N SER A 94 -5.10 -1.22 7.24
CA SER A 94 -5.97 -0.11 7.64
C SER A 94 -5.23 0.83 8.60
N LYS A 95 -4.40 0.25 9.47
CA LYS A 95 -3.55 1.03 10.38
C LYS A 95 -2.45 1.76 9.60
N LEU A 96 -1.91 1.10 8.59
CA LEU A 96 -0.83 1.65 7.75
C LEU A 96 -1.30 2.89 6.97
N GLU A 97 -2.42 2.77 6.25
CA GLU A 97 -2.96 3.88 5.46
C GLU A 97 -3.27 5.11 6.33
N LEU A 98 -3.96 4.90 7.46
CA LEU A 98 -4.28 5.98 8.39
C LEU A 98 -3.02 6.67 8.91
N SER A 99 -2.03 5.86 9.29
CA SER A 99 -0.77 6.37 9.83
C SER A 99 0.02 7.17 8.77
N LEU A 100 0.04 6.68 7.53
CA LEU A 100 0.72 7.37 6.43
C LEU A 100 0.06 8.72 6.08
N GLN A 101 -1.27 8.73 5.98
CA GLN A 101 -2.00 9.95 5.59
C GLN A 101 -1.95 11.02 6.69
N GLU A 102 -1.89 10.59 7.96
CA GLU A 102 -1.75 11.55 9.06
C GLU A 102 -0.31 12.06 9.19
N LEU A 103 0.66 11.19 8.88
CA LEU A 103 2.08 11.56 8.94
C LEU A 103 2.43 12.72 8.00
N GLN A 104 1.95 12.65 6.76
CA GLN A 104 2.25 13.68 5.76
C GLN A 104 1.67 15.05 6.15
N VAL A 105 0.50 15.07 6.79
CA VAL A 105 -0.11 16.32 7.24
C VAL A 105 0.41 16.73 8.62
N SER A 106 0.96 15.78 9.36
CA SER A 106 1.54 16.05 10.70
C SER A 106 3.07 16.12 10.63
N SER A 107 3.61 16.30 9.43
CA SER A 107 5.06 16.38 9.22
C SER A 107 5.70 17.50 10.07
N ALA A 108 5.31 18.74 9.78
CA ALA A 108 5.84 19.92 10.47
C ALA A 108 7.37 20.04 10.34
N ALA A 109 8.08 19.19 11.07
CA ALA A 109 9.54 19.10 10.98
C ALA A 109 10.00 18.77 9.55
N ALA A 110 9.22 17.93 8.87
CA ALA A 110 9.54 17.46 7.51
C ALA A 110 10.70 16.46 7.50
N GLY A 111 11.89 16.90 7.94
CA GLY A 111 13.06 16.02 7.94
C GLY A 111 13.79 15.96 9.29
N VAL A 112 13.10 15.44 10.31
CA VAL A 112 13.71 15.26 11.64
C VAL A 112 13.43 13.85 12.19
N PRO A 113 14.48 13.09 12.56
CA PRO A 113 14.33 11.72 13.09
C PRO A 113 13.57 11.69 14.42
N GLY A 114 12.58 10.78 14.51
CA GLY A 114 11.79 10.62 15.74
C GLY A 114 10.79 11.74 15.99
N THR A 115 10.67 12.69 15.06
CA THR A 115 9.81 13.88 15.24
C THR A 115 8.38 13.52 15.67
N ASN A 116 7.78 12.53 15.02
CA ASN A 116 6.38 12.15 15.28
C ASN A 116 6.26 10.70 15.74
N PRO A 117 5.42 10.42 16.77
CA PRO A 117 5.19 9.04 17.24
C PRO A 117 4.63 8.13 16.12
N VAL A 118 4.00 8.77 15.14
CA VAL A 118 3.46 8.08 13.95
C VAL A 118 4.50 7.15 13.31
N LEU A 119 5.77 7.56 13.36
CA LEU A 119 6.87 6.75 12.79
C LEU A 119 6.95 5.36 13.45
N ASN A 120 6.75 5.33 14.77
CA ASN A 120 6.76 4.08 15.53
C ASN A 120 5.47 3.28 15.27
N ASN A 121 4.36 3.99 15.10
CA ASN A 121 3.07 3.37 14.74
C ASN A 121 3.17 2.66 13.38
N LEU A 122 3.80 3.32 12.41
CA LEU A 122 4.11 2.70 11.12
C LEU A 122 4.93 1.42 11.29
N LEU A 123 6.03 1.52 12.05
CA LEU A 123 6.89 0.37 12.33
C LEU A 123 6.08 -0.80 12.92
N SER A 124 5.22 -0.49 13.90
CA SER A 124 4.31 -1.50 14.48
C SER A 124 3.46 -2.19 13.41
N CYS A 125 2.89 -1.39 12.49
CA CYS A 125 2.07 -1.93 11.40
C CYS A 125 2.89 -2.81 10.45
N VAL A 126 4.08 -2.33 10.09
CA VAL A 126 4.97 -3.09 9.19
C VAL A 126 5.34 -4.45 9.80
N GLN A 127 5.71 -4.45 11.08
CA GLN A 127 6.02 -5.69 11.80
C GLN A 127 4.84 -6.65 11.75
N GLU A 128 3.63 -6.14 12.02
CA GLU A 128 2.40 -6.94 11.94
C GLU A 128 2.22 -7.52 10.52
N ILE A 129 2.23 -6.66 9.50
CA ILE A 129 2.00 -7.07 8.10
C ILE A 129 2.94 -8.22 7.69
N SER A 130 4.24 -8.04 7.90
CA SER A 130 5.23 -9.09 7.58
C SER A 130 4.98 -10.36 8.39
N ASP A 131 4.70 -10.20 9.69
CA ASP A 131 4.45 -11.33 10.58
C ASP A 131 3.19 -12.12 10.17
N VAL A 132 2.16 -11.40 9.72
CA VAL A 132 0.93 -12.05 9.23
C VAL A 132 1.26 -13.03 8.09
N VAL A 133 2.15 -12.60 7.20
CA VAL A 133 2.60 -13.44 6.09
C VAL A 133 3.47 -14.62 6.60
N GLN A 134 4.21 -14.37 7.69
CA GLN A 134 5.06 -15.39 8.30
C GLN A 134 4.26 -16.37 9.18
N ARG A 135 2.97 -16.09 9.39
CA ARG A 135 2.08 -17.00 10.13
C ARG A 135 1.61 -18.19 9.26
N MET A 1 -11.78 29.48 30.35
CA MET A 1 -10.36 29.94 30.44
C MET A 1 -9.53 29.40 29.28
N GLY A 2 -9.33 28.08 29.25
CA GLY A 2 -8.61 27.44 28.17
C GLY A 2 -9.34 27.53 26.83
N HIS A 3 -9.20 28.67 26.15
CA HIS A 3 -9.88 28.91 24.88
C HIS A 3 -9.14 28.29 23.69
N HIS A 4 -9.73 27.25 23.09
CA HIS A 4 -9.16 26.59 21.91
C HIS A 4 -10.24 26.36 20.84
N HIS A 5 -9.82 26.31 19.58
CA HIS A 5 -10.74 26.14 18.46
C HIS A 5 -10.03 25.58 17.20
N HIS A 6 -10.61 24.53 16.61
CA HIS A 6 -10.08 23.96 15.36
C HIS A 6 -11.21 23.63 14.38
N HIS A 7 -11.13 24.17 13.17
CA HIS A 7 -12.09 23.89 12.10
C HIS A 7 -11.36 23.65 10.78
N HIS A 8 -11.35 22.40 10.32
CA HIS A 8 -10.66 22.03 9.08
C HIS A 8 -11.64 21.77 7.92
N SER A 9 -11.10 21.57 6.72
CA SER A 9 -11.93 21.32 5.53
C SER A 9 -12.39 19.86 5.48
N HIS A 10 -13.71 19.65 5.55
CA HIS A 10 -14.29 18.30 5.49
C HIS A 10 -14.33 17.78 4.04
N MET A 11 -13.45 16.83 3.72
CA MET A 11 -13.48 16.19 2.39
C MET A 11 -14.78 15.38 2.21
N ALA A 12 -15.23 15.25 0.97
CA ALA A 12 -16.51 14.58 0.67
C ALA A 12 -16.53 13.10 1.08
N ASN A 13 -17.73 12.55 1.18
CA ASN A 13 -17.93 11.16 1.63
C ASN A 13 -17.32 10.14 0.64
N GLY A 14 -17.20 10.55 -0.62
CA GLY A 14 -16.64 9.68 -1.65
C GLY A 14 -15.11 9.70 -1.68
N ALA A 15 -14.54 10.91 -1.71
CA ALA A 15 -13.07 11.11 -1.74
C ALA A 15 -12.44 10.70 -3.08
N ALA A 16 -12.51 9.40 -3.40
CA ALA A 16 -11.94 8.86 -4.63
C ALA A 16 -12.88 7.84 -5.28
N GLY A 17 -12.36 7.06 -6.25
CA GLY A 17 -13.17 6.02 -6.89
C GLY A 17 -13.42 4.82 -5.96
N THR A 18 -14.27 5.03 -4.96
CA THR A 18 -14.52 4.04 -3.89
C THR A 18 -14.76 2.63 -4.44
N LYS A 19 -15.62 2.52 -5.45
CA LYS A 19 -15.98 1.22 -6.03
C LYS A 19 -14.76 0.43 -6.54
N VAL A 20 -13.76 1.13 -7.07
CA VAL A 20 -12.53 0.49 -7.56
C VAL A 20 -11.40 0.54 -6.52
N ALA A 21 -11.54 1.46 -5.59
CA ALA A 21 -10.53 1.68 -4.54
C ALA A 21 -10.44 0.49 -3.57
N LEU A 22 -11.58 -0.16 -3.34
CA LEU A 22 -11.63 -1.36 -2.49
C LEU A 22 -10.87 -2.54 -3.13
N ARG A 23 -10.68 -2.47 -4.45
CA ARG A 23 -9.90 -3.46 -5.20
C ARG A 23 -10.51 -4.88 -5.10
N LYS A 24 -11.81 -4.95 -4.79
CA LYS A 24 -12.51 -6.24 -4.67
C LYS A 24 -12.78 -6.87 -6.05
N THR A 25 -12.93 -6.03 -7.07
CA THR A 25 -13.21 -6.51 -8.44
C THR A 25 -11.98 -6.33 -9.35
N LYS A 26 -11.66 -7.36 -10.15
CA LYS A 26 -10.52 -7.31 -11.07
C LYS A 26 -11.01 -7.25 -12.53
N GLN A 27 -10.22 -6.62 -13.40
CA GLN A 27 -10.63 -6.45 -14.82
C GLN A 27 -10.00 -7.49 -15.76
N ALA A 28 -8.66 -7.60 -15.76
CA ALA A 28 -7.96 -8.53 -16.66
C ALA A 28 -6.57 -8.90 -16.13
N ALA A 29 -6.23 -10.19 -16.17
CA ALA A 29 -4.94 -10.69 -15.65
C ALA A 29 -3.73 -9.96 -16.23
N GLU A 30 -3.85 -9.50 -17.47
CA GLU A 30 -2.79 -8.73 -18.14
C GLU A 30 -2.40 -7.48 -17.34
N LYS A 31 -3.37 -6.89 -16.66
CA LYS A 31 -3.18 -5.60 -15.98
C LYS A 31 -3.33 -5.71 -14.44
N ILE A 32 -3.76 -6.88 -13.95
CA ILE A 32 -3.94 -7.08 -12.50
C ILE A 32 -2.60 -7.07 -11.75
N SER A 33 -2.49 -6.21 -10.74
CA SER A 33 -1.31 -6.18 -9.86
C SER A 33 -1.45 -7.19 -8.71
N ALA A 34 -2.69 -7.36 -8.22
CA ALA A 34 -2.98 -8.22 -7.06
C ALA A 34 -2.39 -9.64 -7.20
N ASP A 35 -2.80 -10.37 -8.24
CA ASP A 35 -2.31 -11.73 -8.49
C ASP A 35 -0.78 -11.78 -8.65
N LYS A 36 -0.19 -10.67 -9.06
CA LYS A 36 1.27 -10.58 -9.25
C LYS A 36 2.00 -10.45 -7.90
N ILE A 37 1.39 -9.75 -6.95
CA ILE A 37 2.01 -9.50 -5.64
C ILE A 37 2.31 -10.81 -4.90
N SER A 38 3.60 -11.14 -4.78
CA SER A 38 4.04 -12.35 -4.07
C SER A 38 4.55 -12.02 -2.66
N LYS A 39 4.58 -13.03 -1.79
CA LYS A 39 5.12 -12.90 -0.43
C LYS A 39 6.49 -12.19 -0.43
N GLU A 40 7.44 -12.80 -1.13
CA GLU A 40 8.81 -12.27 -1.22
C GLU A 40 8.84 -10.81 -1.72
N ALA A 41 7.97 -10.48 -2.68
CA ALA A 41 7.92 -9.13 -3.26
C ALA A 41 7.38 -8.11 -2.26
N LEU A 42 6.49 -8.54 -1.38
CA LEU A 42 5.92 -7.67 -0.35
C LEU A 42 6.94 -7.47 0.80
N LEU A 43 7.52 -8.58 1.27
CA LEU A 43 8.47 -8.55 2.38
C LEU A 43 9.67 -7.63 2.10
N GLU A 44 10.27 -7.75 0.91
CA GLU A 44 11.43 -6.92 0.54
C GLU A 44 11.10 -5.42 0.60
N CYS A 45 9.91 -5.05 0.11
CA CYS A 45 9.49 -3.65 0.09
C CYS A 45 9.20 -3.12 1.50
N ALA A 46 8.58 -3.96 2.34
CA ALA A 46 8.30 -3.59 3.73
C ALA A 46 9.60 -3.41 4.53
N ASP A 47 10.60 -4.24 4.24
CA ASP A 47 11.92 -4.14 4.86
C ASP A 47 12.54 -2.75 4.65
N LEU A 48 12.16 -2.09 3.55
CA LEU A 48 12.60 -0.71 3.30
C LEU A 48 12.08 0.25 4.36
N LEU A 49 10.80 0.09 4.73
CA LEU A 49 10.17 0.96 5.74
C LEU A 49 10.78 0.73 7.12
N SER A 50 10.97 -0.53 7.51
CA SER A 50 11.55 -0.87 8.82
C SER A 50 12.90 -0.16 9.03
N SER A 51 13.80 -0.30 8.06
CA SER A 51 15.10 0.39 8.11
C SER A 51 14.93 1.91 8.02
N ALA A 52 14.13 2.36 7.06
CA ALA A 52 13.91 3.80 6.84
C ALA A 52 13.40 4.54 8.09
N LEU A 53 12.58 3.86 8.88
CA LEU A 53 12.03 4.46 10.11
C LEU A 53 13.07 4.54 11.23
N THR A 54 14.13 3.74 11.16
CA THR A 54 15.19 3.77 12.18
C THR A 54 16.31 4.75 11.81
N GLU A 55 16.57 4.89 10.51
CA GLU A 55 17.58 5.83 10.00
C GLU A 55 16.93 7.19 9.62
N PRO A 56 17.72 8.26 9.41
CA PRO A 56 17.15 9.54 8.94
C PRO A 56 16.74 9.49 7.46
N VAL A 57 15.47 9.77 7.18
CA VAL A 57 14.95 9.80 5.81
C VAL A 57 13.92 10.93 5.65
N PRO A 58 13.75 11.48 4.43
CA PRO A 58 12.75 12.53 4.17
C PRO A 58 11.30 11.99 4.26
N ASN A 59 10.40 12.80 4.84
CA ASN A 59 8.99 12.43 4.98
C ASN A 59 8.37 11.98 3.64
N SER A 60 8.76 12.66 2.57
CA SER A 60 8.29 12.31 1.20
C SER A 60 8.63 10.85 0.86
N GLN A 61 9.86 10.42 1.17
CA GLN A 61 10.29 9.04 0.93
C GLN A 61 9.39 8.05 1.67
N LEU A 62 9.17 8.30 2.95
CA LEU A 62 8.29 7.43 3.77
C LEU A 62 6.88 7.31 3.19
N VAL A 63 6.23 8.45 2.97
CA VAL A 63 4.85 8.47 2.46
C VAL A 63 4.75 7.85 1.05
N ASP A 64 5.68 8.21 0.17
CA ASP A 64 5.67 7.70 -1.22
C ASP A 64 5.93 6.18 -1.25
N THR A 65 6.96 5.73 -0.52
CA THR A 65 7.26 4.30 -0.41
C THR A 65 6.09 3.55 0.24
N GLY A 66 5.41 4.21 1.17
CA GLY A 66 4.22 3.64 1.80
C GLY A 66 3.07 3.44 0.80
N HIS A 67 2.99 4.31 -0.21
CA HIS A 67 1.94 4.20 -1.24
C HIS A 67 1.94 2.82 -1.90
N GLN A 68 3.10 2.38 -2.41
CA GLN A 68 3.21 1.09 -3.07
C GLN A 68 2.87 -0.06 -2.10
N LEU A 69 3.25 0.09 -0.83
CA LEU A 69 2.89 -0.89 0.20
C LEU A 69 1.36 -1.07 0.28
N LEU A 70 0.62 0.02 0.14
CA LEU A 70 -0.84 -0.04 0.10
C LEU A 70 -1.34 -0.86 -1.10
N ASP A 71 -0.75 -0.65 -2.27
CA ASP A 71 -1.13 -1.41 -3.48
C ASP A 71 -0.82 -2.90 -3.30
N TYR A 72 0.42 -3.20 -2.91
CA TYR A 72 0.85 -4.59 -2.69
C TYR A 72 -0.02 -5.29 -1.63
N CYS A 73 -0.25 -4.63 -0.51
CA CYS A 73 -1.06 -5.20 0.58
C CYS A 73 -2.53 -5.40 0.18
N SER A 74 -3.14 -4.37 -0.38
CA SER A 74 -4.56 -4.44 -0.78
C SER A 74 -4.80 -5.53 -1.83
N GLY A 75 -3.81 -5.75 -2.69
CA GLY A 75 -3.91 -6.81 -3.69
C GLY A 75 -3.62 -8.20 -3.12
N TYR A 76 -2.55 -8.30 -2.32
CA TYR A 76 -2.11 -9.57 -1.74
C TYR A 76 -3.15 -10.15 -0.76
N VAL A 77 -3.78 -9.28 0.03
CA VAL A 77 -4.74 -9.72 1.06
C VAL A 77 -5.90 -10.53 0.44
N ASP A 78 -6.27 -10.21 -0.80
CA ASP A 78 -7.33 -10.95 -1.50
C ASP A 78 -6.89 -12.40 -1.80
N CYS A 79 -5.63 -12.57 -2.19
CA CYS A 79 -5.08 -13.88 -2.57
C CYS A 79 -4.73 -14.75 -1.35
N ILE A 80 -5.03 -14.26 -0.15
CA ILE A 80 -4.81 -15.01 1.08
C ILE A 80 -5.90 -16.10 1.28
N PRO A 81 -5.52 -17.39 1.30
CA PRO A 81 -6.46 -18.50 1.47
C PRO A 81 -7.08 -18.58 2.89
N GLN A 82 -6.30 -18.22 3.90
CA GLN A 82 -6.77 -18.25 5.31
C GLN A 82 -7.45 -16.93 5.71
N THR A 83 -8.75 -16.99 6.00
CA THR A 83 -9.50 -15.79 6.41
C THR A 83 -8.90 -15.15 7.67
N ARG A 84 -8.34 -15.97 8.56
CA ARG A 84 -7.66 -15.47 9.76
C ARG A 84 -6.55 -14.48 9.39
N ASN A 85 -5.60 -14.92 8.57
CA ASN A 85 -4.52 -14.06 8.09
C ASN A 85 -5.08 -12.89 7.27
N LYS A 86 -6.08 -13.18 6.44
CA LYS A 86 -6.68 -12.17 5.56
C LYS A 86 -7.23 -10.97 6.37
N PHE A 87 -8.05 -11.24 7.36
CA PHE A 87 -8.64 -10.19 8.20
C PHE A 87 -7.55 -9.46 9.02
N ALA A 88 -6.68 -10.24 9.67
CA ALA A 88 -5.60 -9.69 10.48
C ALA A 88 -4.62 -8.84 9.64
N PHE A 89 -4.43 -9.25 8.39
CA PHE A 89 -3.56 -8.54 7.46
C PHE A 89 -4.16 -7.17 7.07
N ARG A 90 -5.40 -7.18 6.58
CA ARG A 90 -6.06 -5.94 6.16
C ARG A 90 -6.22 -4.95 7.33
N GLU A 91 -6.52 -5.45 8.53
CA GLU A 91 -6.65 -4.57 9.69
C GLU A 91 -5.30 -3.92 10.04
N ALA A 92 -4.22 -4.67 9.87
CA ALA A 92 -2.87 -4.14 10.03
C ALA A 92 -2.59 -3.01 9.02
N VAL A 93 -3.03 -3.23 7.78
CA VAL A 93 -2.94 -2.21 6.74
C VAL A 93 -3.76 -0.96 7.11
N SER A 94 -4.90 -1.18 7.77
CA SER A 94 -5.75 -0.08 8.24
C SER A 94 -4.95 0.90 9.12
N LYS A 95 -4.05 0.37 9.95
CA LYS A 95 -3.14 1.23 10.72
C LYS A 95 -2.20 2.00 9.78
N LEU A 96 -1.62 1.28 8.82
CA LEU A 96 -0.66 1.86 7.86
C LEU A 96 -1.27 3.07 7.11
N GLU A 97 -2.45 2.88 6.51
CA GLU A 97 -3.10 3.95 5.74
C GLU A 97 -3.49 5.14 6.63
N LEU A 98 -4.11 4.86 7.78
CA LEU A 98 -4.49 5.92 8.72
C LEU A 98 -3.25 6.65 9.28
N SER A 99 -2.16 5.91 9.42
CA SER A 99 -0.91 6.48 9.94
C SER A 99 -0.24 7.37 8.89
N LEU A 100 -0.34 6.99 7.62
CA LEU A 100 0.22 7.79 6.53
C LEU A 100 -0.54 9.11 6.32
N GLN A 101 -1.87 9.08 6.46
CA GLN A 101 -2.67 10.30 6.30
C GLN A 101 -2.39 11.30 7.43
N GLU A 102 -2.18 10.82 8.66
CA GLU A 102 -1.86 11.72 9.78
C GLU A 102 -0.38 12.18 9.73
N LEU A 103 0.51 11.28 9.30
CA LEU A 103 1.94 11.59 9.21
C LEU A 103 2.22 12.80 8.30
N GLN A 104 1.65 12.77 7.10
CA GLN A 104 1.93 13.81 6.08
C GLN A 104 1.47 15.21 6.53
N VAL A 105 0.59 15.28 7.52
CA VAL A 105 0.12 16.58 8.05
C VAL A 105 0.67 16.88 9.46
N SER A 106 1.22 15.87 10.12
CA SER A 106 1.71 16.02 11.51
C SER A 106 3.25 15.96 11.61
N SER A 107 3.91 15.51 10.54
CA SER A 107 5.37 15.34 10.55
C SER A 107 6.11 16.68 10.72
N ALA A 108 6.01 17.55 9.70
CA ALA A 108 6.62 18.88 9.72
C ALA A 108 8.15 18.86 9.54
N ALA A 109 8.82 17.89 10.15
CA ALA A 109 10.28 17.73 10.01
C ALA A 109 10.66 17.23 8.61
N ALA A 110 11.90 17.53 8.20
CA ALA A 110 12.42 17.07 6.91
C ALA A 110 12.80 15.59 6.96
N GLY A 111 13.78 15.26 7.79
CA GLY A 111 14.26 13.88 7.88
C GLY A 111 15.00 13.58 9.19
N VAL A 112 14.30 13.80 10.31
CA VAL A 112 14.87 13.57 11.64
C VAL A 112 14.38 12.24 12.24
N PRO A 113 15.30 11.32 12.61
CA PRO A 113 14.93 10.00 13.16
C PRO A 113 14.16 10.10 14.48
N GLY A 114 12.96 9.55 14.52
CA GLY A 114 12.13 9.60 15.73
C GLY A 114 11.51 10.96 15.98
N THR A 115 11.43 11.81 14.95
CA THR A 115 10.86 13.16 15.07
C THR A 115 9.39 13.13 15.55
N ASN A 116 8.63 12.14 15.11
CA ASN A 116 7.20 12.05 15.44
C ASN A 116 6.81 10.62 15.86
N PRO A 117 5.88 10.49 16.83
CA PRO A 117 5.41 9.17 17.30
C PRO A 117 4.79 8.32 16.17
N VAL A 118 4.18 9.00 15.20
CA VAL A 118 3.55 8.34 14.05
C VAL A 118 4.52 7.39 13.33
N LEU A 119 5.81 7.70 13.37
CA LEU A 119 6.83 6.83 12.78
C LEU A 119 6.84 5.45 13.47
N ASN A 120 6.62 5.45 14.78
CA ASN A 120 6.51 4.20 15.56
C ASN A 120 5.22 3.46 15.21
N ASN A 121 4.16 4.21 14.90
CA ASN A 121 2.91 3.61 14.41
C ASN A 121 3.16 2.85 13.11
N LEU A 122 3.82 3.50 12.15
CA LEU A 122 4.21 2.86 10.89
C LEU A 122 5.07 1.62 11.15
N LEU A 123 6.02 1.73 12.07
CA LEU A 123 6.87 0.58 12.45
C LEU A 123 6.00 -0.59 12.91
N SER A 124 5.09 -0.33 13.84
CA SER A 124 4.14 -1.35 14.31
C SER A 124 3.34 -1.96 13.15
N CYS A 125 2.92 -1.10 12.22
CA CYS A 125 2.17 -1.55 11.04
C CYS A 125 3.02 -2.51 10.17
N VAL A 126 4.24 -2.10 9.85
CA VAL A 126 5.14 -2.91 9.03
C VAL A 126 5.47 -4.25 9.70
N GLN A 127 5.80 -4.19 11.00
CA GLN A 127 6.08 -5.41 11.78
C GLN A 127 4.87 -6.36 11.77
N GLU A 128 3.68 -5.80 11.98
CA GLU A 128 2.44 -6.59 12.00
C GLU A 128 2.14 -7.20 10.63
N ILE A 129 2.08 -6.36 9.59
CA ILE A 129 1.80 -6.80 8.22
C ILE A 129 2.76 -7.92 7.77
N SER A 130 4.07 -7.67 7.88
CA SER A 130 5.09 -8.64 7.44
C SER A 130 4.99 -9.96 8.22
N ASP A 131 4.70 -9.86 9.52
CA ASP A 131 4.59 -11.04 10.38
C ASP A 131 3.38 -11.92 9.98
N VAL A 132 2.25 -11.28 9.70
CA VAL A 132 1.03 -12.01 9.26
C VAL A 132 1.32 -12.89 8.03
N VAL A 133 2.11 -12.37 7.10
CA VAL A 133 2.47 -13.11 5.88
C VAL A 133 3.34 -14.34 6.21
N GLN A 134 3.99 -14.31 7.37
CA GLN A 134 4.91 -15.38 7.78
C GLN A 134 4.24 -16.39 8.74
N ARG A 135 2.91 -16.30 8.87
CA ARG A 135 2.15 -17.19 9.77
C ARG A 135 1.52 -18.37 9.00
N MET A 1 -32.77 29.40 -8.59
CA MET A 1 -31.36 29.56 -9.05
C MET A 1 -30.36 29.00 -8.01
N GLY A 2 -30.38 29.56 -6.80
CA GLY A 2 -29.44 29.12 -5.77
C GLY A 2 -29.94 29.36 -4.34
N HIS A 3 -29.66 28.40 -3.45
CA HIS A 3 -29.98 28.53 -2.03
C HIS A 3 -28.73 28.30 -1.15
N HIS A 4 -27.79 27.49 -1.64
CA HIS A 4 -26.55 27.18 -0.91
C HIS A 4 -26.83 26.46 0.42
N HIS A 5 -27.98 25.79 0.49
CA HIS A 5 -28.40 25.07 1.71
C HIS A 5 -27.93 23.61 1.69
N HIS A 6 -26.72 23.37 2.22
CA HIS A 6 -26.12 22.03 2.20
C HIS A 6 -26.60 21.18 3.39
N HIS A 7 -27.30 20.09 3.09
CA HIS A 7 -27.88 19.22 4.13
C HIS A 7 -27.56 17.74 3.88
N HIS A 8 -27.93 16.88 4.82
CA HIS A 8 -27.76 15.43 4.65
C HIS A 8 -28.97 14.84 3.90
N SER A 9 -28.78 13.69 3.26
CA SER A 9 -29.85 13.05 2.48
C SER A 9 -29.85 11.52 2.63
N HIS A 10 -30.67 10.85 1.83
CA HIS A 10 -30.75 9.39 1.83
C HIS A 10 -29.40 8.75 1.44
N MET A 11 -28.80 8.01 2.36
CA MET A 11 -27.53 7.34 2.10
C MET A 11 -27.53 5.90 2.63
N ALA A 12 -27.91 4.96 1.77
CA ALA A 12 -27.91 3.53 2.12
C ALA A 12 -26.59 2.88 1.70
N ASN A 13 -25.82 2.42 2.68
CA ASN A 13 -24.51 1.79 2.42
C ASN A 13 -24.60 0.61 1.44
N GLY A 14 -23.66 0.54 0.50
CA GLY A 14 -23.66 -0.53 -0.49
C GLY A 14 -22.54 -1.55 -0.28
N ALA A 15 -21.54 -1.53 -1.16
CA ALA A 15 -20.43 -2.47 -1.08
C ALA A 15 -19.31 -1.95 -0.16
N ALA A 16 -18.87 -2.81 0.76
CA ALA A 16 -17.79 -2.46 1.71
C ALA A 16 -16.42 -2.82 1.13
N GLY A 17 -15.39 -2.08 1.56
CA GLY A 17 -14.03 -2.33 1.08
C GLY A 17 -13.71 -1.56 -0.20
N THR A 18 -13.38 -0.28 -0.05
CA THR A 18 -13.05 0.59 -1.20
C THR A 18 -11.89 0.01 -2.04
N LYS A 19 -11.03 -0.77 -1.39
CA LYS A 19 -9.89 -1.44 -2.05
C LYS A 19 -10.35 -2.35 -3.20
N VAL A 20 -11.59 -2.84 -3.13
CA VAL A 20 -12.09 -3.83 -4.09
C VAL A 20 -13.53 -3.49 -4.56
N ALA A 21 -13.87 -2.19 -4.50
CA ALA A 21 -15.21 -1.73 -4.90
C ALA A 21 -15.47 -1.94 -6.41
N LEU A 22 -14.98 -1.03 -7.25
CA LEU A 22 -15.06 -1.20 -8.71
C LEU A 22 -14.01 -2.22 -9.18
N ARG A 23 -14.15 -3.44 -8.68
CA ARG A 23 -13.11 -4.47 -8.80
C ARG A 23 -13.65 -5.83 -8.37
N LYS A 24 -14.14 -6.61 -9.33
CA LYS A 24 -14.76 -7.92 -9.06
C LYS A 24 -14.18 -9.01 -9.97
N THR A 25 -14.28 -8.81 -11.28
CA THR A 25 -13.79 -9.78 -12.26
C THR A 25 -12.43 -9.37 -12.84
N LYS A 26 -11.65 -10.35 -13.31
CA LYS A 26 -10.29 -10.09 -13.80
C LYS A 26 -10.22 -10.16 -15.33
N GLN A 27 -8.99 -10.02 -15.87
CA GLN A 27 -8.76 -10.06 -17.31
C GLN A 27 -7.45 -10.81 -17.66
N ALA A 28 -6.32 -10.12 -17.64
CA ALA A 28 -5.02 -10.75 -17.93
C ALA A 28 -3.95 -10.35 -16.91
N ALA A 29 -3.11 -11.31 -16.51
CA ALA A 29 -2.07 -11.09 -15.49
C ALA A 29 -1.08 -9.99 -15.89
N GLU A 30 -1.07 -9.64 -17.17
CA GLU A 30 -0.22 -8.55 -17.68
C GLU A 30 -0.67 -7.20 -17.12
N LYS A 31 -1.99 -7.01 -17.04
CA LYS A 31 -2.58 -5.76 -16.52
C LYS A 31 -2.83 -5.87 -15.00
N ILE A 32 -3.23 -7.07 -14.56
CA ILE A 32 -3.53 -7.32 -13.15
C ILE A 32 -2.26 -7.22 -12.27
N SER A 33 -2.28 -6.30 -11.31
CA SER A 33 -1.16 -6.16 -10.36
C SER A 33 -1.34 -7.13 -9.17
N ALA A 34 -2.59 -7.34 -8.76
CA ALA A 34 -2.92 -8.20 -7.61
C ALA A 34 -2.26 -9.59 -7.70
N ASP A 35 -2.56 -10.33 -8.76
CA ASP A 35 -2.00 -11.68 -8.97
C ASP A 35 -0.50 -11.64 -9.33
N LYS A 36 0.03 -10.44 -9.50
CA LYS A 36 1.47 -10.25 -9.73
C LYS A 36 2.22 -10.11 -8.39
N ILE A 37 1.50 -9.63 -7.37
CA ILE A 37 2.09 -9.39 -6.04
C ILE A 37 2.64 -10.69 -5.41
N SER A 38 3.95 -10.82 -5.38
CA SER A 38 4.61 -11.97 -4.77
C SER A 38 4.80 -11.79 -3.26
N LYS A 39 4.72 -12.88 -2.51
CA LYS A 39 4.92 -12.86 -1.05
C LYS A 39 6.28 -12.23 -0.69
N GLU A 40 7.33 -12.65 -1.38
CA GLU A 40 8.68 -12.09 -1.19
C GLU A 40 8.72 -10.58 -1.50
N ALA A 41 8.03 -10.18 -2.57
CA ALA A 41 8.03 -8.78 -3.02
C ALA A 41 7.40 -7.85 -1.98
N LEU A 42 6.26 -8.26 -1.43
CA LEU A 42 5.59 -7.50 -0.38
C LEU A 42 6.54 -7.30 0.82
N LEU A 43 7.24 -8.36 1.21
CA LEU A 43 8.16 -8.31 2.35
C LEU A 43 9.35 -7.36 2.11
N GLU A 44 10.02 -7.49 0.96
CA GLU A 44 11.21 -6.68 0.69
C GLU A 44 10.87 -5.18 0.56
N CYS A 45 9.71 -4.88 -0.03
CA CYS A 45 9.23 -3.49 -0.13
C CYS A 45 8.84 -2.95 1.26
N ALA A 46 8.25 -3.80 2.10
CA ALA A 46 7.94 -3.42 3.49
C ALA A 46 9.21 -3.27 4.32
N ASP A 47 10.21 -4.10 4.02
CA ASP A 47 11.51 -4.04 4.70
C ASP A 47 12.15 -2.66 4.55
N LEU A 48 11.90 -2.01 3.41
CA LEU A 48 12.39 -0.66 3.16
C LEU A 48 11.93 0.32 4.25
N LEU A 49 10.66 0.26 4.64
CA LEU A 49 10.13 1.14 5.68
C LEU A 49 10.77 0.82 7.04
N SER A 50 10.79 -0.46 7.41
CA SER A 50 11.40 -0.91 8.67
C SER A 50 12.87 -0.47 8.77
N SER A 51 13.63 -0.75 7.71
CA SER A 51 15.05 -0.39 7.64
C SER A 51 15.25 1.13 7.64
N ALA A 52 14.45 1.85 6.84
CA ALA A 52 14.54 3.30 6.76
C ALA A 52 14.25 3.98 8.11
N LEU A 53 13.35 3.38 8.89
CA LEU A 53 12.97 3.94 10.21
C LEU A 53 14.07 3.74 11.27
N THR A 54 15.10 2.97 10.95
CA THR A 54 16.25 2.78 11.86
C THR A 54 17.33 3.84 11.63
N GLU A 55 17.09 4.72 10.65
CA GLU A 55 18.03 5.79 10.30
C GLU A 55 17.28 7.08 9.94
N PRO A 56 17.95 8.26 9.94
CA PRO A 56 17.28 9.52 9.56
C PRO A 56 16.92 9.58 8.07
N VAL A 57 15.63 9.76 7.79
CA VAL A 57 15.12 9.87 6.41
C VAL A 57 13.99 10.91 6.32
N PRO A 58 13.81 11.55 5.14
CA PRO A 58 12.68 12.47 4.92
C PRO A 58 11.32 11.77 5.13
N ASN A 59 10.50 12.31 6.05
CA ASN A 59 9.20 11.71 6.37
C ASN A 59 8.32 11.57 5.11
N SER A 60 8.50 12.48 4.15
CA SER A 60 7.80 12.39 2.86
C SER A 60 8.19 11.11 2.10
N GLN A 61 9.47 10.73 2.19
CA GLN A 61 9.98 9.49 1.58
C GLN A 61 9.30 8.27 2.20
N LEU A 62 9.11 8.31 3.52
CA LEU A 62 8.40 7.24 4.24
C LEU A 62 6.97 7.06 3.70
N VAL A 63 6.23 8.17 3.63
CA VAL A 63 4.86 8.15 3.08
C VAL A 63 4.84 7.65 1.63
N ASP A 64 5.76 8.16 0.82
CA ASP A 64 5.82 7.80 -0.60
C ASP A 64 6.14 6.31 -0.79
N THR A 65 7.13 5.81 -0.04
CA THR A 65 7.49 4.39 -0.09
C THR A 65 6.32 3.51 0.40
N GLY A 66 5.57 4.02 1.38
CA GLY A 66 4.40 3.31 1.89
C GLY A 66 3.26 3.23 0.87
N HIS A 67 3.20 4.20 -0.05
CA HIS A 67 2.16 4.22 -1.09
C HIS A 67 2.10 2.91 -1.89
N GLN A 68 3.27 2.43 -2.34
CA GLN A 68 3.32 1.18 -3.11
C GLN A 68 2.88 -0.02 -2.24
N LEU A 69 3.20 0.03 -0.95
CA LEU A 69 2.79 -1.02 -0.01
C LEU A 69 1.26 -1.17 0.04
N LEU A 70 0.55 -0.06 -0.13
CA LEU A 70 -0.92 -0.11 -0.22
C LEU A 70 -1.38 -0.88 -1.46
N ASP A 71 -0.64 -0.76 -2.57
CA ASP A 71 -0.95 -1.54 -3.78
C ASP A 71 -0.67 -3.03 -3.54
N TYR A 72 0.53 -3.34 -3.01
CA TYR A 72 0.89 -4.72 -2.66
C TYR A 72 -0.18 -5.35 -1.74
N CYS A 73 -0.50 -4.65 -0.65
CA CYS A 73 -1.47 -5.14 0.34
C CYS A 73 -2.88 -5.28 -0.26
N SER A 74 -3.37 -4.24 -0.92
CA SER A 74 -4.72 -4.25 -1.52
C SER A 74 -4.92 -5.42 -2.48
N GLY A 75 -3.89 -5.71 -3.29
CA GLY A 75 -3.96 -6.83 -4.22
C GLY A 75 -3.73 -8.19 -3.55
N TYR A 76 -2.83 -8.22 -2.58
CA TYR A 76 -2.43 -9.47 -1.92
C TYR A 76 -3.51 -9.99 -0.95
N VAL A 77 -4.14 -9.09 -0.20
CA VAL A 77 -5.05 -9.47 0.89
C VAL A 77 -6.27 -10.27 0.39
N ASP A 78 -6.87 -9.85 -0.73
CA ASP A 78 -8.00 -10.57 -1.32
C ASP A 78 -7.55 -11.87 -2.03
N CYS A 79 -6.25 -12.12 -2.02
CA CYS A 79 -5.69 -13.38 -2.56
C CYS A 79 -5.40 -14.38 -1.42
N ILE A 80 -5.63 -13.95 -0.18
CA ILE A 80 -5.39 -14.79 1.00
C ILE A 80 -6.62 -15.67 1.31
N PRO A 81 -6.53 -17.00 1.09
CA PRO A 81 -7.64 -17.94 1.37
C PRO A 81 -7.93 -18.07 2.87
N GLN A 82 -6.90 -17.86 3.70
CA GLN A 82 -7.05 -17.97 5.15
C GLN A 82 -7.63 -16.68 5.73
N THR A 83 -8.95 -16.64 5.92
CA THR A 83 -9.63 -15.44 6.45
C THR A 83 -9.01 -14.96 7.77
N ARG A 84 -8.53 -15.89 8.58
CA ARG A 84 -7.87 -15.56 9.85
C ARG A 84 -6.61 -14.70 9.63
N ASN A 85 -5.82 -15.08 8.63
CA ASN A 85 -4.64 -14.29 8.22
C ASN A 85 -5.06 -13.02 7.48
N LYS A 86 -6.09 -13.14 6.64
CA LYS A 86 -6.61 -12.01 5.85
C LYS A 86 -7.09 -10.87 6.76
N PHE A 87 -7.79 -11.24 7.83
CA PHE A 87 -8.31 -10.27 8.80
C PHE A 87 -7.16 -9.55 9.52
N ALA A 88 -6.24 -10.33 10.11
CA ALA A 88 -5.05 -9.77 10.78
C ALA A 88 -4.23 -8.90 9.81
N PHE A 89 -4.15 -9.32 8.56
CA PHE A 89 -3.46 -8.57 7.52
C PHE A 89 -4.20 -7.26 7.23
N ARG A 90 -5.53 -7.33 7.10
CA ARG A 90 -6.34 -6.15 6.80
C ARG A 90 -6.28 -5.12 7.93
N GLU A 91 -6.44 -5.56 9.18
CA GLU A 91 -6.40 -4.64 10.32
C GLU A 91 -5.02 -3.95 10.41
N ALA A 92 -3.96 -4.72 10.17
CA ALA A 92 -2.60 -4.17 10.12
C ALA A 92 -2.47 -3.07 9.05
N VAL A 93 -2.94 -3.37 7.84
CA VAL A 93 -2.95 -2.40 6.74
C VAL A 93 -3.86 -1.20 7.08
N SER A 94 -4.97 -1.47 7.77
CA SER A 94 -5.90 -0.42 8.20
C SER A 94 -5.20 0.62 9.08
N LYS A 95 -4.19 0.19 9.84
CA LYS A 95 -3.33 1.12 10.58
C LYS A 95 -2.35 1.85 9.66
N LEU A 96 -1.72 1.10 8.75
CA LEU A 96 -0.71 1.64 7.84
C LEU A 96 -1.27 2.83 7.02
N GLU A 97 -2.43 2.62 6.38
CA GLU A 97 -3.05 3.66 5.56
C GLU A 97 -3.36 4.93 6.37
N LEU A 98 -3.89 4.74 7.59
CA LEU A 98 -4.17 5.87 8.49
C LEU A 98 -2.89 6.62 8.89
N SER A 99 -1.88 5.86 9.28
CA SER A 99 -0.58 6.44 9.70
C SER A 99 0.07 7.25 8.58
N LEU A 100 0.05 6.71 7.36
CA LEU A 100 0.65 7.41 6.21
C LEU A 100 -0.08 8.72 5.88
N GLN A 101 -1.41 8.70 5.89
CA GLN A 101 -2.20 9.90 5.55
C GLN A 101 -2.12 10.97 6.65
N GLU A 102 -2.00 10.56 7.91
CA GLU A 102 -1.84 11.52 9.01
C GLU A 102 -0.39 12.03 9.11
N LEU A 103 0.58 11.20 8.70
CA LEU A 103 2.00 11.62 8.71
C LEU A 103 2.27 12.73 7.68
N GLN A 104 1.84 12.52 6.43
CA GLN A 104 2.05 13.50 5.36
C GLN A 104 1.50 14.90 5.73
N VAL A 105 0.53 14.94 6.65
CA VAL A 105 -0.07 16.20 7.09
C VAL A 105 0.44 16.62 8.49
N SER A 106 1.20 15.75 9.16
CA SER A 106 1.71 16.03 10.51
C SER A 106 3.23 15.82 10.63
N SER A 107 3.91 15.65 9.50
CA SER A 107 5.37 15.39 9.48
C SER A 107 6.15 16.49 10.23
N ALA A 108 5.95 17.75 9.82
CA ALA A 108 6.58 18.92 10.48
C ALA A 108 8.12 18.90 10.41
N ALA A 109 8.73 17.96 11.11
CA ALA A 109 10.20 17.79 11.12
C ALA A 109 10.79 17.65 9.70
N ALA A 110 9.95 17.30 8.73
CA ALA A 110 10.36 17.15 7.32
C ALA A 110 11.18 15.87 7.08
N GLY A 111 12.29 15.70 7.81
CA GLY A 111 13.13 14.52 7.64
C GLY A 111 13.76 14.03 8.94
N VAL A 112 12.93 13.68 9.92
CA VAL A 112 13.42 13.18 11.21
C VAL A 112 12.62 11.96 11.70
N PRO A 113 13.30 10.87 12.11
CA PRO A 113 12.64 9.67 12.66
C PRO A 113 12.29 9.81 14.15
N GLY A 114 11.23 9.12 14.59
CA GLY A 114 10.86 9.14 16.01
C GLY A 114 10.10 10.40 16.46
N THR A 115 10.51 11.57 15.95
CA THR A 115 9.93 12.87 16.34
C THR A 115 8.38 12.86 16.42
N ASN A 116 7.74 12.14 15.50
CA ASN A 116 6.27 12.02 15.51
C ASN A 116 5.84 10.61 15.93
N PRO A 117 4.90 10.49 16.89
CA PRO A 117 4.36 9.17 17.32
C PRO A 117 3.83 8.35 16.14
N VAL A 118 3.38 9.05 15.10
CA VAL A 118 2.93 8.41 13.85
C VAL A 118 4.01 7.48 13.26
N LEU A 119 5.26 7.90 13.39
CA LEU A 119 6.41 7.11 12.91
C LEU A 119 6.54 5.80 13.70
N ASN A 120 6.30 5.89 15.01
CA ASN A 120 6.29 4.70 15.87
C ASN A 120 5.17 3.75 15.45
N ASN A 121 4.03 4.33 15.06
CA ASN A 121 2.91 3.55 14.55
C ASN A 121 3.27 2.85 13.24
N LEU A 122 3.88 3.59 12.30
CA LEU A 122 4.34 3.01 11.03
C LEU A 122 5.25 1.81 11.25
N LEU A 123 6.27 1.98 12.08
CA LEU A 123 7.19 0.88 12.42
C LEU A 123 6.42 -0.37 12.89
N SER A 124 5.55 -0.17 13.88
CA SER A 124 4.71 -1.27 14.40
C SER A 124 3.81 -1.88 13.31
N CYS A 125 3.20 -1.02 12.49
CA CYS A 125 2.28 -1.47 11.44
C CYS A 125 3.00 -2.32 10.37
N VAL A 126 4.14 -1.84 9.90
CA VAL A 126 4.93 -2.55 8.88
C VAL A 126 5.40 -3.93 9.39
N GLN A 127 5.93 -3.95 10.61
CA GLN A 127 6.40 -5.20 11.22
C GLN A 127 5.22 -6.14 11.52
N GLU A 128 4.05 -5.56 11.81
CA GLU A 128 2.82 -6.34 11.98
C GLU A 128 2.40 -7.00 10.64
N ILE A 129 2.25 -6.18 9.60
CA ILE A 129 1.83 -6.67 8.27
C ILE A 129 2.73 -7.81 7.78
N SER A 130 4.03 -7.52 7.70
CA SER A 130 5.02 -8.51 7.23
C SER A 130 4.98 -9.80 8.06
N ASP A 131 4.87 -9.66 9.38
CA ASP A 131 4.81 -10.81 10.29
C ASP A 131 3.56 -11.67 10.04
N VAL A 132 2.41 -11.02 9.79
CA VAL A 132 1.17 -11.74 9.48
C VAL A 132 1.35 -12.65 8.25
N VAL A 133 2.07 -12.15 7.24
CA VAL A 133 2.34 -12.91 6.02
C VAL A 133 3.25 -14.13 6.31
N GLN A 134 3.88 -14.13 7.49
CA GLN A 134 4.79 -15.21 7.88
C GLN A 134 4.14 -16.17 8.89
N ARG A 135 2.88 -15.93 9.24
CA ARG A 135 2.18 -16.76 10.24
C ARG A 135 1.51 -18.00 9.60
N MET A 1 35.91 25.85 -15.04
CA MET A 1 34.89 26.01 -13.97
C MET A 1 34.08 27.30 -14.16
N GLY A 2 32.76 27.20 -14.05
CA GLY A 2 31.89 28.35 -14.24
C GLY A 2 30.43 28.07 -13.88
N HIS A 3 29.74 29.08 -13.35
CA HIS A 3 28.35 28.92 -12.90
C HIS A 3 27.72 30.27 -12.53
N HIS A 4 26.93 30.85 -13.45
CA HIS A 4 26.23 32.11 -13.19
C HIS A 4 24.78 32.08 -13.71
N HIS A 5 24.62 32.10 -15.03
CA HIS A 5 23.27 32.12 -15.64
C HIS A 5 22.44 30.88 -15.24
N HIS A 6 21.13 31.07 -15.07
CA HIS A 6 20.24 29.97 -14.68
C HIS A 6 18.82 30.17 -15.22
N HIS A 7 18.07 29.06 -15.33
CA HIS A 7 16.75 29.07 -15.96
C HIS A 7 15.68 29.73 -15.08
N HIS A 8 14.50 29.93 -15.66
CA HIS A 8 13.31 30.40 -14.93
C HIS A 8 12.15 29.41 -15.09
N SER A 9 11.74 28.80 -13.98
CA SER A 9 10.72 27.74 -14.02
C SER A 9 9.30 28.28 -13.83
N HIS A 10 8.33 27.57 -14.42
CA HIS A 10 6.90 27.87 -14.25
C HIS A 10 6.05 26.69 -14.70
N MET A 11 5.27 26.12 -13.79
CA MET A 11 4.54 24.88 -14.04
C MET A 11 3.18 25.13 -14.71
N ALA A 12 3.01 24.59 -15.93
CA ALA A 12 1.73 24.65 -16.63
C ALA A 12 1.02 23.28 -16.60
N ASN A 13 0.35 22.99 -15.49
CA ASN A 13 -0.29 21.68 -15.29
C ASN A 13 -1.76 21.69 -15.79
N GLY A 14 -2.28 20.50 -16.08
CA GLY A 14 -3.66 20.36 -16.56
C GLY A 14 -3.97 18.96 -17.07
N ALA A 15 -4.18 18.01 -16.16
CA ALA A 15 -4.49 16.63 -16.52
C ALA A 15 -4.97 15.83 -15.30
N ALA A 16 -6.22 15.36 -15.34
CA ALA A 16 -6.81 14.60 -14.24
C ALA A 16 -8.07 13.84 -14.67
N GLY A 17 -8.38 12.75 -13.96
CA GLY A 17 -9.56 11.95 -14.26
C GLY A 17 -9.35 10.92 -15.37
N THR A 18 -8.10 10.66 -15.73
CA THR A 18 -7.78 9.72 -16.83
C THR A 18 -6.99 8.50 -16.33
N LYS A 19 -6.21 8.69 -15.27
CA LYS A 19 -5.44 7.58 -14.68
C LYS A 19 -6.36 6.46 -14.15
N VAL A 20 -7.64 6.76 -13.98
CA VAL A 20 -8.62 5.76 -13.55
C VAL A 20 -9.72 5.57 -14.63
N ALA A 21 -9.42 5.96 -15.86
CA ALA A 21 -10.39 5.87 -16.96
C ALA A 21 -10.69 4.40 -17.33
N LEU A 22 -9.76 3.75 -18.03
CA LEU A 22 -9.92 2.32 -18.37
C LEU A 22 -9.54 1.44 -17.18
N ARG A 23 -8.96 2.06 -16.15
CA ARG A 23 -8.59 1.35 -14.93
C ARG A 23 -9.81 1.16 -14.00
N LYS A 24 -10.82 0.46 -14.51
CA LYS A 24 -12.05 0.17 -13.75
C LYS A 24 -11.85 -1.09 -12.88
N THR A 25 -11.70 -2.23 -13.56
CA THR A 25 -11.51 -3.52 -12.88
C THR A 25 -10.39 -4.32 -13.56
N LYS A 26 -10.16 -5.55 -13.11
CA LYS A 26 -9.09 -6.38 -13.69
C LYS A 26 -9.37 -6.66 -15.18
N GLN A 27 -8.31 -6.62 -15.99
CA GLN A 27 -8.44 -6.80 -17.45
C GLN A 27 -8.21 -8.27 -17.86
N ALA A 28 -7.06 -8.83 -17.49
CA ALA A 28 -6.71 -10.21 -17.85
C ALA A 28 -5.46 -10.66 -17.07
N ALA A 29 -5.44 -11.93 -16.66
CA ALA A 29 -4.32 -12.48 -15.86
C ALA A 29 -2.94 -12.19 -16.48
N GLU A 30 -2.93 -11.94 -17.79
CA GLU A 30 -1.71 -11.57 -18.52
C GLU A 30 -1.03 -10.32 -17.92
N LYS A 31 -1.83 -9.33 -17.53
CA LYS A 31 -1.29 -8.00 -17.16
C LYS A 31 -1.71 -7.56 -15.72
N ILE A 32 -2.41 -8.42 -14.99
CA ILE A 32 -2.83 -8.08 -13.62
C ILE A 32 -1.62 -8.04 -12.65
N SER A 33 -1.17 -6.82 -12.32
CA SER A 33 -0.07 -6.64 -11.35
C SER A 33 -0.36 -7.36 -10.02
N ALA A 34 -1.63 -7.34 -9.59
CA ALA A 34 -2.05 -8.02 -8.37
C ALA A 34 -1.75 -9.53 -8.41
N ASP A 35 -1.73 -10.10 -9.62
CA ASP A 35 -1.40 -11.52 -9.80
C ASP A 35 0.10 -11.75 -9.62
N LYS A 36 0.90 -10.73 -9.94
CA LYS A 36 2.35 -10.78 -9.75
C LYS A 36 2.70 -10.66 -8.26
N ILE A 37 1.96 -9.84 -7.52
CA ILE A 37 2.23 -9.60 -6.10
C ILE A 37 2.32 -10.93 -5.32
N SER A 38 3.49 -11.21 -4.77
CA SER A 38 3.75 -12.50 -4.09
C SER A 38 4.24 -12.27 -2.65
N LYS A 39 4.21 -13.35 -1.87
CA LYS A 39 4.68 -13.35 -0.46
C LYS A 39 6.03 -12.64 -0.31
N GLU A 40 7.04 -13.15 -1.02
CA GLU A 40 8.40 -12.58 -0.99
C GLU A 40 8.42 -11.13 -1.53
N ALA A 41 7.69 -10.90 -2.63
CA ALA A 41 7.67 -9.57 -3.28
C ALA A 41 7.12 -8.49 -2.34
N LEU A 42 6.23 -8.88 -1.43
CA LEU A 42 5.68 -7.95 -0.44
C LEU A 42 6.72 -7.66 0.66
N LEU A 43 7.32 -8.72 1.20
CA LEU A 43 8.32 -8.60 2.28
C LEU A 43 9.46 -7.64 1.91
N GLU A 44 10.06 -7.83 0.73
CA GLU A 44 11.18 -6.99 0.28
C GLU A 44 10.79 -5.51 0.19
N CYS A 45 9.51 -5.24 -0.08
CA CYS A 45 9.00 -3.86 -0.18
C CYS A 45 8.66 -3.28 1.20
N ALA A 46 8.17 -4.13 2.10
CA ALA A 46 7.79 -3.70 3.45
C ALA A 46 9.02 -3.40 4.32
N ASP A 47 10.06 -4.24 4.20
CA ASP A 47 11.31 -4.06 4.96
C ASP A 47 11.93 -2.67 4.70
N LEU A 48 11.64 -2.10 3.54
CA LEU A 48 12.11 -0.75 3.18
C LEU A 48 11.57 0.31 4.17
N LEU A 49 10.35 0.10 4.65
CA LEU A 49 9.73 1.03 5.60
C LEU A 49 10.38 0.91 6.98
N SER A 50 10.47 -0.32 7.49
CA SER A 50 11.07 -0.58 8.80
C SER A 50 12.53 -0.11 8.86
N SER A 51 13.31 -0.48 7.84
CA SER A 51 14.71 -0.06 7.75
C SER A 51 14.85 1.47 7.68
N ALA A 52 14.04 2.09 6.82
CA ALA A 52 14.05 3.56 6.66
C ALA A 52 13.71 4.29 7.96
N LEU A 53 12.85 3.69 8.78
CA LEU A 53 12.44 4.30 10.07
C LEU A 53 13.54 4.21 11.13
N THR A 54 14.43 3.22 11.01
CA THR A 54 15.51 3.03 12.00
C THR A 54 16.72 3.94 11.71
N GLU A 55 16.61 4.80 10.69
CA GLU A 55 17.69 5.73 10.33
C GLU A 55 17.09 7.04 9.77
N PRO A 56 17.81 8.18 9.89
CA PRO A 56 17.23 9.48 9.53
C PRO A 56 16.91 9.63 8.03
N VAL A 57 15.63 9.88 7.74
CA VAL A 57 15.14 10.16 6.38
C VAL A 57 14.01 11.21 6.44
N PRO A 58 13.66 11.87 5.31
CA PRO A 58 12.54 12.81 5.28
C PRO A 58 11.17 12.13 5.45
N ASN A 59 10.31 12.75 6.25
CA ASN A 59 8.94 12.24 6.48
C ASN A 59 8.20 12.02 5.15
N SER A 60 8.49 12.87 4.16
CA SER A 60 7.82 12.78 2.86
C SER A 60 8.27 11.54 2.08
N GLN A 61 9.57 11.26 2.16
CA GLN A 61 10.15 10.04 1.56
C GLN A 61 9.55 8.78 2.18
N LEU A 62 9.38 8.79 3.50
CA LEU A 62 8.76 7.67 4.24
C LEU A 62 7.36 7.34 3.69
N VAL A 63 6.49 8.35 3.64
CA VAL A 63 5.12 8.16 3.16
C VAL A 63 5.09 7.73 1.68
N ASP A 64 5.97 8.34 0.87
CA ASP A 64 6.05 8.02 -0.55
C ASP A 64 6.51 6.55 -0.77
N THR A 65 7.49 6.12 0.03
CA THR A 65 8.00 4.74 -0.02
C THR A 65 6.96 3.74 0.50
N GLY A 66 6.27 4.10 1.59
CA GLY A 66 5.25 3.23 2.16
C GLY A 66 3.96 3.18 1.35
N HIS A 67 3.72 4.24 0.57
CA HIS A 67 2.50 4.36 -0.25
C HIS A 67 2.25 3.13 -1.15
N GLN A 68 3.32 2.62 -1.75
CA GLN A 68 3.22 1.46 -2.66
C GLN A 68 2.69 0.20 -1.96
N LEU A 69 2.92 0.09 -0.65
CA LEU A 69 2.45 -1.06 0.12
C LEU A 69 0.92 -1.21 0.07
N LEU A 70 0.21 -0.10 -0.07
CA LEU A 70 -1.26 -0.13 -0.21
C LEU A 70 -1.69 -0.85 -1.50
N ASP A 71 -0.85 -0.76 -2.54
CA ASP A 71 -1.11 -1.43 -3.80
C ASP A 71 -0.83 -2.94 -3.68
N TYR A 72 0.38 -3.28 -3.21
CA TYR A 72 0.77 -4.68 -2.98
C TYR A 72 -0.19 -5.40 -2.02
N CYS A 73 -0.43 -4.80 -0.86
CA CYS A 73 -1.30 -5.38 0.17
C CYS A 73 -2.73 -5.61 -0.35
N SER A 74 -3.29 -4.60 -1.02
CA SER A 74 -4.67 -4.68 -1.53
C SER A 74 -4.85 -5.86 -2.49
N GLY A 75 -3.85 -6.12 -3.32
CA GLY A 75 -3.92 -7.24 -4.25
C GLY A 75 -3.59 -8.60 -3.64
N TYR A 76 -2.59 -8.63 -2.75
CA TYR A 76 -2.11 -9.88 -2.16
C TYR A 76 -3.11 -10.49 -1.15
N VAL A 77 -3.81 -9.64 -0.42
CA VAL A 77 -4.71 -10.11 0.66
C VAL A 77 -5.71 -11.18 0.18
N ASP A 78 -6.17 -11.06 -1.07
CA ASP A 78 -7.13 -12.01 -1.63
C ASP A 78 -6.54 -13.44 -1.74
N CYS A 79 -5.23 -13.52 -1.97
CA CYS A 79 -4.54 -14.81 -2.16
C CYS A 79 -4.32 -15.55 -0.83
N ILE A 80 -4.56 -14.88 0.30
CA ILE A 80 -4.35 -15.49 1.62
C ILE A 80 -5.48 -16.48 1.95
N PRO A 81 -5.15 -17.79 2.11
CA PRO A 81 -6.15 -18.82 2.45
C PRO A 81 -6.63 -18.74 3.90
N GLN A 82 -5.68 -18.55 4.83
CA GLN A 82 -6.00 -18.43 6.25
C GLN A 82 -6.73 -17.11 6.53
N THR A 83 -8.06 -17.18 6.62
CA THR A 83 -8.89 -15.98 6.82
C THR A 83 -8.52 -15.21 8.09
N ARG A 84 -8.05 -15.93 9.12
CA ARG A 84 -7.56 -15.28 10.34
C ARG A 84 -6.39 -14.34 10.03
N ASN A 85 -5.41 -14.84 9.30
CA ASN A 85 -4.27 -14.03 8.83
C ASN A 85 -4.75 -12.91 7.89
N LYS A 86 -5.67 -13.28 7.00
CA LYS A 86 -6.21 -12.35 6.00
C LYS A 86 -6.96 -11.16 6.63
N PHE A 87 -7.71 -11.43 7.71
CA PHE A 87 -8.43 -10.36 8.43
C PHE A 87 -7.45 -9.46 9.18
N ALA A 88 -6.53 -10.08 9.92
CA ALA A 88 -5.48 -9.35 10.64
C ALA A 88 -4.67 -8.47 9.67
N PHE A 89 -4.39 -9.03 8.50
CA PHE A 89 -3.68 -8.31 7.44
C PHE A 89 -4.48 -7.05 7.02
N ARG A 90 -5.78 -7.21 6.82
CA ARG A 90 -6.65 -6.08 6.45
C ARG A 90 -6.61 -4.97 7.52
N GLU A 91 -6.86 -5.33 8.78
CA GLU A 91 -6.89 -4.33 9.86
C GLU A 91 -5.53 -3.67 10.07
N ALA A 92 -4.45 -4.43 9.85
CA ALA A 92 -3.09 -3.90 9.93
C ALA A 92 -2.85 -2.82 8.86
N VAL A 93 -3.27 -3.13 7.63
CA VAL A 93 -3.15 -2.19 6.51
C VAL A 93 -4.02 -0.93 6.72
N SER A 94 -5.21 -1.13 7.29
CA SER A 94 -6.09 0.00 7.63
C SER A 94 -5.43 0.95 8.65
N LYS A 95 -4.55 0.40 9.47
CA LYS A 95 -3.74 1.19 10.40
C LYS A 95 -2.57 1.87 9.66
N LEU A 96 -2.02 1.18 8.67
CA LEU A 96 -0.92 1.71 7.85
C LEU A 96 -1.37 2.94 7.05
N GLU A 97 -2.48 2.84 6.33
CA GLU A 97 -3.02 3.96 5.56
C GLU A 97 -3.44 5.12 6.48
N LEU A 98 -3.99 4.78 7.65
CA LEU A 98 -4.38 5.77 8.65
C LEU A 98 -3.18 6.60 9.13
N SER A 99 -2.10 5.91 9.49
CA SER A 99 -0.88 6.59 9.95
C SER A 99 -0.18 7.34 8.81
N LEU A 100 -0.14 6.74 7.62
CA LEU A 100 0.46 7.39 6.45
C LEU A 100 -0.27 8.69 6.06
N GLN A 101 -1.60 8.68 6.11
CA GLN A 101 -2.39 9.87 5.73
C GLN A 101 -2.22 11.02 6.74
N GLU A 102 -2.17 10.69 8.03
CA GLU A 102 -1.99 11.71 9.07
C GLU A 102 -0.55 12.23 9.11
N LEU A 103 0.42 11.34 8.83
CA LEU A 103 1.83 11.72 8.84
C LEU A 103 2.16 12.75 7.76
N GLN A 104 1.86 12.43 6.50
CA GLN A 104 2.23 13.26 5.36
C GLN A 104 1.70 14.71 5.49
N VAL A 105 0.66 14.91 6.30
CA VAL A 105 0.13 16.26 6.54
C VAL A 105 0.70 16.85 7.85
N SER A 106 0.91 16.01 8.86
CA SER A 106 1.41 16.47 10.18
C SER A 106 2.94 16.29 10.29
N SER A 107 3.61 16.13 9.16
CA SER A 107 5.08 15.99 9.13
C SER A 107 5.76 17.22 9.75
N ALA A 108 5.53 18.39 9.16
CA ALA A 108 6.10 19.68 9.64
C ALA A 108 7.64 19.69 9.57
N ALA A 109 8.28 18.89 10.42
CA ALA A 109 9.74 18.80 10.50
C ALA A 109 10.43 18.50 9.16
N ALA A 110 9.67 17.99 8.19
CA ALA A 110 10.20 17.64 6.86
C ALA A 110 11.10 16.40 6.88
N GLY A 111 12.21 16.48 7.62
CA GLY A 111 13.15 15.35 7.69
C GLY A 111 13.86 15.24 9.04
N VAL A 112 13.15 14.72 10.05
CA VAL A 112 13.72 14.50 11.39
C VAL A 112 13.29 13.14 11.97
N PRO A 113 14.25 12.28 12.35
CA PRO A 113 13.93 10.97 12.94
C PRO A 113 13.30 11.06 14.34
N GLY A 114 12.09 10.51 14.50
CA GLY A 114 11.41 10.54 15.79
C GLY A 114 10.71 11.85 16.09
N THR A 115 10.55 12.71 15.08
CA THR A 115 9.86 14.00 15.25
C THR A 115 8.37 13.83 15.58
N ASN A 116 7.75 12.80 14.99
CA ASN A 116 6.33 12.50 15.24
C ASN A 116 6.14 11.03 15.64
N PRO A 117 5.43 10.76 16.76
CA PRO A 117 5.16 9.38 17.23
C PRO A 117 4.57 8.48 16.14
N VAL A 118 3.93 9.08 15.14
CA VAL A 118 3.38 8.34 13.98
C VAL A 118 4.43 7.41 13.36
N LEU A 119 5.69 7.86 13.34
CA LEU A 119 6.79 7.06 12.78
C LEU A 119 6.94 5.73 13.53
N ASN A 120 6.90 5.80 14.86
CA ASN A 120 6.98 4.59 15.70
C ASN A 120 5.78 3.67 15.46
N ASN A 121 4.61 4.27 15.23
CA ASN A 121 3.40 3.52 14.92
C ASN A 121 3.53 2.82 13.55
N LEU A 122 4.10 3.52 12.57
CA LEU A 122 4.39 2.92 11.26
C LEU A 122 5.25 1.67 11.40
N LEU A 123 6.33 1.78 12.18
CA LEU A 123 7.23 0.65 12.44
C LEU A 123 6.45 -0.58 12.95
N SER A 124 5.60 -0.35 13.97
CA SER A 124 4.76 -1.41 14.52
C SER A 124 3.83 -2.02 13.45
N CYS A 125 3.21 -1.16 12.64
CA CYS A 125 2.31 -1.60 11.56
C CYS A 125 3.04 -2.45 10.51
N VAL A 126 4.19 -1.96 10.06
CA VAL A 126 5.00 -2.68 9.06
C VAL A 126 5.43 -4.06 9.57
N GLN A 127 5.90 -4.11 10.82
CA GLN A 127 6.28 -5.37 11.46
C GLN A 127 5.08 -6.32 11.56
N GLU A 128 3.92 -5.79 11.96
CA GLU A 128 2.69 -6.56 12.08
C GLU A 128 2.29 -7.17 10.73
N ILE A 129 2.16 -6.31 9.71
CA ILE A 129 1.83 -6.75 8.34
C ILE A 129 2.81 -7.84 7.85
N SER A 130 4.11 -7.54 7.94
CA SER A 130 5.17 -8.48 7.51
C SER A 130 5.03 -9.83 8.21
N ASP A 131 4.85 -9.82 9.52
CA ASP A 131 4.72 -11.05 10.32
C ASP A 131 3.57 -11.92 9.77
N VAL A 132 2.43 -11.29 9.52
CA VAL A 132 1.27 -11.99 8.94
C VAL A 132 1.63 -12.60 7.57
N VAL A 133 2.29 -11.82 6.72
CA VAL A 133 2.69 -12.29 5.39
C VAL A 133 3.69 -13.47 5.46
N GLN A 134 4.47 -13.50 6.54
CA GLN A 134 5.43 -14.61 6.77
C GLN A 134 4.71 -15.93 7.12
N ARG A 135 3.39 -15.86 7.31
CA ARG A 135 2.59 -17.04 7.68
C ARG A 135 1.89 -17.65 6.44
N MET A 1 -32.02 -12.29 -47.05
CA MET A 1 -32.36 -12.97 -45.77
C MET A 1 -32.50 -14.48 -45.97
N GLY A 2 -32.02 -15.26 -44.98
CA GLY A 2 -32.15 -16.71 -45.04
C GLY A 2 -31.03 -17.45 -44.33
N HIS A 3 -31.39 -18.51 -43.59
CA HIS A 3 -30.40 -19.30 -42.85
C HIS A 3 -29.50 -20.12 -43.77
N HIS A 4 -28.26 -19.66 -43.95
CA HIS A 4 -27.25 -20.39 -44.72
C HIS A 4 -25.97 -20.54 -43.89
N HIS A 5 -25.45 -21.77 -43.84
CA HIS A 5 -24.41 -22.15 -42.86
C HIS A 5 -23.02 -21.51 -43.10
N HIS A 6 -22.91 -20.54 -44.01
CA HIS A 6 -21.62 -19.86 -44.25
C HIS A 6 -21.71 -18.34 -44.08
N HIS A 7 -22.73 -17.85 -43.37
CA HIS A 7 -22.91 -16.40 -43.19
C HIS A 7 -22.40 -15.89 -41.82
N HIS A 8 -21.92 -16.78 -40.96
CA HIS A 8 -21.39 -16.36 -39.64
C HIS A 8 -19.92 -15.94 -39.75
N SER A 9 -19.70 -14.65 -39.94
CA SER A 9 -18.34 -14.10 -40.10
C SER A 9 -17.71 -13.75 -38.74
N HIS A 10 -16.47 -14.19 -38.56
CA HIS A 10 -15.68 -13.84 -37.35
C HIS A 10 -15.40 -12.33 -37.27
N MET A 11 -15.18 -11.82 -36.06
CA MET A 11 -14.94 -10.39 -35.85
C MET A 11 -13.48 -10.01 -36.19
N ALA A 12 -13.32 -8.89 -36.90
CA ALA A 12 -11.99 -8.43 -37.35
C ALA A 12 -11.23 -7.67 -36.24
N ASN A 13 -10.04 -7.18 -36.58
CA ASN A 13 -9.15 -6.51 -35.61
C ASN A 13 -9.80 -5.25 -35.02
N GLY A 14 -9.85 -5.17 -33.70
CA GLY A 14 -10.49 -4.05 -33.01
C GLY A 14 -11.75 -4.48 -32.25
N ALA A 15 -12.48 -5.42 -32.83
CA ALA A 15 -13.70 -5.95 -32.20
C ALA A 15 -13.35 -6.98 -31.12
N ALA A 16 -14.28 -7.16 -30.16
CA ALA A 16 -14.09 -8.08 -29.02
C ALA A 16 -13.00 -7.58 -28.07
N GLY A 17 -12.60 -6.32 -28.22
CA GLY A 17 -11.56 -5.72 -27.38
C GLY A 17 -12.12 -4.78 -26.32
N THR A 18 -13.40 -4.43 -26.44
CA THR A 18 -14.06 -3.50 -25.51
C THR A 18 -13.84 -3.91 -24.04
N LYS A 19 -13.89 -5.22 -23.77
CA LYS A 19 -13.63 -5.77 -22.43
C LYS A 19 -12.30 -5.25 -21.86
N VAL A 20 -11.25 -5.24 -22.68
CA VAL A 20 -9.92 -4.80 -22.23
C VAL A 20 -9.62 -3.36 -22.67
N ALA A 21 -10.61 -2.73 -23.27
CA ALA A 21 -10.50 -1.32 -23.69
C ALA A 21 -10.94 -0.38 -22.55
N LEU A 22 -12.00 -0.75 -21.84
CA LEU A 22 -12.48 0.02 -20.69
C LEU A 22 -11.62 -0.27 -19.44
N ARG A 23 -11.25 -1.54 -19.27
CA ARG A 23 -10.37 -1.97 -18.17
C ARG A 23 -10.94 -1.64 -16.77
N LYS A 24 -12.25 -1.45 -16.68
CA LYS A 24 -12.91 -1.22 -15.39
C LYS A 24 -13.01 -2.52 -14.57
N THR A 25 -12.99 -3.65 -15.27
CA THR A 25 -12.98 -4.97 -14.62
C THR A 25 -11.56 -5.56 -14.65
N LYS A 26 -11.22 -6.39 -13.66
CA LYS A 26 -9.93 -7.08 -13.67
C LYS A 26 -9.89 -8.08 -14.83
N GLN A 27 -8.95 -7.88 -15.73
CA GLN A 27 -8.97 -8.54 -17.04
C GLN A 27 -8.20 -9.86 -17.08
N ALA A 28 -7.07 -9.94 -16.40
CA ALA A 28 -6.22 -11.14 -16.43
C ALA A 28 -5.19 -11.14 -15.30
N ALA A 29 -4.82 -12.35 -14.84
CA ALA A 29 -3.85 -12.52 -13.74
C ALA A 29 -2.50 -11.85 -14.06
N GLU A 30 -2.19 -11.71 -15.34
CA GLU A 30 -0.99 -10.98 -15.78
C GLU A 30 -1.00 -9.53 -15.27
N LYS A 31 -2.16 -8.88 -15.39
CA LYS A 31 -2.32 -7.48 -15.03
C LYS A 31 -2.78 -7.29 -13.58
N ILE A 32 -3.46 -8.30 -13.01
CA ILE A 32 -3.93 -8.24 -11.63
C ILE A 32 -2.74 -8.28 -10.64
N SER A 33 -2.45 -7.15 -10.01
CA SER A 33 -1.30 -7.03 -9.11
C SER A 33 -1.31 -8.13 -8.04
N ALA A 34 -2.49 -8.45 -7.52
CA ALA A 34 -2.65 -9.48 -6.48
C ALA A 34 -1.88 -10.78 -6.79
N ASP A 35 -1.95 -11.21 -8.05
CA ASP A 35 -1.26 -12.44 -8.49
C ASP A 35 0.25 -12.19 -8.66
N LYS A 36 0.61 -10.94 -8.95
CA LYS A 36 2.00 -10.53 -9.12
C LYS A 36 2.71 -10.35 -7.75
N ILE A 37 1.94 -10.00 -6.72
CA ILE A 37 2.50 -9.77 -5.38
C ILE A 37 3.01 -11.09 -4.76
N SER A 38 4.27 -11.42 -4.98
CA SER A 38 4.89 -12.61 -4.38
C SER A 38 5.32 -12.33 -2.94
N LYS A 39 5.33 -13.37 -2.11
CA LYS A 39 5.71 -13.27 -0.70
C LYS A 39 7.02 -12.48 -0.52
N GLU A 40 8.08 -12.96 -1.18
CA GLU A 40 9.40 -12.31 -1.14
C GLU A 40 9.31 -10.81 -1.51
N ALA A 41 8.61 -10.51 -2.61
CA ALA A 41 8.49 -9.13 -3.11
C ALA A 41 7.92 -8.19 -2.06
N LEU A 42 6.84 -8.61 -1.40
CA LEU A 42 6.21 -7.81 -0.35
C LEU A 42 7.19 -7.60 0.82
N LEU A 43 7.83 -8.67 1.27
CA LEU A 43 8.78 -8.62 2.39
C LEU A 43 9.95 -7.65 2.12
N GLU A 44 10.48 -7.67 0.90
CA GLU A 44 11.57 -6.77 0.52
C GLU A 44 11.11 -5.30 0.51
N CYS A 45 9.95 -5.06 -0.11
CA CYS A 45 9.37 -3.71 -0.16
C CYS A 45 9.06 -3.17 1.24
N ALA A 46 8.65 -4.06 2.14
CA ALA A 46 8.37 -3.68 3.53
C ALA A 46 9.67 -3.39 4.31
N ASP A 47 10.71 -4.19 4.06
CA ASP A 47 12.03 -4.00 4.68
C ASP A 47 12.56 -2.59 4.42
N LEU A 48 12.19 -2.02 3.27
CA LEU A 48 12.53 -0.63 2.94
C LEU A 48 12.10 0.33 4.05
N LEU A 49 10.87 0.18 4.53
CA LEU A 49 10.36 1.03 5.61
C LEU A 49 11.04 0.71 6.94
N SER A 50 11.28 -0.58 7.19
CA SER A 50 11.99 -1.02 8.40
C SER A 50 13.36 -0.33 8.53
N SER A 51 14.13 -0.34 7.44
CA SER A 51 15.44 0.34 7.41
C SER A 51 15.27 1.86 7.47
N ALA A 52 14.38 2.39 6.63
CA ALA A 52 14.17 3.84 6.53
C ALA A 52 13.73 4.47 7.87
N LEU A 53 13.00 3.71 8.68
CA LEU A 53 12.56 4.21 9.99
C LEU A 53 13.65 4.06 11.07
N THR A 54 14.67 3.24 10.79
CA THR A 54 15.81 3.07 11.70
C THR A 54 17.00 3.94 11.28
N GLU A 55 16.75 4.85 10.35
CA GLU A 55 17.77 5.81 9.88
C GLU A 55 17.12 7.15 9.52
N PRO A 56 17.87 8.28 9.53
CA PRO A 56 17.32 9.57 9.11
C PRO A 56 17.02 9.60 7.59
N VAL A 57 15.77 9.86 7.24
CA VAL A 57 15.34 9.93 5.83
C VAL A 57 14.30 11.04 5.63
N PRO A 58 14.13 11.53 4.39
CA PRO A 58 13.08 12.53 4.08
C PRO A 58 11.66 11.98 4.33
N ASN A 59 10.81 12.81 4.95
CA ASN A 59 9.45 12.41 5.32
C ASN A 59 8.64 12.00 4.07
N SER A 60 8.93 12.68 2.95
CA SER A 60 8.31 12.34 1.66
C SER A 60 8.59 10.87 1.28
N GLN A 61 9.86 10.47 1.42
CA GLN A 61 10.27 9.09 1.13
C GLN A 61 9.43 8.08 1.92
N LEU A 62 9.30 8.32 3.22
CA LEU A 62 8.51 7.45 4.10
C LEU A 62 7.07 7.26 3.59
N VAL A 63 6.40 8.38 3.30
CA VAL A 63 5.01 8.35 2.84
C VAL A 63 4.87 7.66 1.46
N ASP A 64 5.71 8.06 0.51
CA ASP A 64 5.63 7.54 -0.86
C ASP A 64 6.00 6.04 -0.94
N THR A 65 7.02 5.64 -0.18
CA THR A 65 7.42 4.22 -0.12
C THR A 65 6.29 3.36 0.48
N GLY A 66 5.70 3.86 1.56
CA GLY A 66 4.54 3.18 2.16
C GLY A 66 3.33 3.20 1.25
N HIS A 67 3.26 4.20 0.37
CA HIS A 67 2.15 4.35 -0.57
C HIS A 67 2.05 3.16 -1.55
N GLN A 68 3.20 2.61 -1.96
CA GLN A 68 3.19 1.43 -2.84
C GLN A 68 2.92 0.14 -2.03
N LEU A 69 3.27 0.15 -0.75
CA LEU A 69 2.95 -0.98 0.14
C LEU A 69 1.44 -1.26 0.18
N LEU A 70 0.64 -0.19 0.11
CA LEU A 70 -0.82 -0.31 0.02
C LEU A 70 -1.26 -1.17 -1.17
N ASP A 71 -0.54 -1.05 -2.29
CA ASP A 71 -0.82 -1.89 -3.48
C ASP A 71 -0.52 -3.37 -3.18
N TYR A 72 0.71 -3.64 -2.76
CA TYR A 72 1.14 -4.99 -2.40
C TYR A 72 0.27 -5.60 -1.31
N CYS A 73 -0.19 -4.76 -0.38
CA CYS A 73 -1.07 -5.22 0.70
C CYS A 73 -2.48 -5.54 0.20
N SER A 74 -3.08 -4.61 -0.53
CA SER A 74 -4.44 -4.79 -1.07
C SER A 74 -4.49 -5.99 -2.02
N GLY A 75 -3.40 -6.22 -2.74
CA GLY A 75 -3.30 -7.36 -3.65
C GLY A 75 -3.08 -8.67 -2.92
N TYR A 76 -2.06 -8.74 -2.06
CA TYR A 76 -1.71 -9.98 -1.37
C TYR A 76 -2.87 -10.51 -0.49
N VAL A 77 -3.59 -9.60 0.17
CA VAL A 77 -4.71 -9.99 1.04
C VAL A 77 -5.82 -10.73 0.26
N ASP A 78 -5.99 -10.35 -1.01
CA ASP A 78 -6.98 -10.99 -1.88
C ASP A 78 -6.56 -12.43 -2.23
N CYS A 79 -5.28 -12.73 -2.04
CA CYS A 79 -4.74 -14.08 -2.31
C CYS A 79 -4.64 -14.92 -1.02
N ILE A 80 -5.15 -14.40 0.10
CA ILE A 80 -5.17 -15.14 1.37
C ILE A 80 -6.53 -15.86 1.57
N PRO A 81 -6.56 -17.20 1.40
CA PRO A 81 -7.78 -17.99 1.59
C PRO A 81 -8.22 -18.07 3.06
N GLN A 82 -7.25 -17.99 3.97
CA GLN A 82 -7.53 -18.07 5.41
C GLN A 82 -8.00 -16.72 5.97
N THR A 83 -9.29 -16.61 6.29
CA THR A 83 -9.87 -15.34 6.77
C THR A 83 -9.22 -14.87 8.08
N ARG A 84 -8.78 -15.79 8.93
CA ARG A 84 -8.10 -15.42 10.19
C ARG A 84 -6.91 -14.47 9.94
N ASN A 85 -6.01 -14.87 9.05
CA ASN A 85 -4.88 -14.02 8.66
C ASN A 85 -5.35 -12.83 7.80
N LYS A 86 -6.32 -13.09 6.92
CA LYS A 86 -6.84 -12.04 6.02
C LYS A 86 -7.44 -10.86 6.80
N PHE A 87 -8.13 -11.16 7.89
CA PHE A 87 -8.71 -10.12 8.75
C PHE A 87 -7.62 -9.32 9.45
N ALA A 88 -6.66 -10.02 10.06
CA ALA A 88 -5.51 -9.38 10.71
C ALA A 88 -4.73 -8.53 9.71
N PHE A 89 -4.64 -9.01 8.47
CA PHE A 89 -3.97 -8.28 7.40
C PHE A 89 -4.74 -6.99 7.05
N ARG A 90 -6.06 -7.11 6.87
CA ARG A 90 -6.90 -5.95 6.56
C ARG A 90 -6.82 -4.87 7.65
N GLU A 91 -6.96 -5.28 8.91
CA GLU A 91 -6.90 -4.33 10.02
C GLU A 91 -5.49 -3.70 10.13
N ALA A 92 -4.45 -4.52 9.98
CA ALA A 92 -3.07 -4.03 10.00
C ALA A 92 -2.82 -2.97 8.91
N VAL A 93 -3.32 -3.23 7.70
CA VAL A 93 -3.24 -2.27 6.60
C VAL A 93 -4.06 -1.01 6.93
N SER A 94 -5.26 -1.20 7.49
CA SER A 94 -6.11 -0.09 7.92
C SER A 94 -5.38 0.80 8.94
N LYS A 95 -4.47 0.20 9.68
CA LYS A 95 -3.62 0.95 10.62
C LYS A 95 -2.56 1.77 9.86
N LEU A 96 -1.90 1.12 8.90
CA LEU A 96 -0.82 1.75 8.13
C LEU A 96 -1.32 2.98 7.34
N GLU A 97 -2.39 2.80 6.58
CA GLU A 97 -2.94 3.90 5.75
C GLU A 97 -3.40 5.09 6.61
N LEU A 98 -4.01 4.80 7.76
CA LEU A 98 -4.42 5.84 8.71
C LEU A 98 -3.20 6.60 9.25
N SER A 99 -2.16 5.88 9.63
CA SER A 99 -0.93 6.50 10.13
C SER A 99 -0.22 7.31 9.04
N LEU A 100 -0.34 6.88 7.79
CA LEU A 100 0.24 7.61 6.66
C LEU A 100 -0.50 8.94 6.40
N GLN A 101 -1.83 8.92 6.43
CA GLN A 101 -2.62 10.13 6.19
C GLN A 101 -2.51 11.13 7.36
N GLU A 102 -2.40 10.61 8.60
CA GLU A 102 -2.19 11.49 9.76
C GLU A 102 -0.73 11.98 9.81
N LEU A 103 0.20 11.15 9.34
CA LEU A 103 1.63 11.52 9.30
C LEU A 103 1.87 12.82 8.52
N GLN A 104 1.48 12.82 7.24
CA GLN A 104 1.74 13.95 6.33
C GLN A 104 1.22 15.29 6.88
N VAL A 105 0.23 15.25 7.77
CA VAL A 105 -0.32 16.47 8.39
C VAL A 105 0.23 16.70 9.81
N SER A 106 0.68 15.64 10.47
CA SER A 106 1.16 15.72 11.87
C SER A 106 2.69 15.71 11.98
N SER A 107 3.39 15.52 10.87
CA SER A 107 4.86 15.45 10.88
C SER A 107 5.50 16.84 10.77
N ALA A 108 5.30 17.50 9.62
CA ALA A 108 5.82 18.85 9.38
C ALA A 108 7.36 18.91 9.37
N ALA A 109 8.00 17.74 9.29
CA ALA A 109 9.47 17.65 9.30
C ALA A 109 10.02 17.37 7.90
N ALA A 110 11.28 17.77 7.68
CA ALA A 110 11.97 17.47 6.42
C ALA A 110 12.59 16.06 6.45
N GLY A 111 13.50 15.83 7.39
CA GLY A 111 14.14 14.53 7.53
C GLY A 111 14.65 14.26 8.94
N VAL A 112 13.82 14.54 9.93
CA VAL A 112 14.19 14.37 11.34
C VAL A 112 13.75 13.00 11.88
N PRO A 113 14.72 12.15 12.29
CA PRO A 113 14.42 10.79 12.77
C PRO A 113 13.62 10.79 14.09
N GLY A 114 12.44 10.17 14.06
CA GLY A 114 11.59 10.09 15.24
C GLY A 114 10.97 11.44 15.63
N THR A 115 10.77 12.32 14.65
CA THR A 115 10.15 13.63 14.90
C THR A 115 8.72 13.50 15.46
N ASN A 116 7.99 12.47 15.02
CA ASN A 116 6.62 12.23 15.50
C ASN A 116 6.40 10.75 15.85
N PRO A 117 5.61 10.46 16.91
CA PRO A 117 5.29 9.08 17.32
C PRO A 117 4.64 8.25 16.20
N VAL A 118 4.00 8.94 15.25
CA VAL A 118 3.38 8.28 14.10
C VAL A 118 4.38 7.42 13.31
N LEU A 119 5.63 7.88 13.22
CA LEU A 119 6.70 7.12 12.55
C LEU A 119 6.86 5.73 13.18
N ASN A 120 6.86 5.68 14.51
CA ASN A 120 6.93 4.41 15.24
C ASN A 120 5.66 3.57 15.01
N ASN A 121 4.52 4.24 14.89
CA ASN A 121 3.26 3.56 14.58
C ASN A 121 3.34 2.89 13.20
N LEU A 122 3.97 3.57 12.24
CA LEU A 122 4.21 2.99 10.92
C LEU A 122 5.02 1.70 11.03
N LEU A 123 6.14 1.76 11.76
CA LEU A 123 6.97 0.56 11.99
C LEU A 123 6.13 -0.60 12.54
N SER A 124 5.33 -0.31 13.58
CA SER A 124 4.45 -1.31 14.19
C SER A 124 3.48 -1.92 13.16
N CYS A 125 2.83 -1.06 12.38
CA CYS A 125 1.86 -1.50 11.36
C CYS A 125 2.53 -2.35 10.27
N VAL A 126 3.62 -1.82 9.70
CA VAL A 126 4.35 -2.51 8.62
C VAL A 126 4.86 -3.90 9.05
N GLN A 127 5.46 -3.97 10.24
CA GLN A 127 5.94 -5.25 10.78
C GLN A 127 4.80 -6.25 10.96
N GLU A 128 3.66 -5.77 11.47
CA GLU A 128 2.48 -6.64 11.64
C GLU A 128 1.97 -7.16 10.29
N ILE A 129 1.82 -6.26 9.31
CA ILE A 129 1.43 -6.65 7.94
C ILE A 129 2.37 -7.73 7.39
N SER A 130 3.67 -7.42 7.43
CA SER A 130 4.71 -8.36 6.98
C SER A 130 4.65 -9.68 7.77
N ASP A 131 4.30 -9.59 9.05
CA ASP A 131 4.21 -10.75 9.92
C ASP A 131 3.03 -11.64 9.52
N VAL A 132 1.92 -11.04 9.09
CA VAL A 132 0.77 -11.80 8.58
C VAL A 132 1.17 -12.60 7.32
N VAL A 133 2.08 -12.04 6.54
CA VAL A 133 2.66 -12.75 5.39
C VAL A 133 3.54 -13.91 5.86
N GLN A 134 4.20 -13.73 7.00
CA GLN A 134 4.99 -14.80 7.62
C GLN A 134 4.10 -15.92 8.18
N ARG A 135 2.87 -15.55 8.56
CA ARG A 135 1.87 -16.51 9.06
C ARG A 135 1.36 -17.44 7.95
N MET A 1 -18.58 -9.07 -4.72
CA MET A 1 -17.52 -10.09 -4.55
C MET A 1 -18.11 -11.51 -4.61
N GLY A 2 -17.31 -12.49 -5.00
CA GLY A 2 -17.79 -13.86 -5.13
C GLY A 2 -18.36 -14.17 -6.51
N HIS A 3 -18.59 -15.46 -6.77
CA HIS A 3 -19.10 -15.93 -8.06
C HIS A 3 -20.40 -16.75 -7.89
N HIS A 4 -20.82 -16.94 -6.63
CA HIS A 4 -21.90 -17.87 -6.28
C HIS A 4 -23.27 -17.50 -6.90
N HIS A 5 -23.38 -16.35 -7.56
CA HIS A 5 -24.63 -15.94 -8.19
C HIS A 5 -24.41 -15.42 -9.63
N HIS A 6 -23.21 -15.65 -10.18
CA HIS A 6 -22.88 -15.16 -11.52
C HIS A 6 -22.63 -16.30 -12.52
N HIS A 7 -23.45 -16.35 -13.58
CA HIS A 7 -23.26 -17.28 -14.69
C HIS A 7 -24.30 -17.03 -15.79
N HIS A 8 -24.78 -15.79 -15.87
CA HIS A 8 -25.87 -15.42 -16.79
C HIS A 8 -25.50 -14.20 -17.64
N SER A 9 -25.30 -14.42 -18.94
CA SER A 9 -24.97 -13.33 -19.88
C SER A 9 -26.24 -12.70 -20.49
N HIS A 10 -26.08 -11.55 -21.13
CA HIS A 10 -27.20 -10.87 -21.81
C HIS A 10 -26.68 -9.83 -22.82
N MET A 11 -27.48 -9.56 -23.85
CA MET A 11 -27.10 -8.60 -24.90
C MET A 11 -27.05 -7.16 -24.36
N ALA A 12 -25.87 -6.75 -23.89
CA ALA A 12 -25.67 -5.40 -23.36
C ALA A 12 -24.88 -4.51 -24.33
N ASN A 13 -25.38 -3.31 -24.58
CA ASN A 13 -24.71 -2.33 -25.45
C ASN A 13 -24.99 -0.90 -25.00
N GLY A 14 -24.17 0.05 -25.44
CA GLY A 14 -24.31 1.44 -25.01
C GLY A 14 -23.26 1.82 -23.98
N ALA A 15 -22.58 2.94 -24.21
CA ALA A 15 -21.49 3.39 -23.35
C ALA A 15 -21.94 3.62 -21.90
N ALA A 16 -21.78 2.59 -21.07
CA ALA A 16 -22.10 2.67 -19.63
C ALA A 16 -21.21 1.70 -18.83
N GLY A 17 -20.01 2.16 -18.48
CA GLY A 17 -19.05 1.30 -17.80
C GLY A 17 -19.26 1.21 -16.29
N THR A 18 -20.50 0.99 -15.86
CA THR A 18 -20.83 0.83 -14.44
C THR A 18 -20.05 -0.34 -13.82
N LYS A 19 -19.85 -1.39 -14.62
CA LYS A 19 -19.05 -2.55 -14.19
C LYS A 19 -17.61 -2.17 -13.83
N VAL A 20 -17.08 -1.13 -14.47
CA VAL A 20 -15.69 -0.68 -14.24
C VAL A 20 -15.63 0.54 -13.32
N ALA A 21 -16.78 1.12 -13.04
CA ALA A 21 -16.87 2.38 -12.27
C ALA A 21 -16.19 2.28 -10.89
N LEU A 22 -16.82 1.59 -9.95
CA LEU A 22 -16.28 1.47 -8.59
C LEU A 22 -15.30 0.28 -8.45
N ARG A 23 -14.95 -0.36 -9.57
CA ARG A 23 -14.00 -1.48 -9.57
C ARG A 23 -14.51 -2.65 -8.70
N LYS A 24 -15.30 -3.56 -9.29
CA LYS A 24 -15.97 -4.61 -8.53
C LYS A 24 -15.18 -5.93 -8.50
N THR A 25 -14.86 -6.49 -9.66
CA THR A 25 -14.24 -7.83 -9.73
C THR A 25 -13.06 -7.89 -10.71
N LYS A 26 -12.26 -8.95 -10.57
CA LYS A 26 -11.09 -9.17 -11.43
C LYS A 26 -11.45 -10.03 -12.65
N GLN A 27 -10.76 -9.82 -13.77
CA GLN A 27 -11.07 -10.53 -15.03
C GLN A 27 -9.99 -11.57 -15.41
N ALA A 28 -8.73 -11.15 -15.49
CA ALA A 28 -7.65 -12.03 -15.93
C ALA A 28 -6.28 -11.55 -15.41
N ALA A 29 -5.37 -12.50 -15.20
CA ALA A 29 -4.04 -12.21 -14.61
C ALA A 29 -3.27 -11.14 -15.38
N GLU A 30 -3.64 -10.94 -16.65
CA GLU A 30 -3.00 -9.93 -17.50
C GLU A 30 -3.03 -8.52 -16.88
N LYS A 31 -4.02 -8.25 -16.03
CA LYS A 31 -4.16 -6.93 -15.39
C LYS A 31 -4.35 -7.05 -13.86
N ILE A 32 -4.45 -8.28 -13.35
CA ILE A 32 -4.60 -8.51 -11.91
C ILE A 32 -3.28 -8.25 -11.17
N SER A 33 -3.17 -7.07 -10.57
CA SER A 33 -1.96 -6.70 -9.80
C SER A 33 -1.73 -7.67 -8.64
N ALA A 34 -2.82 -8.18 -8.06
CA ALA A 34 -2.75 -9.17 -6.98
C ALA A 34 -1.91 -10.41 -7.39
N ASP A 35 -1.84 -10.67 -8.70
CA ASP A 35 -1.05 -11.79 -9.23
C ASP A 35 0.44 -11.40 -9.33
N LYS A 36 0.69 -10.11 -9.56
CA LYS A 36 2.05 -9.57 -9.64
C LYS A 36 2.69 -9.45 -8.23
N ILE A 37 1.84 -9.28 -7.22
CA ILE A 37 2.32 -9.14 -5.84
C ILE A 37 2.85 -10.47 -5.28
N SER A 38 4.17 -10.65 -5.34
CA SER A 38 4.82 -11.86 -4.82
C SER A 38 5.11 -11.75 -3.31
N LYS A 39 5.17 -12.89 -2.64
CA LYS A 39 5.37 -12.96 -1.18
C LYS A 39 6.63 -12.19 -0.73
N GLU A 40 7.80 -12.62 -1.22
CA GLU A 40 9.06 -11.96 -0.85
C GLU A 40 9.13 -10.53 -1.41
N ALA A 41 8.48 -10.29 -2.54
CA ALA A 41 8.41 -8.94 -3.13
C ALA A 41 7.75 -7.95 -2.18
N LEU A 42 6.65 -8.37 -1.55
CA LEU A 42 5.98 -7.57 -0.54
C LEU A 42 6.88 -7.40 0.69
N LEU A 43 7.52 -8.49 1.11
CA LEU A 43 8.40 -8.49 2.29
C LEU A 43 9.59 -7.53 2.13
N GLU A 44 10.20 -7.49 0.95
CA GLU A 44 11.35 -6.59 0.70
C GLU A 44 10.88 -5.11 0.73
N CYS A 45 9.72 -4.84 0.16
CA CYS A 45 9.13 -3.49 0.21
C CYS A 45 8.86 -3.05 1.65
N ALA A 46 8.27 -3.95 2.44
CA ALA A 46 8.01 -3.69 3.86
C ALA A 46 9.31 -3.48 4.63
N ASP A 47 10.34 -4.24 4.26
CA ASP A 47 11.67 -4.11 4.87
C ASP A 47 12.22 -2.69 4.71
N LEU A 48 12.01 -2.09 3.54
CA LEU A 48 12.44 -0.72 3.27
C LEU A 48 11.90 0.25 4.34
N LEU A 49 10.66 0.05 4.76
CA LEU A 49 10.06 0.88 5.81
C LEU A 49 10.71 0.61 7.17
N SER A 50 10.79 -0.67 7.54
CA SER A 50 11.40 -1.08 8.82
C SER A 50 12.84 -0.53 8.94
N SER A 51 13.55 -0.53 7.82
CA SER A 51 14.94 -0.03 7.78
C SER A 51 14.99 1.51 7.77
N ALA A 52 14.21 2.14 6.90
CA ALA A 52 14.25 3.60 6.71
C ALA A 52 13.79 4.37 7.96
N LEU A 53 12.95 3.76 8.78
CA LEU A 53 12.46 4.39 10.01
C LEU A 53 13.54 4.46 11.11
N THR A 54 14.66 3.80 10.88
CA THR A 54 15.79 3.82 11.84
C THR A 54 16.86 4.84 11.42
N GLU A 55 17.25 4.80 10.14
CA GLU A 55 18.23 5.74 9.59
C GLU A 55 17.58 7.08 9.23
N PRO A 56 18.35 8.20 9.23
CA PRO A 56 17.78 9.52 8.89
C PRO A 56 17.29 9.60 7.42
N VAL A 57 16.01 9.89 7.26
CA VAL A 57 15.37 10.06 5.94
C VAL A 57 14.31 11.17 5.98
N PRO A 58 13.85 11.67 4.82
CA PRO A 58 12.77 12.66 4.77
C PRO A 58 11.38 12.02 4.97
N ASN A 59 10.52 12.68 5.74
CA ASN A 59 9.15 12.22 5.97
C ASN A 59 8.40 11.99 4.65
N SER A 60 8.67 12.85 3.66
CA SER A 60 8.04 12.73 2.33
C SER A 60 8.39 11.39 1.68
N GLN A 61 9.68 11.04 1.72
CA GLN A 61 10.15 9.76 1.19
C GLN A 61 9.49 8.58 1.92
N LEU A 62 9.36 8.70 3.25
CA LEU A 62 8.70 7.66 4.06
C LEU A 62 7.26 7.41 3.58
N VAL A 63 6.50 8.48 3.37
CA VAL A 63 5.13 8.37 2.90
C VAL A 63 5.05 7.66 1.54
N ASP A 64 5.89 8.09 0.59
CA ASP A 64 5.93 7.48 -0.74
C ASP A 64 6.30 5.98 -0.64
N THR A 65 7.34 5.67 0.12
CA THR A 65 7.78 4.28 0.31
C THR A 65 6.70 3.43 0.98
N GLY A 66 5.93 4.04 1.88
CA GLY A 66 4.82 3.35 2.51
C GLY A 66 3.61 3.19 1.58
N HIS A 67 3.45 4.13 0.66
CA HIS A 67 2.32 4.14 -0.28
C HIS A 67 2.24 2.83 -1.09
N GLN A 68 3.38 2.33 -1.57
CA GLN A 68 3.43 1.09 -2.36
C GLN A 68 2.91 -0.13 -1.55
N LEU A 69 3.08 -0.09 -0.24
CA LEU A 69 2.60 -1.19 0.63
C LEU A 69 1.08 -1.33 0.57
N LEU A 70 0.37 -0.22 0.42
CA LEU A 70 -1.09 -0.26 0.26
C LEU A 70 -1.49 -1.05 -1.00
N ASP A 71 -0.80 -0.78 -2.11
CA ASP A 71 -1.07 -1.48 -3.36
C ASP A 71 -0.80 -2.99 -3.21
N TYR A 72 0.41 -3.33 -2.75
CA TYR A 72 0.82 -4.72 -2.53
C TYR A 72 -0.13 -5.45 -1.56
N CYS A 73 -0.45 -4.81 -0.44
CA CYS A 73 -1.34 -5.40 0.58
C CYS A 73 -2.78 -5.59 0.08
N SER A 74 -3.34 -4.54 -0.53
CA SER A 74 -4.72 -4.58 -1.04
C SER A 74 -4.89 -5.69 -2.09
N GLY A 75 -3.81 -6.03 -2.79
CA GLY A 75 -3.86 -7.12 -3.76
C GLY A 75 -3.54 -8.49 -3.14
N TYR A 76 -2.40 -8.59 -2.45
CA TYR A 76 -1.92 -9.87 -1.89
C TYR A 76 -2.95 -10.53 -0.96
N VAL A 77 -3.79 -9.73 -0.30
CA VAL A 77 -4.78 -10.26 0.63
C VAL A 77 -5.69 -11.30 -0.04
N ASP A 78 -5.87 -11.17 -1.36
CA ASP A 78 -6.70 -12.11 -2.13
C ASP A 78 -6.06 -13.51 -2.18
N CYS A 79 -4.73 -13.55 -2.11
CA CYS A 79 -3.96 -14.80 -2.16
C CYS A 79 -3.91 -15.49 -0.77
N ILE A 80 -4.36 -14.78 0.27
CA ILE A 80 -4.37 -15.34 1.63
C ILE A 80 -5.61 -16.24 1.85
N PRO A 81 -5.40 -17.56 2.09
CA PRO A 81 -6.51 -18.52 2.26
C PRO A 81 -7.15 -18.47 3.66
N GLN A 82 -6.35 -18.29 4.70
CA GLN A 82 -6.85 -18.30 6.09
C GLN A 82 -7.50 -16.98 6.47
N THR A 83 -8.80 -17.01 6.79
CA THR A 83 -9.56 -15.81 7.15
C THR A 83 -8.94 -15.10 8.37
N ARG A 84 -8.39 -15.87 9.30
CA ARG A 84 -7.68 -15.30 10.46
C ARG A 84 -6.54 -14.38 10.03
N ASN A 85 -5.62 -14.90 9.22
CA ASN A 85 -4.51 -14.11 8.67
C ASN A 85 -5.03 -12.99 7.77
N LYS A 86 -6.03 -13.31 6.96
CA LYS A 86 -6.62 -12.37 6.00
C LYS A 86 -7.18 -11.12 6.69
N PHE A 87 -7.99 -11.34 7.74
CA PHE A 87 -8.59 -10.25 8.51
C PHE A 87 -7.53 -9.43 9.26
N ALA A 88 -6.66 -10.13 9.99
CA ALA A 88 -5.57 -9.48 10.73
C ALA A 88 -4.69 -8.64 9.78
N PHE A 89 -4.47 -9.16 8.58
CA PHE A 89 -3.73 -8.45 7.54
C PHE A 89 -4.44 -7.15 7.14
N ARG A 90 -5.75 -7.24 6.95
CA ARG A 90 -6.56 -6.08 6.53
C ARG A 90 -6.62 -4.99 7.61
N GLU A 91 -6.90 -5.36 8.86
CA GLU A 91 -7.00 -4.38 9.94
C GLU A 91 -5.66 -3.66 10.15
N ALA A 92 -4.56 -4.39 10.01
CA ALA A 92 -3.22 -3.79 10.08
C ALA A 92 -3.03 -2.74 8.99
N VAL A 93 -3.44 -3.06 7.76
CA VAL A 93 -3.42 -2.12 6.65
C VAL A 93 -4.27 -0.86 6.97
N SER A 94 -5.41 -1.09 7.61
CA SER A 94 -6.29 0.01 8.04
C SER A 94 -5.54 1.00 8.96
N LYS A 95 -4.66 0.49 9.81
CA LYS A 95 -3.79 1.34 10.64
C LYS A 95 -2.74 2.04 9.76
N LEU A 96 -2.20 1.31 8.79
CA LEU A 96 -1.14 1.82 7.91
C LEU A 96 -1.60 3.05 7.10
N GLU A 97 -2.74 2.95 6.41
CA GLU A 97 -3.24 4.07 5.59
C GLU A 97 -3.64 5.27 6.45
N LEU A 98 -4.30 5.03 7.58
CA LEU A 98 -4.65 6.12 8.52
C LEU A 98 -3.39 6.82 9.04
N SER A 99 -2.35 6.04 9.32
CA SER A 99 -1.07 6.58 9.80
C SER A 99 -0.36 7.38 8.70
N LEU A 100 -0.40 6.88 7.46
CA LEU A 100 0.22 7.57 6.31
C LEU A 100 -0.51 8.89 5.97
N GLN A 101 -1.84 8.89 6.02
CA GLN A 101 -2.62 10.08 5.66
C GLN A 101 -2.45 11.21 6.70
N GLU A 102 -2.25 10.84 7.97
CA GLU A 102 -1.99 11.84 9.01
C GLU A 102 -0.53 12.32 8.97
N LEU A 103 0.41 11.39 8.76
CA LEU A 103 1.84 11.72 8.72
C LEU A 103 2.17 12.74 7.61
N GLN A 104 1.74 12.45 6.39
CA GLN A 104 2.08 13.30 5.23
C GLN A 104 1.66 14.77 5.44
N VAL A 105 0.61 15.00 6.23
CA VAL A 105 0.14 16.36 6.50
C VAL A 105 0.63 16.88 7.87
N SER A 106 1.02 15.97 8.76
CA SER A 106 1.46 16.34 10.12
C SER A 106 2.94 16.03 10.36
N SER A 107 3.71 15.85 9.29
CA SER A 107 5.16 15.58 9.39
C SER A 107 5.88 16.74 10.08
N ALA A 108 5.65 17.96 9.61
CA ALA A 108 6.24 19.18 10.18
C ALA A 108 7.77 19.23 10.02
N ALA A 109 8.47 18.35 10.73
CA ALA A 109 9.93 18.23 10.65
C ALA A 109 10.43 18.11 9.20
N ALA A 110 9.61 17.48 8.34
CA ALA A 110 9.93 17.30 6.91
C ALA A 110 10.98 16.20 6.67
N GLY A 111 12.07 16.23 7.46
CA GLY A 111 13.11 15.21 7.31
C GLY A 111 13.84 14.89 8.61
N VAL A 112 13.08 14.45 9.61
CA VAL A 112 13.65 14.00 10.89
C VAL A 112 12.99 12.69 11.35
N PRO A 113 13.80 11.65 11.66
CA PRO A 113 13.28 10.36 12.17
C PRO A 113 13.01 10.39 13.69
N GLY A 114 12.11 9.52 14.16
CA GLY A 114 11.81 9.43 15.59
C GLY A 114 10.93 10.57 16.13
N THR A 115 11.22 11.81 15.70
CA THR A 115 10.54 13.02 16.19
C THR A 115 9.01 12.87 16.29
N ASN A 116 8.41 12.17 15.32
CA ASN A 116 6.96 11.96 15.30
C ASN A 116 6.61 10.52 15.70
N PRO A 117 5.76 10.34 16.74
CA PRO A 117 5.34 8.99 17.21
C PRO A 117 4.72 8.14 16.09
N VAL A 118 4.09 8.82 15.13
CA VAL A 118 3.48 8.16 13.96
C VAL A 118 4.51 7.27 13.23
N LEU A 119 5.77 7.70 13.21
CA LEU A 119 6.84 6.93 12.58
C LEU A 119 7.02 5.57 13.27
N ASN A 120 6.96 5.58 14.61
CA ASN A 120 7.03 4.33 15.40
C ASN A 120 5.79 3.47 15.15
N ASN A 121 4.63 4.12 15.10
CA ASN A 121 3.37 3.43 14.77
C ASN A 121 3.47 2.70 13.42
N LEU A 122 4.02 3.39 12.42
CA LEU A 122 4.29 2.77 11.12
C LEU A 122 5.16 1.52 11.27
N LEU A 123 6.28 1.67 12.00
CA LEU A 123 7.20 0.55 12.24
C LEU A 123 6.43 -0.70 12.74
N SER A 124 5.63 -0.52 13.79
CA SER A 124 4.83 -1.61 14.35
C SER A 124 3.87 -2.22 13.32
N CYS A 125 3.10 -1.36 12.64
CA CYS A 125 2.14 -1.81 11.63
C CYS A 125 2.82 -2.59 10.49
N VAL A 126 3.91 -2.05 9.98
CA VAL A 126 4.66 -2.68 8.88
C VAL A 126 5.22 -4.06 9.29
N GLN A 127 5.83 -4.13 10.47
CA GLN A 127 6.33 -5.39 11.01
C GLN A 127 5.19 -6.41 11.14
N GLU A 128 4.05 -5.97 11.66
CA GLU A 128 2.86 -6.83 11.79
C GLU A 128 2.40 -7.35 10.41
N ILE A 129 2.18 -6.43 9.47
CA ILE A 129 1.73 -6.79 8.11
C ILE A 129 2.69 -7.81 7.46
N SER A 130 3.98 -7.49 7.44
CA SER A 130 4.99 -8.37 6.83
C SER A 130 5.04 -9.74 7.53
N ASP A 131 4.84 -9.75 8.85
CA ASP A 131 4.82 -11.00 9.61
C ASP A 131 3.59 -11.85 9.25
N VAL A 132 2.44 -11.20 9.06
CA VAL A 132 1.22 -11.89 8.62
C VAL A 132 1.44 -12.58 7.26
N VAL A 133 2.16 -11.90 6.36
CA VAL A 133 2.51 -12.46 5.06
C VAL A 133 3.35 -13.74 5.19
N GLN A 134 4.08 -13.85 6.30
CA GLN A 134 4.93 -15.01 6.56
C GLN A 134 4.15 -16.17 7.22
N ARG A 135 2.87 -15.95 7.52
CA ARG A 135 2.02 -16.96 8.17
C ARG A 135 1.20 -17.74 7.13
N MET A 1 15.95 29.89 3.29
CA MET A 1 14.83 30.74 2.80
C MET A 1 14.92 30.98 1.29
N GLY A 2 15.48 30.01 0.55
CA GLY A 2 15.69 30.16 -0.89
C GLY A 2 14.41 30.11 -1.72
N HIS A 3 14.55 29.77 -3.00
CA HIS A 3 13.40 29.79 -3.92
C HIS A 3 12.48 28.56 -3.76
N HIS A 4 11.61 28.63 -2.76
CA HIS A 4 10.52 27.66 -2.60
C HIS A 4 9.17 28.39 -2.57
N HIS A 5 9.23 29.67 -2.97
CA HIS A 5 8.08 30.56 -2.99
C HIS A 5 7.06 30.18 -4.08
N HIS A 6 7.56 29.64 -5.19
CA HIS A 6 6.75 29.37 -6.37
C HIS A 6 6.63 27.86 -6.66
N HIS A 7 5.40 27.34 -6.64
CA HIS A 7 5.14 25.95 -7.05
C HIS A 7 5.22 25.82 -8.58
N HIS A 8 6.30 25.21 -9.06
CA HIS A 8 6.65 25.21 -10.49
C HIS A 8 6.04 24.02 -11.26
N SER A 9 5.32 23.15 -10.56
CA SER A 9 4.75 21.94 -11.18
C SER A 9 3.23 21.83 -10.96
N HIS A 10 2.63 20.81 -11.57
CA HIS A 10 1.17 20.61 -11.51
C HIS A 10 0.79 19.22 -12.08
N MET A 11 -0.45 18.79 -11.81
CA MET A 11 -0.97 17.51 -12.38
C MET A 11 -1.24 17.63 -13.88
N ALA A 12 -1.23 16.50 -14.58
CA ALA A 12 -1.48 16.47 -16.03
C ALA A 12 -2.93 16.09 -16.36
N ASN A 13 -3.35 16.37 -17.60
CA ASN A 13 -4.75 16.16 -18.03
C ASN A 13 -5.08 14.68 -18.30
N GLY A 14 -4.16 13.79 -17.96
CA GLY A 14 -4.39 12.36 -18.14
C GLY A 14 -4.84 11.65 -16.87
N ALA A 15 -5.50 12.38 -15.98
CA ALA A 15 -5.94 11.83 -14.69
C ALA A 15 -7.38 11.26 -14.77
N ALA A 16 -8.33 12.12 -15.07
CA ALA A 16 -9.75 11.72 -15.15
C ALA A 16 -10.03 10.84 -16.37
N GLY A 17 -10.33 9.56 -16.13
CA GLY A 17 -10.69 8.64 -17.21
C GLY A 17 -9.51 8.03 -17.95
N THR A 18 -8.60 8.88 -18.40
CA THR A 18 -7.46 8.45 -19.24
C THR A 18 -6.67 7.28 -18.63
N LYS A 19 -6.23 7.43 -17.38
CA LYS A 19 -5.47 6.37 -16.71
C LYS A 19 -6.38 5.26 -16.15
N VAL A 20 -7.58 5.62 -15.71
CA VAL A 20 -8.52 4.65 -15.11
C VAL A 20 -9.92 4.73 -15.74
N ALA A 21 -10.18 3.86 -16.72
CA ALA A 21 -11.51 3.75 -17.33
C ALA A 21 -11.85 2.29 -17.64
N LEU A 22 -11.28 1.74 -18.71
CA LEU A 22 -11.52 0.36 -19.13
C LEU A 22 -10.80 -0.65 -18.20
N ARG A 23 -10.03 -0.14 -17.25
CA ARG A 23 -9.31 -0.98 -16.30
C ARG A 23 -10.26 -1.50 -15.21
N LYS A 24 -11.09 -2.45 -15.60
CA LYS A 24 -12.10 -3.04 -14.71
C LYS A 24 -11.64 -4.38 -14.08
N THR A 25 -11.33 -5.37 -14.92
CA THR A 25 -11.03 -6.74 -14.42
C THR A 25 -9.70 -7.29 -14.96
N LYS A 26 -9.39 -8.53 -14.57
CA LYS A 26 -8.13 -9.20 -14.97
C LYS A 26 -8.23 -9.81 -16.38
N GLN A 27 -7.09 -10.23 -16.92
CA GLN A 27 -7.06 -10.88 -18.24
C GLN A 27 -6.21 -12.17 -18.25
N ALA A 28 -4.95 -12.07 -17.80
CA ALA A 28 -4.03 -13.21 -17.83
C ALA A 28 -3.07 -13.19 -16.63
N ALA A 29 -2.68 -14.38 -16.16
CA ALA A 29 -1.81 -14.52 -14.98
C ALA A 29 -0.51 -13.71 -15.10
N GLU A 30 0.18 -13.84 -16.24
CA GLU A 30 1.45 -13.13 -16.48
C GLU A 30 1.26 -11.60 -16.55
N LYS A 31 0.01 -11.15 -16.48
CA LYS A 31 -0.32 -9.72 -16.49
C LYS A 31 -0.96 -9.28 -15.15
N ILE A 32 -1.42 -10.23 -14.36
CA ILE A 32 -2.06 -9.91 -13.07
C ILE A 32 -1.04 -9.39 -12.05
N SER A 33 -1.18 -8.11 -11.67
CA SER A 33 -0.29 -7.48 -10.68
C SER A 33 -0.20 -8.32 -9.40
N ALA A 34 -1.36 -8.73 -8.89
CA ALA A 34 -1.43 -9.56 -7.67
C ALA A 34 -0.61 -10.86 -7.78
N ASP A 35 -0.45 -11.37 -9.00
CA ASP A 35 0.37 -12.57 -9.22
C ASP A 35 1.86 -12.20 -9.14
N LYS A 36 2.18 -11.00 -9.61
CA LYS A 36 3.54 -10.45 -9.49
C LYS A 36 3.88 -10.17 -8.01
N ILE A 37 2.87 -9.77 -7.23
CA ILE A 37 3.05 -9.49 -5.81
C ILE A 37 3.18 -10.80 -5.01
N SER A 38 4.36 -11.40 -5.06
CA SER A 38 4.65 -12.61 -4.27
C SER A 38 4.95 -12.26 -2.81
N LYS A 39 4.87 -13.25 -1.93
CA LYS A 39 5.15 -13.06 -0.50
C LYS A 39 6.50 -12.35 -0.28
N GLU A 40 7.55 -12.87 -0.92
CA GLU A 40 8.88 -12.26 -0.82
C GLU A 40 8.87 -10.80 -1.30
N ALA A 41 8.20 -10.54 -2.43
CA ALA A 41 8.12 -9.20 -3.00
C ALA A 41 7.54 -8.19 -2.01
N LEU A 42 6.48 -8.60 -1.31
CA LEU A 42 5.84 -7.76 -0.29
C LEU A 42 6.79 -7.53 0.90
N LEU A 43 7.37 -8.63 1.40
CA LEU A 43 8.28 -8.55 2.56
C LEU A 43 9.49 -7.65 2.29
N GLU A 44 10.07 -7.77 1.09
CA GLU A 44 11.22 -6.94 0.71
C GLU A 44 10.83 -5.45 0.64
N CYS A 45 9.70 -5.15 -0.02
CA CYS A 45 9.21 -3.77 -0.10
C CYS A 45 8.87 -3.21 1.29
N ALA A 46 8.27 -4.03 2.13
CA ALA A 46 7.92 -3.63 3.50
C ALA A 46 9.17 -3.45 4.38
N ASP A 47 10.18 -4.31 4.16
CA ASP A 47 11.44 -4.22 4.90
C ASP A 47 12.09 -2.85 4.70
N LEU A 48 11.97 -2.31 3.48
CA LEU A 48 12.47 -0.97 3.16
C LEU A 48 11.93 0.09 4.15
N LEU A 49 10.64 0.01 4.45
CA LEU A 49 10.01 0.95 5.40
C LEU A 49 10.68 0.89 6.77
N SER A 50 10.74 -0.32 7.35
CA SER A 50 11.35 -0.51 8.68
C SER A 50 12.78 0.04 8.72
N SER A 51 13.61 -0.37 7.75
CA SER A 51 14.99 0.11 7.65
C SER A 51 15.04 1.63 7.47
N ALA A 52 14.17 2.16 6.61
CA ALA A 52 14.13 3.60 6.35
C ALA A 52 13.63 4.39 7.57
N LEU A 53 12.91 3.73 8.48
CA LEU A 53 12.44 4.37 9.71
C LEU A 53 13.52 4.35 10.81
N THR A 54 14.38 3.32 10.79
CA THR A 54 15.48 3.23 11.75
C THR A 54 16.59 4.26 11.46
N GLU A 55 16.68 4.67 10.20
CA GLU A 55 17.65 5.70 9.78
C GLU A 55 16.94 7.00 9.39
N PRO A 56 17.61 8.17 9.49
CA PRO A 56 17.00 9.45 9.11
C PRO A 56 16.83 9.60 7.58
N VAL A 57 15.59 9.80 7.14
CA VAL A 57 15.28 9.97 5.72
C VAL A 57 14.16 11.02 5.52
N PRO A 58 14.03 11.60 4.30
CA PRO A 58 12.94 12.55 3.99
C PRO A 58 11.53 11.94 4.21
N ASN A 59 10.67 12.68 4.92
CA ASN A 59 9.30 12.21 5.19
C ASN A 59 8.51 11.98 3.89
N SER A 60 8.84 12.75 2.84
CA SER A 60 8.25 12.53 1.51
C SER A 60 8.47 11.07 1.04
N GLN A 61 9.71 10.60 1.20
CA GLN A 61 10.08 9.22 0.85
C GLN A 61 9.23 8.22 1.66
N LEU A 62 9.16 8.43 2.98
CA LEU A 62 8.38 7.54 3.86
C LEU A 62 6.92 7.39 3.38
N VAL A 63 6.28 8.52 3.07
CA VAL A 63 4.89 8.51 2.58
C VAL A 63 4.79 7.89 1.17
N ASP A 64 5.79 8.17 0.33
CA ASP A 64 5.81 7.65 -1.05
C ASP A 64 5.97 6.12 -1.08
N THR A 65 7.01 5.63 -0.40
CA THR A 65 7.26 4.19 -0.31
C THR A 65 6.19 3.47 0.53
N GLY A 66 5.69 4.16 1.54
CA GLY A 66 4.60 3.61 2.35
C GLY A 66 3.30 3.46 1.56
N HIS A 67 3.01 4.43 0.70
CA HIS A 67 1.77 4.42 -0.09
C HIS A 67 1.72 3.24 -1.07
N GLN A 68 2.83 2.93 -1.73
CA GLN A 68 2.87 1.82 -2.69
C GLN A 68 2.59 0.47 -2.01
N LEU A 69 2.92 0.36 -0.73
CA LEU A 69 2.62 -0.86 0.04
C LEU A 69 1.12 -1.15 0.06
N LEU A 70 0.30 -0.10 -0.06
CA LEU A 70 -1.16 -0.26 -0.19
C LEU A 70 -1.52 -1.02 -1.48
N ASP A 71 -0.76 -0.75 -2.56
CA ASP A 71 -0.95 -1.44 -3.84
C ASP A 71 -0.57 -2.92 -3.73
N TYR A 72 0.58 -3.19 -3.10
CA TYR A 72 1.02 -4.57 -2.83
C TYR A 72 0.00 -5.32 -1.94
N CYS A 73 -0.35 -4.70 -0.82
CA CYS A 73 -1.28 -5.31 0.14
C CYS A 73 -2.67 -5.54 -0.46
N SER A 74 -3.18 -4.56 -1.19
CA SER A 74 -4.52 -4.64 -1.78
C SER A 74 -4.65 -5.84 -2.74
N GLY A 75 -3.65 -6.03 -3.60
CA GLY A 75 -3.66 -7.17 -4.51
C GLY A 75 -3.30 -8.48 -3.84
N TYR A 76 -2.38 -8.44 -2.88
CA TYR A 76 -1.89 -9.65 -2.20
C TYR A 76 -2.97 -10.27 -1.29
N VAL A 77 -3.65 -9.43 -0.52
CA VAL A 77 -4.64 -9.89 0.46
C VAL A 77 -5.73 -10.76 -0.19
N ASP A 78 -6.10 -10.43 -1.43
CA ASP A 78 -7.11 -11.18 -2.17
C ASP A 78 -6.64 -12.63 -2.44
N CYS A 79 -5.33 -12.81 -2.58
CA CYS A 79 -4.75 -14.13 -2.88
C CYS A 79 -4.56 -14.99 -1.62
N ILE A 80 -4.78 -14.40 -0.44
CA ILE A 80 -4.62 -15.13 0.83
C ILE A 80 -5.83 -16.04 1.10
N PRO A 81 -5.63 -17.38 1.06
CA PRO A 81 -6.71 -18.36 1.29
C PRO A 81 -7.11 -18.44 2.77
N GLN A 82 -6.17 -18.18 3.67
CA GLN A 82 -6.46 -18.17 5.11
C GLN A 82 -7.19 -16.88 5.51
N THR A 83 -8.51 -16.96 5.65
CA THR A 83 -9.31 -15.80 6.04
C THR A 83 -8.85 -15.20 7.38
N ARG A 84 -8.36 -16.06 8.28
CA ARG A 84 -7.79 -15.61 9.55
C ARG A 84 -6.65 -14.59 9.31
N ASN A 85 -5.63 -15.02 8.55
CA ASN A 85 -4.53 -14.13 8.18
C ASN A 85 -5.02 -12.93 7.36
N LYS A 86 -5.98 -13.19 6.46
CA LYS A 86 -6.52 -12.15 5.58
C LYS A 86 -7.18 -11.01 6.38
N PHE A 87 -7.95 -11.36 7.41
CA PHE A 87 -8.60 -10.35 8.25
C PHE A 87 -7.56 -9.52 9.02
N ALA A 88 -6.65 -10.21 9.71
CA ALA A 88 -5.56 -9.55 10.44
C ALA A 88 -4.72 -8.67 9.49
N PHE A 89 -4.54 -9.14 8.26
CA PHE A 89 -3.81 -8.40 7.25
C PHE A 89 -4.57 -7.14 6.83
N ARG A 90 -5.90 -7.24 6.67
CA ARG A 90 -6.73 -6.10 6.32
C ARG A 90 -6.68 -5.02 7.41
N GLU A 91 -6.90 -5.42 8.66
CA GLU A 91 -6.90 -4.47 9.78
C GLU A 91 -5.49 -3.86 9.97
N ALA A 92 -4.44 -4.67 9.82
CA ALA A 92 -3.06 -4.19 9.92
C ALA A 92 -2.77 -3.11 8.86
N VAL A 93 -3.13 -3.41 7.60
CA VAL A 93 -3.01 -2.44 6.52
C VAL A 93 -3.84 -1.17 6.80
N SER A 94 -4.99 -1.35 7.45
CA SER A 94 -5.82 -0.21 7.86
C SER A 94 -5.04 0.75 8.78
N LYS A 95 -4.26 0.17 9.70
CA LYS A 95 -3.38 0.98 10.57
C LYS A 95 -2.28 1.67 9.74
N LEU A 96 -1.76 0.98 8.73
CA LEU A 96 -0.70 1.53 7.89
C LEU A 96 -1.15 2.82 7.17
N GLU A 97 -2.30 2.75 6.48
CA GLU A 97 -2.83 3.91 5.76
C GLU A 97 -3.17 5.06 6.72
N LEU A 98 -3.75 4.73 7.88
CA LEU A 98 -4.05 5.73 8.91
C LEU A 98 -2.76 6.42 9.40
N SER A 99 -1.73 5.62 9.67
CA SER A 99 -0.45 6.15 10.13
C SER A 99 0.24 7.00 9.06
N LEU A 100 -0.04 6.70 7.79
CA LEU A 100 0.51 7.48 6.66
C LEU A 100 -0.18 8.85 6.52
N GLN A 101 -1.51 8.88 6.65
CA GLN A 101 -2.26 10.14 6.55
C GLN A 101 -1.99 11.06 7.75
N GLU A 102 -2.03 10.52 8.97
CA GLU A 102 -1.76 11.32 10.18
C GLU A 102 -0.31 11.85 10.18
N LEU A 103 0.59 11.12 9.52
CA LEU A 103 1.99 11.55 9.39
C LEU A 103 2.11 12.80 8.50
N GLN A 104 1.70 12.67 7.24
CA GLN A 104 1.91 13.73 6.24
C GLN A 104 1.16 15.04 6.59
N VAL A 105 0.06 14.94 7.34
CA VAL A 105 -0.71 16.14 7.71
C VAL A 105 -0.18 16.83 8.98
N SER A 106 0.54 16.08 9.83
CA SER A 106 1.01 16.62 11.12
C SER A 106 2.53 16.92 11.12
N SER A 107 3.31 16.00 10.58
CA SER A 107 4.78 16.09 10.60
C SER A 107 5.30 17.45 10.11
N ALA A 108 5.03 17.78 8.85
CA ALA A 108 5.49 19.04 8.23
C ALA A 108 7.03 19.16 8.27
N ALA A 109 7.71 18.03 8.46
CA ALA A 109 9.17 17.99 8.55
C ALA A 109 9.80 17.53 7.22
N ALA A 110 10.98 18.06 6.91
CA ALA A 110 11.70 17.69 5.68
C ALA A 110 12.21 16.23 5.76
N GLY A 111 12.61 15.81 6.96
CA GLY A 111 13.12 14.45 7.16
C GLY A 111 13.75 14.26 8.52
N VAL A 112 12.92 14.29 9.56
CA VAL A 112 13.39 14.20 10.94
C VAL A 112 12.79 12.99 11.69
N PRO A 113 13.63 12.09 12.23
CA PRO A 113 13.17 10.96 13.05
C PRO A 113 12.92 11.36 14.52
N GLY A 114 12.11 10.56 15.23
CA GLY A 114 11.87 10.81 16.65
C GLY A 114 10.93 11.99 16.95
N THR A 115 10.87 12.97 16.04
CA THR A 115 10.05 14.19 16.25
C THR A 115 8.58 13.87 16.56
N ASN A 116 8.01 12.86 15.90
CA ASN A 116 6.61 12.47 16.15
C ASN A 116 6.47 10.94 16.29
N PRO A 117 5.63 10.48 17.24
CA PRO A 117 5.39 9.03 17.48
C PRO A 117 4.86 8.30 16.23
N VAL A 118 4.24 9.05 15.31
CA VAL A 118 3.67 8.47 14.09
C VAL A 118 4.72 7.68 13.29
N LEU A 119 5.96 8.17 13.31
CA LEU A 119 7.08 7.46 12.68
C LEU A 119 7.22 6.04 13.27
N ASN A 120 6.98 5.92 14.58
CA ASN A 120 7.02 4.61 15.25
C ASN A 120 5.74 3.80 14.96
N ASN A 121 4.62 4.50 14.78
CA ASN A 121 3.35 3.84 14.40
C ASN A 121 3.52 3.09 13.06
N LEU A 122 4.13 3.75 12.08
CA LEU A 122 4.46 3.09 10.81
C LEU A 122 5.30 1.83 11.04
N LEU A 123 6.35 1.96 11.86
CA LEU A 123 7.21 0.82 12.20
C LEU A 123 6.39 -0.35 12.77
N SER A 124 5.59 -0.06 13.80
CA SER A 124 4.73 -1.08 14.43
C SER A 124 3.78 -1.74 13.42
N CYS A 125 3.14 -0.92 12.57
CA CYS A 125 2.23 -1.42 11.54
C CYS A 125 2.95 -2.35 10.54
N VAL A 126 4.11 -1.92 10.06
CA VAL A 126 4.92 -2.75 9.14
C VAL A 126 5.30 -4.09 9.78
N GLN A 127 5.71 -4.05 11.05
CA GLN A 127 6.04 -5.26 11.80
C GLN A 127 4.83 -6.21 11.86
N GLU A 128 3.65 -5.66 12.13
CA GLU A 128 2.41 -6.44 12.18
C GLU A 128 2.10 -7.08 10.80
N ILE A 129 2.05 -6.25 9.76
CA ILE A 129 1.76 -6.72 8.40
C ILE A 129 2.71 -7.86 7.97
N SER A 130 4.02 -7.61 8.08
CA SER A 130 5.02 -8.64 7.75
C SER A 130 4.81 -9.91 8.58
N ASP A 131 4.62 -9.73 9.89
CA ASP A 131 4.44 -10.85 10.82
C ASP A 131 3.25 -11.73 10.41
N VAL A 132 2.11 -11.09 10.08
CA VAL A 132 0.91 -11.81 9.64
C VAL A 132 1.19 -12.69 8.40
N VAL A 133 1.92 -12.12 7.44
CA VAL A 133 2.30 -12.87 6.22
C VAL A 133 3.21 -14.07 6.56
N GLN A 134 4.06 -13.90 7.57
CA GLN A 134 4.99 -14.95 7.99
C GLN A 134 4.28 -16.07 8.79
N ARG A 135 2.98 -15.92 9.03
CA ARG A 135 2.21 -16.92 9.80
C ARG A 135 1.71 -18.08 8.91
N MET A 1 -47.05 12.49 -26.88
CA MET A 1 -45.64 12.54 -27.35
C MET A 1 -44.68 12.26 -26.19
N GLY A 2 -43.65 11.44 -26.45
CA GLY A 2 -42.71 11.04 -25.40
C GLY A 2 -41.76 12.15 -24.95
N HIS A 3 -42.32 13.16 -24.26
CA HIS A 3 -41.52 14.24 -23.69
C HIS A 3 -40.88 13.80 -22.37
N HIS A 4 -39.60 14.12 -22.18
CA HIS A 4 -38.86 13.60 -21.02
C HIS A 4 -37.81 14.59 -20.49
N HIS A 5 -37.54 14.50 -19.20
CA HIS A 5 -36.44 15.23 -18.55
C HIS A 5 -35.07 14.84 -19.14
N HIS A 6 -34.02 15.57 -18.78
CA HIS A 6 -32.65 15.21 -19.19
C HIS A 6 -32.29 13.81 -18.70
N HIS A 7 -31.75 12.98 -19.60
CA HIS A 7 -31.39 11.60 -19.26
C HIS A 7 -29.88 11.38 -19.46
N HIS A 8 -29.28 10.58 -18.58
CA HIS A 8 -27.86 10.26 -18.68
C HIS A 8 -27.56 9.46 -19.96
N SER A 9 -26.67 9.99 -20.79
CA SER A 9 -26.35 9.39 -22.09
C SER A 9 -25.53 8.12 -21.95
N HIS A 10 -26.20 7.00 -21.69
CA HIS A 10 -25.55 5.70 -21.58
C HIS A 10 -25.38 5.05 -22.96
N MET A 11 -24.20 4.48 -23.21
CA MET A 11 -23.89 3.87 -24.50
C MET A 11 -24.07 2.34 -24.47
N ALA A 12 -24.13 1.72 -25.64
CA ALA A 12 -24.25 0.27 -25.75
C ALA A 12 -22.86 -0.41 -25.67
N ASN A 13 -22.74 -1.63 -26.19
CA ASN A 13 -21.46 -2.35 -26.16
C ASN A 13 -20.74 -2.30 -27.52
N GLY A 14 -21.05 -3.24 -28.39
CA GLY A 14 -20.42 -3.30 -29.71
C GLY A 14 -18.99 -3.81 -29.68
N ALA A 15 -18.14 -3.14 -28.90
CA ALA A 15 -16.74 -3.49 -28.76
C ALA A 15 -16.49 -4.51 -27.63
N ALA A 16 -17.57 -4.97 -27.00
CA ALA A 16 -17.48 -5.93 -25.88
C ALA A 16 -16.65 -5.41 -24.70
N GLY A 17 -16.46 -4.10 -24.62
CA GLY A 17 -15.64 -3.51 -23.56
C GLY A 17 -16.44 -2.64 -22.59
N THR A 18 -17.75 -2.85 -22.55
CA THR A 18 -18.65 -2.07 -21.66
C THR A 18 -18.79 -2.74 -20.29
N LYS A 19 -18.54 -4.06 -20.26
CA LYS A 19 -18.56 -4.83 -19.01
C LYS A 19 -17.49 -4.35 -18.01
N VAL A 20 -16.29 -4.06 -18.52
CA VAL A 20 -15.21 -3.49 -17.69
C VAL A 20 -15.07 -1.98 -17.94
N ALA A 21 -15.92 -1.20 -17.28
CA ALA A 21 -15.88 0.26 -17.38
C ALA A 21 -15.43 0.87 -16.04
N LEU A 22 -16.20 0.61 -14.98
CA LEU A 22 -15.86 1.05 -13.64
C LEU A 22 -14.84 0.09 -12.97
N ARG A 23 -14.60 -1.04 -13.64
CA ARG A 23 -13.70 -2.09 -13.15
C ARG A 23 -14.10 -2.55 -11.74
N LYS A 24 -15.24 -3.23 -11.64
CA LYS A 24 -15.75 -3.70 -10.35
C LYS A 24 -15.09 -5.03 -9.92
N THR A 25 -14.67 -5.83 -10.88
CA THR A 25 -14.06 -7.14 -10.60
C THR A 25 -12.84 -7.41 -11.49
N LYS A 26 -12.20 -8.55 -11.27
CA LYS A 26 -11.01 -8.95 -12.03
C LYS A 26 -11.36 -9.28 -13.49
N GLN A 27 -10.40 -9.09 -14.41
CA GLN A 27 -10.64 -9.31 -15.84
C GLN A 27 -9.75 -10.43 -16.43
N ALA A 28 -8.43 -10.31 -16.29
CA ALA A 28 -7.50 -11.30 -16.85
C ALA A 28 -6.11 -11.18 -16.21
N ALA A 29 -5.50 -12.31 -15.87
CA ALA A 29 -4.18 -12.33 -15.19
C ALA A 29 -3.09 -11.58 -15.98
N GLU A 30 -3.34 -11.30 -17.25
CA GLU A 30 -2.40 -10.49 -18.05
C GLU A 30 -2.44 -9.01 -17.63
N LYS A 31 -3.63 -8.53 -17.27
CA LYS A 31 -3.83 -7.16 -16.83
C LYS A 31 -3.76 -7.05 -15.30
N ILE A 32 -4.02 -8.16 -14.61
CA ILE A 32 -4.04 -8.19 -13.14
C ILE A 32 -2.62 -8.27 -12.56
N SER A 33 -2.36 -7.50 -11.50
CA SER A 33 -1.05 -7.53 -10.83
C SER A 33 -1.11 -8.28 -9.49
N ALA A 34 -2.33 -8.60 -9.04
CA ALA A 34 -2.52 -9.27 -7.74
C ALA A 34 -1.78 -10.61 -7.65
N ASP A 35 -1.84 -11.41 -8.72
CA ASP A 35 -1.12 -12.69 -8.76
C ASP A 35 0.38 -12.47 -9.03
N LYS A 36 0.72 -11.30 -9.55
CA LYS A 36 2.12 -10.91 -9.79
C LYS A 36 2.80 -10.55 -8.46
N ILE A 37 2.01 -10.03 -7.51
CA ILE A 37 2.52 -9.71 -6.17
C ILE A 37 2.91 -10.99 -5.41
N SER A 38 4.19 -11.32 -5.43
CA SER A 38 4.68 -12.53 -4.75
C SER A 38 5.05 -12.24 -3.29
N LYS A 39 5.03 -13.29 -2.46
CA LYS A 39 5.36 -13.17 -1.03
C LYS A 39 6.70 -12.43 -0.80
N GLU A 40 7.72 -12.80 -1.58
CA GLU A 40 9.03 -12.13 -1.52
C GLU A 40 8.90 -10.62 -1.78
N ALA A 41 8.12 -10.25 -2.80
CA ALA A 41 7.97 -8.84 -3.20
C ALA A 41 7.35 -8.00 -2.08
N LEU A 42 6.29 -8.51 -1.46
CA LEU A 42 5.62 -7.80 -0.37
C LEU A 42 6.58 -7.58 0.81
N LEU A 43 7.23 -8.65 1.25
CA LEU A 43 8.20 -8.57 2.36
C LEU A 43 9.32 -7.57 2.06
N GLU A 44 9.88 -7.64 0.85
CA GLU A 44 10.93 -6.71 0.42
C GLU A 44 10.47 -5.24 0.47
N CYS A 45 9.28 -4.98 -0.06
CA CYS A 45 8.71 -3.62 -0.06
C CYS A 45 8.46 -3.11 1.37
N ALA A 46 7.97 -4.00 2.23
CA ALA A 46 7.69 -3.64 3.63
C ALA A 46 8.97 -3.42 4.43
N ASP A 47 9.99 -4.25 4.18
CA ASP A 47 11.29 -4.13 4.86
C ASP A 47 11.89 -2.73 4.69
N LEU A 48 11.55 -2.09 3.56
CA LEU A 48 12.00 -0.72 3.28
C LEU A 48 11.54 0.27 4.37
N LEU A 49 10.34 0.09 4.89
CA LEU A 49 9.80 1.00 5.91
C LEU A 49 10.47 0.75 7.27
N SER A 50 10.53 -0.52 7.69
CA SER A 50 11.18 -0.89 8.95
C SER A 50 12.66 -0.49 8.95
N SER A 51 13.31 -0.70 7.82
CA SER A 51 14.72 -0.30 7.65
C SER A 51 14.89 1.24 7.72
N ALA A 52 14.05 1.96 6.98
CA ALA A 52 14.15 3.42 6.91
C ALA A 52 13.85 4.11 8.26
N LEU A 53 12.90 3.57 9.01
CA LEU A 53 12.51 4.17 10.30
C LEU A 53 13.61 4.09 11.37
N THR A 54 14.62 3.22 11.16
CA THR A 54 15.73 3.08 12.11
C THR A 54 16.91 4.00 11.74
N GLU A 55 16.76 4.74 10.64
CA GLU A 55 17.77 5.69 10.18
C GLU A 55 17.11 7.04 9.82
N PRO A 56 17.88 8.13 9.62
CA PRO A 56 17.29 9.40 9.20
C PRO A 56 16.79 9.38 7.75
N VAL A 57 15.49 9.63 7.58
CA VAL A 57 14.88 9.71 6.25
C VAL A 57 13.81 10.82 6.22
N PRO A 58 13.57 11.45 5.05
CA PRO A 58 12.48 12.43 4.91
C PRO A 58 11.09 11.75 5.00
N ASN A 59 10.21 12.29 5.85
CA ASN A 59 8.87 11.70 6.03
C ASN A 59 8.11 11.59 4.70
N SER A 60 8.41 12.49 3.76
CA SER A 60 7.86 12.42 2.40
C SER A 60 8.23 11.09 1.72
N GLN A 61 9.48 10.67 1.90
CA GLN A 61 9.98 9.40 1.37
C GLN A 61 9.24 8.21 2.01
N LEU A 62 8.98 8.31 3.31
CA LEU A 62 8.22 7.27 4.04
C LEU A 62 6.81 7.11 3.46
N VAL A 63 6.09 8.22 3.33
CA VAL A 63 4.74 8.20 2.76
C VAL A 63 4.75 7.69 1.31
N ASP A 64 5.72 8.16 0.52
CA ASP A 64 5.89 7.71 -0.87
C ASP A 64 6.09 6.19 -0.92
N THR A 65 7.02 5.68 -0.12
CA THR A 65 7.28 4.23 -0.02
C THR A 65 6.03 3.47 0.44
N GLY A 66 5.30 4.07 1.37
CA GLY A 66 4.08 3.45 1.87
C GLY A 66 2.98 3.29 0.81
N HIS A 67 2.99 4.17 -0.20
CA HIS A 67 1.98 4.13 -1.26
C HIS A 67 1.98 2.78 -2.01
N GLN A 68 3.16 2.30 -2.41
CA GLN A 68 3.26 1.02 -3.11
C GLN A 68 2.81 -0.15 -2.22
N LEU A 69 3.02 -0.02 -0.91
CA LEU A 69 2.57 -1.02 0.05
C LEU A 69 1.04 -1.18 0.02
N LEU A 70 0.32 -0.06 -0.08
CA LEU A 70 -1.15 -0.10 -0.19
C LEU A 70 -1.60 -0.85 -1.47
N ASP A 71 -0.90 -0.65 -2.57
CA ASP A 71 -1.22 -1.32 -3.83
C ASP A 71 -0.91 -2.83 -3.76
N TYR A 72 0.32 -3.17 -3.36
CA TYR A 72 0.73 -4.56 -3.17
C TYR A 72 -0.19 -5.29 -2.19
N CYS A 73 -0.47 -4.65 -1.05
CA CYS A 73 -1.34 -5.23 -0.02
C CYS A 73 -2.78 -5.42 -0.52
N SER A 74 -3.30 -4.43 -1.23
CA SER A 74 -4.67 -4.48 -1.75
C SER A 74 -4.88 -5.67 -2.69
N GLY A 75 -3.83 -6.03 -3.43
CA GLY A 75 -3.90 -7.18 -4.33
C GLY A 75 -3.56 -8.50 -3.67
N TYR A 76 -2.43 -8.55 -2.95
CA TYR A 76 -1.94 -9.78 -2.33
C TYR A 76 -2.94 -10.37 -1.32
N VAL A 77 -3.62 -9.50 -0.58
CA VAL A 77 -4.59 -9.95 0.45
C VAL A 77 -5.66 -10.88 -0.13
N ASP A 78 -5.99 -10.69 -1.41
CA ASP A 78 -6.99 -11.51 -2.09
C ASP A 78 -6.59 -13.00 -2.11
N CYS A 79 -5.28 -13.27 -2.11
CA CYS A 79 -4.77 -14.65 -2.24
C CYS A 79 -4.33 -15.25 -0.89
N ILE A 80 -4.56 -14.55 0.23
CA ILE A 80 -4.13 -15.06 1.54
C ILE A 80 -5.06 -16.19 2.04
N PRO A 81 -4.52 -17.43 2.19
CA PRO A 81 -5.30 -18.61 2.62
C PRO A 81 -5.90 -18.47 4.04
N GLN A 82 -5.03 -18.42 5.06
CA GLN A 82 -5.50 -18.24 6.45
C GLN A 82 -6.30 -16.94 6.61
N THR A 83 -7.60 -17.06 6.85
CA THR A 83 -8.46 -15.88 7.02
C THR A 83 -8.04 -15.05 8.22
N ARG A 84 -7.59 -15.71 9.28
CA ARG A 84 -7.04 -15.01 10.44
C ARG A 84 -5.90 -14.07 10.03
N ASN A 85 -5.06 -14.52 9.10
CA ASN A 85 -3.99 -13.70 8.55
C ASN A 85 -4.54 -12.65 7.59
N LYS A 86 -5.50 -13.04 6.75
CA LYS A 86 -6.12 -12.11 5.79
C LYS A 86 -6.81 -10.94 6.53
N PHE A 87 -7.41 -11.23 7.67
CA PHE A 87 -8.06 -10.21 8.49
C PHE A 87 -7.01 -9.33 9.20
N ALA A 88 -6.05 -9.98 9.88
CA ALA A 88 -4.94 -9.27 10.55
C ALA A 88 -4.17 -8.39 9.55
N PHE A 89 -4.03 -8.89 8.34
CA PHE A 89 -3.36 -8.17 7.26
C PHE A 89 -4.11 -6.85 6.96
N ARG A 90 -5.41 -6.96 6.70
CA ARG A 90 -6.24 -5.78 6.38
C ARG A 90 -6.26 -4.76 7.52
N GLU A 91 -6.48 -5.22 8.76
CA GLU A 91 -6.56 -4.31 9.91
C GLU A 91 -5.23 -3.56 10.09
N ALA A 92 -4.12 -4.27 9.94
CA ALA A 92 -2.78 -3.66 10.03
C ALA A 92 -2.55 -2.64 8.90
N VAL A 93 -2.98 -3.00 7.68
CA VAL A 93 -2.91 -2.08 6.54
C VAL A 93 -3.74 -0.81 6.79
N SER A 94 -4.90 -0.97 7.43
CA SER A 94 -5.76 0.16 7.79
C SER A 94 -5.02 1.16 8.68
N LYS A 95 -4.30 0.65 9.69
CA LYS A 95 -3.47 1.52 10.54
C LYS A 95 -2.31 2.13 9.74
N LEU A 96 -1.77 1.36 8.79
CA LEU A 96 -0.68 1.84 7.94
C LEU A 96 -1.10 3.07 7.12
N GLU A 97 -2.22 2.96 6.40
CA GLU A 97 -2.71 4.05 5.55
C GLU A 97 -3.15 5.27 6.39
N LEU A 98 -3.88 5.03 7.49
CA LEU A 98 -4.27 6.12 8.39
C LEU A 98 -3.04 6.84 8.96
N SER A 99 -2.02 6.08 9.36
CA SER A 99 -0.78 6.66 9.89
C SER A 99 0.00 7.39 8.78
N LEU A 100 -0.07 6.90 7.54
CA LEU A 100 0.59 7.57 6.41
C LEU A 100 -0.05 8.93 6.09
N GLN A 101 -1.39 9.00 6.12
CA GLN A 101 -2.10 10.24 5.82
C GLN A 101 -1.95 11.27 6.96
N GLU A 102 -1.91 10.82 8.21
CA GLU A 102 -1.69 11.73 9.34
C GLU A 102 -0.21 12.12 9.47
N LEU A 103 0.70 11.23 9.04
CA LEU A 103 2.14 11.52 9.06
C LEU A 103 2.48 12.73 8.18
N GLN A 104 2.09 12.66 6.91
CA GLN A 104 2.43 13.71 5.93
C GLN A 104 1.93 15.11 6.35
N VAL A 105 0.99 15.17 7.30
CA VAL A 105 0.47 16.46 7.78
C VAL A 105 0.99 16.81 9.20
N SER A 106 1.20 15.81 10.04
CA SER A 106 1.60 16.03 11.45
C SER A 106 3.12 16.10 11.66
N SER A 107 3.90 15.58 10.69
CA SER A 107 5.37 15.56 10.81
C SER A 107 5.96 16.96 11.04
N ALA A 108 5.73 17.87 10.09
CA ALA A 108 6.23 19.26 10.16
C ALA A 108 7.76 19.37 9.97
N ALA A 109 8.52 18.56 10.70
CA ALA A 109 9.99 18.60 10.66
C ALA A 109 10.59 18.09 9.33
N ALA A 110 9.74 17.78 8.35
CA ALA A 110 10.17 17.34 7.01
C ALA A 110 10.74 15.90 7.00
N GLY A 111 11.80 15.67 7.77
CA GLY A 111 12.41 14.34 7.83
C GLY A 111 13.35 14.13 9.01
N VAL A 112 12.80 13.81 10.18
CA VAL A 112 13.60 13.53 11.38
C VAL A 112 13.24 12.17 12.00
N PRO A 113 14.23 11.28 12.22
CA PRO A 113 13.98 9.92 12.75
C PRO A 113 13.33 9.92 14.14
N GLY A 114 12.22 9.20 14.26
CA GLY A 114 11.51 9.07 15.53
C GLY A 114 11.02 10.38 16.13
N THR A 115 10.89 11.42 15.31
CA THR A 115 10.48 12.75 15.81
C THR A 115 9.00 12.79 16.23
N ASN A 116 8.18 11.92 15.66
CA ASN A 116 6.75 11.87 16.01
C ASN A 116 6.27 10.42 16.24
N PRO A 117 5.31 10.21 17.15
CA PRO A 117 4.76 8.87 17.46
C PRO A 117 4.21 8.12 16.24
N VAL A 118 3.76 8.87 15.23
CA VAL A 118 3.22 8.27 14.00
C VAL A 118 4.23 7.34 13.34
N LEU A 119 5.52 7.70 13.43
CA LEU A 119 6.60 6.86 12.92
C LEU A 119 6.63 5.50 13.65
N ASN A 120 6.35 5.51 14.95
CA ASN A 120 6.25 4.29 15.75
C ASN A 120 5.03 3.47 15.31
N ASN A 121 3.93 4.16 15.03
CA ASN A 121 2.71 3.51 14.50
C ASN A 121 3.02 2.76 13.19
N LEU A 122 3.70 3.44 12.26
CA LEU A 122 4.13 2.82 11.01
C LEU A 122 5.00 1.59 11.26
N LEU A 123 6.00 1.75 12.13
CA LEU A 123 6.89 0.63 12.49
C LEU A 123 6.08 -0.58 12.98
N SER A 124 5.20 -0.35 13.95
CA SER A 124 4.34 -1.41 14.49
C SER A 124 3.47 -2.04 13.40
N CYS A 125 2.92 -1.19 12.52
CA CYS A 125 2.05 -1.67 11.43
C CYS A 125 2.83 -2.56 10.44
N VAL A 126 3.99 -2.08 10.00
CA VAL A 126 4.83 -2.83 9.05
C VAL A 126 5.29 -4.18 9.64
N GLN A 127 5.74 -4.15 10.89
CA GLN A 127 6.13 -5.38 11.60
C GLN A 127 4.95 -6.35 11.69
N GLU A 128 3.76 -5.81 11.98
CA GLU A 128 2.53 -6.61 12.03
C GLU A 128 2.23 -7.27 10.67
N ILE A 129 2.15 -6.44 9.63
CA ILE A 129 1.84 -6.92 8.26
C ILE A 129 2.80 -8.04 7.82
N SER A 130 4.10 -7.76 7.87
CA SER A 130 5.12 -8.74 7.46
C SER A 130 5.04 -10.04 8.28
N ASP A 131 4.97 -9.90 9.60
CA ASP A 131 4.89 -11.06 10.50
C ASP A 131 3.66 -11.94 10.19
N VAL A 132 2.50 -11.30 10.06
CA VAL A 132 1.24 -12.00 9.74
C VAL A 132 1.37 -12.86 8.47
N VAL A 133 1.98 -12.31 7.43
CA VAL A 133 2.20 -13.03 6.16
C VAL A 133 3.07 -14.29 6.38
N GLN A 134 3.98 -14.21 7.34
CA GLN A 134 4.92 -15.31 7.62
C GLN A 134 4.26 -16.48 8.37
N ARG A 135 3.01 -16.29 8.82
CA ARG A 135 2.29 -17.33 9.57
C ARG A 135 1.58 -18.33 8.63
N MET A 1 -9.65 34.31 7.13
CA MET A 1 -9.77 32.84 7.25
C MET A 1 -8.51 32.14 6.72
N GLY A 2 -8.03 31.13 7.44
CA GLY A 2 -6.82 30.41 7.06
C GLY A 2 -7.07 28.93 6.74
N HIS A 3 -7.53 28.64 5.52
CA HIS A 3 -7.74 27.25 5.09
C HIS A 3 -6.60 26.78 4.18
N HIS A 4 -5.69 25.99 4.74
CA HIS A 4 -4.51 25.52 4.00
C HIS A 4 -4.50 23.99 3.84
N HIS A 5 -5.13 23.53 2.75
CA HIS A 5 -5.11 22.13 2.34
C HIS A 5 -5.11 22.01 0.81
N HIS A 6 -4.49 20.97 0.27
CA HIS A 6 -4.48 20.76 -1.19
C HIS A 6 -5.52 19.69 -1.60
N HIS A 7 -6.80 20.08 -1.63
CA HIS A 7 -7.86 19.15 -2.04
C HIS A 7 -8.79 19.79 -3.07
N HIS A 8 -8.52 19.55 -4.35
CA HIS A 8 -9.44 19.95 -5.42
C HIS A 8 -10.77 19.20 -5.23
N SER A 9 -11.78 19.89 -4.70
CA SER A 9 -13.07 19.29 -4.28
C SER A 9 -13.54 18.17 -5.22
N HIS A 10 -13.08 16.96 -4.93
CA HIS A 10 -13.45 15.76 -5.70
C HIS A 10 -14.56 14.99 -4.97
N MET A 11 -15.80 15.24 -5.37
CA MET A 11 -16.96 14.61 -4.73
C MET A 11 -17.08 13.12 -5.08
N ALA A 12 -17.82 12.37 -4.27
CA ALA A 12 -18.02 10.92 -4.51
C ALA A 12 -18.62 10.66 -5.90
N ASN A 13 -17.91 9.84 -6.69
CA ASN A 13 -18.35 9.46 -8.05
C ASN A 13 -18.34 10.66 -9.03
N GLY A 14 -17.87 11.81 -8.56
CA GLY A 14 -17.82 13.00 -9.40
C GLY A 14 -16.49 13.13 -10.16
N ALA A 15 -16.28 12.24 -11.13
CA ALA A 15 -15.05 12.22 -11.93
C ALA A 15 -15.15 11.27 -13.13
N ALA A 16 -14.20 11.40 -14.05
CA ALA A 16 -14.14 10.53 -15.23
C ALA A 16 -13.53 9.16 -14.89
N GLY A 17 -14.16 8.09 -15.37
CA GLY A 17 -13.72 6.73 -15.03
C GLY A 17 -14.32 6.26 -13.71
N THR A 18 -15.59 6.58 -13.51
CA THR A 18 -16.27 6.31 -12.23
C THR A 18 -16.27 4.81 -11.87
N LYS A 19 -16.61 3.96 -12.83
CA LYS A 19 -16.75 2.52 -12.56
C LYS A 19 -15.42 1.85 -12.17
N VAL A 20 -14.30 2.38 -12.67
CA VAL A 20 -12.98 1.83 -12.32
C VAL A 20 -12.23 2.75 -11.34
N ALA A 21 -12.92 3.79 -10.88
CA ALA A 21 -12.34 4.78 -9.97
C ALA A 21 -11.82 4.16 -8.67
N LEU A 22 -12.46 3.08 -8.22
CA LEU A 22 -12.10 2.41 -6.97
C LEU A 22 -11.05 1.29 -7.18
N ARG A 23 -10.63 1.08 -8.44
CA ARG A 23 -9.62 0.06 -8.76
C ARG A 23 -10.08 -1.36 -8.32
N LYS A 24 -11.39 -1.54 -8.17
CA LYS A 24 -11.96 -2.83 -7.72
C LYS A 24 -12.26 -3.77 -8.91
N THR A 25 -12.35 -3.20 -10.11
CA THR A 25 -12.63 -4.00 -11.31
C THR A 25 -11.34 -4.45 -12.01
N LYS A 26 -11.07 -5.75 -11.96
CA LYS A 26 -9.88 -6.33 -12.58
C LYS A 26 -10.22 -7.02 -13.92
N GLN A 27 -9.26 -7.05 -14.84
CA GLN A 27 -9.50 -7.61 -16.17
C GLN A 27 -8.81 -8.98 -16.37
N ALA A 28 -7.49 -8.98 -16.63
CA ALA A 28 -6.76 -10.22 -16.92
C ALA A 28 -5.38 -10.24 -16.24
N ALA A 29 -4.90 -11.45 -15.94
CA ALA A 29 -3.63 -11.64 -15.19
C ALA A 29 -2.48 -10.78 -15.71
N GLU A 30 -2.40 -10.58 -17.02
CA GLU A 30 -1.32 -9.81 -17.66
C GLU A 30 -1.18 -8.39 -17.07
N LYS A 31 -2.24 -7.88 -16.46
CA LYS A 31 -2.21 -6.52 -15.87
C LYS A 31 -2.84 -6.49 -14.48
N ILE A 32 -3.18 -7.66 -13.94
CA ILE A 32 -3.66 -7.75 -12.56
C ILE A 32 -2.48 -7.96 -11.60
N SER A 33 -1.89 -6.84 -11.13
CA SER A 33 -0.75 -6.89 -10.20
C SER A 33 -1.08 -7.74 -8.97
N ALA A 34 -2.32 -7.63 -8.48
CA ALA A 34 -2.78 -8.39 -7.31
C ALA A 34 -2.38 -9.88 -7.36
N ASP A 35 -2.49 -10.48 -8.56
CA ASP A 35 -2.13 -11.88 -8.76
C ASP A 35 -0.60 -12.03 -8.89
N LYS A 36 0.04 -11.03 -9.48
CA LYS A 36 1.49 -11.05 -9.71
C LYS A 36 2.28 -10.87 -8.39
N ILE A 37 1.69 -10.16 -7.43
CA ILE A 37 2.36 -9.88 -6.14
C ILE A 37 2.84 -11.17 -5.45
N SER A 38 4.15 -11.24 -5.17
CA SER A 38 4.74 -12.41 -4.51
C SER A 38 4.93 -12.20 -3.01
N LYS A 39 4.90 -13.29 -2.26
CA LYS A 39 5.11 -13.28 -0.80
C LYS A 39 6.38 -12.50 -0.41
N GLU A 40 7.52 -12.92 -0.94
CA GLU A 40 8.80 -12.29 -0.64
C GLU A 40 8.89 -10.86 -1.19
N ALA A 41 8.26 -10.62 -2.35
CA ALA A 41 8.25 -9.30 -2.97
C ALA A 41 7.59 -8.27 -2.03
N LEU A 42 6.50 -8.67 -1.40
CA LEU A 42 5.82 -7.83 -0.41
C LEU A 42 6.74 -7.56 0.79
N LEU A 43 7.44 -8.60 1.26
CA LEU A 43 8.39 -8.47 2.36
C LEU A 43 9.50 -7.46 2.05
N GLU A 44 10.07 -7.56 0.84
CA GLU A 44 11.14 -6.64 0.42
C GLU A 44 10.68 -5.17 0.43
N CYS A 45 9.41 -4.95 0.07
CA CYS A 45 8.84 -3.59 0.10
C CYS A 45 8.73 -3.06 1.54
N ALA A 46 8.21 -3.91 2.44
CA ALA A 46 8.10 -3.55 3.86
C ALA A 46 9.47 -3.49 4.55
N ASP A 47 10.40 -4.29 4.04
CA ASP A 47 11.78 -4.34 4.54
C ASP A 47 12.42 -2.94 4.51
N LEU A 48 12.18 -2.21 3.43
CA LEU A 48 12.65 -0.82 3.30
C LEU A 48 12.08 0.08 4.40
N LEU A 49 10.80 -0.10 4.73
CA LEU A 49 10.14 0.72 5.76
C LEU A 49 10.77 0.49 7.15
N SER A 50 11.03 -0.78 7.50
CA SER A 50 11.65 -1.10 8.80
C SER A 50 12.97 -0.35 8.95
N SER A 51 13.79 -0.38 7.90
CA SER A 51 15.07 0.36 7.88
C SER A 51 14.84 1.88 7.87
N ALA A 52 13.93 2.33 7.02
CA ALA A 52 13.67 3.77 6.85
C ALA A 52 13.11 4.43 8.13
N LEU A 53 12.47 3.64 9.00
CA LEU A 53 11.92 4.15 10.26
C LEU A 53 12.96 4.12 11.39
N THR A 54 14.16 3.61 11.10
CA THR A 54 15.26 3.64 12.07
C THR A 54 16.34 4.65 11.65
N GLU A 55 16.71 4.61 10.37
CA GLU A 55 17.68 5.56 9.79
C GLU A 55 17.01 6.91 9.45
N PRO A 56 17.78 8.00 9.30
CA PRO A 56 17.22 9.31 8.89
C PRO A 56 16.76 9.32 7.42
N VAL A 57 15.49 9.63 7.21
CA VAL A 57 14.90 9.75 5.86
C VAL A 57 13.88 10.90 5.81
N PRO A 58 13.56 11.43 4.60
CA PRO A 58 12.54 12.49 4.44
C PRO A 58 11.10 11.96 4.63
N ASN A 59 10.22 12.82 5.13
CA ASN A 59 8.81 12.47 5.32
C ASN A 59 8.15 12.03 4.00
N SER A 60 8.56 12.67 2.90
CA SER A 60 8.03 12.35 1.58
C SER A 60 8.34 10.90 1.19
N GLN A 61 9.60 10.49 1.35
CA GLN A 61 10.02 9.11 1.10
C GLN A 61 9.16 8.11 1.89
N LEU A 62 8.97 8.38 3.18
CA LEU A 62 8.17 7.50 4.05
C LEU A 62 6.76 7.27 3.49
N VAL A 63 6.04 8.36 3.21
CA VAL A 63 4.65 8.26 2.72
C VAL A 63 4.58 7.63 1.32
N ASP A 64 5.45 8.04 0.41
CA ASP A 64 5.41 7.53 -0.96
C ASP A 64 5.88 6.07 -1.04
N THR A 65 6.96 5.74 -0.34
CA THR A 65 7.43 4.35 -0.28
C THR A 65 6.37 3.46 0.37
N GLY A 66 5.60 4.04 1.30
CA GLY A 66 4.47 3.34 1.90
C GLY A 66 3.33 3.11 0.90
N HIS A 67 3.19 4.00 -0.08
CA HIS A 67 2.13 3.87 -1.09
C HIS A 67 2.19 2.51 -1.83
N GLN A 68 3.39 2.08 -2.21
CA GLN A 68 3.54 0.79 -2.90
C GLN A 68 3.19 -0.39 -1.97
N LEU A 69 3.37 -0.20 -0.66
CA LEU A 69 2.93 -1.20 0.32
C LEU A 69 1.42 -1.35 0.28
N LEU A 70 0.70 -0.23 0.22
CA LEU A 70 -0.75 -0.24 0.07
C LEU A 70 -1.18 -0.89 -1.26
N ASP A 71 -0.40 -0.65 -2.31
CA ASP A 71 -0.64 -1.27 -3.62
C ASP A 71 -0.54 -2.81 -3.53
N TYR A 72 0.62 -3.29 -3.05
CA TYR A 72 0.85 -4.71 -2.82
C TYR A 72 -0.20 -5.33 -1.87
N CYS A 73 -0.43 -4.65 -0.74
CA CYS A 73 -1.36 -5.15 0.28
C CYS A 73 -2.81 -5.22 -0.24
N SER A 74 -3.28 -4.13 -0.86
CA SER A 74 -4.67 -4.05 -1.35
C SER A 74 -4.99 -5.20 -2.31
N GLY A 75 -4.02 -5.59 -3.13
CA GLY A 75 -4.21 -6.71 -4.06
C GLY A 75 -3.94 -8.08 -3.42
N TYR A 76 -2.78 -8.22 -2.78
CA TYR A 76 -2.32 -9.52 -2.25
C TYR A 76 -3.23 -10.03 -1.12
N VAL A 77 -3.90 -9.12 -0.41
CA VAL A 77 -4.80 -9.50 0.70
C VAL A 77 -5.85 -10.52 0.25
N ASP A 78 -6.38 -10.34 -0.96
CA ASP A 78 -7.43 -11.22 -1.48
C ASP A 78 -6.84 -12.57 -1.94
N CYS A 79 -5.52 -12.64 -2.04
CA CYS A 79 -4.81 -13.88 -2.39
C CYS A 79 -4.52 -14.74 -1.16
N ILE A 80 -4.68 -14.14 0.02
CA ILE A 80 -4.44 -14.85 1.29
C ILE A 80 -5.57 -15.85 1.60
N PRO A 81 -5.25 -17.16 1.64
CA PRO A 81 -6.25 -18.22 1.89
C PRO A 81 -6.78 -18.21 3.34
N GLN A 82 -5.87 -18.11 4.31
CA GLN A 82 -6.24 -18.04 5.72
C GLN A 82 -6.94 -16.71 6.04
N THR A 83 -8.26 -16.75 6.23
CA THR A 83 -9.04 -15.54 6.51
C THR A 83 -8.60 -14.90 7.83
N ARG A 84 -8.19 -15.73 8.80
CA ARG A 84 -7.62 -15.25 10.05
C ARG A 84 -6.43 -14.30 9.79
N ASN A 85 -5.49 -14.77 8.97
CA ASN A 85 -4.35 -13.95 8.56
C ASN A 85 -4.82 -12.75 7.72
N LYS A 86 -5.73 -13.01 6.79
CA LYS A 86 -6.27 -11.98 5.88
C LYS A 86 -6.93 -10.83 6.66
N PHE A 87 -7.58 -11.15 7.77
CA PHE A 87 -8.20 -10.14 8.63
C PHE A 87 -7.14 -9.31 9.37
N ALA A 88 -6.21 -9.99 10.03
CA ALA A 88 -5.10 -9.32 10.74
C ALA A 88 -4.25 -8.47 9.77
N PHE A 89 -4.15 -8.95 8.53
CA PHE A 89 -3.45 -8.22 7.47
C PHE A 89 -4.19 -6.91 7.15
N ARG A 90 -5.50 -7.02 6.90
CA ARG A 90 -6.34 -5.86 6.58
C ARG A 90 -6.35 -4.81 7.69
N GLU A 91 -6.53 -5.25 8.94
CA GLU A 91 -6.53 -4.30 10.08
C GLU A 91 -5.19 -3.56 10.18
N ALA A 92 -4.09 -4.29 10.10
CA ALA A 92 -2.75 -3.69 10.15
C ALA A 92 -2.53 -2.69 9.00
N VAL A 93 -2.91 -3.09 7.80
CA VAL A 93 -2.83 -2.22 6.62
C VAL A 93 -3.72 -0.97 6.81
N SER A 94 -4.88 -1.15 7.46
CA SER A 94 -5.77 -0.04 7.79
C SER A 94 -5.07 1.00 8.67
N LYS A 95 -4.35 0.52 9.69
CA LYS A 95 -3.55 1.41 10.55
C LYS A 95 -2.41 2.07 9.75
N LEU A 96 -1.80 1.32 8.83
CA LEU A 96 -0.69 1.84 8.03
C LEU A 96 -1.13 3.02 7.15
N GLU A 97 -2.21 2.84 6.37
CA GLU A 97 -2.71 3.89 5.49
C GLU A 97 -3.14 5.14 6.28
N LEU A 98 -3.91 4.93 7.35
CA LEU A 98 -4.37 6.03 8.19
C LEU A 98 -3.19 6.77 8.86
N SER A 99 -2.19 6.01 9.31
CA SER A 99 -1.00 6.60 9.93
C SER A 99 -0.16 7.38 8.90
N LEU A 100 -0.11 6.87 7.66
CA LEU A 100 0.61 7.57 6.58
C LEU A 100 -0.05 8.92 6.24
N GLN A 101 -1.39 8.94 6.17
CA GLN A 101 -2.12 10.17 5.83
C GLN A 101 -2.17 11.17 6.99
N GLU A 102 -2.17 10.69 8.24
CA GLU A 102 -2.09 11.59 9.40
C GLU A 102 -0.67 12.13 9.57
N LEU A 103 0.32 11.31 9.23
CA LEU A 103 1.73 11.72 9.29
C LEU A 103 2.00 12.93 8.39
N GLN A 104 1.68 12.80 7.09
CA GLN A 104 1.97 13.84 6.10
C GLN A 104 1.27 15.19 6.42
N VAL A 105 0.31 15.19 7.34
CA VAL A 105 -0.37 16.42 7.74
C VAL A 105 -0.02 16.85 9.18
N SER A 106 0.59 15.94 9.94
CA SER A 106 0.94 16.20 11.36
C SER A 106 2.44 16.00 11.64
N SER A 107 3.22 15.80 10.58
CA SER A 107 4.67 15.57 10.71
C SER A 107 5.41 16.82 11.18
N ALA A 108 5.30 17.89 10.39
CA ALA A 108 5.99 19.17 10.66
C ALA A 108 7.50 19.05 10.39
N ALA A 109 8.16 18.13 11.09
CA ALA A 109 9.58 17.85 10.88
C ALA A 109 9.82 17.27 9.46
N ALA A 110 10.76 17.88 8.73
CA ALA A 110 11.05 17.48 7.35
C ALA A 110 11.48 15.99 7.23
N GLY A 111 12.44 15.58 8.06
CA GLY A 111 12.91 14.21 8.01
C GLY A 111 13.77 13.83 9.22
N VAL A 112 13.12 13.58 10.36
CA VAL A 112 13.81 13.21 11.59
C VAL A 112 13.34 11.81 12.08
N PRO A 113 14.27 10.83 12.17
CA PRO A 113 13.91 9.45 12.55
C PRO A 113 13.39 9.33 13.99
N GLY A 114 12.16 8.81 14.13
CA GLY A 114 11.56 8.61 15.44
C GLY A 114 11.33 9.89 16.24
N THR A 115 11.04 10.99 15.54
CA THR A 115 10.79 12.28 16.20
C THR A 115 9.33 12.37 16.71
N ASN A 116 8.44 11.56 16.13
CA ASN A 116 7.04 11.51 16.56
C ASN A 116 6.56 10.04 16.68
N PRO A 117 5.58 9.76 17.55
CA PRO A 117 5.03 8.40 17.76
C PRO A 117 4.50 7.77 16.47
N VAL A 118 3.94 8.59 15.57
CA VAL A 118 3.37 8.10 14.31
C VAL A 118 4.40 7.26 13.52
N LEU A 119 5.64 7.73 13.47
CA LEU A 119 6.72 7.00 12.79
C LEU A 119 6.89 5.58 13.35
N ASN A 120 6.90 5.47 14.68
CA ASN A 120 7.02 4.16 15.33
C ASN A 120 5.72 3.34 15.23
N ASN A 121 4.59 4.04 15.11
CA ASN A 121 3.31 3.37 14.84
C ASN A 121 3.30 2.75 13.44
N LEU A 122 3.95 3.43 12.49
CA LEU A 122 4.17 2.86 11.16
C LEU A 122 4.98 1.57 11.27
N LEU A 123 6.03 1.59 12.09
CA LEU A 123 6.83 0.39 12.37
C LEU A 123 5.94 -0.73 12.95
N SER A 124 5.10 -0.39 13.92
CA SER A 124 4.12 -1.33 14.50
C SER A 124 3.26 -1.98 13.40
N CYS A 125 2.75 -1.15 12.50
CA CYS A 125 1.93 -1.62 11.37
C CYS A 125 2.75 -2.54 10.45
N VAL A 126 3.92 -2.08 10.04
CA VAL A 126 4.80 -2.84 9.15
C VAL A 126 5.19 -4.20 9.76
N GLN A 127 5.53 -4.20 11.05
CA GLN A 127 5.87 -5.44 11.77
C GLN A 127 4.72 -6.43 11.72
N GLU A 128 3.49 -5.94 11.95
CA GLU A 128 2.30 -6.80 11.92
C GLU A 128 2.04 -7.34 10.51
N ILE A 129 1.94 -6.43 9.53
CA ILE A 129 1.67 -6.80 8.13
C ILE A 129 2.65 -7.86 7.61
N SER A 130 3.95 -7.54 7.68
CA SER A 130 4.99 -8.45 7.18
C SER A 130 4.97 -9.80 7.91
N ASP A 131 4.71 -9.76 9.22
CA ASP A 131 4.67 -10.98 10.03
C ASP A 131 3.48 -11.89 9.63
N VAL A 132 2.33 -11.27 9.38
CA VAL A 132 1.13 -12.00 8.91
C VAL A 132 1.43 -12.79 7.63
N VAL A 133 2.23 -12.21 6.74
CA VAL A 133 2.62 -12.86 5.48
C VAL A 133 3.60 -14.02 5.73
N GLN A 134 4.06 -14.16 6.97
CA GLN A 134 5.00 -15.23 7.36
C GLN A 134 4.33 -16.28 8.27
N ARG A 135 3.01 -16.22 8.38
CA ARG A 135 2.26 -17.15 9.25
C ARG A 135 1.65 -18.33 8.44
N MET A 1 3.93 3.23 -58.29
CA MET A 1 3.74 2.13 -57.31
C MET A 1 2.32 1.56 -57.34
N GLY A 2 1.32 2.45 -57.26
CA GLY A 2 -0.06 1.98 -57.24
C GLY A 2 -1.08 3.10 -57.42
N HIS A 3 -2.33 2.72 -57.65
CA HIS A 3 -3.42 3.68 -57.87
C HIS A 3 -4.01 4.15 -56.53
N HIS A 4 -3.22 4.92 -55.78
CA HIS A 4 -3.61 5.44 -54.44
C HIS A 4 -3.73 4.35 -53.36
N HIS A 5 -3.79 3.09 -53.79
CA HIS A 5 -3.95 1.95 -52.87
C HIS A 5 -2.65 1.69 -52.09
N HIS A 6 -2.60 2.20 -50.84
CA HIS A 6 -1.40 2.09 -50.01
C HIS A 6 -1.22 0.67 -49.44
N HIS A 7 -0.86 -0.28 -50.29
CA HIS A 7 -0.62 -1.66 -49.86
C HIS A 7 0.88 -1.97 -49.81
N HIS A 8 1.46 -1.88 -48.62
CA HIS A 8 2.87 -2.21 -48.39
C HIS A 8 3.11 -2.62 -46.94
N SER A 9 3.69 -3.80 -46.74
CA SER A 9 3.95 -4.34 -45.40
C SER A 9 5.14 -3.65 -44.72
N HIS A 10 5.17 -3.67 -43.39
CA HIS A 10 6.27 -3.10 -42.61
C HIS A 10 6.51 -3.93 -41.33
N MET A 11 7.77 -4.06 -40.92
CA MET A 11 8.11 -4.83 -39.72
C MET A 11 7.95 -3.99 -38.44
N ALA A 12 8.21 -4.62 -37.29
CA ALA A 12 8.10 -3.95 -35.98
C ALA A 12 6.63 -3.63 -35.63
N ASN A 13 6.40 -3.22 -34.38
CA ASN A 13 5.04 -2.94 -33.91
C ASN A 13 4.96 -1.59 -33.18
N GLY A 14 4.07 -0.72 -33.67
CA GLY A 14 3.76 0.52 -32.95
C GLY A 14 2.76 0.28 -31.84
N ALA A 15 3.22 -0.35 -30.76
CA ALA A 15 2.36 -0.76 -29.65
C ALA A 15 1.69 0.44 -28.97
N ALA A 16 0.44 0.71 -29.35
CA ALA A 16 -0.35 1.79 -28.76
C ALA A 16 -1.39 1.26 -27.77
N GLY A 17 -1.41 1.81 -26.56
CA GLY A 17 -2.34 1.35 -25.53
C GLY A 17 -3.78 1.81 -25.78
N THR A 18 -3.96 2.70 -26.75
CA THR A 18 -5.29 3.24 -27.08
C THR A 18 -6.33 2.15 -27.36
N LYS A 19 -5.89 1.03 -27.93
CA LYS A 19 -6.80 -0.07 -28.30
C LYS A 19 -7.26 -0.88 -27.07
N VAL A 20 -6.69 -0.59 -25.90
CA VAL A 20 -7.07 -1.28 -24.66
C VAL A 20 -8.13 -0.46 -23.89
N ALA A 21 -8.96 0.26 -24.63
CA ALA A 21 -10.00 1.13 -24.04
C ALA A 21 -10.97 0.34 -23.14
N LEU A 22 -11.08 -0.97 -23.37
CA LEU A 22 -11.97 -1.83 -22.57
C LEU A 22 -11.34 -2.20 -21.21
N ARG A 23 -10.22 -1.56 -20.87
CA ARG A 23 -9.54 -1.78 -19.58
C ARG A 23 -10.37 -1.21 -18.43
N LYS A 24 -11.45 -1.92 -18.12
CA LYS A 24 -12.35 -1.54 -17.01
C LYS A 24 -12.22 -2.53 -15.84
N THR A 25 -11.93 -3.79 -16.17
CA THR A 25 -11.82 -4.87 -15.18
C THR A 25 -10.58 -5.74 -15.43
N LYS A 26 -10.31 -6.69 -14.53
CA LYS A 26 -9.18 -7.61 -14.68
C LYS A 26 -9.31 -8.47 -15.95
N GLN A 27 -8.18 -8.93 -16.48
CA GLN A 27 -8.16 -9.79 -17.67
C GLN A 27 -7.36 -11.08 -17.44
N ALA A 28 -6.10 -10.95 -17.02
CA ALA A 28 -5.22 -12.10 -16.79
C ALA A 28 -3.98 -11.70 -16.01
N ALA A 29 -3.51 -12.59 -15.12
CA ALA A 29 -2.36 -12.30 -14.24
C ALA A 29 -1.17 -11.66 -14.98
N GLU A 30 -0.93 -12.07 -16.22
CA GLU A 30 0.20 -11.55 -17.01
C GLU A 30 0.17 -10.02 -17.17
N LYS A 31 -1.02 -9.44 -17.16
CA LYS A 31 -1.19 -7.99 -17.31
C LYS A 31 -1.61 -7.32 -15.99
N ILE A 32 -2.07 -8.12 -15.03
CA ILE A 32 -2.58 -7.60 -13.75
C ILE A 32 -1.47 -7.52 -12.69
N SER A 33 -1.51 -6.50 -11.84
CA SER A 33 -0.56 -6.36 -10.74
C SER A 33 -1.00 -7.16 -9.51
N ALA A 34 -2.29 -7.07 -9.19
CA ALA A 34 -2.86 -7.77 -8.01
C ALA A 34 -2.48 -9.26 -7.97
N ASP A 35 -2.87 -10.00 -9.00
CA ASP A 35 -2.55 -11.44 -9.12
C ASP A 35 -1.03 -11.67 -9.16
N LYS A 36 -0.27 -10.65 -9.53
CA LYS A 36 1.19 -10.76 -9.71
C LYS A 36 1.95 -10.63 -8.38
N ILE A 37 1.34 -10.00 -7.39
CA ILE A 37 2.01 -9.75 -6.10
C ILE A 37 2.40 -11.06 -5.38
N SER A 38 3.67 -11.14 -4.95
CA SER A 38 4.18 -12.34 -4.24
C SER A 38 4.60 -12.00 -2.79
N LYS A 39 4.83 -13.05 -2.00
CA LYS A 39 5.15 -12.90 -0.57
C LYS A 39 6.40 -12.01 -0.33
N GLU A 40 7.55 -12.45 -0.82
CA GLU A 40 8.81 -11.73 -0.57
C GLU A 40 8.82 -10.35 -1.22
N ALA A 41 8.19 -10.22 -2.38
CA ALA A 41 8.06 -8.93 -3.07
C ALA A 41 7.41 -7.88 -2.16
N LEU A 42 6.34 -8.28 -1.48
CA LEU A 42 5.64 -7.39 -0.53
C LEU A 42 6.49 -7.17 0.74
N LEU A 43 7.03 -8.26 1.30
CA LEU A 43 7.82 -8.19 2.53
C LEU A 43 9.04 -7.27 2.38
N GLU A 44 9.75 -7.36 1.26
CA GLU A 44 10.89 -6.47 1.00
C GLU A 44 10.45 -5.00 0.92
N CYS A 45 9.38 -4.74 0.16
CA CYS A 45 8.83 -3.38 0.04
C CYS A 45 8.46 -2.80 1.42
N ALA A 46 7.92 -3.65 2.30
CA ALA A 46 7.59 -3.25 3.66
C ALA A 46 8.86 -3.08 4.53
N ASP A 47 9.79 -4.02 4.39
CA ASP A 47 11.04 -4.00 5.16
C ASP A 47 11.82 -2.69 4.93
N LEU A 48 11.65 -2.11 3.74
CA LEU A 48 12.22 -0.80 3.42
C LEU A 48 11.78 0.28 4.42
N LEU A 49 10.50 0.25 4.80
CA LEU A 49 9.97 1.21 5.78
C LEU A 49 10.59 0.98 7.17
N SER A 50 10.51 -0.26 7.67
CA SER A 50 11.04 -0.60 9.00
C SER A 50 12.53 -0.24 9.11
N SER A 51 13.28 -0.51 8.05
CA SER A 51 14.72 -0.16 8.01
C SER A 51 14.91 1.36 7.97
N ALA A 52 14.17 2.02 7.08
CA ALA A 52 14.30 3.48 6.88
C ALA A 52 13.95 4.29 8.15
N LEU A 53 12.94 3.85 8.89
CA LEU A 53 12.47 4.57 10.08
C LEU A 53 13.56 4.71 11.16
N THR A 54 14.55 3.80 11.14
CA THR A 54 15.63 3.83 12.14
C THR A 54 16.73 4.83 11.76
N GLU A 55 16.78 5.23 10.50
CA GLU A 55 17.78 6.19 10.00
C GLU A 55 17.09 7.48 9.53
N PRO A 56 17.82 8.61 9.44
CA PRO A 56 17.24 9.87 8.95
C PRO A 56 16.73 9.77 7.50
N VAL A 57 15.44 10.01 7.31
CA VAL A 57 14.81 9.94 5.97
C VAL A 57 13.75 11.05 5.80
N PRO A 58 13.45 11.46 4.55
CA PRO A 58 12.43 12.48 4.26
C PRO A 58 10.99 11.94 4.42
N ASN A 59 10.09 12.82 4.86
CA ASN A 59 8.67 12.47 5.01
C ASN A 59 8.08 11.92 3.70
N SER A 60 8.46 12.53 2.58
CA SER A 60 7.97 12.13 1.26
C SER A 60 8.34 10.68 0.94
N GLN A 61 9.62 10.36 1.12
CA GLN A 61 10.13 9.00 0.86
C GLN A 61 9.32 7.96 1.66
N LEU A 62 9.04 8.25 2.92
CA LEU A 62 8.27 7.35 3.77
C LEU A 62 6.84 7.14 3.25
N VAL A 63 6.12 8.23 3.02
CA VAL A 63 4.71 8.16 2.59
C VAL A 63 4.57 7.50 1.20
N ASP A 64 5.40 7.89 0.24
CA ASP A 64 5.36 7.31 -1.09
C ASP A 64 5.80 5.84 -1.12
N THR A 65 6.85 5.50 -0.36
CA THR A 65 7.26 4.10 -0.21
C THR A 65 6.17 3.30 0.52
N GLY A 66 5.36 3.99 1.33
CA GLY A 66 4.20 3.37 1.94
C GLY A 66 3.04 3.16 0.95
N HIS A 67 2.87 4.10 0.02
CA HIS A 67 1.82 4.02 -1.00
C HIS A 67 1.84 2.68 -1.76
N GLN A 68 3.03 2.30 -2.23
CA GLN A 68 3.19 1.04 -2.97
C GLN A 68 2.75 -0.17 -2.13
N LEU A 69 2.97 -0.12 -0.82
CA LEU A 69 2.51 -1.19 0.08
C LEU A 69 0.99 -1.34 0.03
N LEU A 70 0.27 -0.22 -0.07
CA LEU A 70 -1.18 -0.24 -0.22
C LEU A 70 -1.59 -0.97 -1.51
N ASP A 71 -0.88 -0.68 -2.61
CA ASP A 71 -1.14 -1.33 -3.90
C ASP A 71 -0.87 -2.85 -3.82
N TYR A 72 0.34 -3.20 -3.38
CA TYR A 72 0.73 -4.61 -3.22
C TYR A 72 -0.22 -5.35 -2.27
N CYS A 73 -0.42 -4.80 -1.08
CA CYS A 73 -1.31 -5.42 -0.07
C CYS A 73 -2.74 -5.57 -0.58
N SER A 74 -3.22 -4.57 -1.32
CA SER A 74 -4.57 -4.61 -1.92
C SER A 74 -4.77 -5.89 -2.74
N GLY A 75 -3.83 -6.16 -3.64
CA GLY A 75 -3.92 -7.34 -4.49
C GLY A 75 -3.52 -8.63 -3.77
N TYR A 76 -2.55 -8.54 -2.86
CA TYR A 76 -2.03 -9.72 -2.18
C TYR A 76 -3.02 -10.31 -1.16
N VAL A 77 -3.73 -9.44 -0.43
CA VAL A 77 -4.66 -9.89 0.61
C VAL A 77 -5.73 -10.85 0.06
N ASP A 78 -6.23 -10.55 -1.13
CA ASP A 78 -7.23 -11.38 -1.79
C ASP A 78 -6.65 -12.77 -2.15
N CYS A 79 -5.33 -12.85 -2.23
CA CYS A 79 -4.63 -14.08 -2.59
C CYS A 79 -4.12 -14.84 -1.36
N ILE A 80 -4.45 -14.35 -0.16
CA ILE A 80 -4.01 -14.99 1.09
C ILE A 80 -4.92 -16.19 1.46
N PRO A 81 -4.34 -17.40 1.56
CA PRO A 81 -5.11 -18.63 1.88
C PRO A 81 -5.80 -18.59 3.26
N GLN A 82 -5.01 -18.36 4.31
CA GLN A 82 -5.54 -18.37 5.69
C GLN A 82 -6.35 -17.10 5.97
N THR A 83 -7.66 -17.26 6.18
CA THR A 83 -8.54 -16.12 6.49
C THR A 83 -8.11 -15.42 7.78
N ARG A 84 -7.60 -16.19 8.74
CA ARG A 84 -7.05 -15.63 9.99
C ARG A 84 -6.01 -14.55 9.69
N ASN A 85 -5.06 -14.86 8.81
CA ASN A 85 -4.05 -13.90 8.38
C ASN A 85 -4.69 -12.79 7.55
N LYS A 86 -5.56 -13.16 6.62
CA LYS A 86 -6.20 -12.21 5.71
C LYS A 86 -6.96 -11.10 6.46
N PHE A 87 -7.65 -11.46 7.55
CA PHE A 87 -8.36 -10.48 8.37
C PHE A 87 -7.38 -9.54 9.10
N ALA A 88 -6.45 -10.14 9.84
CA ALA A 88 -5.43 -9.39 10.57
C ALA A 88 -4.57 -8.54 9.61
N PHE A 89 -4.44 -9.01 8.38
CA PHE A 89 -3.70 -8.30 7.34
C PHE A 89 -4.47 -7.02 6.91
N ARG A 90 -5.77 -7.16 6.67
CA ARG A 90 -6.60 -6.02 6.28
C ARG A 90 -6.64 -4.93 7.35
N GLU A 91 -6.78 -5.33 8.62
CA GLU A 91 -6.80 -4.35 9.71
C GLU A 91 -5.42 -3.70 9.89
N ALA A 92 -4.36 -4.49 9.67
CA ALA A 92 -2.98 -3.99 9.71
C ALA A 92 -2.73 -2.95 8.60
N VAL A 93 -3.17 -3.25 7.39
CA VAL A 93 -3.05 -2.32 6.26
C VAL A 93 -3.80 -1.01 6.56
N SER A 94 -4.94 -1.11 7.23
CA SER A 94 -5.72 0.07 7.62
C SER A 94 -4.90 0.96 8.57
N LYS A 95 -4.19 0.32 9.50
CA LYS A 95 -3.28 1.02 10.41
C LYS A 95 -2.12 1.67 9.65
N LEU A 96 -1.61 0.98 8.62
CA LEU A 96 -0.50 1.50 7.82
C LEU A 96 -0.89 2.80 7.10
N GLU A 97 -1.99 2.77 6.36
CA GLU A 97 -2.46 3.94 5.60
C GLU A 97 -2.89 5.07 6.55
N LEU A 98 -3.51 4.68 7.66
CA LEU A 98 -3.86 5.63 8.73
C LEU A 98 -2.60 6.37 9.24
N SER A 99 -1.57 5.60 9.55
CA SER A 99 -0.29 6.16 10.03
C SER A 99 0.40 7.02 8.95
N LEU A 100 0.27 6.63 7.69
CA LEU A 100 0.84 7.39 6.57
C LEU A 100 0.18 8.77 6.41
N GLN A 101 -1.15 8.80 6.52
CA GLN A 101 -1.88 10.07 6.35
C GLN A 101 -1.70 11.01 7.56
N GLU A 102 -1.58 10.46 8.76
CA GLU A 102 -1.30 11.28 9.95
C GLU A 102 0.17 11.73 9.98
N LEU A 103 1.07 10.93 9.40
CA LEU A 103 2.49 11.29 9.33
C LEU A 103 2.73 12.54 8.48
N GLN A 104 2.15 12.56 7.28
CA GLN A 104 2.36 13.67 6.34
C GLN A 104 1.81 15.01 6.86
N VAL A 105 0.93 14.97 7.87
CA VAL A 105 0.38 16.19 8.48
C VAL A 105 1.06 16.51 9.83
N SER A 106 1.34 15.47 10.63
CA SER A 106 1.96 15.64 11.96
C SER A 106 3.46 15.36 11.94
N SER A 107 4.06 15.38 10.74
CA SER A 107 5.50 15.10 10.55
C SER A 107 6.40 15.84 11.55
N ALA A 108 6.50 17.17 11.37
CA ALA A 108 7.37 18.01 12.21
C ALA A 108 8.84 17.55 12.16
N ALA A 109 9.19 16.74 11.16
CA ALA A 109 10.53 16.18 11.04
C ALA A 109 11.17 16.50 9.68
N ALA A 110 12.27 17.25 9.69
CA ALA A 110 13.03 17.56 8.47
C ALA A 110 14.04 16.44 8.15
N GLY A 111 13.66 15.20 8.46
CA GLY A 111 14.56 14.06 8.27
C GLY A 111 15.23 13.60 9.57
N VAL A 112 14.43 13.45 10.62
CA VAL A 112 14.94 13.03 11.94
C VAL A 112 14.42 11.63 12.32
N PRO A 113 15.33 10.69 12.63
CA PRO A 113 14.95 9.29 12.93
C PRO A 113 14.18 9.11 14.25
N GLY A 114 13.02 8.43 14.17
CA GLY A 114 12.23 8.09 15.35
C GLY A 114 11.86 9.28 16.25
N THR A 115 11.75 10.48 15.66
CA THR A 115 11.43 11.69 16.45
C THR A 115 9.96 11.75 16.88
N ASN A 116 9.03 11.58 15.93
CA ASN A 116 7.59 11.66 16.25
C ASN A 116 6.99 10.26 16.50
N PRO A 117 5.93 10.17 17.32
CA PRO A 117 5.28 8.89 17.65
C PRO A 117 4.64 8.21 16.42
N VAL A 118 4.35 8.99 15.38
CA VAL A 118 3.75 8.45 14.15
C VAL A 118 4.72 7.49 13.44
N LEU A 119 6.01 7.78 13.53
CA LEU A 119 7.04 6.86 13.02
C LEU A 119 6.97 5.51 13.75
N ASN A 120 6.65 5.57 15.05
CA ASN A 120 6.44 4.35 15.84
C ASN A 120 5.15 3.63 15.41
N ASN A 121 4.10 4.40 15.12
CA ASN A 121 2.85 3.84 14.58
C ASN A 121 3.13 3.08 13.28
N LEU A 122 3.86 3.72 12.35
CA LEU A 122 4.27 3.07 11.11
C LEU A 122 5.13 1.82 11.39
N LEU A 123 6.10 1.94 12.29
CA LEU A 123 6.95 0.80 12.67
C LEU A 123 6.10 -0.40 13.09
N SER A 124 5.15 -0.17 13.99
CA SER A 124 4.21 -1.21 14.43
C SER A 124 3.41 -1.77 13.25
N CYS A 125 2.90 -0.89 12.40
CA CYS A 125 2.08 -1.28 11.25
C CYS A 125 2.86 -2.16 10.26
N VAL A 126 4.06 -1.70 9.89
CA VAL A 126 4.91 -2.44 8.95
C VAL A 126 5.29 -3.83 9.50
N GLN A 127 5.80 -3.87 10.73
CA GLN A 127 6.14 -5.13 11.38
C GLN A 127 4.90 -6.04 11.49
N GLU A 128 3.76 -5.44 11.82
CA GLU A 128 2.49 -6.16 11.89
C GLU A 128 2.16 -6.86 10.57
N ILE A 129 2.16 -6.10 9.48
CA ILE A 129 1.86 -6.63 8.14
C ILE A 129 2.82 -7.77 7.76
N SER A 130 4.13 -7.50 7.86
CA SER A 130 5.15 -8.52 7.54
C SER A 130 4.97 -9.79 8.38
N ASP A 131 4.64 -9.62 9.65
CA ASP A 131 4.40 -10.74 10.57
C ASP A 131 3.20 -11.60 10.12
N VAL A 132 2.06 -10.94 9.91
CA VAL A 132 0.82 -11.63 9.51
C VAL A 132 1.04 -12.53 8.28
N VAL A 133 1.90 -12.10 7.36
CA VAL A 133 2.21 -12.89 6.16
C VAL A 133 3.07 -14.13 6.50
N GLN A 134 3.96 -13.99 7.48
CA GLN A 134 4.91 -15.06 7.84
C GLN A 134 4.23 -16.23 8.58
N ARG A 135 3.12 -15.94 9.27
CA ARG A 135 2.45 -16.95 10.13
C ARG A 135 1.82 -18.10 9.31
N MET A 1 -48.29 4.74 -11.66
CA MET A 1 -47.06 5.49 -11.29
C MET A 1 -45.83 4.98 -12.05
N GLY A 2 -45.04 5.92 -12.60
CA GLY A 2 -43.83 5.57 -13.34
C GLY A 2 -42.86 6.74 -13.43
N HIS A 3 -43.11 7.64 -14.39
CA HIS A 3 -42.36 8.90 -14.50
C HIS A 3 -40.82 8.68 -14.62
N HIS A 4 -40.42 7.50 -15.07
CA HIS A 4 -38.99 7.19 -15.22
C HIS A 4 -38.32 8.12 -16.26
N HIS A 5 -37.08 8.52 -15.97
CA HIS A 5 -36.38 9.52 -16.77
C HIS A 5 -36.22 9.10 -18.25
N HIS A 6 -36.14 7.80 -18.51
CA HIS A 6 -36.10 7.28 -19.88
C HIS A 6 -37.52 7.21 -20.47
N HIS A 7 -37.84 8.15 -21.36
CA HIS A 7 -39.17 8.19 -22.00
C HIS A 7 -39.11 7.66 -23.45
N HIS A 8 -37.93 7.66 -24.04
CA HIS A 8 -37.75 7.24 -25.44
C HIS A 8 -37.37 5.76 -25.53
N SER A 9 -38.30 4.93 -25.99
CA SER A 9 -38.06 3.49 -26.12
C SER A 9 -37.35 3.14 -27.44
N HIS A 10 -36.14 2.62 -27.36
CA HIS A 10 -35.37 2.23 -28.54
C HIS A 10 -34.62 0.90 -28.31
N MET A 11 -34.93 -0.11 -29.12
CA MET A 11 -34.24 -1.41 -29.04
C MET A 11 -32.82 -1.31 -29.62
N ALA A 12 -31.87 -1.96 -28.96
CA ALA A 12 -30.46 -1.92 -29.37
C ALA A 12 -30.00 -3.24 -30.01
N ASN A 13 -28.79 -3.25 -30.54
CA ASN A 13 -28.19 -4.46 -31.12
C ASN A 13 -26.67 -4.47 -30.85
N GLY A 14 -26.11 -5.66 -30.59
CA GLY A 14 -24.71 -5.77 -30.24
C GLY A 14 -24.40 -5.19 -28.85
N ALA A 15 -25.39 -5.22 -27.96
CA ALA A 15 -25.26 -4.67 -26.61
C ALA A 15 -24.85 -5.74 -25.59
N ALA A 16 -24.60 -6.96 -26.07
CA ALA A 16 -24.19 -8.07 -25.22
C ALA A 16 -22.73 -7.96 -24.78
N GLY A 17 -22.51 -7.78 -23.48
CA GLY A 17 -21.15 -7.67 -22.94
C GLY A 17 -21.15 -7.68 -21.41
N THR A 18 -21.85 -8.66 -20.84
CA THR A 18 -22.10 -8.73 -19.39
C THR A 18 -20.82 -8.62 -18.54
N LYS A 19 -19.89 -9.56 -18.69
CA LYS A 19 -18.66 -9.55 -17.88
C LYS A 19 -17.79 -8.31 -18.16
N VAL A 20 -17.81 -7.83 -19.40
CA VAL A 20 -16.96 -6.69 -19.80
C VAL A 20 -17.68 -5.34 -19.60
N ALA A 21 -18.77 -5.37 -18.83
CA ALA A 21 -19.61 -4.18 -18.60
C ALA A 21 -18.80 -2.97 -18.09
N LEU A 22 -18.25 -3.07 -16.88
CA LEU A 22 -17.52 -1.95 -16.27
C LEU A 22 -16.08 -2.34 -15.88
N ARG A 23 -15.58 -3.44 -16.44
CA ARG A 23 -14.18 -3.86 -16.26
C ARG A 23 -13.85 -4.17 -14.78
N LYS A 24 -14.88 -4.45 -13.98
CA LYS A 24 -14.70 -4.64 -12.53
C LYS A 24 -14.31 -6.09 -12.17
N THR A 25 -14.80 -7.05 -12.94
CA THR A 25 -14.46 -8.46 -12.72
C THR A 25 -13.07 -8.78 -13.28
N LYS A 26 -12.53 -9.95 -12.94
CA LYS A 26 -11.20 -10.33 -13.42
C LYS A 26 -11.24 -10.74 -14.89
N GLN A 27 -10.29 -10.23 -15.65
CA GLN A 27 -10.29 -10.34 -17.11
C GLN A 27 -9.24 -11.33 -17.61
N ALA A 28 -8.02 -11.22 -17.10
CA ALA A 28 -6.93 -12.11 -17.51
C ALA A 28 -5.89 -12.27 -16.40
N ALA A 29 -5.65 -13.52 -15.99
CA ALA A 29 -4.72 -13.83 -14.89
C ALA A 29 -3.30 -13.31 -15.16
N GLU A 30 -2.93 -13.22 -16.43
CA GLU A 30 -1.60 -12.74 -16.82
C GLU A 30 -1.45 -11.23 -16.58
N LYS A 31 -2.55 -10.51 -16.54
CA LYS A 31 -2.53 -9.05 -16.39
C LYS A 31 -2.93 -8.60 -14.96
N ILE A 32 -3.58 -9.51 -14.22
CA ILE A 32 -4.00 -9.21 -12.84
C ILE A 32 -2.80 -8.84 -11.94
N SER A 33 -2.79 -7.62 -11.42
CA SER A 33 -1.69 -7.13 -10.58
C SER A 33 -1.50 -7.99 -9.32
N ALA A 34 -2.60 -8.53 -8.80
CA ALA A 34 -2.57 -9.40 -7.61
C ALA A 34 -1.62 -10.61 -7.80
N ASP A 35 -1.56 -11.13 -9.02
CA ASP A 35 -0.71 -12.28 -9.35
C ASP A 35 0.78 -11.91 -9.31
N LYS A 36 1.06 -10.64 -9.64
CA LYS A 36 2.44 -10.11 -9.64
C LYS A 36 2.94 -9.86 -8.21
N ILE A 37 2.01 -9.53 -7.31
CA ILE A 37 2.36 -9.25 -5.91
C ILE A 37 2.79 -10.53 -5.17
N SER A 38 4.09 -10.82 -5.21
CA SER A 38 4.64 -12.03 -4.56
C SER A 38 5.05 -11.77 -3.11
N LYS A 39 5.06 -12.82 -2.28
CA LYS A 39 5.44 -12.70 -0.87
C LYS A 39 6.75 -11.93 -0.68
N GLU A 40 7.84 -12.44 -1.27
CA GLU A 40 9.17 -11.81 -1.12
C GLU A 40 9.14 -10.33 -1.54
N ALA A 41 8.35 -10.00 -2.56
CA ALA A 41 8.21 -8.63 -3.05
C ALA A 41 7.62 -7.72 -1.96
N LEU A 42 6.55 -8.18 -1.32
CA LEU A 42 5.91 -7.43 -0.23
C LEU A 42 6.87 -7.30 0.96
N LEU A 43 7.56 -8.39 1.29
CA LEU A 43 8.54 -8.40 2.39
C LEU A 43 9.65 -7.36 2.17
N GLU A 44 10.27 -7.38 0.99
CA GLU A 44 11.34 -6.43 0.65
C GLU A 44 10.83 -4.97 0.71
N CYS A 45 9.71 -4.70 0.06
CA CYS A 45 9.13 -3.34 0.08
C CYS A 45 8.88 -2.87 1.51
N ALA A 46 8.32 -3.74 2.35
CA ALA A 46 8.08 -3.42 3.76
C ALA A 46 9.40 -3.33 4.55
N ASP A 47 10.37 -4.15 4.18
CA ASP A 47 11.71 -4.13 4.78
C ASP A 47 12.37 -2.74 4.61
N LEU A 48 12.16 -2.14 3.45
CA LEU A 48 12.65 -0.78 3.19
C LEU A 48 12.09 0.23 4.20
N LEU A 49 10.79 0.12 4.48
CA LEU A 49 10.14 0.97 5.51
C LEU A 49 10.76 0.70 6.89
N SER A 50 10.80 -0.58 7.27
CA SER A 50 11.35 -0.98 8.58
C SER A 50 12.78 -0.45 8.79
N SER A 51 13.59 -0.50 7.74
CA SER A 51 14.99 -0.03 7.80
C SER A 51 15.06 1.51 7.76
N ALA A 52 14.32 2.12 6.83
CA ALA A 52 14.35 3.57 6.64
C ALA A 52 13.87 4.34 7.89
N LEU A 53 13.02 3.71 8.70
CA LEU A 53 12.53 4.33 9.93
C LEU A 53 13.61 4.37 11.04
N THR A 54 14.75 3.72 10.81
CA THR A 54 15.88 3.76 11.75
C THR A 54 16.86 4.87 11.38
N GLU A 55 17.28 4.87 10.12
CA GLU A 55 18.16 5.92 9.58
C GLU A 55 17.40 7.24 9.37
N PRO A 56 18.11 8.38 9.27
CA PRO A 56 17.45 9.66 8.95
C PRO A 56 17.04 9.75 7.47
N VAL A 57 15.75 9.95 7.23
CA VAL A 57 15.22 10.10 5.87
C VAL A 57 14.09 11.14 5.83
N PRO A 58 13.83 11.76 4.66
CA PRO A 58 12.69 12.67 4.49
C PRO A 58 11.33 11.97 4.70
N ASN A 59 10.49 12.53 5.57
CA ASN A 59 9.18 11.93 5.87
C ASN A 59 8.35 11.75 4.60
N SER A 60 8.53 12.65 3.63
CA SER A 60 7.87 12.54 2.32
C SER A 60 8.24 11.20 1.64
N GLN A 61 9.51 10.81 1.76
CA GLN A 61 9.99 9.53 1.21
C GLN A 61 9.28 8.35 1.90
N LEU A 62 9.19 8.40 3.22
CA LEU A 62 8.50 7.37 3.99
C LEU A 62 7.05 7.18 3.53
N VAL A 63 6.34 8.29 3.30
CA VAL A 63 4.97 8.25 2.82
C VAL A 63 4.87 7.71 1.38
N ASP A 64 5.77 8.17 0.50
CA ASP A 64 5.77 7.73 -0.90
C ASP A 64 6.12 6.23 -1.03
N THR A 65 7.25 5.84 -0.46
CA THR A 65 7.69 4.44 -0.48
C THR A 65 6.70 3.54 0.29
N GLY A 66 6.11 4.09 1.36
CA GLY A 66 5.13 3.35 2.14
C GLY A 66 3.79 3.21 1.45
N HIS A 67 3.40 4.20 0.65
CA HIS A 67 2.09 4.22 0.00
C HIS A 67 1.91 3.03 -0.95
N GLN A 68 2.98 2.61 -1.63
CA GLN A 68 2.91 1.49 -2.59
C GLN A 68 2.56 0.17 -1.88
N LEU A 69 2.84 0.09 -0.57
CA LEU A 69 2.47 -1.09 0.23
C LEU A 69 0.95 -1.31 0.22
N LEU A 70 0.19 -0.21 0.07
CA LEU A 70 -1.27 -0.31 -0.04
C LEU A 70 -1.67 -1.04 -1.33
N ASP A 71 -1.00 -0.73 -2.44
CA ASP A 71 -1.26 -1.41 -3.71
C ASP A 71 -0.88 -2.90 -3.62
N TYR A 72 0.31 -3.17 -3.06
CA TYR A 72 0.78 -4.55 -2.86
C TYR A 72 -0.17 -5.33 -1.92
N CYS A 73 -0.51 -4.74 -0.79
CA CYS A 73 -1.39 -5.39 0.19
C CYS A 73 -2.80 -5.65 -0.37
N SER A 74 -3.36 -4.65 -1.06
CA SER A 74 -4.70 -4.77 -1.64
C SER A 74 -4.76 -5.85 -2.73
N GLY A 75 -3.62 -6.10 -3.38
CA GLY A 75 -3.53 -7.17 -4.36
C GLY A 75 -3.21 -8.53 -3.73
N TYR A 76 -2.28 -8.54 -2.78
CA TYR A 76 -1.83 -9.78 -2.13
C TYR A 76 -2.98 -10.44 -1.34
N VAL A 77 -3.83 -9.63 -0.72
CA VAL A 77 -4.94 -10.14 0.10
C VAL A 77 -5.90 -11.03 -0.73
N ASP A 78 -5.96 -10.78 -2.04
CA ASP A 78 -6.78 -11.59 -2.95
C ASP A 78 -6.36 -13.07 -2.92
N CYS A 79 -5.06 -13.30 -2.76
CA CYS A 79 -4.50 -14.66 -2.78
C CYS A 79 -4.46 -15.29 -1.37
N ILE A 80 -5.05 -14.64 -0.38
CA ILE A 80 -5.09 -15.18 0.99
C ILE A 80 -6.41 -15.94 1.25
N PRO A 81 -6.37 -17.29 1.26
CA PRO A 81 -7.51 -18.11 1.66
C PRO A 81 -7.66 -18.23 3.19
N GLN A 82 -6.55 -18.03 3.91
CA GLN A 82 -6.58 -18.06 5.39
C GLN A 82 -7.35 -16.85 5.93
N THR A 83 -8.61 -17.06 6.33
CA THR A 83 -9.46 -15.97 6.82
C THR A 83 -8.89 -15.34 8.10
N ARG A 84 -8.34 -16.18 8.99
CA ARG A 84 -7.71 -15.70 10.22
C ARG A 84 -6.61 -14.67 9.93
N ASN A 85 -5.70 -15.03 9.02
CA ASN A 85 -4.64 -14.12 8.58
C ASN A 85 -5.20 -12.92 7.83
N LYS A 86 -6.14 -13.17 6.93
CA LYS A 86 -6.75 -12.11 6.12
C LYS A 86 -7.35 -11.01 7.01
N PHE A 87 -7.99 -11.42 8.10
CA PHE A 87 -8.57 -10.48 9.07
C PHE A 87 -7.48 -9.57 9.66
N ALA A 88 -6.42 -10.19 10.20
CA ALA A 88 -5.28 -9.45 10.77
C ALA A 88 -4.58 -8.59 9.72
N PHE A 89 -4.50 -9.11 8.50
CA PHE A 89 -3.87 -8.41 7.38
C PHE A 89 -4.67 -7.15 7.00
N ARG A 90 -5.99 -7.31 6.85
CA ARG A 90 -6.87 -6.19 6.49
C ARG A 90 -6.90 -5.10 7.58
N GLU A 91 -6.93 -5.52 8.85
CA GLU A 91 -6.96 -4.55 9.96
C GLU A 91 -5.60 -3.85 10.11
N ALA A 92 -4.51 -4.60 9.96
CA ALA A 92 -3.16 -4.03 10.03
C ALA A 92 -2.92 -2.99 8.93
N VAL A 93 -3.30 -3.33 7.70
CA VAL A 93 -3.20 -2.40 6.56
C VAL A 93 -4.01 -1.11 6.83
N SER A 94 -5.14 -1.24 7.52
CA SER A 94 -5.95 -0.08 7.91
C SER A 94 -5.13 0.92 8.75
N LYS A 95 -4.47 0.41 9.79
CA LYS A 95 -3.60 1.26 10.62
C LYS A 95 -2.48 1.90 9.79
N LEU A 96 -1.98 1.17 8.79
CA LEU A 96 -0.92 1.68 7.91
C LEU A 96 -1.40 2.89 7.09
N GLU A 97 -2.52 2.74 6.39
CA GLU A 97 -3.05 3.83 5.54
C GLU A 97 -3.43 5.06 6.38
N LEU A 98 -4.05 4.83 7.55
CA LEU A 98 -4.38 5.93 8.46
C LEU A 98 -3.11 6.65 8.95
N SER A 99 -2.12 5.88 9.40
CA SER A 99 -0.88 6.46 9.94
C SER A 99 -0.04 7.14 8.85
N LEU A 100 -0.16 6.69 7.61
CA LEU A 100 0.52 7.34 6.47
C LEU A 100 -0.10 8.70 6.14
N GLN A 101 -1.43 8.76 6.06
CA GLN A 101 -2.12 10.01 5.70
C GLN A 101 -2.00 11.07 6.80
N GLU A 102 -1.99 10.64 8.06
CA GLU A 102 -1.83 11.57 9.19
C GLU A 102 -0.37 12.05 9.30
N LEU A 103 0.59 11.16 8.99
CA LEU A 103 2.01 11.53 9.05
C LEU A 103 2.35 12.68 8.10
N GLN A 104 2.01 12.52 6.82
CA GLN A 104 2.35 13.51 5.79
C GLN A 104 1.83 14.92 6.13
N VAL A 105 0.71 15.00 6.84
CA VAL A 105 0.13 16.30 7.24
C VAL A 105 0.60 16.73 8.65
N SER A 106 0.94 15.75 9.50
CA SER A 106 1.41 16.03 10.87
C SER A 106 2.93 15.88 10.99
N SER A 107 3.61 15.77 9.86
CA SER A 107 5.08 15.62 9.83
C SER A 107 5.77 16.81 10.48
N ALA A 108 5.48 18.01 9.96
CA ALA A 108 6.04 19.26 10.49
C ALA A 108 7.57 19.31 10.39
N ALA A 109 8.15 18.42 9.59
CA ALA A 109 9.61 18.31 9.45
C ALA A 109 9.99 17.81 8.06
N ALA A 110 11.16 18.23 7.58
CA ALA A 110 11.67 17.80 6.28
C ALA A 110 12.15 16.34 6.30
N GLY A 111 12.51 15.85 7.49
CA GLY A 111 12.96 14.47 7.64
C GLY A 111 13.83 14.25 8.87
N VAL A 112 13.20 14.10 10.03
CA VAL A 112 13.93 13.92 11.30
C VAL A 112 13.66 12.53 11.90
N PRO A 113 14.72 11.75 12.19
CA PRO A 113 14.59 10.38 12.70
C PRO A 113 13.87 10.31 14.07
N GLY A 114 12.76 9.57 14.10
CA GLY A 114 12.00 9.38 15.33
C GLY A 114 11.46 10.67 15.95
N THR A 115 11.26 11.71 15.14
CA THR A 115 10.76 13.00 15.63
C THR A 115 9.31 12.90 16.15
N ASN A 116 8.46 12.18 15.42
CA ASN A 116 7.04 12.06 15.77
C ASN A 116 6.66 10.59 16.02
N PRO A 117 5.87 10.31 17.08
CA PRO A 117 5.44 8.93 17.42
C PRO A 117 4.82 8.17 16.24
N VAL A 118 4.17 8.90 15.33
CA VAL A 118 3.55 8.31 14.14
C VAL A 118 4.54 7.44 13.34
N LEU A 119 5.82 7.83 13.36
CA LEU A 119 6.87 7.06 12.69
C LEU A 119 7.00 5.65 13.29
N ASN A 120 6.92 5.56 14.62
CA ASN A 120 6.98 4.27 15.31
C ASN A 120 5.71 3.46 15.08
N ASN A 121 4.56 4.16 14.99
CA ASN A 121 3.29 3.51 14.70
C ASN A 121 3.30 2.87 13.30
N LEU A 122 3.92 3.56 12.34
CA LEU A 122 4.17 2.98 11.01
C LEU A 122 5.03 1.72 11.13
N LEU A 123 6.15 1.84 11.86
CA LEU A 123 7.05 0.70 12.10
C LEU A 123 6.27 -0.50 12.67
N SER A 124 5.41 -0.22 13.65
CA SER A 124 4.53 -1.26 14.22
C SER A 124 3.65 -1.92 13.15
N CYS A 125 3.00 -1.10 12.33
CA CYS A 125 2.15 -1.60 11.24
C CYS A 125 2.94 -2.47 10.26
N VAL A 126 4.15 -2.01 9.89
CA VAL A 126 5.01 -2.77 8.99
C VAL A 126 5.40 -4.14 9.59
N GLN A 127 5.83 -4.11 10.85
CA GLN A 127 6.18 -5.35 11.58
C GLN A 127 4.95 -6.27 11.72
N GLU A 128 3.78 -5.67 11.85
CA GLU A 128 2.51 -6.42 11.97
C GLU A 128 2.14 -7.11 10.63
N ILE A 129 2.08 -6.33 9.56
CA ILE A 129 1.72 -6.86 8.23
C ILE A 129 2.69 -7.95 7.78
N SER A 130 3.99 -7.66 7.81
CA SER A 130 5.02 -8.64 7.41
C SER A 130 4.88 -9.94 8.22
N ASP A 131 4.61 -9.81 9.52
CA ASP A 131 4.38 -10.96 10.39
C ASP A 131 3.18 -11.79 9.91
N VAL A 132 2.05 -11.11 9.65
CA VAL A 132 0.84 -11.78 9.16
C VAL A 132 1.11 -12.55 7.86
N VAL A 133 1.97 -11.98 7.01
CA VAL A 133 2.38 -12.64 5.76
C VAL A 133 3.22 -13.90 6.03
N GLN A 134 4.04 -13.85 7.09
CA GLN A 134 4.88 -14.99 7.46
C GLN A 134 4.07 -16.17 8.02
N ARG A 135 2.93 -15.86 8.66
CA ARG A 135 2.08 -16.89 9.31
C ARG A 135 1.53 -17.92 8.30
N MET A 1 -6.59 47.05 -24.07
CA MET A 1 -5.38 47.92 -24.10
C MET A 1 -4.17 47.21 -23.50
N GLY A 2 -3.00 47.39 -24.12
CA GLY A 2 -1.78 46.76 -23.63
C GLY A 2 -1.76 45.25 -23.85
N HIS A 3 -2.33 44.51 -22.89
CA HIS A 3 -2.42 43.05 -22.99
C HIS A 3 -3.69 42.64 -23.75
N HIS A 4 -3.53 41.97 -24.88
CA HIS A 4 -4.66 41.56 -25.71
C HIS A 4 -5.38 40.34 -25.12
N HIS A 5 -6.66 40.52 -24.79
CA HIS A 5 -7.48 39.46 -24.19
C HIS A 5 -7.54 38.18 -25.07
N HIS A 6 -6.79 37.15 -24.67
CA HIS A 6 -6.84 35.85 -25.34
C HIS A 6 -6.82 34.70 -24.32
N HIS A 7 -7.95 34.02 -24.18
CA HIS A 7 -8.06 32.89 -23.25
C HIS A 7 -7.14 31.73 -23.66
N HIS A 8 -5.92 31.73 -23.11
CA HIS A 8 -4.92 30.71 -23.44
C HIS A 8 -5.30 29.35 -22.83
N SER A 9 -5.87 28.46 -23.65
CA SER A 9 -6.27 27.12 -23.18
C SER A 9 -5.42 26.01 -23.84
N HIS A 10 -5.38 24.86 -23.18
CA HIS A 10 -4.67 23.68 -23.70
C HIS A 10 -5.55 22.43 -23.61
N MET A 11 -5.82 21.80 -24.76
CA MET A 11 -6.63 20.58 -24.80
C MET A 11 -5.94 19.42 -24.04
N ALA A 12 -6.71 18.68 -23.25
CA ALA A 12 -6.16 17.62 -22.40
C ALA A 12 -6.60 16.21 -22.85
N ASN A 13 -5.71 15.25 -22.70
CA ASN A 13 -5.99 13.84 -23.02
C ASN A 13 -6.68 13.12 -21.85
N GLY A 14 -7.42 12.06 -22.16
CA GLY A 14 -8.13 11.28 -21.13
C GLY A 14 -9.27 12.06 -20.50
N ALA A 15 -10.00 12.81 -21.32
CA ALA A 15 -11.09 13.68 -20.84
C ALA A 15 -12.20 12.88 -20.15
N ALA A 16 -12.66 11.80 -20.78
CA ALA A 16 -13.74 10.98 -20.24
C ALA A 16 -13.38 9.48 -20.26
N GLY A 17 -13.47 8.83 -19.10
CA GLY A 17 -13.15 7.41 -19.00
C GLY A 17 -14.32 6.49 -19.36
N THR A 18 -15.13 6.90 -20.33
CA THR A 18 -16.31 6.14 -20.76
C THR A 18 -15.94 4.71 -21.23
N LYS A 19 -14.73 4.57 -21.77
CA LYS A 19 -14.22 3.27 -22.22
C LYS A 19 -14.03 2.29 -21.05
N VAL A 20 -13.82 2.82 -19.84
CA VAL A 20 -13.64 1.99 -18.64
C VAL A 20 -14.84 2.09 -17.69
N ALA A 21 -15.85 1.27 -17.94
CA ALA A 21 -17.06 1.23 -17.08
C ALA A 21 -17.53 -0.22 -16.88
N LEU A 22 -17.65 -0.96 -17.97
CA LEU A 22 -18.02 -2.38 -17.90
C LEU A 22 -16.80 -3.25 -17.56
N ARG A 23 -15.65 -2.91 -18.14
CA ARG A 23 -14.42 -3.68 -17.97
C ARG A 23 -13.70 -3.34 -16.64
N LYS A 24 -14.42 -3.46 -15.53
CA LYS A 24 -13.84 -3.26 -14.19
C LYS A 24 -13.34 -4.59 -13.61
N THR A 25 -14.11 -5.66 -13.84
CA THR A 25 -13.72 -7.00 -13.39
C THR A 25 -12.51 -7.52 -14.19
N LYS A 26 -11.84 -8.54 -13.66
CA LYS A 26 -10.58 -9.01 -14.24
C LYS A 26 -10.79 -10.12 -15.29
N GLN A 27 -9.82 -10.24 -16.20
CA GLN A 27 -9.93 -11.18 -17.33
C GLN A 27 -8.80 -12.23 -17.34
N ALA A 28 -7.58 -11.82 -17.00
CA ALA A 28 -6.44 -12.74 -17.01
C ALA A 28 -5.40 -12.39 -15.94
N ALA A 29 -5.01 -13.39 -15.14
CA ALA A 29 -4.02 -13.21 -14.07
C ALA A 29 -2.69 -12.66 -14.62
N GLU A 30 -2.35 -13.03 -15.86
CA GLU A 30 -1.13 -12.57 -16.52
C GLU A 30 -1.08 -11.03 -16.65
N LYS A 31 -2.25 -10.38 -16.57
CA LYS A 31 -2.33 -8.91 -16.63
C LYS A 31 -2.53 -8.32 -15.22
N ILE A 32 -3.28 -9.04 -14.38
CA ILE A 32 -3.63 -8.56 -13.04
C ILE A 32 -2.39 -8.29 -12.16
N SER A 33 -2.11 -7.01 -11.91
CA SER A 33 -1.00 -6.62 -11.02
C SER A 33 -1.15 -7.24 -9.63
N ALA A 34 -2.40 -7.33 -9.17
CA ALA A 34 -2.72 -7.93 -7.87
C ALA A 34 -2.26 -9.40 -7.77
N ASP A 35 -2.20 -10.09 -8.92
CA ASP A 35 -1.73 -11.49 -8.97
C ASP A 35 -0.21 -11.55 -9.10
N LYS A 36 0.37 -10.48 -9.68
CA LYS A 36 1.82 -10.34 -9.80
C LYS A 36 2.47 -10.16 -8.42
N ILE A 37 1.71 -9.58 -7.49
CA ILE A 37 2.19 -9.33 -6.12
C ILE A 37 2.60 -10.64 -5.43
N SER A 38 3.88 -10.98 -5.48
CA SER A 38 4.40 -12.20 -4.85
C SER A 38 4.76 -11.96 -3.37
N LYS A 39 4.84 -13.03 -2.59
CA LYS A 39 5.15 -12.94 -1.15
C LYS A 39 6.48 -12.20 -0.91
N GLU A 40 7.54 -12.67 -1.56
CA GLU A 40 8.86 -12.01 -1.47
C GLU A 40 8.77 -10.53 -1.89
N ALA A 41 7.99 -10.25 -2.94
CA ALA A 41 7.85 -8.89 -3.46
C ALA A 41 7.31 -7.91 -2.40
N LEU A 42 6.32 -8.37 -1.64
CA LEU A 42 5.75 -7.54 -0.57
C LEU A 42 6.73 -7.41 0.61
N LEU A 43 7.30 -8.53 1.03
CA LEU A 43 8.22 -8.55 2.18
C LEU A 43 9.46 -7.68 1.96
N GLU A 44 10.08 -7.79 0.78
CA GLU A 44 11.28 -7.01 0.46
C GLU A 44 11.00 -5.51 0.43
N CYS A 45 9.80 -5.15 -0.06
CA CYS A 45 9.37 -3.73 -0.07
C CYS A 45 9.02 -3.24 1.33
N ALA A 46 8.42 -4.12 2.13
CA ALA A 46 8.03 -3.79 3.51
C ALA A 46 9.25 -3.51 4.40
N ASP A 47 10.30 -4.31 4.23
CA ASP A 47 11.53 -4.15 5.03
C ASP A 47 12.17 -2.77 4.79
N LEU A 48 11.98 -2.23 3.60
CA LEU A 48 12.45 -0.87 3.28
C LEU A 48 11.90 0.15 4.28
N LEU A 49 10.65 -0.03 4.69
CA LEU A 49 10.01 0.87 5.66
C LEU A 49 10.62 0.70 7.06
N SER A 50 10.78 -0.55 7.50
CA SER A 50 11.35 -0.82 8.83
C SER A 50 12.78 -0.29 8.94
N SER A 51 13.55 -0.44 7.87
CA SER A 51 14.91 0.12 7.82
C SER A 51 14.88 1.66 7.76
N ALA A 52 14.07 2.20 6.86
CA ALA A 52 14.00 3.66 6.66
C ALA A 52 13.53 4.39 7.93
N LEU A 53 12.56 3.83 8.63
CA LEU A 53 12.02 4.44 9.86
C LEU A 53 13.05 4.43 11.02
N THR A 54 14.01 3.50 10.96
CA THR A 54 15.04 3.40 12.01
C THR A 54 16.30 4.19 11.64
N GLU A 55 16.33 4.77 10.44
CA GLU A 55 17.43 5.64 10.00
C GLU A 55 16.89 7.03 9.61
N PRO A 56 17.74 8.06 9.42
CA PRO A 56 17.26 9.37 8.98
C PRO A 56 16.89 9.39 7.49
N VAL A 57 15.63 9.69 7.20
CA VAL A 57 15.13 9.80 5.81
C VAL A 57 14.07 10.93 5.70
N PRO A 58 13.89 11.51 4.49
CA PRO A 58 12.83 12.52 4.27
C PRO A 58 11.41 11.94 4.44
N ASN A 59 10.55 12.68 5.14
CA ASN A 59 9.19 12.22 5.44
C ASN A 59 8.38 11.89 4.15
N SER A 60 8.58 12.69 3.11
CA SER A 60 7.92 12.46 1.81
C SER A 60 8.28 11.07 1.25
N GLN A 61 9.52 10.66 1.46
CA GLN A 61 9.99 9.34 1.03
C GLN A 61 9.26 8.23 1.81
N LEU A 62 9.16 8.39 3.12
CA LEU A 62 8.44 7.44 3.97
C LEU A 62 6.98 7.25 3.53
N VAL A 63 6.26 8.37 3.35
CA VAL A 63 4.86 8.33 2.95
C VAL A 63 4.67 7.65 1.58
N ASP A 64 5.53 8.00 0.63
CA ASP A 64 5.44 7.45 -0.73
C ASP A 64 5.84 5.97 -0.76
N THR A 65 6.95 5.64 -0.09
CA THR A 65 7.42 4.25 0.03
C THR A 65 6.39 3.39 0.77
N GLY A 66 5.65 4.01 1.69
CA GLY A 66 4.54 3.32 2.35
C GLY A 66 3.32 3.19 1.45
N HIS A 67 3.07 4.21 0.62
CA HIS A 67 1.92 4.22 -0.30
C HIS A 67 1.91 3.00 -1.22
N GLN A 68 3.08 2.63 -1.75
CA GLN A 68 3.19 1.46 -2.64
C GLN A 68 2.75 0.17 -1.93
N LEU A 69 3.03 0.08 -0.61
CA LEU A 69 2.63 -1.07 0.18
C LEU A 69 1.11 -1.27 0.17
N LEU A 70 0.36 -0.17 0.01
CA LEU A 70 -1.10 -0.26 -0.14
C LEU A 70 -1.47 -0.99 -1.43
N ASP A 71 -0.70 -0.76 -2.50
CA ASP A 71 -0.92 -1.43 -3.78
C ASP A 71 -0.61 -2.94 -3.66
N TYR A 72 0.59 -3.25 -3.15
CA TYR A 72 1.00 -4.63 -2.89
C TYR A 72 -0.02 -5.35 -2.00
N CYS A 73 -0.34 -4.74 -0.86
CA CYS A 73 -1.31 -5.30 0.09
C CYS A 73 -2.70 -5.46 -0.53
N SER A 74 -3.14 -4.46 -1.29
CA SER A 74 -4.45 -4.48 -1.95
C SER A 74 -4.62 -5.74 -2.81
N GLY A 75 -3.53 -6.20 -3.40
CA GLY A 75 -3.56 -7.44 -4.18
C GLY A 75 -3.32 -8.68 -3.33
N TYR A 76 -2.25 -8.67 -2.53
CA TYR A 76 -1.84 -9.85 -1.75
C TYR A 76 -2.93 -10.30 -0.76
N VAL A 77 -3.66 -9.34 -0.16
CA VAL A 77 -4.72 -9.66 0.80
C VAL A 77 -5.79 -10.58 0.17
N ASP A 78 -6.04 -10.38 -1.12
CA ASP A 78 -7.05 -11.18 -1.83
C ASP A 78 -6.49 -12.57 -2.19
N CYS A 79 -5.16 -12.67 -2.23
CA CYS A 79 -4.48 -13.93 -2.51
C CYS A 79 -4.40 -14.85 -1.28
N ILE A 80 -4.55 -14.26 -0.09
CA ILE A 80 -4.51 -15.02 1.17
C ILE A 80 -5.70 -16.00 1.28
N PRO A 81 -5.44 -17.32 1.32
CA PRO A 81 -6.49 -18.35 1.43
C PRO A 81 -7.09 -18.46 2.84
N GLN A 82 -6.38 -17.95 3.84
CA GLN A 82 -6.83 -18.03 5.24
C GLN A 82 -7.44 -16.70 5.71
N THR A 83 -8.74 -16.70 6.00
CA THR A 83 -9.45 -15.49 6.45
C THR A 83 -8.87 -14.96 7.77
N ARG A 84 -8.41 -15.85 8.64
CA ARG A 84 -7.75 -15.46 9.89
C ARG A 84 -6.57 -14.50 9.61
N ASN A 85 -5.69 -14.93 8.71
CA ASN A 85 -4.55 -14.10 8.28
C ASN A 85 -5.05 -12.89 7.46
N LYS A 86 -6.06 -13.11 6.63
CA LYS A 86 -6.59 -12.08 5.73
C LYS A 86 -7.16 -10.87 6.49
N PHE A 87 -7.95 -11.13 7.53
CA PHE A 87 -8.52 -10.05 8.33
C PHE A 87 -7.44 -9.36 9.18
N ALA A 88 -6.52 -10.15 9.74
CA ALA A 88 -5.38 -9.60 10.47
C ALA A 88 -4.51 -8.73 9.55
N PHE A 89 -4.42 -9.13 8.28
CA PHE A 89 -3.72 -8.38 7.25
C PHE A 89 -4.50 -7.11 6.91
N ARG A 90 -5.82 -7.23 6.78
CA ARG A 90 -6.71 -6.09 6.53
C ARG A 90 -6.55 -5.00 7.60
N GLU A 91 -6.69 -5.38 8.87
CA GLU A 91 -6.54 -4.41 9.96
C GLU A 91 -5.13 -3.82 10.01
N ALA A 92 -4.12 -4.67 9.78
CA ALA A 92 -2.72 -4.22 9.73
C ALA A 92 -2.52 -3.15 8.64
N VAL A 93 -3.08 -3.40 7.46
CA VAL A 93 -3.05 -2.43 6.36
C VAL A 93 -3.87 -1.17 6.71
N SER A 94 -5.01 -1.38 7.36
CA SER A 94 -5.87 -0.28 7.81
C SER A 94 -5.14 0.62 8.81
N LYS A 95 -4.24 0.01 9.58
CA LYS A 95 -3.36 0.77 10.48
C LYS A 95 -2.31 1.56 9.68
N LEU A 96 -1.70 0.90 8.70
CA LEU A 96 -0.64 1.51 7.88
C LEU A 96 -1.13 2.77 7.16
N GLU A 97 -2.25 2.68 6.45
CA GLU A 97 -2.78 3.81 5.67
C GLU A 97 -3.14 5.00 6.58
N LEU A 98 -3.78 4.72 7.71
CA LEU A 98 -4.10 5.77 8.68
C LEU A 98 -2.84 6.45 9.22
N SER A 99 -1.86 5.66 9.66
CA SER A 99 -0.59 6.20 10.16
C SER A 99 0.16 6.98 9.05
N LEU A 100 -0.07 6.60 7.79
CA LEU A 100 0.51 7.34 6.65
C LEU A 100 -0.16 8.71 6.45
N GLN A 101 -1.50 8.74 6.49
CA GLN A 101 -2.25 9.98 6.23
C GLN A 101 -2.16 10.97 7.40
N GLU A 102 -2.06 10.46 8.64
CA GLU A 102 -1.89 11.35 9.80
C GLU A 102 -0.46 11.91 9.85
N LEU A 103 0.51 11.14 9.35
CA LEU A 103 1.91 11.58 9.32
C LEU A 103 2.11 12.76 8.35
N GLN A 104 1.71 12.58 7.09
CA GLN A 104 1.94 13.60 6.05
C GLN A 104 1.41 15.00 6.46
N VAL A 105 0.30 15.04 7.17
CA VAL A 105 -0.27 16.31 7.63
C VAL A 105 0.41 16.81 8.93
N SER A 106 1.03 15.89 9.68
CA SER A 106 1.67 16.22 10.96
C SER A 106 3.20 16.12 10.90
N SER A 107 3.75 16.04 9.68
CA SER A 107 5.20 15.90 9.48
C SER A 107 5.99 17.10 10.01
N ALA A 108 5.84 18.24 9.33
CA ALA A 108 6.52 19.51 9.71
C ALA A 108 8.03 19.50 9.42
N ALA A 109 8.71 18.40 9.77
CA ALA A 109 10.16 18.27 9.54
C ALA A 109 10.47 17.82 8.10
N ALA A 110 11.75 17.87 7.74
CA ALA A 110 12.20 17.39 6.43
C ALA A 110 12.59 15.90 6.50
N GLY A 111 13.58 15.59 7.34
CA GLY A 111 14.03 14.20 7.47
C GLY A 111 14.72 13.91 8.81
N VAL A 112 14.10 14.34 9.90
CA VAL A 112 14.65 14.10 11.24
C VAL A 112 14.23 12.72 11.78
N PRO A 113 15.20 11.85 12.12
CA PRO A 113 14.92 10.48 12.58
C PRO A 113 14.08 10.43 13.87
N GLY A 114 12.93 9.77 13.81
CA GLY A 114 12.06 9.65 14.98
C GLY A 114 11.53 11.00 15.49
N THR A 115 11.42 11.99 14.61
CA THR A 115 10.94 13.32 15.01
C THR A 115 9.49 13.29 15.51
N ASN A 116 8.67 12.39 14.96
CA ASN A 116 7.25 12.30 15.31
C ASN A 116 6.89 10.87 15.72
N PRO A 117 6.12 10.68 16.82
CA PRO A 117 5.69 9.35 17.29
C PRO A 117 4.99 8.52 16.19
N VAL A 118 4.37 9.22 15.24
CA VAL A 118 3.67 8.56 14.12
C VAL A 118 4.62 7.65 13.32
N LEU A 119 5.91 7.98 13.31
CA LEU A 119 6.92 7.15 12.64
C LEU A 119 7.00 5.77 13.30
N ASN A 120 6.84 5.73 14.61
CA ASN A 120 6.81 4.47 15.37
C ASN A 120 5.50 3.72 15.08
N ASN A 121 4.41 4.46 14.86
CA ASN A 121 3.13 3.86 14.46
C ASN A 121 3.28 3.15 13.10
N LEU A 122 3.90 3.82 12.14
CA LEU A 122 4.23 3.19 10.85
C LEU A 122 5.09 1.94 11.06
N LEU A 123 6.15 2.08 11.84
CA LEU A 123 7.04 0.95 12.16
C LEU A 123 6.24 -0.23 12.73
N SER A 124 5.39 0.04 13.71
CA SER A 124 4.54 -0.98 14.33
C SER A 124 3.57 -1.61 13.31
N CYS A 125 3.03 -0.78 12.41
CA CYS A 125 2.16 -1.27 11.33
C CYS A 125 2.90 -2.23 10.40
N VAL A 126 4.09 -1.81 9.94
CA VAL A 126 4.91 -2.62 9.03
C VAL A 126 5.35 -3.93 9.68
N GLN A 127 5.83 -3.87 10.92
CA GLN A 127 6.23 -5.06 11.66
C GLN A 127 5.06 -6.04 11.79
N GLU A 128 3.86 -5.51 11.98
CA GLU A 128 2.64 -6.33 12.05
C GLU A 128 2.34 -6.99 10.69
N ILE A 129 2.27 -6.18 9.63
CA ILE A 129 1.96 -6.69 8.28
C ILE A 129 2.92 -7.82 7.86
N SER A 130 4.22 -7.54 7.90
CA SER A 130 5.23 -8.53 7.52
C SER A 130 5.14 -9.80 8.39
N ASP A 131 4.77 -9.61 9.66
CA ASP A 131 4.59 -10.73 10.59
C ASP A 131 3.30 -11.52 10.29
N VAL A 132 2.25 -10.83 9.83
CA VAL A 132 0.99 -11.48 9.45
C VAL A 132 1.19 -12.41 8.25
N VAL A 133 2.09 -12.03 7.35
CA VAL A 133 2.45 -12.86 6.19
C VAL A 133 3.16 -14.16 6.64
N GLN A 134 3.59 -14.20 7.90
CA GLN A 134 4.34 -15.35 8.45
C GLN A 134 3.45 -16.23 9.35
N ARG A 135 2.16 -15.93 9.42
CA ARG A 135 1.22 -16.70 10.27
C ARG A 135 0.94 -18.11 9.68
N MET A 1 -59.60 20.38 -10.44
CA MET A 1 -59.18 18.96 -10.51
C MET A 1 -57.64 18.82 -10.48
N GLY A 2 -56.96 19.86 -9.99
CA GLY A 2 -55.50 19.86 -9.95
C GLY A 2 -54.93 19.07 -8.77
N HIS A 3 -55.06 17.75 -8.81
CA HIS A 3 -54.49 16.88 -7.76
C HIS A 3 -53.64 15.74 -8.35
N HIS A 4 -53.39 15.78 -9.66
CA HIS A 4 -52.65 14.71 -10.35
C HIS A 4 -52.29 15.09 -11.79
N HIS A 5 -51.10 14.67 -12.23
CA HIS A 5 -50.66 14.89 -13.61
C HIS A 5 -50.37 13.56 -14.33
N HIS A 6 -50.76 13.45 -15.59
CA HIS A 6 -50.62 12.20 -16.34
C HIS A 6 -49.15 11.87 -16.62
N HIS A 7 -48.64 10.80 -16.00
CA HIS A 7 -47.23 10.41 -16.11
C HIS A 7 -46.85 9.96 -17.53
N HIS A 8 -45.82 10.58 -18.08
CA HIS A 8 -45.22 10.16 -19.35
C HIS A 8 -43.77 9.68 -19.13
N SER A 9 -43.51 8.42 -19.45
CA SER A 9 -42.18 7.83 -19.22
C SER A 9 -41.16 8.25 -20.29
N HIS A 10 -39.87 8.17 -19.95
CA HIS A 10 -38.80 8.49 -20.90
C HIS A 10 -37.77 7.35 -20.96
N MET A 11 -37.05 7.25 -22.08
CA MET A 11 -36.03 6.21 -22.28
C MET A 11 -34.80 6.43 -21.39
N ALA A 12 -34.11 5.33 -21.07
CA ALA A 12 -32.88 5.39 -20.27
C ALA A 12 -31.63 5.38 -21.18
N ASN A 13 -30.44 5.35 -20.57
CA ASN A 13 -29.18 5.32 -21.33
C ASN A 13 -28.07 4.57 -20.58
N GLY A 14 -26.93 4.35 -21.25
CA GLY A 14 -25.81 3.65 -20.63
C GLY A 14 -24.88 2.99 -21.63
N ALA A 15 -24.09 2.01 -21.16
CA ALA A 15 -23.14 1.29 -22.01
C ALA A 15 -22.64 0.01 -21.33
N ALA A 16 -22.23 -0.98 -22.12
CA ALA A 16 -21.78 -2.27 -21.58
C ALA A 16 -20.41 -2.18 -20.88
N GLY A 17 -19.87 -0.97 -20.82
CA GLY A 17 -18.61 -0.73 -20.11
C GLY A 17 -18.80 -0.61 -18.60
N THR A 18 -20.05 -0.56 -18.17
CA THR A 18 -20.40 -0.43 -16.74
C THR A 18 -20.09 -1.72 -15.96
N LYS A 19 -19.81 -2.81 -16.69
CA LYS A 19 -19.54 -4.12 -16.07
C LYS A 19 -18.34 -4.10 -15.09
N VAL A 20 -17.46 -3.10 -15.22
CA VAL A 20 -16.28 -2.98 -14.34
C VAL A 20 -16.33 -1.69 -13.50
N ALA A 21 -17.52 -1.06 -13.46
CA ALA A 21 -17.69 0.25 -12.82
C ALA A 21 -17.15 0.31 -11.38
N LEU A 22 -17.52 -0.69 -10.56
CA LEU A 22 -17.11 -0.71 -9.15
C LEU A 22 -15.97 -1.71 -8.87
N ARG A 23 -15.46 -2.34 -9.94
CA ARG A 23 -14.38 -3.34 -9.84
C ARG A 23 -14.76 -4.53 -8.92
N LYS A 24 -15.20 -5.64 -9.50
CA LYS A 24 -15.57 -6.84 -8.72
C LYS A 24 -14.76 -8.08 -9.13
N THR A 25 -15.07 -8.64 -10.30
CA THR A 25 -14.40 -9.85 -10.78
C THR A 25 -13.11 -9.53 -11.55
N LYS A 26 -12.25 -10.53 -11.73
CA LYS A 26 -11.02 -10.36 -12.51
C LYS A 26 -11.31 -10.19 -14.00
N GLN A 27 -10.53 -9.35 -14.67
CA GLN A 27 -10.77 -9.02 -16.08
C GLN A 27 -9.87 -9.81 -17.04
N ALA A 28 -8.56 -9.82 -16.76
CA ALA A 28 -7.58 -10.55 -17.57
C ALA A 28 -6.24 -10.66 -16.85
N ALA A 29 -5.69 -11.87 -16.76
CA ALA A 29 -4.44 -12.12 -16.03
C ALA A 29 -3.29 -11.18 -16.46
N GLU A 30 -3.30 -10.78 -17.73
CA GLU A 30 -2.31 -9.83 -18.26
C GLU A 30 -2.43 -8.46 -17.58
N LYS A 31 -3.67 -8.11 -17.23
CA LYS A 31 -3.99 -6.78 -16.68
C LYS A 31 -4.08 -6.81 -15.13
N ILE A 32 -4.15 -8.02 -14.55
CA ILE A 32 -4.31 -8.16 -13.10
C ILE A 32 -2.96 -7.94 -12.36
N SER A 33 -3.00 -7.08 -11.35
CA SER A 33 -1.82 -6.85 -10.50
C SER A 33 -1.88 -7.73 -9.23
N ALA A 34 -3.10 -8.03 -8.78
CA ALA A 34 -3.32 -8.81 -7.56
C ALA A 34 -2.57 -10.16 -7.58
N ASP A 35 -2.87 -11.01 -8.56
CA ASP A 35 -2.22 -12.32 -8.68
C ASP A 35 -0.73 -12.20 -9.01
N LYS A 36 -0.29 -10.98 -9.35
CA LYS A 36 1.13 -10.71 -9.64
C LYS A 36 1.91 -10.38 -8.35
N ILE A 37 1.20 -9.96 -7.30
CA ILE A 37 1.83 -9.61 -6.03
C ILE A 37 2.29 -10.86 -5.27
N SER A 38 3.60 -11.14 -5.32
CA SER A 38 4.17 -12.29 -4.62
C SER A 38 4.46 -11.95 -3.15
N LYS A 39 4.46 -12.96 -2.29
CA LYS A 39 4.77 -12.80 -0.86
C LYS A 39 6.14 -12.13 -0.67
N GLU A 40 7.16 -12.69 -1.33
CA GLU A 40 8.51 -12.13 -1.30
C GLU A 40 8.53 -10.63 -1.63
N ALA A 41 7.91 -10.25 -2.73
CA ALA A 41 7.90 -8.86 -3.20
C ALA A 41 7.34 -7.90 -2.14
N LEU A 42 6.28 -8.31 -1.46
CA LEU A 42 5.66 -7.50 -0.41
C LEU A 42 6.62 -7.34 0.79
N LEU A 43 7.22 -8.46 1.21
CA LEU A 43 8.18 -8.44 2.32
C LEU A 43 9.39 -7.54 2.01
N GLU A 44 9.88 -7.60 0.78
CA GLU A 44 10.99 -6.74 0.32
C GLU A 44 10.64 -5.25 0.46
N CYS A 45 9.44 -4.88 -0.03
CA CYS A 45 8.98 -3.48 0.05
C CYS A 45 8.83 -3.01 1.50
N ALA A 46 8.12 -3.80 2.31
CA ALA A 46 7.87 -3.47 3.72
C ALA A 46 9.18 -3.35 4.52
N ASP A 47 10.14 -4.22 4.19
CA ASP A 47 11.45 -4.23 4.87
C ASP A 47 12.14 -2.86 4.79
N LEU A 48 11.98 -2.19 3.64
CA LEU A 48 12.55 -0.85 3.44
C LEU A 48 12.02 0.15 4.48
N LEU A 49 10.72 0.11 4.76
CA LEU A 49 10.10 1.03 5.71
C LEU A 49 10.66 0.85 7.13
N SER A 50 10.61 -0.39 7.64
CA SER A 50 11.09 -0.69 8.99
C SER A 50 12.58 -0.33 9.14
N SER A 51 13.38 -0.73 8.15
CA SER A 51 14.83 -0.43 8.16
C SER A 51 15.11 1.07 8.01
N ALA A 52 14.27 1.78 7.25
CA ALA A 52 14.45 3.23 7.04
C ALA A 52 14.15 4.04 8.31
N LEU A 53 13.17 3.58 9.08
CA LEU A 53 12.76 4.30 10.31
C LEU A 53 13.87 4.35 11.38
N THR A 54 14.92 3.55 11.20
CA THR A 54 16.05 3.53 12.15
C THR A 54 17.10 4.60 11.83
N GLU A 55 16.87 5.34 10.74
CA GLU A 55 17.76 6.45 10.34
C GLU A 55 16.93 7.69 9.98
N PRO A 56 17.53 8.90 10.01
CA PRO A 56 16.82 10.12 9.60
C PRO A 56 16.41 10.08 8.11
N VAL A 57 15.12 10.22 7.84
CA VAL A 57 14.59 10.18 6.47
C VAL A 57 13.47 11.21 6.27
N PRO A 58 13.38 11.82 5.08
CA PRO A 58 12.34 12.81 4.77
C PRO A 58 10.92 12.22 4.77
N ASN A 59 9.98 12.96 5.35
CA ASN A 59 8.57 12.54 5.45
C ASN A 59 8.01 12.03 4.11
N SER A 60 8.24 12.80 3.05
CA SER A 60 7.75 12.42 1.71
C SER A 60 8.30 11.06 1.27
N GLN A 61 9.55 10.77 1.61
CA GLN A 61 10.19 9.48 1.27
C GLN A 61 9.43 8.31 1.94
N LEU A 62 9.11 8.48 3.21
CA LEU A 62 8.35 7.47 3.96
C LEU A 62 6.96 7.24 3.35
N VAL A 63 6.24 8.33 3.11
CA VAL A 63 4.88 8.25 2.54
C VAL A 63 4.90 7.64 1.13
N ASP A 64 5.87 8.07 0.31
CA ASP A 64 6.00 7.55 -1.06
C ASP A 64 6.35 6.05 -1.07
N THR A 65 7.41 5.68 -0.34
CA THR A 65 7.85 4.29 -0.26
C THR A 65 6.77 3.39 0.37
N GLY A 66 6.09 3.92 1.38
CA GLY A 66 5.00 3.19 2.02
C GLY A 66 3.72 3.14 1.18
N HIS A 67 3.54 4.14 0.32
CA HIS A 67 2.36 4.24 -0.55
C HIS A 67 2.17 2.97 -1.40
N GLN A 68 3.27 2.42 -1.92
CA GLN A 68 3.21 1.22 -2.76
C GLN A 68 2.73 0.00 -1.97
N LEU A 69 3.00 -0.04 -0.66
CA LEU A 69 2.57 -1.16 0.18
C LEU A 69 1.05 -1.35 0.13
N LEU A 70 0.30 -0.26 -0.06
CA LEU A 70 -1.15 -0.33 -0.25
C LEU A 70 -1.50 -1.06 -1.56
N ASP A 71 -0.73 -0.79 -2.61
CA ASP A 71 -0.90 -1.46 -3.90
C ASP A 71 -0.65 -2.98 -3.75
N TYR A 72 0.52 -3.33 -3.22
CA TYR A 72 0.88 -4.74 -2.97
C TYR A 72 -0.16 -5.42 -2.06
N CYS A 73 -0.47 -4.81 -0.91
CA CYS A 73 -1.40 -5.39 0.06
C CYS A 73 -2.82 -5.56 -0.50
N SER A 74 -3.32 -4.53 -1.17
CA SER A 74 -4.68 -4.56 -1.75
C SER A 74 -4.85 -5.72 -2.73
N GLY A 75 -3.79 -6.02 -3.48
CA GLY A 75 -3.83 -7.14 -4.41
C GLY A 75 -3.48 -8.48 -3.74
N TYR A 76 -2.52 -8.46 -2.82
CA TYR A 76 -2.04 -9.69 -2.17
C TYR A 76 -3.14 -10.36 -1.33
N VAL A 77 -3.97 -9.55 -0.66
CA VAL A 77 -5.04 -10.08 0.18
C VAL A 77 -6.01 -10.98 -0.62
N ASP A 78 -6.10 -10.71 -1.93
CA ASP A 78 -6.92 -11.53 -2.83
C ASP A 78 -6.41 -12.98 -2.90
N CYS A 79 -5.09 -13.14 -2.86
CA CYS A 79 -4.46 -14.47 -2.94
C CYS A 79 -4.47 -15.20 -1.59
N ILE A 80 -4.59 -14.45 -0.49
CA ILE A 80 -4.56 -15.04 0.86
C ILE A 80 -5.80 -15.92 1.14
N PRO A 81 -5.60 -17.24 1.32
CA PRO A 81 -6.68 -18.15 1.70
C PRO A 81 -6.96 -18.19 3.22
N GLN A 82 -5.90 -18.12 4.04
CA GLN A 82 -6.06 -18.11 5.50
C GLN A 82 -6.84 -16.87 5.97
N THR A 83 -8.10 -17.05 6.33
CA THR A 83 -8.92 -15.92 6.82
C THR A 83 -8.37 -15.38 8.15
N ARG A 84 -7.78 -16.26 8.95
CA ARG A 84 -7.15 -15.86 10.22
C ARG A 84 -6.05 -14.81 9.97
N ASN A 85 -5.22 -15.05 8.96
CA ASN A 85 -4.19 -14.10 8.55
C ASN A 85 -4.81 -12.90 7.82
N LYS A 86 -5.77 -13.17 6.95
CA LYS A 86 -6.40 -12.13 6.12
C LYS A 86 -7.08 -11.05 6.98
N PHE A 87 -7.74 -11.46 8.07
CA PHE A 87 -8.40 -10.51 8.97
C PHE A 87 -7.39 -9.57 9.62
N ALA A 88 -6.34 -10.15 10.21
CA ALA A 88 -5.25 -9.37 10.82
C ALA A 88 -4.51 -8.53 9.76
N PHE A 89 -4.41 -9.06 8.54
CA PHE A 89 -3.78 -8.37 7.42
C PHE A 89 -4.58 -7.11 7.04
N ARG A 90 -5.89 -7.26 6.84
CA ARG A 90 -6.74 -6.13 6.47
C ARG A 90 -6.80 -5.06 7.56
N GLU A 91 -6.96 -5.47 8.83
CA GLU A 91 -6.99 -4.50 9.92
C GLU A 91 -5.66 -3.76 10.04
N ALA A 92 -4.55 -4.49 9.89
CA ALA A 92 -3.21 -3.89 9.96
C ALA A 92 -2.99 -2.90 8.81
N VAL A 93 -3.43 -3.25 7.59
CA VAL A 93 -3.37 -2.35 6.44
C VAL A 93 -4.11 -1.03 6.74
N SER A 94 -5.25 -1.12 7.44
CA SER A 94 -5.99 0.08 7.85
C SER A 94 -5.11 0.99 8.74
N LYS A 95 -4.39 0.38 9.69
CA LYS A 95 -3.43 1.13 10.51
C LYS A 95 -2.33 1.77 9.65
N LEU A 96 -1.90 1.07 8.60
CA LEU A 96 -0.85 1.56 7.70
C LEU A 96 -1.31 2.80 6.91
N GLU A 97 -2.47 2.69 6.24
CA GLU A 97 -3.00 3.80 5.44
C GLU A 97 -3.31 5.04 6.32
N LEU A 98 -3.93 4.80 7.48
CA LEU A 98 -4.24 5.88 8.42
C LEU A 98 -2.95 6.56 8.94
N SER A 99 -1.96 5.75 9.31
CA SER A 99 -0.70 6.28 9.85
C SER A 99 0.09 7.06 8.79
N LEU A 100 -0.04 6.66 7.53
CA LEU A 100 0.62 7.36 6.41
C LEU A 100 0.04 8.78 6.21
N GLN A 101 -1.29 8.88 6.16
CA GLN A 101 -1.95 10.17 5.93
C GLN A 101 -1.80 11.13 7.12
N GLU A 102 -1.77 10.60 8.34
CA GLU A 102 -1.55 11.44 9.52
C GLU A 102 -0.08 11.88 9.63
N LEU A 103 0.85 11.01 9.24
CA LEU A 103 2.29 11.32 9.29
C LEU A 103 2.64 12.52 8.40
N GLN A 104 2.10 12.54 7.18
CA GLN A 104 2.39 13.62 6.23
C GLN A 104 1.81 14.97 6.69
N VAL A 105 0.55 14.98 7.13
CA VAL A 105 -0.11 16.22 7.56
C VAL A 105 0.47 16.73 8.90
N SER A 106 0.80 15.81 9.81
CA SER A 106 1.36 16.17 11.12
C SER A 106 2.90 16.06 11.14
N SER A 107 3.51 16.03 9.96
CA SER A 107 4.98 15.94 9.82
C SER A 107 5.69 17.12 10.48
N ALA A 108 5.46 18.32 9.93
CA ALA A 108 6.12 19.55 10.38
C ALA A 108 7.62 19.54 10.06
N ALA A 109 8.34 18.60 10.68
CA ALA A 109 9.76 18.38 10.40
C ALA A 109 9.93 17.67 9.03
N ALA A 110 11.07 17.90 8.39
CA ALA A 110 11.39 17.23 7.12
C ALA A 110 11.87 15.80 7.35
N GLY A 111 12.97 15.63 8.10
CA GLY A 111 13.53 14.31 8.33
C GLY A 111 14.33 14.19 9.64
N VAL A 112 13.62 14.04 10.76
CA VAL A 112 14.25 13.91 12.08
C VAL A 112 13.97 12.53 12.69
N PRO A 113 15.01 11.81 13.18
CA PRO A 113 14.85 10.44 13.71
C PRO A 113 13.98 10.39 14.97
N GLY A 114 12.89 9.62 14.91
CA GLY A 114 12.01 9.45 16.05
C GLY A 114 11.42 10.75 16.60
N THR A 115 11.23 11.75 15.72
CA THR A 115 10.63 13.04 16.13
C THR A 115 9.13 12.93 16.41
N ASN A 116 8.42 12.21 15.55
CA ASN A 116 6.96 12.09 15.67
C ASN A 116 6.55 10.64 15.98
N PRO A 117 5.77 10.43 17.06
CA PRO A 117 5.29 9.08 17.47
C PRO A 117 4.60 8.32 16.33
N VAL A 118 4.12 9.05 15.32
CA VAL A 118 3.51 8.43 14.15
C VAL A 118 4.50 7.49 13.43
N LEU A 119 5.79 7.83 13.48
CA LEU A 119 6.85 6.96 12.95
C LEU A 119 6.84 5.61 13.68
N ASN A 120 6.69 5.67 15.00
CA ASN A 120 6.59 4.47 15.84
C ASN A 120 5.32 3.66 15.49
N ASN A 121 4.25 4.38 15.13
CA ASN A 121 3.01 3.73 14.70
C ASN A 121 3.22 2.96 13.38
N LEU A 122 3.80 3.63 12.37
CA LEU A 122 4.15 2.96 11.11
C LEU A 122 5.05 1.75 11.35
N LEU A 123 6.06 1.90 12.22
CA LEU A 123 6.95 0.80 12.58
C LEU A 123 6.15 -0.42 13.06
N SER A 124 5.20 -0.19 13.96
CA SER A 124 4.30 -1.24 14.46
C SER A 124 3.47 -1.85 13.32
N CYS A 125 2.86 -0.99 12.51
CA CYS A 125 2.00 -1.44 11.40
C CYS A 125 2.76 -2.29 10.38
N VAL A 126 3.92 -1.79 9.93
CA VAL A 126 4.75 -2.51 8.94
C VAL A 126 5.23 -3.86 9.48
N GLN A 127 5.82 -3.86 10.68
CA GLN A 127 6.31 -5.09 11.30
C GLN A 127 5.16 -6.09 11.56
N GLU A 128 3.97 -5.57 11.82
CA GLU A 128 2.78 -6.41 12.02
C GLU A 128 2.33 -7.07 10.69
N ILE A 129 2.10 -6.24 9.67
CA ILE A 129 1.70 -6.74 8.34
C ILE A 129 2.71 -7.78 7.82
N SER A 130 4.00 -7.44 7.87
CA SER A 130 5.07 -8.35 7.45
C SER A 130 4.95 -9.71 8.16
N ASP A 131 4.84 -9.67 9.49
CA ASP A 131 4.67 -10.87 10.31
C ASP A 131 3.45 -11.70 9.83
N VAL A 132 2.30 -11.03 9.68
CA VAL A 132 1.07 -11.70 9.21
C VAL A 132 1.31 -12.44 7.88
N VAL A 133 2.08 -11.83 6.99
CA VAL A 133 2.42 -12.44 5.71
C VAL A 133 3.39 -13.63 5.88
N GLN A 134 4.22 -13.59 6.93
CA GLN A 134 5.23 -14.63 7.19
C GLN A 134 4.66 -15.80 8.02
N ARG A 135 3.34 -15.85 8.17
CA ARG A 135 2.69 -16.93 8.94
C ARG A 135 2.11 -18.03 8.03
N MET A 1 17.02 -7.21 -45.24
CA MET A 1 15.92 -6.59 -44.46
C MET A 1 15.81 -7.21 -43.05
N GLY A 2 16.75 -8.09 -42.71
CA GLY A 2 16.68 -8.81 -41.44
C GLY A 2 17.11 -7.98 -40.24
N HIS A 3 16.16 -7.23 -39.66
CA HIS A 3 16.40 -6.50 -38.40
C HIS A 3 15.18 -6.55 -37.48
N HIS A 4 14.12 -7.25 -37.90
CA HIS A 4 12.85 -7.34 -37.16
C HIS A 4 12.17 -5.97 -37.02
N HIS A 5 12.66 -5.13 -36.11
CA HIS A 5 12.09 -3.80 -35.86
C HIS A 5 12.92 -3.02 -34.85
N HIS A 6 12.63 -1.74 -34.71
CA HIS A 6 13.34 -0.87 -33.75
C HIS A 6 12.53 -0.67 -32.46
N HIS A 7 13.20 -0.32 -31.37
CA HIS A 7 12.55 -0.23 -30.06
C HIS A 7 12.11 1.21 -29.71
N HIS A 8 10.82 1.48 -29.89
CA HIS A 8 10.22 2.74 -29.44
C HIS A 8 9.11 2.46 -28.41
N SER A 9 9.41 2.68 -27.14
CA SER A 9 8.44 2.41 -26.05
C SER A 9 7.63 3.66 -25.69
N HIS A 10 6.82 3.55 -24.63
CA HIS A 10 5.98 4.65 -24.18
C HIS A 10 5.48 4.41 -22.74
N MET A 11 5.51 5.43 -21.90
CA MET A 11 5.02 5.31 -20.51
C MET A 11 3.55 5.75 -20.41
N ALA A 12 2.67 4.79 -20.09
CA ALA A 12 1.24 5.05 -20.00
C ALA A 12 0.85 5.62 -18.63
N ASN A 13 -0.28 6.34 -18.59
CA ASN A 13 -0.77 6.95 -17.35
C ASN A 13 -1.20 5.88 -16.33
N GLY A 14 -1.25 6.27 -15.06
CA GLY A 14 -1.60 5.31 -14.01
C GLY A 14 -2.11 5.96 -12.73
N ALA A 15 -1.47 7.05 -12.32
CA ALA A 15 -1.79 7.73 -11.06
C ALA A 15 -3.24 8.22 -10.99
N ALA A 16 -3.69 8.58 -9.78
CA ALA A 16 -5.06 9.05 -9.54
C ALA A 16 -6.10 7.96 -9.83
N GLY A 17 -5.65 6.70 -9.81
CA GLY A 17 -6.54 5.57 -10.10
C GLY A 17 -6.81 5.38 -11.59
N THR A 18 -6.11 6.13 -12.44
CA THR A 18 -6.32 6.07 -13.90
C THR A 18 -6.17 4.63 -14.45
N LYS A 19 -5.16 3.90 -13.96
CA LYS A 19 -4.91 2.53 -14.45
C LYS A 19 -5.90 1.52 -13.85
N VAL A 20 -6.62 1.93 -12.81
CA VAL A 20 -7.65 1.07 -12.18
C VAL A 20 -8.92 1.88 -11.85
N ALA A 21 -9.67 2.24 -12.89
CA ALA A 21 -10.93 3.00 -12.71
C ALA A 21 -12.05 2.41 -13.57
N LEU A 22 -11.85 2.41 -14.89
CA LEU A 22 -12.83 1.83 -15.83
C LEU A 22 -12.80 0.29 -15.82
N ARG A 23 -11.99 -0.27 -14.93
CA ARG A 23 -11.89 -1.73 -14.75
C ARG A 23 -11.78 -2.06 -13.25
N LYS A 24 -12.92 -2.30 -12.62
CA LYS A 24 -12.97 -2.56 -11.17
C LYS A 24 -12.57 -4.01 -10.86
N THR A 25 -13.03 -4.95 -11.68
CA THR A 25 -12.70 -6.37 -11.51
C THR A 25 -11.44 -6.75 -12.30
N LYS A 26 -10.73 -7.77 -11.85
CA LYS A 26 -9.49 -8.21 -12.51
C LYS A 26 -9.79 -9.18 -13.67
N GLN A 27 -9.08 -8.99 -14.79
CA GLN A 27 -9.39 -9.73 -16.03
C GLN A 27 -8.59 -11.05 -16.15
N ALA A 28 -7.27 -10.98 -16.07
CA ALA A 28 -6.42 -12.16 -16.27
C ALA A 28 -5.03 -11.94 -15.65
N ALA A 29 -4.49 -12.97 -15.02
CA ALA A 29 -3.20 -12.90 -14.31
C ALA A 29 -2.10 -12.17 -15.12
N GLU A 30 -2.06 -12.41 -16.43
CA GLU A 30 -1.09 -11.76 -17.34
C GLU A 30 -1.05 -10.23 -17.16
N LYS A 31 -2.18 -9.64 -16.80
CA LYS A 31 -2.32 -8.18 -16.70
C LYS A 31 -2.71 -7.73 -15.27
N ILE A 32 -2.78 -8.68 -14.35
CA ILE A 32 -3.16 -8.38 -12.95
C ILE A 32 -1.94 -8.03 -12.08
N SER A 33 -2.00 -6.86 -11.43
CA SER A 33 -0.97 -6.44 -10.48
C SER A 33 -0.86 -7.42 -9.29
N ALA A 34 -2.03 -7.80 -8.75
CA ALA A 34 -2.10 -8.73 -7.62
C ALA A 34 -1.41 -10.08 -7.91
N ASP A 35 -1.20 -10.39 -9.18
CA ASP A 35 -0.51 -11.62 -9.58
C ASP A 35 1.02 -11.41 -9.52
N LYS A 36 1.44 -10.17 -9.75
CA LYS A 36 2.85 -9.79 -9.62
C LYS A 36 3.22 -9.66 -8.13
N ILE A 37 2.22 -9.36 -7.30
CA ILE A 37 2.44 -9.24 -5.85
C ILE A 37 2.68 -10.61 -5.21
N SER A 38 3.96 -10.93 -4.98
CA SER A 38 4.34 -12.21 -4.34
C SER A 38 4.67 -12.03 -2.86
N LYS A 39 4.66 -13.13 -2.13
CA LYS A 39 4.95 -13.13 -0.68
C LYS A 39 6.31 -12.45 -0.40
N GLU A 40 7.35 -12.92 -1.07
CA GLU A 40 8.70 -12.33 -0.94
C GLU A 40 8.74 -10.87 -1.46
N ALA A 41 7.95 -10.57 -2.48
CA ALA A 41 7.91 -9.23 -3.08
C ALA A 41 7.30 -8.20 -2.13
N LEU A 42 6.34 -8.63 -1.32
CA LEU A 42 5.72 -7.77 -0.32
C LEU A 42 6.69 -7.50 0.83
N LEU A 43 7.39 -8.55 1.28
CA LEU A 43 8.35 -8.45 2.40
C LEU A 43 9.45 -7.42 2.12
N GLU A 44 10.12 -7.51 0.96
CA GLU A 44 11.22 -6.59 0.63
C GLU A 44 10.80 -5.11 0.75
N CYS A 45 9.60 -4.79 0.25
CA CYS A 45 9.08 -3.42 0.32
C CYS A 45 8.86 -2.97 1.76
N ALA A 46 8.31 -3.87 2.58
CA ALA A 46 8.03 -3.58 3.98
C ALA A 46 9.32 -3.39 4.79
N ASP A 47 10.28 -4.30 4.60
CA ASP A 47 11.59 -4.21 5.26
C ASP A 47 12.28 -2.86 4.99
N LEU A 48 12.07 -2.29 3.80
CA LEU A 48 12.60 -0.96 3.48
C LEU A 48 12.10 0.09 4.47
N LEU A 49 10.79 0.11 4.73
CA LEU A 49 10.21 1.01 5.74
C LEU A 49 10.77 0.71 7.13
N SER A 50 10.74 -0.56 7.52
CA SER A 50 11.25 -0.99 8.83
C SER A 50 12.69 -0.54 9.08
N SER A 51 13.54 -0.66 8.05
CA SER A 51 14.95 -0.25 8.16
C SER A 51 15.11 1.27 8.10
N ALA A 52 14.38 1.92 7.19
CA ALA A 52 14.49 3.38 7.01
C ALA A 52 14.08 4.15 8.28
N LEU A 53 13.06 3.66 8.98
CA LEU A 53 12.55 4.32 10.19
C LEU A 53 13.54 4.30 11.37
N THR A 54 14.65 3.57 11.22
CA THR A 54 15.67 3.49 12.29
C THR A 54 16.66 4.66 12.21
N GLU A 55 16.67 5.35 11.06
CA GLU A 55 17.57 6.50 10.83
C GLU A 55 16.77 7.72 10.36
N PRO A 56 17.35 8.95 10.44
CA PRO A 56 16.65 10.16 10.01
C PRO A 56 16.37 10.18 8.50
N VAL A 57 15.10 10.33 8.14
CA VAL A 57 14.67 10.35 6.73
C VAL A 57 13.54 11.39 6.52
N PRO A 58 13.42 11.96 5.30
CA PRO A 58 12.38 12.95 4.99
C PRO A 58 10.96 12.34 4.89
N ASN A 59 9.95 13.17 5.20
CA ASN A 59 8.55 12.73 5.23
C ASN A 59 8.07 12.19 3.87
N SER A 60 8.26 12.99 2.82
CA SER A 60 7.82 12.62 1.46
C SER A 60 8.36 11.24 1.03
N GLN A 61 9.63 10.98 1.37
CA GLN A 61 10.28 9.70 1.06
C GLN A 61 9.56 8.52 1.76
N LEU A 62 9.27 8.69 3.06
CA LEU A 62 8.55 7.67 3.83
C LEU A 62 7.14 7.42 3.26
N VAL A 63 6.37 8.49 3.11
CA VAL A 63 4.98 8.37 2.61
C VAL A 63 4.93 7.75 1.21
N ASP A 64 5.84 8.16 0.33
CA ASP A 64 5.91 7.64 -1.03
C ASP A 64 6.22 6.13 -1.05
N THR A 65 7.31 5.76 -0.36
CA THR A 65 7.73 4.36 -0.28
C THR A 65 6.67 3.50 0.44
N GLY A 66 6.00 4.09 1.43
CA GLY A 66 4.93 3.39 2.13
C GLY A 66 3.64 3.29 1.30
N HIS A 67 3.43 4.26 0.41
CA HIS A 67 2.23 4.28 -0.43
C HIS A 67 2.13 3.03 -1.33
N GLN A 68 3.27 2.47 -1.71
CA GLN A 68 3.28 1.28 -2.57
C GLN A 68 2.83 0.03 -1.78
N LEU A 69 3.06 0.02 -0.46
CA LEU A 69 2.63 -1.09 0.39
C LEU A 69 1.11 -1.27 0.33
N LEU A 70 0.38 -0.16 0.22
CA LEU A 70 -1.09 -0.21 0.08
C LEU A 70 -1.51 -0.87 -1.25
N ASP A 71 -0.72 -0.65 -2.30
CA ASP A 71 -0.98 -1.28 -3.60
C ASP A 71 -0.72 -2.80 -3.51
N TYR A 72 0.44 -3.16 -2.96
CA TYR A 72 0.80 -4.56 -2.71
C TYR A 72 -0.21 -5.26 -1.80
N CYS A 73 -0.61 -4.59 -0.72
CA CYS A 73 -1.58 -5.16 0.24
C CYS A 73 -2.97 -5.34 -0.39
N SER A 74 -3.46 -4.30 -1.08
CA SER A 74 -4.77 -4.35 -1.75
C SER A 74 -4.83 -5.50 -2.76
N GLY A 75 -3.69 -5.84 -3.35
CA GLY A 75 -3.64 -6.96 -4.28
C GLY A 75 -3.44 -8.31 -3.59
N TYR A 76 -2.50 -8.38 -2.65
CA TYR A 76 -2.14 -9.65 -1.99
C TYR A 76 -3.30 -10.19 -1.13
N VAL A 77 -4.09 -9.29 -0.54
CA VAL A 77 -5.23 -9.68 0.30
C VAL A 77 -6.25 -10.53 -0.49
N ASP A 78 -6.31 -10.31 -1.80
CA ASP A 78 -7.19 -11.08 -2.68
C ASP A 78 -6.67 -12.53 -2.89
N CYS A 79 -5.39 -12.72 -2.59
CA CYS A 79 -4.73 -14.02 -2.80
C CYS A 79 -4.48 -14.79 -1.49
N ILE A 80 -4.92 -14.24 -0.35
CA ILE A 80 -4.71 -14.90 0.95
C ILE A 80 -5.79 -15.96 1.25
N PRO A 81 -5.40 -17.23 1.41
CA PRO A 81 -6.35 -18.33 1.70
C PRO A 81 -6.96 -18.27 3.11
N GLN A 82 -6.11 -18.12 4.13
CA GLN A 82 -6.56 -18.05 5.52
C GLN A 82 -7.29 -16.73 5.82
N THR A 83 -8.60 -16.81 6.07
CA THR A 83 -9.41 -15.59 6.33
C THR A 83 -9.00 -14.91 7.65
N ARG A 84 -8.68 -15.71 8.67
CA ARG A 84 -8.21 -15.14 9.95
C ARG A 84 -6.94 -14.30 9.73
N ASN A 85 -5.92 -14.92 9.14
CA ASN A 85 -4.68 -14.21 8.80
C ASN A 85 -4.96 -13.02 7.88
N LYS A 86 -5.89 -13.21 6.93
CA LYS A 86 -6.28 -12.16 6.00
C LYS A 86 -6.88 -10.95 6.72
N PHE A 87 -7.72 -11.19 7.72
CA PHE A 87 -8.32 -10.10 8.49
C PHE A 87 -7.25 -9.41 9.35
N ALA A 88 -6.43 -10.21 10.04
CA ALA A 88 -5.30 -9.68 10.82
C ALA A 88 -4.38 -8.82 9.94
N PHE A 89 -4.27 -9.22 8.68
CA PHE A 89 -3.54 -8.46 7.66
C PHE A 89 -4.25 -7.14 7.32
N ARG A 90 -5.55 -7.24 7.04
CA ARG A 90 -6.37 -6.09 6.63
C ARG A 90 -6.48 -5.01 7.73
N GLU A 91 -6.72 -5.43 8.97
CA GLU A 91 -6.79 -4.48 10.09
C GLU A 91 -5.45 -3.74 10.26
N ALA A 92 -4.35 -4.47 10.12
CA ALA A 92 -3.00 -3.86 10.17
C ALA A 92 -2.82 -2.85 9.01
N VAL A 93 -3.24 -3.25 7.81
CA VAL A 93 -3.25 -2.33 6.65
C VAL A 93 -4.08 -1.07 6.95
N SER A 94 -5.22 -1.26 7.59
CA SER A 94 -6.10 -0.14 7.97
C SER A 94 -5.36 0.88 8.86
N LYS A 95 -4.59 0.38 9.82
CA LYS A 95 -3.76 1.27 10.66
C LYS A 95 -2.60 1.88 9.85
N LEU A 96 -2.09 1.14 8.87
CA LEU A 96 -1.00 1.63 8.01
C LEU A 96 -1.43 2.83 7.16
N GLU A 97 -2.54 2.67 6.43
CA GLU A 97 -3.07 3.76 5.59
C GLU A 97 -3.39 5.01 6.42
N LEU A 98 -4.09 4.81 7.55
CA LEU A 98 -4.40 5.91 8.46
C LEU A 98 -3.11 6.59 8.96
N SER A 99 -2.13 5.77 9.33
CA SER A 99 -0.85 6.29 9.85
C SER A 99 -0.09 7.09 8.77
N LEU A 100 -0.22 6.68 7.51
CA LEU A 100 0.41 7.40 6.39
C LEU A 100 -0.28 8.73 6.09
N GLN A 101 -1.62 8.72 6.02
CA GLN A 101 -2.37 9.95 5.73
C GLN A 101 -2.24 10.98 6.85
N GLU A 102 -2.11 10.52 8.10
CA GLU A 102 -1.89 11.43 9.23
C GLU A 102 -0.43 11.90 9.30
N LEU A 103 0.52 11.03 8.95
CA LEU A 103 1.95 11.38 8.98
C LEU A 103 2.27 12.56 8.05
N GLN A 104 1.76 12.49 6.82
CA GLN A 104 2.03 13.53 5.82
C GLN A 104 1.46 14.91 6.25
N VAL A 105 0.40 14.91 7.05
CA VAL A 105 -0.17 16.16 7.57
C VAL A 105 0.37 16.51 8.96
N SER A 106 0.94 15.52 9.65
CA SER A 106 1.51 15.72 11.01
C SER A 106 3.05 15.64 10.98
N SER A 107 3.64 15.80 9.79
CA SER A 107 5.10 15.73 9.61
C SER A 107 5.85 16.61 10.64
N ALA A 108 5.59 17.91 10.58
CA ALA A 108 6.12 18.86 11.58
C ALA A 108 7.66 18.84 11.67
N ALA A 109 8.33 18.37 10.61
CA ALA A 109 9.79 18.25 10.62
C ALA A 109 10.35 18.03 9.20
N ALA A 110 11.57 18.51 8.98
CA ALA A 110 12.26 18.35 7.68
C ALA A 110 13.10 17.07 7.66
N GLY A 111 12.57 16.00 8.24
CA GLY A 111 13.29 14.73 8.31
C GLY A 111 13.93 14.46 9.67
N VAL A 112 13.22 14.82 10.74
CA VAL A 112 13.71 14.61 12.11
C VAL A 112 13.08 13.37 12.74
N PRO A 113 13.90 12.40 13.20
CA PRO A 113 13.40 11.15 13.81
C PRO A 113 12.87 11.35 15.24
N GLY A 114 11.76 10.68 15.56
CA GLY A 114 11.20 10.76 16.91
C GLY A 114 10.29 11.97 17.16
N THR A 115 10.22 12.88 16.20
CA THR A 115 9.39 14.10 16.33
C THR A 115 7.90 13.77 16.55
N ASN A 116 7.40 12.77 15.83
CA ASN A 116 6.00 12.34 15.95
C ASN A 116 5.91 10.83 16.18
N PRO A 117 5.02 10.38 17.10
CA PRO A 117 4.84 8.95 17.41
C PRO A 117 4.41 8.14 16.18
N VAL A 118 3.79 8.82 15.21
CA VAL A 118 3.33 8.19 13.97
C VAL A 118 4.43 7.38 13.28
N LEU A 119 5.68 7.82 13.44
CA LEU A 119 6.84 7.09 12.89
C LEU A 119 6.94 5.69 13.52
N ASN A 120 6.73 5.62 14.84
CA ASN A 120 6.74 4.35 15.55
C ASN A 120 5.50 3.52 15.18
N ASN A 121 4.36 4.19 15.00
CA ASN A 121 3.12 3.55 14.56
C ASN A 121 3.33 2.82 13.22
N LEU A 122 3.97 3.49 12.26
CA LEU A 122 4.33 2.86 10.98
C LEU A 122 5.21 1.63 11.21
N LEU A 123 6.29 1.81 11.98
CA LEU A 123 7.22 0.72 12.28
C LEU A 123 6.48 -0.52 12.81
N SER A 124 5.67 -0.32 13.86
CA SER A 124 4.89 -1.41 14.47
C SER A 124 3.91 -2.05 13.48
N CYS A 125 3.14 -1.22 12.77
CA CYS A 125 2.14 -1.71 11.79
C CYS A 125 2.80 -2.50 10.65
N VAL A 126 3.84 -1.93 10.05
CA VAL A 126 4.55 -2.57 8.94
C VAL A 126 5.14 -3.93 9.33
N GLN A 127 5.88 -3.97 10.44
CA GLN A 127 6.49 -5.21 10.92
C GLN A 127 5.43 -6.27 11.25
N GLU A 128 4.25 -5.82 11.65
CA GLU A 128 3.11 -6.73 11.89
C GLU A 128 2.56 -7.29 10.57
N ILE A 129 2.33 -6.41 9.60
CA ILE A 129 1.84 -6.81 8.28
C ILE A 129 2.75 -7.88 7.64
N SER A 130 4.04 -7.59 7.56
CA SER A 130 5.02 -8.54 7.01
C SER A 130 4.99 -9.87 7.78
N ASP A 131 4.93 -9.77 9.10
CA ASP A 131 4.84 -10.94 9.98
C ASP A 131 3.60 -11.80 9.63
N VAL A 132 2.45 -11.13 9.41
CA VAL A 132 1.23 -11.84 8.99
C VAL A 132 1.46 -12.58 7.66
N VAL A 133 2.14 -11.92 6.74
CA VAL A 133 2.51 -12.52 5.45
C VAL A 133 3.48 -13.70 5.64
N GLN A 134 4.23 -13.68 6.75
CA GLN A 134 5.16 -14.76 7.07
C GLN A 134 4.49 -15.92 7.84
N ARG A 135 3.16 -15.92 7.90
CA ARG A 135 2.41 -16.98 8.60
C ARG A 135 1.77 -17.98 7.60
N MET A 1 -45.89 -20.08 -34.51
CA MET A 1 -45.61 -18.69 -34.04
C MET A 1 -44.95 -18.72 -32.65
N GLY A 2 -43.96 -17.85 -32.45
CA GLY A 2 -43.26 -17.77 -31.17
C GLY A 2 -41.93 -17.04 -31.26
N HIS A 3 -42.00 -15.70 -31.26
CA HIS A 3 -40.82 -14.85 -31.44
C HIS A 3 -39.66 -15.25 -30.51
N HIS A 4 -39.98 -15.46 -29.23
CA HIS A 4 -38.97 -15.83 -28.22
C HIS A 4 -38.28 -17.17 -28.49
N HIS A 5 -38.94 -18.03 -29.29
CA HIS A 5 -38.40 -19.38 -29.55
C HIS A 5 -37.64 -19.42 -30.89
N HIS A 6 -36.35 -19.74 -30.83
CA HIS A 6 -35.47 -19.80 -32.02
C HIS A 6 -35.28 -18.41 -32.66
N HIS A 7 -34.12 -17.80 -32.42
CA HIS A 7 -33.82 -16.46 -32.94
C HIS A 7 -32.29 -16.27 -33.15
N HIS A 8 -31.87 -16.25 -34.40
CA HIS A 8 -30.45 -16.14 -34.76
C HIS A 8 -29.98 -14.68 -34.79
N SER A 9 -28.75 -14.44 -34.30
CA SER A 9 -28.15 -13.10 -34.30
C SER A 9 -27.82 -12.64 -35.72
N HIS A 10 -28.26 -11.45 -36.09
CA HIS A 10 -27.94 -10.88 -37.40
C HIS A 10 -26.49 -10.38 -37.44
N MET A 11 -25.64 -11.08 -38.18
CA MET A 11 -24.22 -10.69 -38.30
C MET A 11 -24.07 -9.38 -39.11
N ALA A 12 -23.72 -8.30 -38.42
CA ALA A 12 -23.55 -6.98 -39.05
C ALA A 12 -22.08 -6.51 -38.99
N ASN A 13 -21.82 -5.33 -39.54
CA ASN A 13 -20.46 -4.77 -39.57
C ASN A 13 -20.23 -3.83 -38.37
N GLY A 14 -19.15 -4.08 -37.62
CA GLY A 14 -18.81 -3.22 -36.49
C GLY A 14 -18.31 -4.00 -35.27
N ALA A 15 -16.98 -4.16 -35.17
CA ALA A 15 -16.36 -4.93 -34.08
C ALA A 15 -15.49 -4.05 -33.18
N ALA A 16 -15.89 -2.78 -33.01
CA ALA A 16 -15.15 -1.83 -32.18
C ALA A 16 -15.09 -2.29 -30.71
N GLY A 17 -13.88 -2.31 -30.14
CA GLY A 17 -13.69 -2.75 -28.76
C GLY A 17 -14.45 -1.92 -27.73
N THR A 18 -14.96 -0.77 -28.16
CA THR A 18 -15.77 0.11 -27.30
C THR A 18 -17.06 -0.58 -26.84
N LYS A 19 -17.41 -1.69 -27.47
CA LYS A 19 -18.60 -2.48 -27.08
C LYS A 19 -18.42 -3.15 -25.71
N VAL A 20 -17.17 -3.36 -25.30
CA VAL A 20 -16.89 -4.05 -24.03
C VAL A 20 -16.73 -3.06 -22.86
N ALA A 21 -17.88 -2.60 -22.33
CA ALA A 21 -17.88 -1.69 -21.18
C ALA A 21 -17.52 -2.42 -19.87
N LEU A 22 -17.82 -3.72 -19.81
CA LEU A 22 -17.59 -4.52 -18.61
C LEU A 22 -16.09 -4.89 -18.43
N ARG A 23 -15.20 -4.08 -18.99
CA ARG A 23 -13.75 -4.30 -18.87
C ARG A 23 -13.21 -3.90 -17.48
N LYS A 24 -14.05 -4.07 -16.45
CA LYS A 24 -13.69 -3.68 -15.08
C LYS A 24 -13.19 -4.89 -14.25
N THR A 25 -13.67 -6.08 -14.62
CA THR A 25 -13.38 -7.32 -13.86
C THR A 25 -12.07 -8.00 -14.32
N LYS A 26 -11.70 -9.06 -13.61
CA LYS A 26 -10.49 -9.82 -13.95
C LYS A 26 -10.67 -10.63 -15.24
N GLN A 27 -9.56 -10.94 -15.91
CA GLN A 27 -9.59 -11.68 -17.17
C GLN A 27 -8.57 -12.84 -17.20
N ALA A 28 -7.35 -12.58 -16.74
CA ALA A 28 -6.29 -13.60 -16.70
C ALA A 28 -5.08 -13.14 -15.88
N ALA A 29 -4.31 -14.09 -15.34
CA ALA A 29 -3.14 -13.78 -14.52
C ALA A 29 -2.10 -12.95 -15.29
N GLU A 30 -2.22 -12.95 -16.62
CA GLU A 30 -1.32 -12.19 -17.50
C GLU A 30 -1.55 -10.66 -17.37
N LYS A 31 -2.61 -10.26 -16.66
CA LYS A 31 -2.95 -8.84 -16.53
C LYS A 31 -3.42 -8.48 -15.10
N ILE A 32 -3.79 -9.47 -14.30
CA ILE A 32 -4.25 -9.23 -12.92
C ILE A 32 -3.09 -8.85 -11.99
N SER A 33 -3.28 -7.79 -11.21
CA SER A 33 -2.27 -7.32 -10.24
C SER A 33 -2.04 -8.35 -9.12
N ALA A 34 -3.13 -8.83 -8.52
CA ALA A 34 -3.07 -9.77 -7.40
C ALA A 34 -2.13 -10.97 -7.66
N ASP A 35 -2.34 -11.65 -8.79
CA ASP A 35 -1.53 -12.81 -9.17
C ASP A 35 -0.05 -12.44 -9.40
N LYS A 36 0.21 -11.17 -9.65
CA LYS A 36 1.60 -10.69 -9.81
C LYS A 36 2.27 -10.43 -8.44
N ILE A 37 1.47 -10.04 -7.44
CA ILE A 37 1.99 -9.74 -6.11
C ILE A 37 2.55 -11.00 -5.42
N SER A 38 3.86 -11.02 -5.18
CA SER A 38 4.52 -12.16 -4.53
C SER A 38 4.91 -11.86 -3.08
N LYS A 39 4.87 -12.88 -2.22
CA LYS A 39 5.25 -12.74 -0.80
C LYS A 39 6.64 -12.12 -0.63
N GLU A 40 7.63 -12.64 -1.35
CA GLU A 40 9.00 -12.11 -1.32
C GLU A 40 9.03 -10.59 -1.61
N ALA A 41 8.32 -10.17 -2.66
CA ALA A 41 8.28 -8.75 -3.05
C ALA A 41 7.71 -7.87 -1.95
N LEU A 42 6.58 -8.29 -1.36
CA LEU A 42 5.92 -7.54 -0.30
C LEU A 42 6.86 -7.37 0.92
N LEU A 43 7.46 -8.48 1.36
CA LEU A 43 8.38 -8.47 2.50
C LEU A 43 9.55 -7.51 2.28
N GLU A 44 10.18 -7.58 1.10
CA GLU A 44 11.30 -6.70 0.76
C GLU A 44 10.90 -5.22 0.85
N CYS A 45 9.79 -4.86 0.20
CA CYS A 45 9.31 -3.47 0.20
C CYS A 45 8.91 -3.02 1.62
N ALA A 46 8.36 -3.93 2.41
CA ALA A 46 8.01 -3.63 3.81
C ALA A 46 9.26 -3.36 4.65
N ASP A 47 10.31 -4.15 4.44
CA ASP A 47 11.58 -3.98 5.15
C ASP A 47 12.20 -2.60 4.84
N LEU A 48 11.89 -2.06 3.67
CA LEU A 48 12.37 -0.70 3.31
C LEU A 48 11.93 0.34 4.34
N LEU A 49 10.69 0.25 4.81
CA LEU A 49 10.19 1.16 5.85
C LEU A 49 10.84 0.83 7.20
N SER A 50 10.89 -0.46 7.54
CA SER A 50 11.53 -0.92 8.79
C SER A 50 12.99 -0.44 8.87
N SER A 51 13.68 -0.43 7.73
CA SER A 51 15.07 0.04 7.66
C SER A 51 15.14 1.57 7.68
N ALA A 52 14.34 2.21 6.82
CA ALA A 52 14.37 3.67 6.65
C ALA A 52 14.05 4.42 7.97
N LEU A 53 13.12 3.89 8.75
CA LEU A 53 12.70 4.54 10.00
C LEU A 53 13.82 4.58 11.07
N THR A 54 14.88 3.81 10.87
CA THR A 54 16.01 3.80 11.80
C THR A 54 17.10 4.80 11.39
N GLU A 55 16.90 5.47 10.27
CA GLU A 55 17.86 6.46 9.74
C GLU A 55 17.13 7.71 9.21
N PRO A 56 17.81 8.86 9.08
CA PRO A 56 17.15 10.08 8.57
C PRO A 56 16.64 9.91 7.12
N VAL A 57 15.34 10.08 6.93
CA VAL A 57 14.70 10.04 5.62
C VAL A 57 13.57 11.07 5.52
N PRO A 58 13.35 11.70 4.36
CA PRO A 58 12.23 12.64 4.17
C PRO A 58 10.86 11.98 4.39
N ASN A 59 10.03 12.59 5.25
CA ASN A 59 8.69 12.07 5.57
C ASN A 59 7.87 11.76 4.31
N SER A 60 8.00 12.61 3.29
CA SER A 60 7.33 12.39 1.99
C SER A 60 7.74 11.05 1.37
N GLN A 61 9.02 10.70 1.50
CA GLN A 61 9.56 9.42 0.99
C GLN A 61 8.91 8.24 1.72
N LEU A 62 8.71 8.39 3.04
CA LEU A 62 8.05 7.37 3.84
C LEU A 62 6.60 7.14 3.37
N VAL A 63 5.84 8.22 3.24
CA VAL A 63 4.46 8.14 2.76
C VAL A 63 4.39 7.54 1.34
N ASP A 64 5.32 7.95 0.48
CA ASP A 64 5.39 7.44 -0.89
C ASP A 64 5.67 5.92 -0.90
N THR A 65 6.74 5.51 -0.22
CA THR A 65 7.09 4.09 -0.13
C THR A 65 5.95 3.28 0.52
N GLY A 66 5.23 3.90 1.45
CA GLY A 66 4.05 3.28 2.02
C GLY A 66 2.95 3.01 0.99
N HIS A 67 2.84 3.89 -0.01
CA HIS A 67 1.82 3.73 -1.06
C HIS A 67 1.94 2.38 -1.80
N GLN A 68 3.17 2.00 -2.17
CA GLN A 68 3.37 0.73 -2.87
C GLN A 68 3.01 -0.46 -1.95
N LEU A 69 3.21 -0.30 -0.65
CA LEU A 69 2.80 -1.31 0.33
C LEU A 69 1.28 -1.52 0.30
N LEU A 70 0.52 -0.42 0.25
CA LEU A 70 -0.94 -0.49 0.06
C LEU A 70 -1.30 -1.27 -1.22
N ASP A 71 -0.51 -1.05 -2.27
CA ASP A 71 -0.69 -1.74 -3.54
C ASP A 71 -0.46 -3.26 -3.40
N TYR A 72 0.70 -3.64 -2.85
CA TYR A 72 1.01 -5.06 -2.59
C TYR A 72 -0.06 -5.70 -1.71
N CYS A 73 -0.47 -4.98 -0.66
CA CYS A 73 -1.48 -5.48 0.28
C CYS A 73 -2.84 -5.72 -0.42
N SER A 74 -3.27 -4.75 -1.22
CA SER A 74 -4.55 -4.86 -1.94
C SER A 74 -4.58 -6.08 -2.86
N GLY A 75 -3.42 -6.45 -3.41
CA GLY A 75 -3.33 -7.61 -4.30
C GLY A 75 -3.10 -8.92 -3.56
N TYR A 76 -2.12 -8.93 -2.67
CA TYR A 76 -1.73 -10.15 -1.93
C TYR A 76 -2.89 -10.74 -1.12
N VAL A 77 -3.72 -9.87 -0.52
CA VAL A 77 -4.86 -10.33 0.29
C VAL A 77 -5.86 -11.14 -0.55
N ASP A 78 -5.91 -10.87 -1.84
CA ASP A 78 -6.75 -11.63 -2.78
C ASP A 78 -6.27 -13.09 -2.87
N CYS A 79 -4.96 -13.28 -2.74
CA CYS A 79 -4.34 -14.60 -2.85
C CYS A 79 -4.28 -15.35 -1.50
N ILE A 80 -4.79 -14.72 -0.44
CA ILE A 80 -4.83 -15.34 0.89
C ILE A 80 -6.16 -16.08 1.13
N PRO A 81 -6.14 -17.43 1.23
CA PRO A 81 -7.35 -18.22 1.53
C PRO A 81 -7.67 -18.29 3.05
N GLN A 82 -6.63 -18.23 3.90
CA GLN A 82 -6.83 -18.26 5.36
C GLN A 82 -7.45 -16.94 5.84
N THR A 83 -8.76 -16.94 6.11
CA THR A 83 -9.48 -15.73 6.53
C THR A 83 -8.94 -15.18 7.86
N ARG A 84 -8.49 -16.06 8.75
CA ARG A 84 -7.91 -15.64 10.03
C ARG A 84 -6.80 -14.60 9.81
N ASN A 85 -5.81 -14.95 9.00
CA ASN A 85 -4.72 -14.03 8.67
C ASN A 85 -5.16 -12.96 7.66
N LYS A 86 -6.09 -13.31 6.78
CA LYS A 86 -6.62 -12.38 5.77
C LYS A 86 -7.27 -11.14 6.41
N PHE A 87 -8.14 -11.38 7.39
CA PHE A 87 -8.82 -10.28 8.10
C PHE A 87 -7.81 -9.44 8.88
N ALA A 88 -6.96 -10.10 9.66
CA ALA A 88 -5.89 -9.40 10.41
C ALA A 88 -5.02 -8.57 9.47
N PHE A 89 -4.73 -9.13 8.29
CA PHE A 89 -3.97 -8.42 7.26
C PHE A 89 -4.71 -7.15 6.79
N ARG A 90 -6.02 -7.29 6.55
CA ARG A 90 -6.86 -6.16 6.11
C ARG A 90 -6.91 -5.05 7.17
N GLU A 91 -7.12 -5.41 8.43
CA GLU A 91 -7.19 -4.42 9.50
C GLU A 91 -5.80 -3.80 9.75
N ALA A 92 -4.74 -4.61 9.63
CA ALA A 92 -3.36 -4.11 9.74
C ALA A 92 -3.07 -3.05 8.66
N VAL A 93 -3.53 -3.30 7.43
CA VAL A 93 -3.44 -2.33 6.34
C VAL A 93 -4.09 -0.99 6.74
N SER A 94 -5.23 -1.08 7.41
CA SER A 94 -5.91 0.12 7.92
C SER A 94 -4.99 0.95 8.83
N LYS A 95 -4.29 0.27 9.74
CA LYS A 95 -3.33 0.94 10.64
C LYS A 95 -2.24 1.69 9.84
N LEU A 96 -1.75 1.04 8.78
CA LEU A 96 -0.70 1.63 7.95
C LEU A 96 -1.18 2.91 7.23
N GLU A 97 -2.32 2.80 6.52
CA GLU A 97 -2.86 3.96 5.76
C GLU A 97 -3.23 5.13 6.69
N LEU A 98 -3.76 4.81 7.87
CA LEU A 98 -4.09 5.83 8.87
C LEU A 98 -2.83 6.56 9.38
N SER A 99 -1.78 5.79 9.61
CA SER A 99 -0.50 6.36 10.08
C SER A 99 0.19 7.20 8.99
N LEU A 100 0.05 6.79 7.73
CA LEU A 100 0.63 7.53 6.61
C LEU A 100 -0.02 8.91 6.43
N GLN A 101 -1.34 8.98 6.55
CA GLN A 101 -2.06 10.25 6.38
C GLN A 101 -1.78 11.23 7.54
N GLU A 102 -1.66 10.71 8.76
CA GLU A 102 -1.34 11.56 9.92
C GLU A 102 0.13 12.01 9.88
N LEU A 103 1.01 11.15 9.35
CA LEU A 103 2.44 11.48 9.21
C LEU A 103 2.63 12.74 8.35
N GLN A 104 2.11 12.73 7.14
CA GLN A 104 2.27 13.86 6.21
C GLN A 104 1.73 15.18 6.78
N VAL A 105 0.54 15.12 7.41
CA VAL A 105 -0.08 16.32 7.98
C VAL A 105 0.58 16.77 9.29
N SER A 106 1.24 15.84 9.98
CA SER A 106 1.95 16.14 11.24
C SER A 106 3.47 16.04 11.05
N SER A 107 3.90 16.07 9.79
CA SER A 107 5.33 15.95 9.44
C SER A 107 6.19 17.01 10.12
N ALA A 108 5.95 18.28 9.76
CA ALA A 108 6.72 19.42 10.29
C ALA A 108 8.21 19.34 9.89
N ALA A 109 8.93 18.38 10.49
CA ALA A 109 10.31 18.11 10.12
C ALA A 109 10.41 17.60 8.67
N ALA A 110 11.50 17.95 7.98
CA ALA A 110 11.71 17.51 6.61
C ALA A 110 12.04 16.00 6.55
N GLY A 111 12.97 15.57 7.39
CA GLY A 111 13.35 14.16 7.44
C GLY A 111 14.19 13.80 8.66
N VAL A 112 13.57 13.80 9.84
CA VAL A 112 14.25 13.46 11.10
C VAL A 112 13.61 12.23 11.76
N PRO A 113 14.40 11.19 12.09
CA PRO A 113 13.87 9.97 12.73
C PRO A 113 13.56 10.18 14.23
N GLY A 114 12.52 9.49 14.73
CA GLY A 114 12.18 9.55 16.14
C GLY A 114 11.35 10.78 16.54
N THR A 115 11.68 11.95 16.00
CA THR A 115 11.01 13.21 16.38
C THR A 115 9.48 13.10 16.37
N ASN A 116 8.93 12.46 15.33
CA ASN A 116 7.48 12.27 15.22
C ASN A 116 7.05 10.87 15.68
N PRO A 117 6.12 10.77 16.65
CA PRO A 117 5.64 9.46 17.16
C PRO A 117 5.06 8.58 16.05
N VAL A 118 4.52 9.24 15.01
CA VAL A 118 3.94 8.53 13.86
C VAL A 118 4.96 7.59 13.20
N LEU A 119 6.24 7.98 13.23
CA LEU A 119 7.31 7.15 12.68
C LEU A 119 7.36 5.78 13.40
N ASN A 120 7.26 5.82 14.71
CA ASN A 120 7.24 4.59 15.53
C ASN A 120 5.95 3.79 15.27
N ASN A 121 4.85 4.49 15.04
CA ASN A 121 3.57 3.85 14.70
C ASN A 121 3.68 3.08 13.38
N LEU A 122 4.28 3.73 12.36
CA LEU A 122 4.54 3.07 11.08
C LEU A 122 5.39 1.81 11.28
N LEU A 123 6.46 1.94 12.08
CA LEU A 123 7.31 0.79 12.40
C LEU A 123 6.47 -0.39 12.93
N SER A 124 5.59 -0.11 13.89
CA SER A 124 4.71 -1.14 14.47
C SER A 124 3.77 -1.74 13.40
N CYS A 125 3.11 -0.88 12.63
CA CYS A 125 2.16 -1.32 11.60
C CYS A 125 2.83 -2.17 10.51
N VAL A 126 3.99 -1.71 10.03
CA VAL A 126 4.74 -2.44 8.99
C VAL A 126 5.22 -3.81 9.49
N GLN A 127 5.77 -3.84 10.70
CA GLN A 127 6.21 -5.09 11.32
C GLN A 127 5.03 -6.05 11.52
N GLU A 128 3.87 -5.49 11.87
CA GLU A 128 2.62 -6.27 12.00
C GLU A 128 2.23 -6.91 10.66
N ILE A 129 2.11 -6.09 9.62
CA ILE A 129 1.75 -6.57 8.28
C ILE A 129 2.73 -7.63 7.77
N SER A 130 4.03 -7.34 7.84
CA SER A 130 5.07 -8.29 7.43
C SER A 130 4.96 -9.61 8.20
N ASP A 131 4.68 -9.52 9.50
CA ASP A 131 4.50 -10.70 10.35
C ASP A 131 3.30 -11.53 9.86
N VAL A 132 2.18 -10.87 9.53
CA VAL A 132 0.99 -11.54 9.01
C VAL A 132 1.27 -12.22 7.66
N VAL A 133 2.08 -11.58 6.82
CA VAL A 133 2.48 -12.16 5.52
C VAL A 133 3.26 -13.47 5.71
N GLN A 134 3.94 -13.60 6.86
CA GLN A 134 4.72 -14.80 7.17
C GLN A 134 3.82 -15.93 7.73
N ARG A 135 2.53 -15.65 7.83
CA ARG A 135 1.55 -16.63 8.32
C ARG A 135 0.83 -17.35 7.14
N MET A 1 9.70 27.06 -25.34
CA MET A 1 8.83 26.41 -26.35
C MET A 1 9.14 24.92 -26.48
N GLY A 2 8.11 24.10 -26.67
CA GLY A 2 8.32 22.67 -26.81
C GLY A 2 7.03 21.88 -26.93
N HIS A 3 7.09 20.73 -27.60
CA HIS A 3 5.91 19.88 -27.77
C HIS A 3 5.54 19.21 -26.44
N HIS A 4 4.60 19.82 -25.72
CA HIS A 4 4.20 19.36 -24.39
C HIS A 4 3.57 17.94 -24.42
N HIS A 5 4.38 16.94 -24.08
CA HIS A 5 3.88 15.56 -23.93
C HIS A 5 4.48 14.86 -22.70
N HIS A 6 5.27 15.58 -21.91
CA HIS A 6 5.88 14.99 -20.71
C HIS A 6 4.86 14.87 -19.55
N HIS A 7 4.08 13.79 -19.58
CA HIS A 7 3.11 13.50 -18.52
C HIS A 7 2.91 11.99 -18.33
N HIS A 8 3.87 11.21 -18.83
CA HIS A 8 3.94 9.75 -18.61
C HIS A 8 2.61 9.03 -18.93
N SER A 9 1.91 9.49 -19.96
CA SER A 9 0.62 8.89 -20.36
C SER A 9 0.19 9.37 -21.75
N HIS A 10 -0.95 8.86 -22.23
CA HIS A 10 -1.48 9.24 -23.53
C HIS A 10 -2.97 9.62 -23.43
N MET A 11 -3.38 10.65 -24.17
CA MET A 11 -4.78 11.09 -24.17
C MET A 11 -5.72 10.04 -24.80
N ALA A 12 -6.76 9.67 -24.05
CA ALA A 12 -7.77 8.73 -24.55
C ALA A 12 -9.01 9.48 -25.07
N ASN A 13 -9.83 8.80 -25.86
CA ASN A 13 -11.03 9.43 -26.44
C ASN A 13 -12.21 9.42 -25.45
N GLY A 14 -12.27 10.43 -24.59
CA GLY A 14 -13.40 10.59 -23.67
C GLY A 14 -13.31 9.70 -22.44
N ALA A 15 -13.15 8.40 -22.64
CA ALA A 15 -13.06 7.43 -21.53
C ALA A 15 -11.78 7.62 -20.70
N ALA A 16 -11.89 8.37 -19.60
CA ALA A 16 -10.73 8.67 -18.75
C ALA A 16 -10.37 7.48 -17.84
N GLY A 17 -9.85 6.42 -18.45
CA GLY A 17 -9.38 5.24 -17.69
C GLY A 17 -10.42 4.66 -16.74
N THR A 18 -11.70 4.80 -17.06
CA THR A 18 -12.80 4.34 -16.20
C THR A 18 -12.59 2.88 -15.72
N LYS A 19 -12.26 1.99 -16.65
CA LYS A 19 -12.02 0.58 -16.34
C LYS A 19 -10.85 0.37 -15.36
N VAL A 20 -9.89 1.29 -15.35
CA VAL A 20 -8.72 1.19 -14.44
C VAL A 20 -8.76 2.25 -13.34
N ALA A 21 -9.90 2.92 -13.20
CA ALA A 21 -10.09 3.97 -12.19
C ALA A 21 -9.97 3.39 -10.76
N LEU A 22 -10.60 2.23 -10.53
CA LEU A 22 -10.54 1.56 -9.23
C LEU A 22 -9.93 0.15 -9.36
N ARG A 23 -9.35 -0.12 -10.54
CA ARG A 23 -8.77 -1.44 -10.86
C ARG A 23 -9.73 -2.60 -10.49
N LYS A 24 -11.03 -2.35 -10.64
CA LYS A 24 -12.06 -3.33 -10.32
C LYS A 24 -12.30 -4.34 -11.45
N THR A 25 -11.80 -4.01 -12.65
CA THR A 25 -11.95 -4.89 -13.82
C THR A 25 -10.61 -5.47 -14.27
N LYS A 26 -10.53 -6.80 -14.35
CA LYS A 26 -9.32 -7.47 -14.84
C LYS A 26 -9.42 -7.68 -16.37
N GLN A 27 -8.26 -7.75 -17.03
CA GLN A 27 -8.23 -7.84 -18.50
C GLN A 27 -7.36 -9.00 -19.00
N ALA A 28 -6.15 -9.15 -18.46
CA ALA A 28 -5.26 -10.23 -18.87
C ALA A 28 -4.10 -10.43 -17.89
N ALA A 29 -3.79 -11.69 -17.59
CA ALA A 29 -2.72 -12.03 -16.65
C ALA A 29 -1.37 -11.40 -17.05
N GLU A 30 -1.17 -11.22 -18.35
CA GLU A 30 0.06 -10.60 -18.88
C GLU A 30 0.25 -9.16 -18.38
N LYS A 31 -0.82 -8.52 -17.91
CA LYS A 31 -0.77 -7.12 -17.50
C LYS A 31 -1.36 -6.88 -16.09
N ILE A 32 -2.01 -7.90 -15.52
CA ILE A 32 -2.53 -7.82 -14.15
C ILE A 32 -1.37 -7.85 -13.13
N SER A 33 -0.95 -6.67 -12.68
CA SER A 33 0.15 -6.56 -11.71
C SER A 33 -0.26 -7.05 -10.31
N ALA A 34 -1.57 -7.06 -10.04
CA ALA A 34 -2.10 -7.49 -8.74
C ALA A 34 -1.72 -8.94 -8.42
N ASP A 35 -2.13 -9.88 -9.27
CA ASP A 35 -1.80 -11.30 -9.09
C ASP A 35 -0.29 -11.54 -9.17
N LYS A 36 0.42 -10.64 -9.85
CA LYS A 36 1.89 -10.69 -9.98
C LYS A 36 2.58 -10.47 -8.62
N ILE A 37 1.92 -9.74 -7.72
CA ILE A 37 2.48 -9.45 -6.39
C ILE A 37 2.77 -10.74 -5.60
N SER A 38 4.06 -11.07 -5.45
CA SER A 38 4.47 -12.27 -4.71
C SER A 38 4.64 -11.98 -3.20
N LYS A 39 4.58 -13.04 -2.40
CA LYS A 39 4.71 -12.95 -0.94
C LYS A 39 5.99 -12.21 -0.52
N GLU A 40 7.15 -12.71 -0.96
CA GLU A 40 8.44 -12.10 -0.61
C GLU A 40 8.57 -10.67 -1.16
N ALA A 41 7.93 -10.41 -2.29
CA ALA A 41 7.93 -9.07 -2.90
C ALA A 41 7.32 -8.03 -1.97
N LEU A 42 6.17 -8.37 -1.38
CA LEU A 42 5.51 -7.49 -0.41
C LEU A 42 6.38 -7.33 0.85
N LEU A 43 6.91 -8.44 1.35
CA LEU A 43 7.75 -8.45 2.56
C LEU A 43 8.94 -7.49 2.43
N GLU A 44 9.67 -7.59 1.31
CA GLU A 44 10.85 -6.74 1.07
C GLU A 44 10.47 -5.25 0.95
N CYS A 45 9.36 -4.97 0.27
CA CYS A 45 8.86 -3.59 0.16
C CYS A 45 8.57 -3.01 1.55
N ALA A 46 8.01 -3.84 2.43
CA ALA A 46 7.78 -3.45 3.83
C ALA A 46 9.10 -3.35 4.62
N ASP A 47 10.04 -4.25 4.31
CA ASP A 47 11.35 -4.27 4.94
C ASP A 47 12.07 -2.91 4.77
N LEU A 48 11.90 -2.30 3.59
CA LEU A 48 12.41 -0.96 3.33
C LEU A 48 11.90 0.04 4.38
N LEU A 49 10.61 0.00 4.67
CA LEU A 49 10.00 0.86 5.70
C LEU A 49 10.58 0.56 7.09
N SER A 50 10.79 -0.72 7.38
CA SER A 50 11.37 -1.15 8.66
C SER A 50 12.70 -0.43 8.95
N SER A 51 13.56 -0.36 7.95
CA SER A 51 14.85 0.32 8.08
C SER A 51 14.70 1.86 8.02
N ALA A 52 13.97 2.33 7.00
CA ALA A 52 13.83 3.77 6.74
C ALA A 52 13.18 4.54 7.92
N LEU A 53 12.25 3.89 8.62
CA LEU A 53 11.54 4.52 9.75
C LEU A 53 12.44 4.69 10.99
N THR A 54 13.49 3.87 11.10
CA THR A 54 14.36 3.90 12.28
C THR A 54 15.50 4.92 12.13
N GLU A 55 15.94 5.16 10.89
CA GLU A 55 16.98 6.15 10.61
C GLU A 55 16.36 7.50 10.21
N PRO A 56 17.12 8.62 10.33
CA PRO A 56 16.62 9.93 9.87
C PRO A 56 16.48 9.99 8.34
N VAL A 57 15.26 10.22 7.87
CA VAL A 57 14.95 10.35 6.44
C VAL A 57 13.86 11.42 6.22
N PRO A 58 13.73 11.96 4.97
CA PRO A 58 12.64 12.91 4.65
C PRO A 58 11.25 12.25 4.70
N ASN A 59 10.30 12.96 5.31
CA ASN A 59 8.93 12.44 5.46
C ASN A 59 8.30 12.08 4.11
N SER A 60 8.58 12.89 3.09
CA SER A 60 8.12 12.61 1.72
C SER A 60 8.52 11.21 1.27
N GLN A 61 9.77 10.83 1.55
CA GLN A 61 10.27 9.50 1.21
C GLN A 61 9.49 8.41 1.95
N LEU A 62 9.24 8.62 3.24
CA LEU A 62 8.48 7.65 4.06
C LEU A 62 7.07 7.42 3.48
N VAL A 63 6.35 8.50 3.21
CA VAL A 63 4.99 8.42 2.68
C VAL A 63 4.96 7.79 1.27
N ASP A 64 5.82 8.29 0.38
CA ASP A 64 5.87 7.81 -1.00
C ASP A 64 6.30 6.32 -1.06
N THR A 65 7.38 5.99 -0.35
CA THR A 65 7.88 4.60 -0.28
C THR A 65 6.85 3.67 0.36
N GLY A 66 6.19 4.16 1.41
CA GLY A 66 5.15 3.38 2.07
C GLY A 66 3.85 3.30 1.27
N HIS A 67 3.61 4.29 0.43
CA HIS A 67 2.37 4.36 -0.36
C HIS A 67 2.22 3.14 -1.29
N GLN A 68 3.33 2.66 -1.87
CA GLN A 68 3.29 1.50 -2.77
C GLN A 68 2.83 0.23 -2.03
N LEU A 69 3.14 0.14 -0.74
CA LEU A 69 2.73 -1.01 0.10
C LEU A 69 1.23 -1.26 0.00
N LEU A 70 0.45 -0.19 -0.11
CA LEU A 70 -1.00 -0.29 -0.24
C LEU A 70 -1.41 -0.97 -1.56
N ASP A 71 -0.66 -0.73 -2.62
CA ASP A 71 -0.90 -1.39 -3.90
C ASP A 71 -0.68 -2.91 -3.75
N TYR A 72 0.50 -3.28 -3.25
CA TYR A 72 0.84 -4.69 -2.96
C TYR A 72 -0.21 -5.35 -2.06
N CYS A 73 -0.53 -4.69 -0.94
CA CYS A 73 -1.46 -5.24 0.06
C CYS A 73 -2.88 -5.42 -0.50
N SER A 74 -3.39 -4.40 -1.19
CA SER A 74 -4.76 -4.44 -1.74
C SER A 74 -4.94 -5.59 -2.74
N GLY A 75 -3.87 -5.93 -3.47
CA GLY A 75 -3.93 -7.05 -4.40
C GLY A 75 -3.70 -8.40 -3.72
N TYR A 76 -2.60 -8.51 -2.97
CA TYR A 76 -2.19 -9.77 -2.34
C TYR A 76 -3.23 -10.29 -1.33
N VAL A 77 -3.93 -9.38 -0.64
CA VAL A 77 -4.87 -9.77 0.43
C VAL A 77 -5.93 -10.77 -0.06
N ASP A 78 -6.42 -10.59 -1.30
CA ASP A 78 -7.45 -11.47 -1.85
C ASP A 78 -6.90 -12.88 -2.13
N CYS A 79 -5.59 -12.98 -2.34
CA CYS A 79 -4.94 -14.26 -2.63
C CYS A 79 -4.63 -15.06 -1.35
N ILE A 80 -4.69 -14.40 -0.20
CA ILE A 80 -4.40 -15.05 1.10
C ILE A 80 -5.48 -16.09 1.46
N PRO A 81 -5.12 -17.38 1.51
CA PRO A 81 -6.07 -18.45 1.88
C PRO A 81 -6.52 -18.37 3.35
N GLN A 82 -5.55 -18.33 4.27
CA GLN A 82 -5.84 -18.26 5.72
C GLN A 82 -6.61 -16.98 6.09
N THR A 83 -7.91 -17.12 6.31
CA THR A 83 -8.77 -15.97 6.66
C THR A 83 -8.31 -15.33 7.98
N ARG A 84 -7.81 -16.14 8.91
CA ARG A 84 -7.28 -15.63 10.18
C ARG A 84 -6.15 -14.61 9.94
N ASN A 85 -5.28 -14.89 8.97
CA ASN A 85 -4.22 -13.94 8.60
C ASN A 85 -4.80 -12.75 7.81
N LYS A 86 -5.71 -13.05 6.89
CA LYS A 86 -6.33 -12.01 6.04
C LYS A 86 -7.03 -10.93 6.89
N PHE A 87 -7.65 -11.33 8.00
CA PHE A 87 -8.30 -10.38 8.91
C PHE A 87 -7.27 -9.41 9.52
N ALA A 88 -6.23 -9.96 10.14
CA ALA A 88 -5.15 -9.15 10.72
C ALA A 88 -4.44 -8.32 9.65
N PHE A 89 -4.29 -8.90 8.46
CA PHE A 89 -3.67 -8.21 7.33
C PHE A 89 -4.49 -6.98 6.92
N ARG A 90 -5.82 -7.15 6.80
CA ARG A 90 -6.71 -6.05 6.45
C ARG A 90 -6.68 -4.93 7.49
N GLU A 91 -6.81 -5.28 8.77
CA GLU A 91 -6.82 -4.30 9.84
C GLU A 91 -5.46 -3.59 9.96
N ALA A 92 -4.36 -4.35 9.88
CA ALA A 92 -3.02 -3.78 9.96
C ALA A 92 -2.74 -2.81 8.79
N VAL A 93 -3.11 -3.21 7.58
CA VAL A 93 -3.01 -2.32 6.41
C VAL A 93 -3.86 -1.06 6.60
N SER A 94 -5.01 -1.20 7.25
CA SER A 94 -5.84 -0.04 7.60
C SER A 94 -5.06 0.93 8.49
N LYS A 95 -4.42 0.40 9.54
CA LYS A 95 -3.52 1.21 10.39
C LYS A 95 -2.42 1.89 9.55
N LEU A 96 -1.88 1.15 8.57
CA LEU A 96 -0.79 1.64 7.74
C LEU A 96 -1.19 2.88 6.92
N GLU A 97 -2.29 2.78 6.16
CA GLU A 97 -2.73 3.91 5.31
C GLU A 97 -3.23 5.09 6.16
N LEU A 98 -3.95 4.80 7.24
CA LEU A 98 -4.45 5.85 8.12
C LEU A 98 -3.31 6.56 8.86
N SER A 99 -2.30 5.80 9.27
CA SER A 99 -1.13 6.38 9.94
C SER A 99 -0.25 7.17 8.95
N LEU A 100 -0.28 6.76 7.67
CA LEU A 100 0.44 7.49 6.62
C LEU A 100 -0.19 8.86 6.33
N GLN A 101 -1.52 8.92 6.28
CA GLN A 101 -2.22 10.18 5.98
C GLN A 101 -2.11 11.19 7.13
N GLU A 102 -2.16 10.72 8.38
CA GLU A 102 -1.98 11.61 9.53
C GLU A 102 -0.51 12.06 9.65
N LEU A 103 0.42 11.19 9.28
CA LEU A 103 1.85 11.54 9.31
C LEU A 103 2.17 12.70 8.36
N GLN A 104 1.82 12.54 7.08
CA GLN A 104 2.16 13.55 6.06
C GLN A 104 1.58 14.93 6.40
N VAL A 105 0.36 14.98 6.93
CA VAL A 105 -0.29 16.25 7.29
C VAL A 105 0.26 16.81 8.61
N SER A 106 0.70 15.94 9.52
CA SER A 106 1.23 16.34 10.83
C SER A 106 2.75 16.15 10.92
N SER A 107 3.40 16.04 9.76
CA SER A 107 4.85 15.79 9.70
C SER A 107 5.65 16.94 10.30
N ALA A 108 5.70 18.09 9.61
CA ALA A 108 6.37 19.31 10.09
C ALA A 108 7.91 19.19 10.14
N ALA A 109 8.42 18.22 10.90
CA ALA A 109 9.87 18.07 11.15
C ALA A 109 10.71 17.92 9.88
N ALA A 110 10.08 17.53 8.76
CA ALA A 110 10.78 17.32 7.48
C ALA A 110 11.68 16.08 7.47
N GLY A 111 12.71 16.05 8.32
CA GLY A 111 13.64 14.93 8.35
C GLY A 111 14.23 14.68 9.73
N VAL A 112 13.38 14.49 10.73
CA VAL A 112 13.81 14.24 12.11
C VAL A 112 13.26 12.90 12.64
N PRO A 113 14.15 12.00 13.13
CA PRO A 113 13.74 10.68 13.65
C PRO A 113 13.05 10.75 15.02
N GLY A 114 12.03 9.92 15.22
CA GLY A 114 11.34 9.84 16.52
C GLY A 114 10.63 11.13 16.93
N THR A 115 10.54 12.11 16.03
CA THR A 115 9.84 13.37 16.34
C THR A 115 8.35 13.15 16.63
N ASN A 116 7.67 12.42 15.74
CA ASN A 116 6.26 12.09 15.91
C ASN A 116 6.08 10.59 16.17
N PRO A 117 5.37 10.21 17.25
CA PRO A 117 5.09 8.79 17.56
C PRO A 117 4.54 8.01 16.37
N VAL A 118 3.90 8.74 15.45
CA VAL A 118 3.34 8.17 14.21
C VAL A 118 4.39 7.34 13.44
N LEU A 119 5.66 7.75 13.53
CA LEU A 119 6.76 7.03 12.87
C LEU A 119 6.87 5.58 13.39
N ASN A 120 6.91 5.43 14.72
CA ASN A 120 6.97 4.11 15.33
C ASN A 120 5.64 3.35 15.21
N ASN A 121 4.53 4.09 15.14
CA ASN A 121 3.23 3.49 14.86
C ASN A 121 3.25 2.77 13.50
N LEU A 122 3.77 3.46 12.49
CA LEU A 122 4.01 2.85 11.17
C LEU A 122 4.93 1.63 11.29
N LEU A 123 6.07 1.81 11.96
CA LEU A 123 7.06 0.73 12.13
C LEU A 123 6.41 -0.54 12.70
N SER A 124 5.64 -0.39 13.77
CA SER A 124 4.93 -1.53 14.38
C SER A 124 3.99 -2.20 13.37
N CYS A 125 3.18 -1.40 12.68
CA CYS A 125 2.22 -1.93 11.69
C CYS A 125 2.94 -2.62 10.51
N VAL A 126 4.04 -2.02 10.04
CA VAL A 126 4.83 -2.59 8.94
C VAL A 126 5.39 -3.98 9.30
N GLN A 127 6.07 -4.05 10.44
CA GLN A 127 6.61 -5.33 10.93
C GLN A 127 5.48 -6.33 11.20
N GLU A 128 4.38 -5.84 11.77
CA GLU A 128 3.20 -6.67 12.03
C GLU A 128 2.68 -7.34 10.74
N ILE A 129 2.43 -6.52 9.71
CA ILE A 129 2.00 -7.02 8.40
C ILE A 129 2.98 -8.08 7.86
N SER A 130 4.27 -7.73 7.87
CA SER A 130 5.33 -8.64 7.41
C SER A 130 5.29 -9.98 8.16
N ASP A 131 4.97 -9.92 9.45
CA ASP A 131 4.84 -11.12 10.28
C ASP A 131 3.56 -11.92 9.96
N VAL A 132 2.43 -11.23 9.85
CA VAL A 132 1.13 -11.87 9.56
C VAL A 132 1.20 -12.72 8.29
N VAL A 133 1.84 -12.20 7.25
CA VAL A 133 1.99 -12.93 5.98
C VAL A 133 2.83 -14.22 6.16
N GLN A 134 3.71 -14.22 7.15
CA GLN A 134 4.61 -15.37 7.38
C GLN A 134 3.95 -16.47 8.23
N ARG A 135 2.78 -16.18 8.81
CA ARG A 135 2.10 -17.11 9.71
C ARG A 135 1.45 -18.29 8.94
N MET A 1 -4.07 -15.35 -47.77
CA MET A 1 -4.49 -15.98 -46.49
C MET A 1 -3.41 -16.94 -45.94
N GLY A 2 -2.27 -17.02 -46.63
CA GLY A 2 -1.25 -18.01 -46.30
C GLY A 2 -0.39 -17.66 -45.07
N HIS A 3 0.93 -17.75 -45.23
CA HIS A 3 1.86 -17.58 -44.10
C HIS A 3 2.82 -16.39 -44.31
N HIS A 4 2.43 -15.42 -45.14
CA HIS A 4 3.29 -14.25 -45.39
C HIS A 4 3.56 -13.44 -44.10
N HIS A 5 2.58 -13.44 -43.18
CA HIS A 5 2.62 -12.61 -41.96
C HIS A 5 2.50 -11.11 -42.30
N HIS A 6 3.47 -10.58 -43.06
CA HIS A 6 3.42 -9.21 -43.53
C HIS A 6 2.17 -8.99 -44.44
N HIS A 7 1.83 -7.72 -44.70
CA HIS A 7 0.59 -7.35 -45.42
C HIS A 7 -0.63 -7.43 -44.48
N HIS A 8 -0.50 -8.18 -43.38
CA HIS A 8 -1.49 -8.19 -42.30
C HIS A 8 -1.15 -7.12 -41.25
N SER A 9 -2.00 -7.02 -40.23
CA SER A 9 -1.76 -6.06 -39.13
C SER A 9 -1.62 -6.79 -37.79
N HIS A 10 -0.77 -6.25 -36.91
CA HIS A 10 -0.59 -6.79 -35.56
C HIS A 10 -0.07 -5.71 -34.60
N MET A 11 -0.89 -5.36 -33.62
CA MET A 11 -0.54 -4.31 -32.66
C MET A 11 0.31 -4.85 -31.50
N ALA A 12 0.99 -3.95 -30.80
CA ALA A 12 1.72 -4.30 -29.59
C ALA A 12 0.74 -4.50 -28.42
N ASN A 13 1.17 -5.24 -27.40
CA ASN A 13 0.29 -5.58 -26.26
C ASN A 13 -0.08 -4.34 -25.43
N GLY A 14 -1.19 -3.71 -25.80
CA GLY A 14 -1.67 -2.53 -25.09
C GLY A 14 -3.20 -2.44 -25.06
N ALA A 15 -3.74 -1.56 -24.23
CA ALA A 15 -5.20 -1.41 -24.09
C ALA A 15 -5.56 -0.09 -23.39
N ALA A 16 -6.82 0.32 -23.54
CA ALA A 16 -7.32 1.55 -22.90
C ALA A 16 -7.67 1.32 -21.42
N GLY A 17 -6.83 1.84 -20.53
CA GLY A 17 -7.01 1.60 -19.09
C GLY A 17 -8.08 2.47 -18.43
N THR A 18 -8.93 3.12 -19.23
CA THR A 18 -9.99 3.99 -18.72
C THR A 18 -10.87 3.29 -17.68
N LYS A 19 -11.44 2.15 -18.05
CA LYS A 19 -12.32 1.38 -17.17
C LYS A 19 -11.53 0.68 -16.05
N VAL A 20 -10.31 0.26 -16.35
CA VAL A 20 -9.47 -0.48 -15.39
C VAL A 20 -8.90 0.45 -14.31
N ALA A 21 -8.98 1.74 -14.58
CA ALA A 21 -8.49 2.78 -13.66
C ALA A 21 -9.23 2.73 -12.30
N LEU A 22 -10.42 2.13 -12.29
CA LEU A 22 -11.22 2.00 -11.07
C LEU A 22 -10.67 0.89 -10.15
N ARG A 23 -9.93 -0.06 -10.72
CA ARG A 23 -9.32 -1.18 -9.97
C ARG A 23 -10.36 -2.16 -9.36
N LYS A 24 -11.65 -1.82 -9.40
CA LYS A 24 -12.69 -2.69 -8.83
C LYS A 24 -12.71 -4.07 -9.52
N THR A 25 -13.06 -4.08 -10.81
CA THR A 25 -13.06 -5.33 -11.58
C THR A 25 -11.72 -5.56 -12.26
N LYS A 26 -10.98 -6.55 -11.77
CA LYS A 26 -9.69 -6.91 -12.34
C LYS A 26 -9.90 -7.63 -13.69
N GLN A 27 -9.08 -7.31 -14.68
CA GLN A 27 -9.33 -7.77 -16.05
C GLN A 27 -8.64 -9.11 -16.36
N ALA A 28 -7.31 -9.17 -16.22
CA ALA A 28 -6.54 -10.38 -16.54
C ALA A 28 -5.14 -10.32 -15.90
N ALA A 29 -4.63 -11.50 -15.50
CA ALA A 29 -3.32 -11.59 -14.82
C ALA A 29 -2.20 -10.86 -15.58
N GLU A 30 -2.42 -10.61 -16.87
CA GLU A 30 -1.48 -9.85 -17.70
C GLU A 30 -1.12 -8.50 -17.06
N LYS A 31 -2.10 -7.88 -16.40
CA LYS A 31 -1.92 -6.58 -15.74
C LYS A 31 -2.34 -6.59 -14.26
N ILE A 32 -3.05 -7.65 -13.83
CA ILE A 32 -3.49 -7.76 -12.43
C ILE A 32 -2.28 -7.85 -11.46
N SER A 33 -1.82 -6.70 -11.00
CA SER A 33 -0.71 -6.63 -10.05
C SER A 33 -1.04 -7.41 -8.78
N ALA A 34 -2.31 -7.38 -8.36
CA ALA A 34 -2.78 -8.07 -7.16
C ALA A 34 -2.33 -9.54 -7.09
N ASP A 35 -2.30 -10.20 -8.24
CA ASP A 35 -1.89 -11.61 -8.31
C ASP A 35 -0.37 -11.73 -8.57
N LYS A 36 0.21 -10.67 -9.10
CA LYS A 36 1.65 -10.60 -9.35
C LYS A 36 2.43 -10.32 -8.05
N ILE A 37 1.73 -9.77 -7.04
CA ILE A 37 2.34 -9.48 -5.75
C ILE A 37 2.84 -10.75 -5.05
N SER A 38 4.08 -11.14 -5.34
CA SER A 38 4.70 -12.30 -4.71
C SER A 38 4.95 -12.05 -3.21
N LYS A 39 4.65 -13.04 -2.38
CA LYS A 39 4.84 -12.93 -0.91
C LYS A 39 6.23 -12.36 -0.55
N GLU A 40 7.28 -12.97 -1.11
CA GLU A 40 8.66 -12.47 -0.90
C GLU A 40 8.79 -10.99 -1.28
N ALA A 41 8.25 -10.62 -2.45
CA ALA A 41 8.33 -9.23 -2.93
C ALA A 41 7.67 -8.26 -1.94
N LEU A 42 6.55 -8.69 -1.34
CA LEU A 42 5.86 -7.90 -0.32
C LEU A 42 6.76 -7.71 0.91
N LEU A 43 7.40 -8.80 1.35
CA LEU A 43 8.33 -8.75 2.48
C LEU A 43 9.51 -7.81 2.20
N GLU A 44 10.08 -7.90 1.00
CA GLU A 44 11.19 -7.03 0.59
C GLU A 44 10.82 -5.55 0.69
N CYS A 45 9.64 -5.21 0.16
CA CYS A 45 9.14 -3.83 0.19
C CYS A 45 8.90 -3.36 1.64
N ALA A 46 8.21 -4.19 2.43
CA ALA A 46 7.93 -3.86 3.84
C ALA A 46 9.22 -3.64 4.64
N ASP A 47 10.22 -4.49 4.40
CA ASP A 47 11.52 -4.40 5.05
C ASP A 47 12.17 -3.02 4.83
N LEU A 48 11.91 -2.43 3.65
CA LEU A 48 12.42 -1.10 3.32
C LEU A 48 11.98 -0.04 4.36
N LEU A 49 10.73 -0.13 4.80
CA LEU A 49 10.20 0.83 5.79
C LEU A 49 10.86 0.63 7.15
N SER A 50 11.00 -0.63 7.58
CA SER A 50 11.69 -0.95 8.84
C SER A 50 13.13 -0.42 8.81
N SER A 51 13.80 -0.61 7.67
CA SER A 51 15.16 -0.11 7.47
C SER A 51 15.19 1.43 7.43
N ALA A 52 14.25 2.02 6.69
CA ALA A 52 14.21 3.48 6.49
C ALA A 52 13.90 4.25 7.78
N LEU A 53 12.98 3.73 8.59
CA LEU A 53 12.57 4.40 9.84
C LEU A 53 13.69 4.41 10.90
N THR A 54 14.75 3.63 10.68
CA THR A 54 15.89 3.61 11.62
C THR A 54 17.07 4.45 11.10
N GLU A 55 16.87 5.10 9.96
CA GLU A 55 17.87 6.02 9.38
C GLU A 55 17.21 7.35 8.99
N PRO A 56 17.98 8.45 8.83
CA PRO A 56 17.39 9.75 8.44
C PRO A 56 16.90 9.76 6.99
N VAL A 57 15.61 10.00 6.81
CA VAL A 57 14.99 10.04 5.48
C VAL A 57 13.91 11.12 5.40
N PRO A 58 13.63 11.65 4.19
CA PRO A 58 12.57 12.65 4.01
C PRO A 58 11.16 12.06 4.16
N ASN A 59 10.25 12.82 4.76
CA ASN A 59 8.86 12.39 4.94
C ASN A 59 8.23 11.94 3.62
N SER A 60 8.60 12.62 2.53
CA SER A 60 8.16 12.24 1.18
C SER A 60 8.45 10.77 0.89
N GLN A 61 9.72 10.38 1.05
CA GLN A 61 10.16 8.99 0.85
C GLN A 61 9.38 8.00 1.72
N LEU A 62 9.11 8.41 2.96
CA LEU A 62 8.35 7.57 3.90
C LEU A 62 6.92 7.30 3.40
N VAL A 63 6.16 8.36 3.18
CA VAL A 63 4.76 8.23 2.73
C VAL A 63 4.68 7.61 1.33
N ASP A 64 5.62 7.97 0.46
CA ASP A 64 5.69 7.41 -0.90
C ASP A 64 5.90 5.88 -0.85
N THR A 65 6.93 5.45 -0.14
CA THR A 65 7.21 4.01 0.02
C THR A 65 6.04 3.30 0.70
N GLY A 66 5.39 3.98 1.64
CA GLY A 66 4.18 3.44 2.25
C GLY A 66 3.07 3.20 1.22
N HIS A 67 3.04 4.04 0.18
CA HIS A 67 2.03 3.92 -0.87
C HIS A 67 2.21 2.65 -1.71
N GLN A 68 3.46 2.26 -2.00
CA GLN A 68 3.69 1.01 -2.74
C GLN A 68 3.31 -0.20 -1.86
N LEU A 69 3.48 -0.05 -0.54
CA LEU A 69 3.00 -1.07 0.39
C LEU A 69 1.47 -1.19 0.35
N LEU A 70 0.79 -0.05 0.19
CA LEU A 70 -0.66 -0.05 -0.03
C LEU A 70 -1.02 -0.76 -1.34
N ASP A 71 -0.24 -0.53 -2.38
CA ASP A 71 -0.45 -1.22 -3.67
C ASP A 71 -0.33 -2.75 -3.50
N TYR A 72 0.80 -3.19 -2.95
CA TYR A 72 1.03 -4.62 -2.68
C TYR A 72 -0.04 -5.20 -1.73
N CYS A 73 -0.26 -4.54 -0.60
CA CYS A 73 -1.20 -5.04 0.42
C CYS A 73 -2.65 -5.05 -0.07
N SER A 74 -3.11 -3.93 -0.62
CA SER A 74 -4.50 -3.81 -1.08
C SER A 74 -4.82 -4.80 -2.20
N GLY A 75 -3.79 -5.18 -2.97
CA GLY A 75 -3.97 -6.18 -4.02
C GLY A 75 -3.84 -7.62 -3.51
N TYR A 76 -2.77 -7.89 -2.77
CA TYR A 76 -2.47 -9.25 -2.29
C TYR A 76 -3.57 -9.79 -1.37
N VAL A 77 -4.26 -8.91 -0.64
CA VAL A 77 -5.34 -9.33 0.27
C VAL A 77 -6.45 -10.10 -0.48
N ASP A 78 -6.68 -9.74 -1.74
CA ASP A 78 -7.68 -10.42 -2.58
C ASP A 78 -7.21 -11.85 -2.94
N CYS A 79 -5.90 -12.07 -2.90
CA CYS A 79 -5.31 -13.36 -3.29
C CYS A 79 -4.96 -14.23 -2.06
N ILE A 80 -5.14 -13.71 -0.85
CA ILE A 80 -4.84 -14.46 0.39
C ILE A 80 -5.82 -15.63 0.60
N PRO A 81 -5.31 -16.87 0.70
CA PRO A 81 -6.14 -18.08 0.87
C PRO A 81 -6.69 -18.27 2.30
N GLN A 82 -6.02 -17.69 3.29
CA GLN A 82 -6.43 -17.83 4.70
C GLN A 82 -7.12 -16.57 5.23
N THR A 83 -8.37 -16.70 5.67
CA THR A 83 -9.12 -15.56 6.23
C THR A 83 -8.49 -15.03 7.52
N ARG A 84 -7.98 -15.94 8.36
CA ARG A 84 -7.26 -15.55 9.59
C ARG A 84 -6.16 -14.52 9.26
N ASN A 85 -5.32 -14.89 8.30
CA ASN A 85 -4.26 -14.00 7.82
C ASN A 85 -4.84 -12.76 7.14
N LYS A 86 -5.85 -12.96 6.31
CA LYS A 86 -6.45 -11.88 5.51
C LYS A 86 -7.01 -10.75 6.39
N PHE A 87 -7.81 -11.12 7.40
CA PHE A 87 -8.40 -10.12 8.29
C PHE A 87 -7.32 -9.45 9.15
N ALA A 88 -6.47 -10.26 9.78
CA ALA A 88 -5.35 -9.75 10.59
C ALA A 88 -4.41 -8.88 9.74
N PHE A 89 -4.38 -9.16 8.44
CA PHE A 89 -3.60 -8.38 7.48
C PHE A 89 -4.25 -7.01 7.23
N ARG A 90 -5.53 -6.99 6.85
CA ARG A 90 -6.23 -5.74 6.54
C ARG A 90 -6.36 -4.81 7.74
N GLU A 91 -6.60 -5.34 8.93
CA GLU A 91 -6.67 -4.49 10.14
C GLU A 91 -5.33 -3.77 10.35
N ALA A 92 -4.23 -4.47 10.09
CA ALA A 92 -2.89 -3.88 10.19
C ALA A 92 -2.63 -2.86 9.06
N VAL A 93 -3.09 -3.18 7.86
CA VAL A 93 -2.95 -2.27 6.71
C VAL A 93 -3.79 -1.00 6.91
N SER A 94 -5.01 -1.15 7.43
CA SER A 94 -5.86 -0.01 7.76
C SER A 94 -5.13 0.95 8.71
N LYS A 95 -4.52 0.39 9.74
CA LYS A 95 -3.66 1.15 10.65
C LYS A 95 -2.56 1.90 9.89
N LEU A 96 -1.88 1.18 8.99
CA LEU A 96 -0.77 1.77 8.21
C LEU A 96 -1.25 2.95 7.34
N GLU A 97 -2.29 2.72 6.54
CA GLU A 97 -2.78 3.75 5.61
C GLU A 97 -3.37 4.98 6.35
N LEU A 98 -4.07 4.73 7.46
CA LEU A 98 -4.62 5.80 8.29
C LEU A 98 -3.49 6.58 8.98
N SER A 99 -2.46 5.87 9.44
CA SER A 99 -1.30 6.52 10.07
C SER A 99 -0.45 7.28 9.03
N LEU A 100 -0.45 6.80 7.79
CA LEU A 100 0.23 7.52 6.70
C LEU A 100 -0.44 8.87 6.41
N GLN A 101 -1.77 8.88 6.36
CA GLN A 101 -2.50 10.12 6.06
C GLN A 101 -2.45 11.12 7.24
N GLU A 102 -2.46 10.62 8.48
CA GLU A 102 -2.30 11.51 9.64
C GLU A 102 -0.86 12.05 9.70
N LEU A 103 0.09 11.24 9.23
CA LEU A 103 1.50 11.65 9.16
C LEU A 103 1.71 12.80 8.16
N GLN A 104 1.31 12.59 6.92
CA GLN A 104 1.54 13.58 5.85
C GLN A 104 0.96 14.96 6.20
N VAL A 105 -0.12 14.99 6.97
CA VAL A 105 -0.73 16.25 7.40
C VAL A 105 -0.13 16.77 8.72
N SER A 106 0.67 15.95 9.39
CA SER A 106 1.23 16.28 10.71
C SER A 106 2.77 16.20 10.72
N SER A 107 3.38 16.18 9.54
CA SER A 107 4.84 16.05 9.41
C SER A 107 5.58 17.27 9.96
N ALA A 108 5.56 18.37 9.21
CA ALA A 108 6.21 19.64 9.60
C ALA A 108 7.75 19.58 9.57
N ALA A 109 8.34 18.58 10.24
CA ALA A 109 9.80 18.48 10.40
C ALA A 109 10.55 18.09 9.12
N ALA A 110 9.85 18.07 7.97
CA ALA A 110 10.46 17.77 6.67
C ALA A 110 10.88 16.30 6.53
N GLY A 111 11.84 15.86 7.34
CA GLY A 111 12.33 14.49 7.26
C GLY A 111 13.35 14.13 8.33
N VAL A 112 12.91 14.08 9.58
CA VAL A 112 13.78 13.73 10.71
C VAL A 112 13.32 12.40 11.34
N PRO A 113 14.24 11.43 11.55
CA PRO A 113 13.89 10.11 12.11
C PRO A 113 13.34 10.19 13.54
N GLY A 114 12.13 9.65 13.74
CA GLY A 114 11.50 9.66 15.06
C GLY A 114 10.98 11.03 15.51
N THR A 115 10.90 11.98 14.57
CA THR A 115 10.45 13.35 14.90
C THR A 115 8.99 13.39 15.43
N ASN A 116 8.13 12.53 14.86
CA ASN A 116 6.73 12.45 15.28
C ASN A 116 6.38 11.01 15.67
N PRO A 117 5.62 10.82 16.77
CA PRO A 117 5.26 9.47 17.28
C PRO A 117 4.63 8.55 16.21
N VAL A 118 4.00 9.17 15.21
CA VAL A 118 3.39 8.43 14.09
C VAL A 118 4.39 7.47 13.43
N LEU A 119 5.66 7.87 13.36
CA LEU A 119 6.70 7.06 12.71
C LEU A 119 6.91 5.72 13.42
N ASN A 120 7.07 5.75 14.75
CA ASN A 120 7.18 4.52 15.55
C ASN A 120 5.92 3.65 15.40
N ASN A 121 4.76 4.31 15.31
CA ASN A 121 3.48 3.59 15.09
C ASN A 121 3.48 2.91 13.71
N LEU A 122 4.01 3.59 12.70
CA LEU A 122 4.18 3.01 11.36
C LEU A 122 5.09 1.78 11.43
N LEU A 123 6.23 1.91 12.10
CA LEU A 123 7.18 0.80 12.28
C LEU A 123 6.46 -0.43 12.84
N SER A 124 5.69 -0.22 13.91
CA SER A 124 4.90 -1.31 14.52
C SER A 124 3.94 -1.95 13.52
N CYS A 125 3.22 -1.11 12.77
CA CYS A 125 2.26 -1.59 11.76
C CYS A 125 2.95 -2.39 10.65
N VAL A 126 4.01 -1.84 10.07
CA VAL A 126 4.75 -2.49 8.98
C VAL A 126 5.31 -3.86 9.42
N GLN A 127 5.92 -3.92 10.59
CA GLN A 127 6.44 -5.16 11.15
C GLN A 127 5.31 -6.18 11.38
N GLU A 128 4.17 -5.70 11.88
CA GLU A 128 2.99 -6.55 12.09
C GLU A 128 2.47 -7.14 10.76
N ILE A 129 2.27 -6.26 9.77
CA ILE A 129 1.78 -6.67 8.44
C ILE A 129 2.64 -7.80 7.84
N SER A 130 3.94 -7.55 7.71
CA SER A 130 4.87 -8.54 7.17
C SER A 130 4.86 -9.83 7.99
N ASP A 131 4.72 -9.69 9.32
CA ASP A 131 4.64 -10.84 10.23
C ASP A 131 3.39 -11.70 9.93
N VAL A 132 2.25 -11.05 9.71
CA VAL A 132 1.00 -11.75 9.38
C VAL A 132 1.15 -12.61 8.11
N VAL A 133 1.87 -12.08 7.13
CA VAL A 133 2.10 -12.79 5.86
C VAL A 133 3.01 -14.02 6.05
N GLN A 134 3.82 -14.00 7.12
CA GLN A 134 4.77 -15.10 7.41
C GLN A 134 4.10 -16.25 8.16
N ARG A 135 2.85 -16.06 8.58
CA ARG A 135 2.13 -17.06 9.38
C ARG A 135 1.47 -18.16 8.52
N MET A 1 -25.34 -19.83 -54.59
CA MET A 1 -26.26 -20.02 -53.43
C MET A 1 -25.47 -20.27 -52.14
N GLY A 2 -25.45 -19.29 -51.23
CA GLY A 2 -24.78 -19.49 -49.94
C GLY A 2 -23.93 -18.30 -49.49
N HIS A 3 -24.54 -17.39 -48.72
CA HIS A 3 -23.80 -16.27 -48.12
C HIS A 3 -24.30 -15.97 -46.68
N HIS A 4 -24.50 -17.03 -45.90
CA HIS A 4 -25.03 -16.90 -44.52
C HIS A 4 -23.93 -16.43 -43.53
N HIS A 5 -23.25 -15.32 -43.86
CA HIS A 5 -22.22 -14.74 -42.98
C HIS A 5 -21.60 -13.49 -43.62
N HIS A 6 -20.98 -12.64 -42.79
CA HIS A 6 -20.26 -11.47 -43.28
C HIS A 6 -19.31 -10.93 -42.19
N HIS A 7 -18.22 -10.29 -42.62
CA HIS A 7 -17.23 -9.73 -41.70
C HIS A 7 -17.87 -8.72 -40.73
N HIS A 8 -17.41 -8.69 -39.49
CA HIS A 8 -17.95 -7.78 -38.47
C HIS A 8 -17.57 -6.31 -38.75
N SER A 9 -18.29 -5.69 -39.68
CA SER A 9 -18.09 -4.27 -39.99
C SER A 9 -18.96 -3.39 -39.07
N HIS A 10 -18.32 -2.69 -38.15
CA HIS A 10 -19.02 -1.88 -37.14
C HIS A 10 -18.68 -0.39 -37.27
N MET A 11 -18.98 0.40 -36.22
CA MET A 11 -18.70 1.84 -36.24
C MET A 11 -17.64 2.21 -35.19
N ALA A 12 -17.41 3.51 -35.01
CA ALA A 12 -16.50 4.01 -33.96
C ALA A 12 -17.30 4.47 -32.73
N ASN A 13 -16.79 4.16 -31.54
CA ASN A 13 -17.47 4.51 -30.28
C ASN A 13 -16.48 5.05 -29.24
N GLY A 14 -16.75 6.27 -28.75
CA GLY A 14 -15.88 6.90 -27.77
C GLY A 14 -15.92 6.24 -26.40
N ALA A 15 -14.79 5.63 -26.00
CA ALA A 15 -14.70 4.98 -24.68
C ALA A 15 -13.29 5.17 -24.08
N ALA A 16 -13.19 6.03 -23.06
CA ALA A 16 -11.89 6.35 -22.45
C ALA A 16 -11.73 5.70 -21.05
N GLY A 17 -10.94 4.63 -20.99
CA GLY A 17 -10.65 3.97 -19.72
C GLY A 17 -11.83 3.20 -19.14
N THR A 18 -12.65 2.62 -20.01
CA THR A 18 -13.86 1.90 -19.59
C THR A 18 -13.54 0.71 -18.67
N LYS A 19 -12.65 -0.18 -19.12
CA LYS A 19 -12.36 -1.44 -18.41
C LYS A 19 -11.67 -1.23 -17.04
N VAL A 20 -11.35 0.02 -16.70
CA VAL A 20 -10.64 0.32 -15.45
C VAL A 20 -11.25 1.52 -14.70
N ALA A 21 -12.40 1.98 -15.18
CA ALA A 21 -13.02 3.22 -14.70
C ALA A 21 -13.17 3.29 -13.17
N LEU A 22 -13.90 2.33 -12.59
CA LEU A 22 -14.18 2.35 -11.15
C LEU A 22 -13.20 1.50 -10.32
N ARG A 23 -12.21 0.89 -10.98
CA ARG A 23 -11.22 0.04 -10.31
C ARG A 23 -11.85 -1.19 -9.60
N LYS A 24 -13.14 -1.44 -9.87
CA LYS A 24 -13.86 -2.55 -9.24
C LYS A 24 -13.77 -3.85 -10.05
N THR A 25 -13.43 -3.72 -11.33
CA THR A 25 -13.47 -4.86 -12.26
C THR A 25 -12.09 -5.48 -12.53
N LYS A 26 -12.02 -6.81 -12.51
CA LYS A 26 -10.85 -7.54 -12.99
C LYS A 26 -10.88 -7.67 -14.52
N GLN A 27 -9.99 -8.49 -15.07
CA GLN A 27 -9.88 -8.65 -16.54
C GLN A 27 -9.03 -9.87 -16.93
N ALA A 28 -7.81 -9.95 -16.37
CA ALA A 28 -6.91 -11.08 -16.63
C ALA A 28 -5.64 -11.00 -15.78
N ALA A 29 -5.13 -12.15 -15.34
CA ALA A 29 -3.90 -12.21 -14.54
C ALA A 29 -2.73 -11.46 -15.21
N GLU A 30 -2.80 -11.33 -16.53
CA GLU A 30 -1.81 -10.59 -17.32
C GLU A 30 -1.65 -9.14 -16.81
N LYS A 31 -2.77 -8.54 -16.40
CA LYS A 31 -2.79 -7.15 -15.94
C LYS A 31 -3.00 -7.05 -14.41
N ILE A 32 -3.64 -8.07 -13.82
CA ILE A 32 -3.95 -8.06 -12.38
C ILE A 32 -2.67 -8.14 -11.53
N SER A 33 -2.26 -6.99 -10.98
CA SER A 33 -1.06 -6.91 -10.12
C SER A 33 -1.10 -7.91 -8.97
N ALA A 34 -2.31 -8.19 -8.46
CA ALA A 34 -2.50 -9.15 -7.35
C ALA A 34 -1.84 -10.51 -7.63
N ASP A 35 -1.94 -10.97 -8.87
CA ASP A 35 -1.35 -12.26 -9.28
C ASP A 35 0.18 -12.19 -9.28
N LYS A 36 0.71 -11.00 -9.53
CA LYS A 36 2.16 -10.76 -9.56
C LYS A 36 2.76 -10.70 -8.14
N ILE A 37 2.02 -10.10 -7.20
CA ILE A 37 2.53 -9.86 -5.86
C ILE A 37 2.92 -11.16 -5.15
N SER A 38 4.21 -11.45 -5.11
CA SER A 38 4.73 -12.65 -4.42
C SER A 38 5.02 -12.34 -2.95
N LYS A 39 5.01 -13.38 -2.11
CA LYS A 39 5.31 -13.23 -0.67
C LYS A 39 6.60 -12.42 -0.44
N GLU A 40 7.69 -12.86 -1.05
CA GLU A 40 8.97 -12.15 -0.95
C GLU A 40 8.87 -10.69 -1.45
N ALA A 41 8.23 -10.49 -2.60
CA ALA A 41 8.08 -9.16 -3.18
C ALA A 41 7.44 -8.17 -2.21
N LEU A 42 6.43 -8.64 -1.47
CA LEU A 42 5.74 -7.81 -0.49
C LEU A 42 6.63 -7.56 0.75
N LEU A 43 7.17 -8.63 1.33
CA LEU A 43 8.00 -8.53 2.53
C LEU A 43 9.22 -7.61 2.32
N GLU A 44 9.91 -7.80 1.19
CA GLU A 44 11.07 -6.97 0.84
C GLU A 44 10.69 -5.48 0.73
N CYS A 45 9.48 -5.21 0.22
CA CYS A 45 8.97 -3.82 0.18
C CYS A 45 8.73 -3.27 1.59
N ALA A 46 8.27 -4.14 2.50
CA ALA A 46 8.05 -3.76 3.90
C ALA A 46 9.37 -3.48 4.62
N ASP A 47 10.41 -4.27 4.30
CA ASP A 47 11.75 -4.08 4.88
C ASP A 47 12.27 -2.65 4.63
N LEU A 48 11.91 -2.08 3.48
CA LEU A 48 12.31 -0.71 3.14
C LEU A 48 11.78 0.32 4.16
N LEU A 49 10.55 0.11 4.63
CA LEU A 49 9.94 1.02 5.60
C LEU A 49 10.63 0.90 6.97
N SER A 50 10.78 -0.33 7.45
CA SER A 50 11.50 -0.58 8.72
C SER A 50 12.91 0.04 8.69
N SER A 51 13.58 -0.09 7.55
CA SER A 51 14.90 0.53 7.36
C SER A 51 14.81 2.07 7.37
N ALA A 52 13.87 2.61 6.59
CA ALA A 52 13.72 4.06 6.43
C ALA A 52 13.18 4.75 7.69
N LEU A 53 12.53 3.98 8.57
CA LEU A 53 12.00 4.53 9.83
C LEU A 53 13.05 4.52 10.95
N THR A 54 14.13 3.76 10.76
CA THR A 54 15.22 3.70 11.74
C THR A 54 16.32 4.73 11.42
N GLU A 55 16.72 4.81 10.16
CA GLU A 55 17.68 5.83 9.71
C GLU A 55 16.95 7.10 9.24
N PRO A 56 17.61 8.28 9.35
CA PRO A 56 17.01 9.55 8.90
C PRO A 56 16.75 9.58 7.38
N VAL A 57 15.50 9.83 7.00
CA VAL A 57 15.10 9.95 5.59
C VAL A 57 14.07 11.08 5.42
N PRO A 58 13.89 11.62 4.19
CA PRO A 58 12.84 12.62 3.91
C PRO A 58 11.43 12.08 4.19
N ASN A 59 10.63 12.84 4.94
CA ASN A 59 9.28 12.42 5.31
C ASN A 59 8.41 12.13 4.07
N SER A 60 8.70 12.83 2.97
CA SER A 60 8.02 12.57 1.69
C SER A 60 8.29 11.13 1.21
N GLN A 61 9.53 10.68 1.38
CA GLN A 61 9.92 9.32 1.00
C GLN A 61 9.17 8.27 1.84
N LEU A 62 8.98 8.57 3.13
CA LEU A 62 8.24 7.67 4.03
C LEU A 62 6.79 7.44 3.53
N VAL A 63 6.06 8.54 3.32
CA VAL A 63 4.67 8.45 2.85
C VAL A 63 4.58 7.84 1.45
N ASP A 64 5.51 8.21 0.57
CA ASP A 64 5.54 7.67 -0.80
C ASP A 64 5.82 6.16 -0.79
N THR A 65 6.89 5.75 -0.12
CA THR A 65 7.27 4.34 -0.03
C THR A 65 6.19 3.51 0.68
N GLY A 66 5.44 4.15 1.58
CA GLY A 66 4.30 3.48 2.20
C GLY A 66 3.15 3.25 1.22
N HIS A 67 3.00 4.15 0.25
CA HIS A 67 1.92 4.05 -0.74
C HIS A 67 2.02 2.77 -1.60
N GLN A 68 3.24 2.31 -1.91
CA GLN A 68 3.40 1.07 -2.68
C GLN A 68 2.90 -0.15 -1.88
N LEU A 69 3.13 -0.12 -0.56
CA LEU A 69 2.64 -1.17 0.34
C LEU A 69 1.12 -1.29 0.27
N LEU A 70 0.43 -0.16 0.14
CA LEU A 70 -1.03 -0.14 -0.03
C LEU A 70 -1.46 -0.93 -1.29
N ASP A 71 -0.74 -0.73 -2.39
CA ASP A 71 -1.09 -1.41 -3.64
C ASP A 71 -0.75 -2.90 -3.57
N TYR A 72 0.49 -3.23 -3.20
CA TYR A 72 0.91 -4.63 -3.03
C TYR A 72 -0.02 -5.39 -2.07
N CYS A 73 -0.34 -4.79 -0.94
CA CYS A 73 -1.21 -5.41 0.07
C CYS A 73 -2.65 -5.58 -0.43
N SER A 74 -3.22 -4.50 -0.98
CA SER A 74 -4.61 -4.53 -1.49
C SER A 74 -4.81 -5.64 -2.55
N GLY A 75 -3.76 -5.93 -3.30
CA GLY A 75 -3.81 -7.00 -4.27
C GLY A 75 -3.56 -8.38 -3.65
N TYR A 76 -2.44 -8.52 -2.96
CA TYR A 76 -2.03 -9.79 -2.34
C TYR A 76 -3.13 -10.37 -1.43
N VAL A 77 -3.82 -9.51 -0.70
CA VAL A 77 -4.85 -9.94 0.26
C VAL A 77 -5.99 -10.71 -0.44
N ASP A 78 -6.26 -10.37 -1.70
CA ASP A 78 -7.35 -11.02 -2.46
C ASP A 78 -7.03 -12.49 -2.74
N CYS A 79 -5.74 -12.84 -2.75
CA CYS A 79 -5.28 -14.21 -3.01
C CYS A 79 -5.18 -15.05 -1.73
N ILE A 80 -5.16 -14.40 -0.57
CA ILE A 80 -4.97 -15.11 0.72
C ILE A 80 -6.15 -16.05 1.06
N PRO A 81 -5.89 -17.37 1.20
CA PRO A 81 -6.91 -18.36 1.58
C PRO A 81 -7.25 -18.33 3.09
N GLN A 82 -6.22 -18.29 3.94
CA GLN A 82 -6.40 -18.23 5.39
C GLN A 82 -7.08 -16.91 5.80
N THR A 83 -8.39 -16.96 6.01
CA THR A 83 -9.18 -15.75 6.30
C THR A 83 -8.75 -15.05 7.60
N ARG A 84 -8.30 -15.83 8.59
CA ARG A 84 -7.76 -15.25 9.84
C ARG A 84 -6.59 -14.30 9.55
N ASN A 85 -5.57 -14.80 8.86
CA ASN A 85 -4.43 -13.96 8.44
C ASN A 85 -4.91 -12.82 7.55
N LYS A 86 -5.82 -13.12 6.64
CA LYS A 86 -6.37 -12.12 5.71
C LYS A 86 -7.04 -10.96 6.46
N PHE A 87 -7.73 -11.26 7.56
CA PHE A 87 -8.37 -10.22 8.38
C PHE A 87 -7.31 -9.39 9.12
N ALA A 88 -6.41 -10.08 9.83
CA ALA A 88 -5.29 -9.44 10.53
C ALA A 88 -4.43 -8.60 9.57
N PHE A 89 -4.34 -9.07 8.33
CA PHE A 89 -3.64 -8.37 7.26
C PHE A 89 -4.39 -7.08 6.86
N ARG A 90 -5.71 -7.21 6.64
CA ARG A 90 -6.56 -6.06 6.29
C ARG A 90 -6.50 -4.96 7.36
N GLU A 91 -6.70 -5.33 8.63
CA GLU A 91 -6.67 -4.35 9.72
C GLU A 91 -5.29 -3.68 9.83
N ALA A 92 -4.23 -4.48 9.69
CA ALA A 92 -2.86 -3.95 9.72
C ALA A 92 -2.62 -2.92 8.61
N VAL A 93 -3.12 -3.22 7.41
CA VAL A 93 -3.06 -2.28 6.28
C VAL A 93 -3.86 -1.00 6.61
N SER A 94 -4.99 -1.15 7.29
CA SER A 94 -5.80 0.00 7.73
C SER A 94 -4.98 0.91 8.66
N LYS A 95 -4.33 0.33 9.67
CA LYS A 95 -3.43 1.10 10.54
C LYS A 95 -2.30 1.77 9.72
N LEU A 96 -1.79 1.05 8.72
CA LEU A 96 -0.71 1.57 7.88
C LEU A 96 -1.12 2.86 7.13
N GLU A 97 -2.26 2.81 6.43
CA GLU A 97 -2.73 3.98 5.66
C GLU A 97 -3.10 5.14 6.61
N LEU A 98 -3.73 4.83 7.74
CA LEU A 98 -4.05 5.83 8.75
C LEU A 98 -2.78 6.49 9.32
N SER A 99 -1.75 5.68 9.54
CA SER A 99 -0.46 6.19 10.02
C SER A 99 0.21 7.08 8.96
N LEU A 100 0.01 6.76 7.69
CA LEU A 100 0.55 7.56 6.58
C LEU A 100 -0.19 8.91 6.45
N GLN A 101 -1.51 8.91 6.62
CA GLN A 101 -2.30 10.14 6.48
C GLN A 101 -2.05 11.12 7.64
N GLU A 102 -1.82 10.59 8.85
CA GLU A 102 -1.52 11.44 10.00
C GLU A 102 -0.06 11.94 9.94
N LEU A 103 0.85 11.14 9.38
CA LEU A 103 2.24 11.54 9.23
C LEU A 103 2.41 12.75 8.29
N GLN A 104 1.87 12.64 7.08
CA GLN A 104 2.04 13.68 6.05
C GLN A 104 1.51 15.06 6.49
N VAL A 105 0.60 15.08 7.47
CA VAL A 105 0.06 16.34 8.01
C VAL A 105 0.76 16.73 9.33
N SER A 106 1.21 15.74 10.10
CA SER A 106 1.88 15.99 11.39
C SER A 106 3.41 15.83 11.28
N SER A 107 3.94 15.88 10.05
CA SER A 107 5.38 15.67 9.81
C SER A 107 6.25 16.57 10.69
N ALA A 108 5.99 17.89 10.65
CA ALA A 108 6.77 18.87 11.44
C ALA A 108 8.27 18.81 11.13
N ALA A 109 8.61 18.29 9.95
CA ALA A 109 10.00 18.13 9.55
C ALA A 109 10.13 17.81 8.06
N ALA A 110 11.34 17.96 7.52
CA ALA A 110 11.64 17.58 6.14
C ALA A 110 12.27 16.17 6.11
N GLY A 111 12.98 15.81 7.18
CA GLY A 111 13.59 14.50 7.28
C GLY A 111 14.29 14.27 8.61
N VAL A 112 13.50 14.12 9.68
CA VAL A 112 14.04 13.90 11.03
C VAL A 112 13.39 12.68 11.70
N PRO A 113 14.20 11.71 12.19
CA PRO A 113 13.68 10.51 12.86
C PRO A 113 13.35 10.75 14.34
N GLY A 114 12.45 9.93 14.88
CA GLY A 114 12.11 9.98 16.31
C GLY A 114 11.25 11.18 16.73
N THR A 115 11.34 12.29 15.98
CA THR A 115 10.63 13.53 16.34
C THR A 115 9.11 13.35 16.53
N ASN A 116 8.52 12.39 15.82
CA ASN A 116 7.06 12.15 15.91
C ASN A 116 6.74 10.69 16.24
N PRO A 117 5.73 10.46 17.11
CA PRO A 117 5.27 9.11 17.49
C PRO A 117 4.69 8.35 16.29
N VAL A 118 4.20 9.09 15.30
CA VAL A 118 3.64 8.50 14.08
C VAL A 118 4.64 7.57 13.38
N LEU A 119 5.93 7.94 13.45
CA LEU A 119 7.00 7.12 12.88
C LEU A 119 7.02 5.72 13.53
N ASN A 120 6.73 5.67 14.82
CA ASN A 120 6.63 4.40 15.55
C ASN A 120 5.34 3.66 15.18
N ASN A 121 4.26 4.40 14.94
CA ASN A 121 3.01 3.82 14.45
C ASN A 121 3.24 3.05 13.15
N LEU A 122 3.89 3.70 12.17
CA LEU A 122 4.26 3.05 10.92
C LEU A 122 5.13 1.80 11.17
N LEU A 123 6.16 1.95 11.99
CA LEU A 123 7.06 0.83 12.32
C LEU A 123 6.26 -0.38 12.85
N SER A 124 5.31 -0.12 13.74
CA SER A 124 4.45 -1.17 14.30
C SER A 124 3.54 -1.78 13.21
N CYS A 125 2.92 -0.92 12.41
CA CYS A 125 2.06 -1.37 11.31
C CYS A 125 2.80 -2.28 10.32
N VAL A 126 4.02 -1.88 9.96
CA VAL A 126 4.85 -2.64 9.02
C VAL A 126 5.20 -4.03 9.58
N GLN A 127 5.75 -4.07 10.80
CA GLN A 127 6.11 -5.33 11.45
C GLN A 127 4.91 -6.27 11.57
N GLU A 128 3.71 -5.71 11.75
CA GLU A 128 2.49 -6.50 11.84
C GLU A 128 2.18 -7.16 10.49
N ILE A 129 2.10 -6.36 9.43
CA ILE A 129 1.81 -6.84 8.08
C ILE A 129 2.77 -7.97 7.65
N SER A 130 4.07 -7.74 7.79
CA SER A 130 5.08 -8.73 7.40
C SER A 130 4.98 -10.00 8.24
N ASP A 131 4.66 -9.85 9.52
CA ASP A 131 4.55 -10.99 10.44
C ASP A 131 3.32 -11.86 10.12
N VAL A 132 2.21 -11.23 9.75
CA VAL A 132 0.98 -11.96 9.39
C VAL A 132 1.23 -12.97 8.26
N VAL A 133 2.08 -12.59 7.30
CA VAL A 133 2.40 -13.47 6.17
C VAL A 133 3.29 -14.67 6.60
N GLN A 134 3.90 -14.56 7.78
CA GLN A 134 4.81 -15.60 8.29
C GLN A 134 4.09 -16.58 9.24
N ARG A 135 2.75 -16.53 9.25
CA ARG A 135 1.94 -17.38 10.15
C ARG A 135 1.33 -18.57 9.40
N MET A 1 -25.25 -8.48 -37.96
CA MET A 1 -24.99 -7.67 -36.74
C MET A 1 -25.91 -8.08 -35.58
N GLY A 2 -25.37 -8.88 -34.65
CA GLY A 2 -26.16 -9.33 -33.51
C GLY A 2 -25.39 -9.24 -32.19
N HIS A 3 -25.46 -8.08 -31.53
CA HIS A 3 -24.81 -7.86 -30.24
C HIS A 3 -25.63 -6.91 -29.35
N HIS A 4 -26.12 -7.43 -28.23
CA HIS A 4 -26.91 -6.63 -27.27
C HIS A 4 -26.05 -5.55 -26.57
N HIS A 5 -26.72 -4.48 -26.14
CA HIS A 5 -26.04 -3.36 -25.48
C HIS A 5 -25.37 -3.79 -24.16
N HIS A 6 -24.03 -3.75 -24.14
CA HIS A 6 -23.26 -4.10 -22.94
C HIS A 6 -23.11 -2.90 -21.99
N HIS A 7 -23.66 -1.75 -22.36
CA HIS A 7 -23.70 -0.60 -21.46
C HIS A 7 -24.58 -0.87 -20.23
N HIS A 8 -23.96 -1.39 -19.18
CA HIS A 8 -24.66 -1.64 -17.91
C HIS A 8 -23.82 -1.13 -16.72
N SER A 9 -24.49 -0.45 -15.78
CA SER A 9 -23.83 0.19 -14.63
C SER A 9 -22.95 1.37 -15.07
N HIS A 10 -23.22 1.90 -16.26
CA HIS A 10 -22.52 3.08 -16.78
C HIS A 10 -23.31 3.71 -17.95
N MET A 11 -23.67 4.98 -17.80
CA MET A 11 -24.45 5.70 -18.81
C MET A 11 -23.80 5.64 -20.21
N ALA A 12 -24.61 5.77 -21.25
CA ALA A 12 -24.14 5.61 -22.64
C ALA A 12 -24.46 6.84 -23.51
N ASN A 13 -24.51 8.03 -22.92
CA ASN A 13 -24.78 9.26 -23.66
C ASN A 13 -23.51 9.75 -24.38
N GLY A 14 -22.93 8.89 -25.20
CA GLY A 14 -21.65 9.20 -25.86
C GLY A 14 -20.47 8.48 -25.20
N ALA A 15 -20.57 7.17 -25.10
CA ALA A 15 -19.50 6.36 -24.49
C ALA A 15 -19.31 5.03 -25.24
N ALA A 16 -18.23 4.94 -26.03
CA ALA A 16 -17.96 3.74 -26.83
C ALA A 16 -17.62 2.52 -25.95
N GLY A 17 -18.25 1.39 -26.24
CA GLY A 17 -18.01 0.16 -25.48
C GLY A 17 -16.63 -0.42 -25.75
N THR A 18 -16.01 0.02 -26.83
CA THR A 18 -14.67 -0.46 -27.23
C THR A 18 -13.65 -0.40 -26.08
N LYS A 19 -13.71 0.65 -25.28
CA LYS A 19 -12.71 0.87 -24.24
C LYS A 19 -13.28 0.73 -22.81
N VAL A 20 -14.33 1.48 -22.49
CA VAL A 20 -14.77 1.62 -21.09
C VAL A 20 -15.74 0.52 -20.64
N ALA A 21 -16.20 -0.29 -21.58
CA ALA A 21 -17.17 -1.34 -21.27
C ALA A 21 -16.53 -2.51 -20.53
N LEU A 22 -15.42 -3.01 -21.06
CA LEU A 22 -14.74 -4.19 -20.49
C LEU A 22 -13.74 -3.80 -19.37
N ARG A 23 -13.67 -2.52 -19.04
CA ARG A 23 -12.73 -2.02 -18.03
C ARG A 23 -13.38 -1.98 -16.63
N LYS A 24 -13.61 -3.17 -16.05
CA LYS A 24 -14.13 -3.29 -14.68
C LYS A 24 -13.45 -4.43 -13.89
N THR A 25 -13.62 -5.67 -14.36
CA THR A 25 -13.10 -6.86 -13.67
C THR A 25 -11.63 -7.16 -14.02
N LYS A 26 -11.07 -8.22 -13.43
CA LYS A 26 -9.75 -8.72 -13.80
C LYS A 26 -9.79 -9.42 -15.18
N GLN A 27 -8.62 -9.76 -15.74
CA GLN A 27 -8.55 -10.39 -17.05
C GLN A 27 -7.87 -11.77 -17.03
N ALA A 28 -6.59 -11.84 -16.63
CA ALA A 28 -5.84 -13.10 -16.61
C ALA A 28 -4.59 -13.00 -15.72
N ALA A 29 -4.39 -14.00 -14.86
CA ALA A 29 -3.27 -14.03 -13.91
C ALA A 29 -1.90 -13.85 -14.60
N GLU A 30 -1.82 -14.18 -15.88
CA GLU A 30 -0.58 -14.04 -16.67
C GLU A 30 -0.16 -12.57 -16.82
N LYS A 31 -1.14 -11.66 -16.79
CA LYS A 31 -0.88 -10.23 -17.01
C LYS A 31 -1.23 -9.37 -15.78
N ILE A 32 -1.80 -10.01 -14.75
CA ILE A 32 -2.22 -9.32 -13.53
C ILE A 32 -1.14 -9.38 -12.44
N SER A 33 -0.64 -8.20 -12.03
CA SER A 33 0.39 -8.13 -10.98
C SER A 33 -0.12 -8.68 -9.65
N ALA A 34 -1.40 -8.39 -9.33
CA ALA A 34 -2.01 -8.82 -8.07
C ALA A 34 -1.78 -10.31 -7.75
N ASP A 35 -1.94 -11.17 -8.76
CA ASP A 35 -1.74 -12.61 -8.57
C ASP A 35 -0.25 -12.97 -8.48
N LYS A 36 0.59 -12.12 -9.10
CA LYS A 36 2.04 -12.29 -9.07
C LYS A 36 2.62 -11.86 -7.70
N ILE A 37 1.98 -10.88 -7.06
CA ILE A 37 2.42 -10.40 -5.74
C ILE A 37 2.38 -11.55 -4.72
N SER A 38 3.57 -12.05 -4.36
CA SER A 38 3.68 -13.20 -3.46
C SER A 38 4.28 -12.81 -2.11
N LYS A 39 4.42 -13.80 -1.22
CA LYS A 39 4.99 -13.62 0.13
C LYS A 39 6.29 -12.78 0.08
N GLU A 40 7.25 -13.20 -0.75
CA GLU A 40 8.51 -12.48 -0.89
C GLU A 40 8.31 -11.02 -1.35
N ALA A 41 7.51 -10.84 -2.40
CA ALA A 41 7.31 -9.51 -3.01
C ALA A 41 6.85 -8.47 -1.98
N LEU A 42 5.91 -8.86 -1.12
CA LEU A 42 5.38 -7.97 -0.09
C LEU A 42 6.46 -7.63 0.96
N LEU A 43 7.13 -8.65 1.48
CA LEU A 43 8.13 -8.47 2.53
C LEU A 43 9.32 -7.61 2.04
N GLU A 44 9.79 -7.87 0.82
CA GLU A 44 10.89 -7.09 0.23
C GLU A 44 10.56 -5.58 0.24
N CYS A 45 9.32 -5.26 -0.16
CA CYS A 45 8.86 -3.86 -0.22
C CYS A 45 8.64 -3.27 1.17
N ALA A 46 8.01 -4.04 2.06
CA ALA A 46 7.74 -3.61 3.43
C ALA A 46 9.04 -3.35 4.21
N ASP A 47 10.04 -4.19 3.98
CA ASP A 47 11.34 -4.06 4.63
C ASP A 47 11.97 -2.68 4.36
N LEU A 48 11.64 -2.09 3.20
CA LEU A 48 12.12 -0.75 2.85
C LEU A 48 11.74 0.30 3.92
N LEU A 49 10.54 0.15 4.49
CA LEU A 49 10.12 1.06 5.56
C LEU A 49 10.86 0.73 6.86
N SER A 50 11.09 -0.55 7.12
CA SER A 50 11.89 -0.98 8.28
C SER A 50 13.27 -0.32 8.26
N SER A 51 13.96 -0.41 7.12
CA SER A 51 15.27 0.22 6.95
C SER A 51 15.15 1.75 7.00
N ALA A 52 14.18 2.29 6.26
CA ALA A 52 13.97 3.74 6.18
C ALA A 52 13.69 4.37 7.55
N LEU A 53 13.29 3.55 8.52
CA LEU A 53 13.06 4.02 9.89
C LEU A 53 14.29 3.78 10.79
N THR A 54 15.19 2.89 10.37
CA THR A 54 16.45 2.67 11.09
C THR A 54 17.53 3.65 10.60
N GLU A 55 17.37 4.15 9.38
CA GLU A 55 18.25 5.19 8.82
C GLU A 55 17.50 6.53 8.75
N PRO A 56 18.21 7.67 8.85
CA PRO A 56 17.55 9.00 8.77
C PRO A 56 17.01 9.30 7.35
N VAL A 57 15.71 9.56 7.25
CA VAL A 57 15.05 9.88 5.98
C VAL A 57 13.97 10.96 6.15
N PRO A 58 13.61 11.69 5.07
CA PRO A 58 12.51 12.67 5.12
C PRO A 58 11.12 12.00 5.27
N ASN A 59 10.21 12.68 5.96
CA ASN A 59 8.85 12.14 6.17
C ASN A 59 8.13 11.90 4.83
N SER A 60 8.45 12.71 3.83
CA SER A 60 7.85 12.57 2.49
C SER A 60 8.27 11.24 1.86
N GLN A 61 9.53 10.84 2.09
CA GLN A 61 10.04 9.57 1.58
C GLN A 61 9.27 8.39 2.19
N LEU A 62 9.03 8.46 3.50
CA LEU A 62 8.25 7.44 4.22
C LEU A 62 6.84 7.29 3.63
N VAL A 63 6.13 8.41 3.51
CA VAL A 63 4.76 8.41 2.98
C VAL A 63 4.75 7.92 1.52
N ASP A 64 5.68 8.41 0.71
CA ASP A 64 5.80 8.01 -0.69
C ASP A 64 6.01 6.49 -0.83
N THR A 65 7.01 5.95 -0.13
CA THR A 65 7.29 4.51 -0.15
C THR A 65 6.09 3.71 0.38
N GLY A 66 5.45 4.23 1.41
CA GLY A 66 4.28 3.57 2.00
C GLY A 66 3.11 3.42 1.03
N HIS A 67 3.01 4.32 0.05
CA HIS A 67 1.93 4.27 -0.95
C HIS A 67 1.90 2.93 -1.71
N GLN A 68 3.04 2.52 -2.29
CA GLN A 68 3.09 1.26 -3.05
C GLN A 68 2.77 0.04 -2.16
N LEU A 69 3.03 0.16 -0.86
CA LEU A 69 2.65 -0.90 0.09
C LEU A 69 1.15 -1.17 0.05
N LEU A 70 0.35 -0.11 -0.08
CA LEU A 70 -1.10 -0.24 -0.24
C LEU A 70 -1.45 -1.00 -1.53
N ASP A 71 -0.60 -0.86 -2.55
CA ASP A 71 -0.76 -1.60 -3.81
C ASP A 71 -0.45 -3.10 -3.60
N TYR A 72 0.75 -3.39 -3.10
CA TYR A 72 1.17 -4.78 -2.85
C TYR A 72 0.23 -5.49 -1.86
N CYS A 73 -0.17 -4.79 -0.80
CA CYS A 73 -1.10 -5.35 0.19
C CYS A 73 -2.44 -5.73 -0.44
N SER A 74 -3.04 -4.81 -1.20
CA SER A 74 -4.31 -5.07 -1.88
C SER A 74 -4.18 -6.20 -2.91
N GLY A 75 -3.05 -6.24 -3.62
CA GLY A 75 -2.81 -7.31 -4.58
C GLY A 75 -2.64 -8.68 -3.93
N TYR A 76 -1.86 -8.73 -2.85
CA TYR A 76 -1.57 -9.99 -2.17
C TYR A 76 -2.77 -10.52 -1.39
N VAL A 77 -3.52 -9.62 -0.73
CA VAL A 77 -4.68 -10.03 0.07
C VAL A 77 -5.74 -10.75 -0.80
N ASP A 78 -5.85 -10.33 -2.06
CA ASP A 78 -6.73 -10.96 -3.04
C ASP A 78 -6.32 -12.44 -3.26
N CYS A 79 -5.05 -12.73 -3.00
CA CYS A 79 -4.49 -14.07 -3.26
C CYS A 79 -4.19 -14.86 -1.96
N ILE A 80 -4.44 -14.27 -0.79
CA ILE A 80 -4.15 -14.94 0.49
C ILE A 80 -5.16 -16.06 0.81
N PRO A 81 -4.67 -17.32 0.95
CA PRO A 81 -5.52 -18.48 1.30
C PRO A 81 -5.97 -18.47 2.77
N GLN A 82 -5.04 -18.21 3.69
CA GLN A 82 -5.34 -18.23 5.13
C GLN A 82 -6.22 -17.03 5.52
N THR A 83 -7.54 -17.25 5.51
CA THR A 83 -8.51 -16.18 5.82
C THR A 83 -8.25 -15.56 7.21
N ARG A 84 -7.81 -16.38 8.16
CA ARG A 84 -7.45 -15.89 9.51
C ARG A 84 -6.40 -14.76 9.42
N ASN A 85 -5.32 -15.02 8.67
CA ASN A 85 -4.30 -14.00 8.42
C ASN A 85 -4.85 -12.87 7.54
N LYS A 86 -5.70 -13.23 6.58
CA LYS A 86 -6.24 -12.28 5.61
C LYS A 86 -7.09 -11.18 6.29
N PHE A 87 -7.84 -11.55 7.33
CA PHE A 87 -8.62 -10.57 8.10
C PHE A 87 -7.69 -9.64 8.88
N ALA A 88 -6.78 -10.23 9.65
CA ALA A 88 -5.78 -9.48 10.41
C ALA A 88 -4.92 -8.61 9.49
N PHE A 89 -4.69 -9.10 8.27
CA PHE A 89 -3.93 -8.37 7.26
C PHE A 89 -4.65 -7.06 6.89
N ARG A 90 -5.95 -7.15 6.62
CA ARG A 90 -6.76 -5.97 6.29
C ARG A 90 -6.74 -4.93 7.42
N GLU A 91 -7.03 -5.37 8.65
CA GLU A 91 -7.06 -4.45 9.79
C GLU A 91 -5.68 -3.83 10.04
N ALA A 92 -4.62 -4.61 9.83
CA ALA A 92 -3.24 -4.10 9.97
C ALA A 92 -2.94 -3.01 8.92
N VAL A 93 -3.30 -3.29 7.67
CA VAL A 93 -3.14 -2.31 6.57
C VAL A 93 -3.90 -1.00 6.88
N SER A 94 -5.06 -1.14 7.54
CA SER A 94 -5.84 0.02 7.96
C SER A 94 -5.03 0.95 8.88
N LYS A 95 -4.20 0.38 9.73
CA LYS A 95 -3.30 1.16 10.60
C LYS A 95 -2.21 1.86 9.76
N LEU A 96 -1.68 1.16 8.76
CA LEU A 96 -0.63 1.72 7.91
C LEU A 96 -1.11 2.96 7.14
N GLU A 97 -2.24 2.83 6.45
CA GLU A 97 -2.80 3.94 5.65
C GLU A 97 -3.15 5.16 6.52
N LEU A 98 -3.82 4.92 7.66
CA LEU A 98 -4.15 6.00 8.59
C LEU A 98 -2.90 6.72 9.13
N SER A 99 -1.92 5.94 9.56
CA SER A 99 -0.67 6.50 10.08
C SER A 99 0.06 7.35 9.02
N LEU A 100 0.00 6.91 7.77
CA LEU A 100 0.61 7.66 6.66
C LEU A 100 -0.12 9.00 6.40
N GLN A 101 -1.45 8.98 6.40
CA GLN A 101 -2.24 10.18 6.10
C GLN A 101 -2.17 11.21 7.25
N GLU A 102 -2.00 10.73 8.49
CA GLU A 102 -1.84 11.64 9.63
C GLU A 102 -0.39 12.19 9.70
N LEU A 103 0.59 11.35 9.35
CA LEU A 103 2.00 11.78 9.36
C LEU A 103 2.25 12.92 8.36
N GLN A 104 1.80 12.74 7.12
CA GLN A 104 2.04 13.74 6.06
C GLN A 104 1.53 15.14 6.43
N VAL A 105 0.52 15.21 7.31
CA VAL A 105 0.00 16.51 7.78
C VAL A 105 0.53 16.88 9.17
N SER A 106 1.12 15.90 9.87
CA SER A 106 1.65 16.11 11.22
C SER A 106 3.18 15.94 11.27
N SER A 107 3.82 16.01 10.11
CA SER A 107 5.28 15.87 10.01
C SER A 107 6.03 16.98 10.74
N ALA A 108 5.88 18.23 10.27
CA ALA A 108 6.54 19.41 10.85
C ALA A 108 8.06 19.35 10.66
N ALA A 109 8.70 18.40 11.35
CA ALA A 109 10.16 18.20 11.25
C ALA A 109 10.61 17.84 9.83
N ALA A 110 9.76 17.11 9.10
CA ALA A 110 10.02 16.73 7.70
C ALA A 110 11.18 15.72 7.57
N GLY A 111 11.80 15.33 8.69
CA GLY A 111 12.92 14.40 8.63
C GLY A 111 13.47 14.00 9.99
N VAL A 112 13.51 14.94 10.93
CA VAL A 112 14.03 14.67 12.29
C VAL A 112 13.33 13.45 12.93
N PRO A 113 14.10 12.40 13.30
CA PRO A 113 13.55 11.18 13.90
C PRO A 113 13.20 11.36 15.39
N GLY A 114 12.22 10.58 15.87
CA GLY A 114 11.86 10.58 17.28
C GLY A 114 11.00 11.78 17.71
N THR A 115 10.83 12.76 16.82
CA THR A 115 10.05 13.96 17.14
C THR A 115 8.53 13.68 17.22
N ASN A 116 8.03 12.85 16.31
CA ASN A 116 6.61 12.46 16.30
C ASN A 116 6.47 10.93 16.41
N PRO A 117 5.85 10.44 17.51
CA PRO A 117 5.61 8.99 17.72
C PRO A 117 5.03 8.25 16.50
N VAL A 118 4.30 8.98 15.64
CA VAL A 118 3.74 8.40 14.41
C VAL A 118 4.79 7.61 13.61
N LEU A 119 6.04 8.09 13.65
CA LEU A 119 7.16 7.40 12.99
C LEU A 119 7.30 5.95 13.51
N ASN A 120 7.14 5.78 14.82
CA ASN A 120 7.18 4.45 15.45
C ASN A 120 5.93 3.65 15.11
N ASN A 121 4.79 4.34 15.04
CA ASN A 121 3.52 3.71 14.67
C ASN A 121 3.60 3.06 13.28
N LEU A 122 4.27 3.75 12.33
CA LEU A 122 4.54 3.16 11.01
C LEU A 122 5.35 1.86 11.15
N LEU A 123 6.42 1.91 11.94
CA LEU A 123 7.24 0.72 12.20
C LEU A 123 6.38 -0.43 12.75
N SER A 124 5.53 -0.11 13.74
CA SER A 124 4.60 -1.10 14.31
C SER A 124 3.66 -1.68 13.25
N CYS A 125 3.11 -0.82 12.40
CA CYS A 125 2.22 -1.25 11.31
C CYS A 125 2.95 -2.20 10.34
N VAL A 126 4.13 -1.78 9.88
CA VAL A 126 4.93 -2.59 8.95
C VAL A 126 5.32 -3.95 9.56
N GLN A 127 5.79 -3.93 10.80
CA GLN A 127 6.17 -5.15 11.50
C GLN A 127 4.97 -6.09 11.71
N GLU A 128 3.80 -5.51 12.03
CA GLU A 128 2.57 -6.29 12.20
C GLU A 128 2.14 -6.93 10.87
N ILE A 129 2.01 -6.13 9.82
CA ILE A 129 1.62 -6.62 8.48
C ILE A 129 2.56 -7.73 8.00
N SER A 130 3.87 -7.46 8.01
CA SER A 130 4.86 -8.44 7.57
C SER A 130 4.83 -9.71 8.42
N ASP A 131 4.56 -9.56 9.72
CA ASP A 131 4.46 -10.69 10.64
C ASP A 131 3.23 -11.56 10.32
N VAL A 132 2.09 -10.93 10.06
CA VAL A 132 0.86 -11.66 9.69
C VAL A 132 1.09 -12.58 8.48
N VAL A 133 1.87 -12.11 7.52
CA VAL A 133 2.20 -12.89 6.31
C VAL A 133 3.05 -14.14 6.65
N GLN A 134 3.78 -14.09 7.76
CA GLN A 134 4.71 -15.17 8.15
C GLN A 134 4.04 -16.22 9.05
N ARG A 135 2.81 -15.96 9.50
CA ARG A 135 2.13 -16.84 10.46
C ARG A 135 1.52 -18.09 9.80
N MET A 1 -23.10 14.86 10.94
CA MET A 1 -22.27 16.05 11.32
C MET A 1 -20.91 15.60 11.87
N GLY A 2 -20.02 16.57 12.08
CA GLY A 2 -18.74 16.30 12.74
C GLY A 2 -17.77 15.42 11.93
N HIS A 3 -17.33 14.33 12.54
CA HIS A 3 -16.24 13.50 12.01
C HIS A 3 -16.70 12.52 10.91
N HIS A 4 -17.55 12.98 9.99
CA HIS A 4 -18.02 12.14 8.89
C HIS A 4 -16.96 12.04 7.76
N HIS A 5 -15.80 11.46 8.09
CA HIS A 5 -14.72 11.20 7.13
C HIS A 5 -14.13 12.49 6.50
N HIS A 6 -14.90 13.13 5.60
CA HIS A 6 -14.51 14.41 4.97
C HIS A 6 -13.37 14.31 3.93
N HIS A 7 -12.69 13.16 3.85
CA HIS A 7 -11.58 13.01 2.88
C HIS A 7 -12.10 12.88 1.43
N HIS A 8 -12.27 14.02 0.76
CA HIS A 8 -12.77 14.05 -0.63
C HIS A 8 -11.90 14.93 -1.55
N SER A 9 -10.63 15.11 -1.17
CA SER A 9 -9.67 15.88 -1.97
C SER A 9 -9.29 15.11 -3.26
N HIS A 10 -9.39 15.76 -4.41
CA HIS A 10 -9.12 15.11 -5.69
C HIS A 10 -8.44 16.05 -6.71
N MET A 11 -7.17 15.83 -6.98
CA MET A 11 -6.44 16.58 -8.02
C MET A 11 -6.44 15.83 -9.35
N ALA A 12 -5.89 16.44 -10.40
CA ALA A 12 -5.80 15.80 -11.71
C ALA A 12 -4.45 15.09 -11.90
N ASN A 13 -4.47 13.91 -12.51
CA ASN A 13 -3.25 13.12 -12.70
C ASN A 13 -2.48 13.55 -13.95
N GLY A 14 -3.18 14.19 -14.87
CA GLY A 14 -2.60 14.59 -16.14
C GLY A 14 -3.37 14.01 -17.33
N ALA A 15 -3.30 14.69 -18.47
CA ALA A 15 -4.04 14.25 -19.66
C ALA A 15 -3.29 13.14 -20.42
N ALA A 16 -3.72 11.90 -20.19
CA ALA A 16 -3.11 10.73 -20.85
C ALA A 16 -4.17 9.67 -21.20
N GLY A 17 -5.41 10.12 -21.39
CA GLY A 17 -6.52 9.21 -21.63
C GLY A 17 -6.45 8.48 -22.97
N THR A 18 -5.55 8.92 -23.85
CA THR A 18 -5.39 8.32 -25.18
C THR A 18 -4.93 6.85 -25.11
N LYS A 19 -4.02 6.56 -24.19
CA LYS A 19 -3.50 5.19 -24.00
C LYS A 19 -4.52 4.30 -23.29
N VAL A 20 -5.21 4.86 -22.29
CA VAL A 20 -6.24 4.12 -21.55
C VAL A 20 -7.65 4.63 -21.91
N ALA A 21 -8.21 4.10 -22.99
CA ALA A 21 -9.56 4.45 -23.44
C ALA A 21 -10.50 3.25 -23.38
N LEU A 22 -9.95 2.05 -23.56
CA LEU A 22 -10.72 0.81 -23.50
C LEU A 22 -9.98 -0.24 -22.64
N ARG A 23 -9.44 0.19 -21.50
CA ARG A 23 -8.69 -0.72 -20.61
C ARG A 23 -8.95 -0.39 -19.13
N LYS A 24 -9.96 -1.03 -18.54
CA LYS A 24 -10.21 -0.97 -17.10
C LYS A 24 -10.15 -2.38 -16.50
N THR A 25 -10.72 -3.35 -17.22
CA THR A 25 -10.73 -4.76 -16.77
C THR A 25 -9.34 -5.40 -16.86
N LYS A 26 -9.21 -6.61 -16.31
CA LYS A 26 -7.94 -7.35 -16.31
C LYS A 26 -7.69 -8.01 -17.68
N GLN A 27 -6.55 -8.68 -17.82
CA GLN A 27 -6.14 -9.25 -19.12
C GLN A 27 -5.38 -10.58 -18.99
N ALA A 28 -4.32 -10.59 -18.16
CA ALA A 28 -3.51 -11.80 -17.96
C ALA A 28 -2.59 -11.65 -16.74
N ALA A 29 -2.34 -12.76 -16.04
CA ALA A 29 -1.51 -12.74 -14.81
C ALA A 29 -0.13 -12.11 -15.05
N GLU A 30 0.32 -12.10 -16.30
CA GLU A 30 1.61 -11.51 -16.68
C GLU A 30 1.60 -9.98 -16.62
N LYS A 31 0.41 -9.37 -16.66
CA LYS A 31 0.29 -7.91 -16.78
C LYS A 31 -0.76 -7.31 -15.82
N ILE A 32 -1.41 -8.15 -15.02
CA ILE A 32 -2.40 -7.64 -14.04
C ILE A 32 -1.72 -7.10 -12.78
N SER A 33 -2.14 -5.92 -12.34
CA SER A 33 -1.60 -5.28 -11.11
C SER A 33 -1.60 -6.25 -9.91
N ALA A 34 -2.77 -6.81 -9.60
CA ALA A 34 -2.90 -7.76 -8.48
C ALA A 34 -1.97 -8.99 -8.65
N ASP A 35 -1.88 -9.50 -9.87
CA ASP A 35 -1.01 -10.65 -10.17
C ASP A 35 0.46 -10.23 -10.29
N LYS A 36 0.70 -8.92 -10.39
CA LYS A 36 2.05 -8.36 -10.37
C LYS A 36 2.58 -8.32 -8.92
N ILE A 37 1.66 -8.42 -7.97
CA ILE A 37 2.01 -8.47 -6.54
C ILE A 37 2.41 -9.90 -6.13
N SER A 38 3.43 -10.02 -5.28
CA SER A 38 3.88 -11.34 -4.80
C SER A 38 4.38 -11.27 -3.35
N LYS A 39 4.25 -12.39 -2.64
CA LYS A 39 4.66 -12.50 -1.23
C LYS A 39 6.07 -11.94 -0.99
N GLU A 40 7.07 -12.49 -1.67
CA GLU A 40 8.46 -12.02 -1.54
C GLU A 40 8.58 -10.50 -1.79
N ALA A 41 7.95 -10.03 -2.87
CA ALA A 41 7.98 -8.61 -3.22
C ALA A 41 7.40 -7.72 -2.10
N LEU A 42 6.38 -8.24 -1.41
CA LEU A 42 5.75 -7.51 -0.30
C LEU A 42 6.68 -7.49 0.92
N LEU A 43 7.18 -8.65 1.32
CA LEU A 43 8.06 -8.78 2.48
C LEU A 43 9.36 -7.97 2.33
N GLU A 44 9.96 -8.02 1.13
CA GLU A 44 11.19 -7.26 0.85
C GLU A 44 10.96 -5.75 0.98
N CYS A 45 9.90 -5.25 0.35
CA CYS A 45 9.57 -3.82 0.43
C CYS A 45 9.20 -3.39 1.85
N ALA A 46 8.52 -4.27 2.58
CA ALA A 46 8.17 -4.01 3.98
C ALA A 46 9.42 -3.79 4.85
N ASP A 47 10.47 -4.58 4.57
CA ASP A 47 11.74 -4.46 5.29
C ASP A 47 12.39 -3.09 5.03
N LEU A 48 12.14 -2.53 3.85
CA LEU A 48 12.62 -1.18 3.52
C LEU A 48 12.03 -0.12 4.45
N LEU A 49 10.75 -0.29 4.82
CA LEU A 49 10.09 0.64 5.74
C LEU A 49 10.72 0.58 7.14
N SER A 50 10.94 -0.62 7.66
CA SER A 50 11.60 -0.78 8.97
C SER A 50 12.99 -0.13 8.96
N SER A 51 13.74 -0.35 7.89
CA SER A 51 15.06 0.26 7.71
C SER A 51 14.97 1.79 7.63
N ALA A 52 14.07 2.28 6.80
CA ALA A 52 13.93 3.74 6.57
C ALA A 52 13.45 4.47 7.83
N LEU A 53 12.52 3.87 8.57
CA LEU A 53 11.99 4.49 9.79
C LEU A 53 13.03 4.56 10.91
N THR A 54 14.17 3.89 10.73
CA THR A 54 15.25 3.91 11.74
C THR A 54 16.39 4.87 11.33
N GLU A 55 16.23 5.55 10.20
CA GLU A 55 17.23 6.53 9.73
C GLU A 55 16.55 7.84 9.28
N PRO A 56 17.27 8.98 9.34
CA PRO A 56 16.72 10.26 8.85
C PRO A 56 16.37 10.22 7.35
N VAL A 57 15.10 10.48 7.04
CA VAL A 57 14.60 10.50 5.66
C VAL A 57 13.55 11.62 5.48
N PRO A 58 13.34 12.12 4.25
CA PRO A 58 12.31 13.14 3.98
C PRO A 58 10.87 12.57 4.05
N ASN A 59 9.96 13.38 4.60
CA ASN A 59 8.54 12.98 4.77
C ASN A 59 7.93 12.44 3.47
N SER A 60 8.11 13.18 2.38
CA SER A 60 7.54 12.81 1.07
C SER A 60 7.96 11.40 0.64
N GLN A 61 9.21 11.04 0.95
CA GLN A 61 9.73 9.70 0.65
C GLN A 61 9.04 8.63 1.52
N LEU A 62 8.89 8.92 2.81
CA LEU A 62 8.19 8.01 3.74
C LEU A 62 6.76 7.71 3.26
N VAL A 63 6.04 8.75 2.86
CA VAL A 63 4.67 8.61 2.37
C VAL A 63 4.60 7.74 1.10
N ASP A 64 5.54 7.96 0.18
CA ASP A 64 5.57 7.20 -1.09
C ASP A 64 6.00 5.73 -0.86
N THR A 65 7.16 5.54 -0.20
CA THR A 65 7.67 4.20 0.09
C THR A 65 6.69 3.41 0.99
N GLY A 66 5.96 4.13 1.84
CA GLY A 66 4.88 3.51 2.60
C GLY A 66 3.65 3.24 1.75
N HIS A 67 3.37 4.14 0.80
CA HIS A 67 2.19 4.03 -0.06
C HIS A 67 2.25 2.81 -0.99
N GLN A 68 3.46 2.41 -1.41
CA GLN A 68 3.60 1.21 -2.27
C GLN A 68 3.17 -0.06 -1.53
N LEU A 69 3.35 -0.07 -0.21
CA LEU A 69 2.88 -1.19 0.61
C LEU A 69 1.35 -1.33 0.54
N LEU A 70 0.65 -0.21 0.37
CA LEU A 70 -0.80 -0.24 0.12
C LEU A 70 -1.10 -0.91 -1.23
N ASP A 71 -0.24 -0.66 -2.22
CA ASP A 71 -0.35 -1.28 -3.54
C ASP A 71 -0.19 -2.81 -3.41
N TYR A 72 0.89 -3.25 -2.76
CA TYR A 72 1.16 -4.67 -2.55
C TYR A 72 0.05 -5.33 -1.71
N CYS A 73 -0.33 -4.68 -0.61
CA CYS A 73 -1.37 -5.20 0.28
C CYS A 73 -2.74 -5.28 -0.41
N SER A 74 -3.13 -4.21 -1.11
CA SER A 74 -4.42 -4.15 -1.80
C SER A 74 -4.54 -5.23 -2.88
N GLY A 75 -3.40 -5.65 -3.44
CA GLY A 75 -3.41 -6.73 -4.42
C GLY A 75 -3.30 -8.11 -3.79
N TYR A 76 -2.39 -8.25 -2.83
CA TYR A 76 -2.09 -9.56 -2.20
C TYR A 76 -3.28 -10.07 -1.36
N VAL A 77 -4.01 -9.15 -0.71
CA VAL A 77 -5.15 -9.51 0.15
C VAL A 77 -6.19 -10.36 -0.61
N ASP A 78 -6.31 -10.14 -1.92
CA ASP A 78 -7.24 -10.90 -2.75
C ASP A 78 -6.84 -12.38 -2.87
N CYS A 79 -5.53 -12.64 -2.87
CA CYS A 79 -4.99 -14.00 -3.05
C CYS A 79 -4.77 -14.73 -1.71
N ILE A 80 -4.96 -14.03 -0.59
CA ILE A 80 -4.78 -14.64 0.74
C ILE A 80 -5.78 -15.78 1.00
N PRO A 81 -5.29 -17.03 1.14
CA PRO A 81 -6.16 -18.21 1.33
C PRO A 81 -6.81 -18.30 2.73
N GLN A 82 -6.06 -17.89 3.76
CA GLN A 82 -6.53 -17.99 5.15
C GLN A 82 -7.22 -16.70 5.62
N THR A 83 -8.49 -16.80 6.01
CA THR A 83 -9.22 -15.64 6.54
C THR A 83 -8.60 -15.14 7.85
N ARG A 84 -8.14 -16.06 8.70
CA ARG A 84 -7.45 -15.69 9.96
C ARG A 84 -6.29 -14.71 9.69
N ASN A 85 -5.54 -14.95 8.62
CA ASN A 85 -4.47 -14.05 8.21
C ASN A 85 -5.04 -12.77 7.59
N LYS A 86 -6.00 -12.94 6.67
CA LYS A 86 -6.60 -11.81 5.94
C LYS A 86 -7.20 -10.76 6.89
N PHE A 87 -7.82 -11.23 7.97
CA PHE A 87 -8.44 -10.33 8.97
C PHE A 87 -7.39 -9.42 9.63
N ALA A 88 -6.34 -10.04 10.18
CA ALA A 88 -5.24 -9.31 10.82
C ALA A 88 -4.48 -8.46 9.78
N PHE A 89 -4.30 -9.01 8.58
CA PHE A 89 -3.64 -8.32 7.48
C PHE A 89 -4.38 -7.02 7.13
N ARG A 90 -5.68 -7.14 6.90
CA ARG A 90 -6.51 -5.98 6.56
C ARG A 90 -6.47 -4.91 7.66
N GLU A 91 -6.69 -5.32 8.91
CA GLU A 91 -6.71 -4.37 10.03
C GLU A 91 -5.34 -3.69 10.23
N ALA A 92 -4.26 -4.46 10.13
CA ALA A 92 -2.90 -3.92 10.24
C ALA A 92 -2.62 -2.88 9.13
N VAL A 93 -3.02 -3.21 7.90
CA VAL A 93 -2.92 -2.28 6.77
C VAL A 93 -3.76 -1.00 7.03
N SER A 94 -4.91 -1.17 7.68
CA SER A 94 -5.75 -0.03 8.06
C SER A 94 -4.97 0.97 8.92
N LYS A 95 -4.17 0.47 9.85
CA LYS A 95 -3.28 1.32 10.66
C LYS A 95 -2.26 2.04 9.77
N LEU A 96 -1.66 1.29 8.84
CA LEU A 96 -0.64 1.83 7.94
C LEU A 96 -1.18 3.01 7.11
N GLU A 97 -2.33 2.81 6.45
CA GLU A 97 -2.92 3.87 5.61
C GLU A 97 -3.36 5.09 6.44
N LEU A 98 -3.99 4.84 7.60
CA LEU A 98 -4.43 5.92 8.49
C LEU A 98 -3.23 6.72 9.04
N SER A 99 -2.15 6.03 9.37
CA SER A 99 -0.96 6.69 9.90
C SER A 99 -0.22 7.48 8.80
N LEU A 100 -0.16 6.93 7.59
CA LEU A 100 0.46 7.61 6.45
C LEU A 100 -0.27 8.91 6.08
N GLN A 101 -1.62 8.87 6.10
CA GLN A 101 -2.41 10.05 5.72
C GLN A 101 -2.33 11.16 6.78
N GLU A 102 -2.24 10.80 8.06
CA GLU A 102 -2.09 11.81 9.12
C GLU A 102 -0.64 12.32 9.21
N LEU A 103 0.32 11.44 8.96
CA LEU A 103 1.74 11.82 8.97
C LEU A 103 2.03 12.97 7.98
N GLN A 104 1.64 12.76 6.73
CA GLN A 104 1.91 13.74 5.66
C GLN A 104 1.29 15.14 5.95
N VAL A 105 0.26 15.19 6.80
CA VAL A 105 -0.40 16.47 7.11
C VAL A 105 -0.09 16.97 8.54
N SER A 106 0.31 16.06 9.43
CA SER A 106 0.53 16.41 10.84
C SER A 106 1.99 16.15 11.31
N SER A 107 2.89 15.85 10.38
CA SER A 107 4.30 15.60 10.73
C SER A 107 5.00 16.87 11.21
N ALA A 108 4.74 17.99 10.52
CA ALA A 108 5.42 19.27 10.79
C ALA A 108 6.91 19.20 10.42
N ALA A 109 7.65 18.34 11.12
CA ALA A 109 9.06 18.07 10.80
C ALA A 109 9.21 17.49 9.39
N ALA A 110 10.09 18.08 8.58
CA ALA A 110 10.34 17.63 7.22
C ALA A 110 11.00 16.23 7.17
N GLY A 111 11.91 15.97 8.11
CA GLY A 111 12.56 14.67 8.15
C GLY A 111 13.49 14.48 9.35
N VAL A 112 12.94 14.59 10.56
CA VAL A 112 13.73 14.39 11.79
C VAL A 112 13.58 12.94 12.30
N PRO A 113 14.70 12.22 12.53
CA PRO A 113 14.67 10.80 12.96
C PRO A 113 14.02 10.60 14.34
N GLY A 114 12.98 9.76 14.39
CA GLY A 114 12.32 9.42 15.64
C GLY A 114 11.68 10.61 16.37
N THR A 115 11.30 11.65 15.61
CA THR A 115 10.65 12.83 16.21
C THR A 115 9.19 12.57 16.59
N ASN A 116 8.42 12.05 15.65
CA ASN A 116 6.97 11.85 15.86
C ASN A 116 6.64 10.36 16.12
N PRO A 117 5.81 10.07 17.15
CA PRO A 117 5.39 8.69 17.49
C PRO A 117 4.69 8.00 16.31
N VAL A 118 4.20 8.79 15.35
CA VAL A 118 3.60 8.25 14.13
C VAL A 118 4.56 7.28 13.42
N LEU A 119 5.85 7.61 13.41
CA LEU A 119 6.88 6.73 12.83
C LEU A 119 6.93 5.38 13.57
N ASN A 120 6.83 5.44 14.89
CA ASN A 120 6.80 4.23 15.73
C ASN A 120 5.55 3.39 15.42
N ASN A 121 4.41 4.06 15.20
CA ASN A 121 3.17 3.38 14.81
C ASN A 121 3.37 2.64 13.47
N LEU A 122 3.89 3.35 12.47
CA LEU A 122 4.21 2.75 11.17
C LEU A 122 5.11 1.52 11.34
N LEU A 123 6.20 1.68 12.10
CA LEU A 123 7.13 0.58 12.36
C LEU A 123 6.41 -0.66 12.91
N SER A 124 5.62 -0.47 13.96
CA SER A 124 4.85 -1.57 14.57
C SER A 124 3.88 -2.21 13.56
N CYS A 125 3.17 -1.38 12.81
CA CYS A 125 2.19 -1.85 11.82
C CYS A 125 2.86 -2.67 10.70
N VAL A 126 3.96 -2.16 10.15
CA VAL A 126 4.70 -2.85 9.09
C VAL A 126 5.24 -4.21 9.58
N GLN A 127 5.78 -4.23 10.80
CA GLN A 127 6.25 -5.47 11.42
C GLN A 127 5.10 -6.48 11.59
N GLU A 128 3.91 -5.98 11.87
CA GLU A 128 2.72 -6.82 11.97
C GLU A 128 2.32 -7.39 10.60
N ILE A 129 2.14 -6.49 9.62
CA ILE A 129 1.75 -6.89 8.26
C ILE A 129 2.68 -7.96 7.68
N SER A 130 3.98 -7.72 7.77
CA SER A 130 5.00 -8.67 7.27
C SER A 130 4.89 -10.02 7.98
N ASP A 131 4.64 -9.99 9.28
CA ASP A 131 4.48 -11.23 10.08
C ASP A 131 3.25 -12.04 9.64
N VAL A 132 2.13 -11.34 9.39
CA VAL A 132 0.89 -12.00 8.97
C VAL A 132 1.08 -12.83 7.68
N VAL A 133 1.91 -12.33 6.76
CA VAL A 133 2.20 -13.04 5.50
C VAL A 133 3.06 -14.30 5.74
N GLN A 134 3.71 -14.37 6.90
CA GLN A 134 4.61 -15.49 7.24
C GLN A 134 3.87 -16.61 8.00
N ARG A 135 2.56 -16.44 8.20
CA ARG A 135 1.76 -17.37 9.01
C ARG A 135 1.15 -18.52 8.18
#